data_6VLT
#
_entry.id   6VLT
#
_cell.length_a   238.100
_cell.length_b   238.100
_cell.length_c   109.851
_cell.angle_alpha   90.000
_cell.angle_beta   90.000
_cell.angle_gamma   120.000
#
_symmetry.space_group_name_H-M   'P 31'
#
loop_
_entity.id
_entity.type
_entity.pdbx_description
1 polymer 'Cytochrome P450 2C9'
2 non-polymer 'PROTOPORPHYRIN IX CONTAINING FE'
3 non-polymer [2-butyl-5-chloranyl-3-[[4-[2-(2H-1,2,3,4-tetrazol-5-yl)phenyl]phenyl]methyl]imidazol-4-yl]methanol
4 non-polymer 5-CYCLOHEXYL-1-PENTYL-BETA-D-MALTOSIDE
5 non-polymer 'SULFATE ION'
6 water water
#
_entity_poly.entity_id   1
_entity_poly.type   'polypeptide(L)'
_entity_poly.pdbx_seq_one_letter_code
;MAKKTSGRGKLPPGPTPLPVIGNILQIGIKDISKSLTNLSKVYGPVFTLYFGLKPIVVLHGYEAVKEALIDLGEEFSGRG
IFPLAERANRGFGIVFSNGKKWKEIRRFSLMTLRNFGMGKRSIEDCVQEEARCLVEELRKTKASPCDPTFILGCAPCNVI
CSIIFHKRFDYKDQQFLNLMEKLNENIKILSSPWIQICNNFSPIIDYFPGTHNKLLKNVAFMKSYILEKVKEHQESMDMN
NPQDFIDCFLMKMEKEKHNQPSEFTIESLENTAVDLFGAGTETTSTTLRYALLLLLKHPEVTAKVQEEIERVIGRNRSPC
MQDRSHMPYTDAVVHEVQRYIDLLPTSLPHAVTCDIKFRNYLIPKGTTILISLTSVLHDNKEFPNPEMFDPHHFLDEGGN
FKKSKYFMPFSAGKRICVGEALAGMELFLFLTSILQNFNLKSLVDPKNLDTTPVVNGFASVPPFYQLCFIPIHHHH
;
_entity_poly.pdbx_strand_id   A,B,C,D,E,F,G,H
#
# COMPACT_ATOMS: atom_id res chain seq x y z
N LYS A 10 -16.64 -24.00 4.82
CA LYS A 10 -15.40 -23.14 4.70
C LYS A 10 -15.44 -21.96 5.74
N LEU A 11 -14.82 -20.78 5.51
CA LEU A 11 -14.78 -19.69 6.53
C LEU A 11 -16.09 -19.54 7.31
N PRO A 12 -16.01 -19.30 8.63
CA PRO A 12 -17.29 -19.22 9.35
C PRO A 12 -18.24 -18.12 8.86
N PRO A 13 -19.49 -18.13 9.33
CA PRO A 13 -20.42 -17.04 9.05
C PRO A 13 -19.88 -15.68 9.40
N GLY A 14 -20.61 -14.64 9.03
CA GLY A 14 -20.25 -13.26 9.36
C GLY A 14 -20.94 -12.25 8.46
N PRO A 15 -20.97 -10.97 8.86
CA PRO A 15 -21.64 -9.98 8.01
C PRO A 15 -20.85 -9.84 6.73
N THR A 16 -21.57 -9.67 5.62
CA THR A 16 -20.95 -9.57 4.28
C THR A 16 -20.14 -8.28 4.19
N PRO A 17 -18.85 -8.33 3.87
CA PRO A 17 -18.06 -7.09 3.85
C PRO A 17 -18.06 -6.27 2.55
N LEU A 18 -18.36 -4.97 2.65
CA LEU A 18 -18.33 -4.10 1.45
C LEU A 18 -16.92 -4.15 0.82
N PRO A 19 -16.77 -3.69 -0.42
CA PRO A 19 -15.65 -4.24 -1.22
C PRO A 19 -14.24 -3.63 -1.04
N VAL A 20 -14.10 -2.53 -0.32
CA VAL A 20 -12.77 -1.98 -0.05
C VAL A 20 -12.67 -1.78 1.45
N ILE A 21 -13.55 -0.95 1.98
CA ILE A 21 -13.75 -0.74 3.41
C ILE A 21 -13.94 -2.00 4.31
N GLY A 22 -14.38 -3.13 3.75
CA GLY A 22 -14.62 -4.33 4.55
C GLY A 22 -15.80 -4.13 5.48
N ASN A 23 -15.78 -4.79 6.63
CA ASN A 23 -16.86 -4.62 7.60
C ASN A 23 -16.62 -3.46 8.57
N ILE A 24 -15.96 -2.39 8.12
CA ILE A 24 -15.72 -1.27 9.02
C ILE A 24 -16.97 -0.60 9.53
N LEU A 25 -18.06 -0.61 8.77
CA LEU A 25 -19.28 0.10 9.21
C LEU A 25 -20.15 -0.62 10.26
N GLN A 26 -19.95 -1.93 10.47
CA GLN A 26 -20.61 -2.70 11.53
C GLN A 26 -19.69 -2.75 12.78
N ILE A 27 -18.41 -3.03 12.61
CA ILE A 27 -17.51 -3.06 13.75
C ILE A 27 -17.19 -1.69 14.27
N GLY A 28 -17.09 -0.73 13.38
CA GLY A 28 -16.72 0.65 13.75
C GLY A 28 -15.26 0.83 14.14
N ILE A 29 -14.94 1.97 14.76
CA ILE A 29 -13.57 2.27 15.17
C ILE A 29 -13.34 2.74 16.60
N LYS A 30 -14.34 3.29 17.29
CA LYS A 30 -14.12 3.71 18.68
C LYS A 30 -14.02 2.53 19.64
N ASP A 31 -14.73 1.40 19.41
CA ASP A 31 -14.83 0.36 20.47
C ASP A 31 -14.96 -1.09 20.00
N ILE A 32 -13.85 -1.64 19.54
CA ILE A 32 -13.89 -2.93 18.89
C ILE A 32 -14.50 -4.05 19.71
N SER A 33 -14.15 -4.14 20.99
CA SER A 33 -14.53 -5.31 21.75
C SER A 33 -16.04 -5.40 22.08
N LYS A 34 -16.71 -4.25 22.09
CA LYS A 34 -18.16 -4.15 22.32
C LYS A 34 -18.83 -4.65 21.08
N SER A 35 -18.45 -4.09 19.94
CA SER A 35 -18.91 -4.51 18.63
C SER A 35 -18.73 -6.00 18.39
N LEU A 36 -17.56 -6.52 18.69
CA LEU A 36 -17.34 -7.97 18.62
C LEU A 36 -18.33 -8.71 19.50
N THR A 37 -18.61 -8.18 20.68
CA THR A 37 -19.60 -8.79 21.57
C THR A 37 -21.02 -8.77 20.99
N ASN A 38 -21.34 -7.70 20.24
CA ASN A 38 -22.65 -7.48 19.63
C ASN A 38 -22.90 -8.34 18.40
N LEU A 39 -21.89 -8.42 17.54
CA LEU A 39 -21.94 -9.29 16.41
C LEU A 39 -22.08 -10.72 16.88
N SER A 40 -21.37 -11.12 17.93
CA SER A 40 -21.46 -12.51 18.43
C SER A 40 -22.91 -12.91 18.78
N LYS A 41 -23.73 -11.93 19.20
CA LYS A 41 -25.12 -12.16 19.55
C LYS A 41 -26.05 -12.47 18.35
N VAL A 42 -25.44 -12.60 17.18
CA VAL A 42 -26.14 -12.89 15.94
C VAL A 42 -25.45 -14.01 15.17
N TYR A 43 -24.16 -13.82 14.90
CA TYR A 43 -23.38 -14.82 14.15
C TYR A 43 -22.92 -15.98 15.05
N GLY A 44 -22.86 -15.71 16.37
CA GLY A 44 -22.59 -16.74 17.38
C GLY A 44 -21.18 -16.73 17.98
N PRO A 45 -20.77 -17.86 18.57
CA PRO A 45 -19.45 -17.99 19.15
C PRO A 45 -18.31 -17.76 18.19
N VAL A 46 -18.46 -18.10 16.92
CA VAL A 46 -17.34 -18.06 15.99
C VAL A 46 -17.71 -17.50 14.62
N PHE A 47 -17.16 -16.35 14.27
CA PHE A 47 -17.52 -15.68 13.05
C PHE A 47 -16.37 -14.98 12.37
N THR A 48 -16.62 -14.24 11.30
CA THR A 48 -15.57 -13.79 10.40
C THR A 48 -15.77 -12.34 10.05
N LEU A 49 -14.77 -11.52 10.35
CA LEU A 49 -14.81 -10.10 9.97
C LEU A 49 -13.77 -9.83 8.91
N TYR A 50 -13.93 -8.69 8.24
CA TYR A 50 -12.96 -8.23 7.25
C TYR A 50 -12.49 -6.88 7.70
N PHE A 51 -11.20 -6.87 8.01
CA PHE A 51 -10.46 -5.64 8.23
C PHE A 51 -9.86 -5.35 6.84
N GLY A 52 -10.49 -4.39 6.13
CA GLY A 52 -10.37 -4.28 4.67
C GLY A 52 -10.54 -5.61 3.91
N LEU A 53 -9.41 -6.21 3.55
CA LEU A 53 -9.38 -7.41 2.71
C LEU A 53 -8.80 -8.58 3.49
N LYS A 54 -8.54 -8.36 4.79
CA LYS A 54 -8.05 -9.42 5.67
C LYS A 54 -9.27 -10.04 6.36
N PRO A 55 -9.49 -11.36 6.16
CA PRO A 55 -10.39 -12.11 7.03
C PRO A 55 -9.79 -12.37 8.40
N ILE A 56 -10.63 -12.28 9.43
CA ILE A 56 -10.21 -12.41 10.81
C ILE A 56 -11.27 -13.32 11.40
N VAL A 57 -10.92 -14.51 11.82
CA VAL A 57 -11.90 -15.32 12.52
C VAL A 57 -11.90 -14.81 13.94
N VAL A 58 -13.07 -14.60 14.52
CA VAL A 58 -13.20 -14.15 15.90
C VAL A 58 -13.71 -15.29 16.76
N LEU A 59 -13.20 -15.44 17.98
CA LEU A 59 -13.66 -16.47 18.92
C LEU A 59 -14.24 -15.84 20.16
N HIS A 60 -15.45 -16.24 20.54
CA HIS A 60 -16.13 -15.54 21.67
C HIS A 60 -16.28 -16.33 22.98
N GLY A 61 -17.07 -17.39 23.04
CA GLY A 61 -17.22 -18.00 24.39
C GLY A 61 -15.92 -18.52 25.04
N TYR A 62 -15.90 -18.62 26.37
CA TYR A 62 -14.93 -19.50 27.04
C TYR A 62 -14.80 -20.85 26.28
N GLU A 63 -15.93 -21.50 26.02
CA GLU A 63 -15.93 -22.80 25.35
C GLU A 63 -15.23 -22.73 23.99
N ALA A 64 -15.41 -21.65 23.24
CA ALA A 64 -14.80 -21.47 21.92
C ALA A 64 -13.33 -21.13 22.02
N VAL A 65 -13.02 -20.23 22.96
CA VAL A 65 -11.63 -19.81 23.26
C VAL A 65 -10.79 -20.95 23.82
N LYS A 66 -11.34 -21.72 24.77
CA LYS A 66 -10.61 -22.86 25.34
C LYS A 66 -10.27 -23.88 24.26
N GLU A 67 -11.33 -24.36 23.59
CA GLU A 67 -11.23 -25.37 22.53
C GLU A 67 -10.15 -25.02 21.52
N ALA A 68 -10.07 -23.74 21.17
CA ALA A 68 -9.09 -23.26 20.20
C ALA A 68 -7.64 -23.20 20.76
N LEU A 69 -7.45 -22.68 21.97
CA LEU A 69 -6.10 -22.36 22.48
C LEU A 69 -5.46 -23.44 23.38
N ILE A 70 -6.28 -24.16 24.11
CA ILE A 70 -5.81 -25.26 24.93
C ILE A 70 -5.90 -26.57 24.13
N ASP A 71 -7.06 -26.84 23.51
CA ASP A 71 -7.30 -28.13 22.83
C ASP A 71 -6.69 -28.21 21.43
N LEU A 72 -6.87 -27.24 20.55
CA LEU A 72 -6.04 -27.17 19.31
C LEU A 72 -4.82 -26.22 19.45
N GLY A 73 -4.17 -26.28 20.62
CA GLY A 73 -3.17 -25.32 21.03
C GLY A 73 -2.07 -25.08 20.04
N GLU A 74 -1.53 -26.14 19.44
CA GLU A 74 -0.45 -25.97 18.45
C GLU A 74 -0.95 -25.31 17.16
N GLU A 75 -2.18 -25.66 16.75
CA GLU A 75 -2.74 -25.13 15.49
C GLU A 75 -3.09 -23.62 15.57
N PHE A 76 -3.43 -23.17 16.77
CA PHE A 76 -3.68 -21.78 17.08
C PHE A 76 -2.49 -21.02 17.75
N SER A 77 -1.28 -21.57 17.75
CA SER A 77 -0.18 -20.95 18.49
C SER A 77 0.67 -19.99 17.64
N GLY A 78 0.15 -19.56 16.50
CA GLY A 78 0.87 -18.61 15.65
C GLY A 78 0.57 -17.22 16.14
N ARG A 79 1.25 -16.23 15.57
CA ARG A 79 1.05 -14.84 15.94
C ARG A 79 0.60 -14.09 14.72
N GLY A 80 -0.66 -13.67 14.74
CA GLY A 80 -1.21 -12.82 13.68
C GLY A 80 -0.52 -11.47 13.62
N ILE A 81 -0.15 -11.02 12.45
CA ILE A 81 0.58 -9.78 12.40
C ILE A 81 -0.24 -8.73 11.74
N PHE A 82 -0.63 -7.70 12.48
CA PHE A 82 -1.37 -6.66 11.83
C PHE A 82 -0.22 -5.92 11.20
N PRO A 83 -0.43 -4.84 10.47
CA PRO A 83 0.75 -4.26 9.82
C PRO A 83 1.75 -3.44 10.62
N LEU A 84 1.29 -2.48 11.38
CA LEU A 84 2.22 -1.63 12.13
C LEU A 84 3.41 -2.38 12.71
N ALA A 85 3.13 -3.57 13.25
CA ALA A 85 4.18 -4.48 13.73
C ALA A 85 5.12 -4.92 12.60
N GLU A 86 4.55 -5.19 11.41
CA GLU A 86 5.36 -5.51 10.23
C GLU A 86 6.39 -4.42 9.94
N ARG A 87 6.00 -3.14 10.02
CA ARG A 87 6.91 -2.00 9.67
C ARG A 87 7.80 -1.60 10.85
N ALA A 88 7.28 -1.70 12.07
CA ALA A 88 8.09 -1.53 13.30
C ALA A 88 9.36 -2.39 13.17
N ASN A 89 9.24 -3.53 12.51
CA ASN A 89 10.37 -4.43 12.32
C ASN A 89 10.69 -5.23 13.57
N ARG A 90 9.65 -5.78 14.20
CA ARG A 90 9.81 -6.58 15.41
C ARG A 90 9.29 -8.00 15.21
N GLY A 91 9.98 -8.76 14.35
CA GLY A 91 9.58 -10.13 14.07
C GLY A 91 10.51 -11.14 14.70
N PHE A 92 11.71 -10.69 15.06
CA PHE A 92 12.72 -11.58 15.69
C PHE A 92 12.45 -11.53 17.18
N GLY A 93 12.90 -12.50 17.95
CA GLY A 93 12.51 -12.50 19.38
C GLY A 93 11.08 -12.95 19.60
N ILE A 94 10.43 -12.60 20.72
CA ILE A 94 9.28 -13.42 21.21
C ILE A 94 7.89 -13.00 20.75
N VAL A 95 7.48 -11.76 21.03
CA VAL A 95 6.09 -11.36 20.85
C VAL A 95 5.67 -11.56 19.42
N PHE A 96 6.37 -10.96 18.48
CA PHE A 96 5.90 -10.97 17.10
C PHE A 96 6.43 -12.06 16.20
N SER A 97 7.15 -13.03 16.76
CA SER A 97 7.83 -14.01 15.92
C SER A 97 6.98 -15.21 15.76
N ASN A 98 7.38 -16.02 14.78
CA ASN A 98 6.63 -17.22 14.47
C ASN A 98 7.43 -18.48 14.28
N GLY A 99 6.76 -19.61 14.48
CA GLY A 99 7.29 -20.87 14.04
C GLY A 99 8.40 -21.41 14.88
N LYS A 100 9.58 -21.63 14.25
CA LYS A 100 10.73 -22.28 14.94
C LYS A 100 11.43 -21.22 15.76
N LYS A 101 11.69 -20.05 15.15
CA LYS A 101 12.33 -18.97 15.89
C LYS A 101 11.55 -18.63 17.18
N TRP A 102 10.23 -18.56 17.05
CA TRP A 102 9.38 -18.44 18.23
C TRP A 102 9.75 -19.45 19.29
N LYS A 103 9.48 -20.73 19.04
CA LYS A 103 9.68 -21.81 20.02
C LYS A 103 11.07 -21.91 20.64
N GLU A 104 12.10 -21.56 19.85
CA GLU A 104 13.48 -21.76 20.33
C GLU A 104 13.72 -20.65 21.37
N ILE A 105 13.42 -19.41 20.97
CA ILE A 105 13.60 -18.23 21.82
C ILE A 105 12.62 -18.16 22.98
N ARG A 106 11.38 -18.54 22.77
CA ARG A 106 10.46 -18.61 23.87
C ARG A 106 10.92 -19.63 24.94
N ARG A 107 11.41 -20.80 24.57
CA ARG A 107 11.77 -21.79 25.60
C ARG A 107 13.01 -21.33 26.34
N PHE A 108 13.96 -20.74 25.60
CA PHE A 108 15.18 -20.17 26.16
C PHE A 108 14.85 -19.08 27.16
N SER A 109 14.15 -18.06 26.68
CA SER A 109 13.73 -16.91 27.48
C SER A 109 13.04 -17.37 28.75
N LEU A 110 12.04 -18.25 28.61
CA LEU A 110 11.35 -18.85 29.77
C LEU A 110 12.30 -19.58 30.72
N MET A 111 13.22 -20.37 30.16
CA MET A 111 14.25 -21.11 30.93
C MET A 111 15.09 -20.13 31.76
N THR A 112 15.66 -19.12 31.09
CA THR A 112 16.54 -18.16 31.78
C THR A 112 15.84 -17.22 32.77
N LEU A 113 14.52 -17.06 32.69
CA LEU A 113 13.77 -16.31 33.71
C LEU A 113 13.37 -17.21 34.87
N ARG A 114 13.29 -18.53 34.64
CA ARG A 114 13.01 -19.46 35.74
C ARG A 114 14.07 -19.28 36.84
N ASN A 115 15.24 -18.69 36.51
CA ASN A 115 16.31 -18.37 37.49
C ASN A 115 17.13 -17.07 37.24
N PHE A 116 17.31 -16.30 38.32
CA PHE A 116 18.13 -15.08 38.39
C PHE A 116 19.37 -15.57 39.18
N GLY A 117 20.54 -14.92 39.02
CA GLY A 117 21.82 -15.25 39.74
C GLY A 117 21.76 -16.04 41.05
N MET A 118 21.65 -15.34 42.19
CA MET A 118 21.49 -15.97 43.53
C MET A 118 22.76 -16.63 44.03
N ARG A 121 20.25 -13.79 45.44
CA ARG A 121 19.20 -13.04 44.76
C ARG A 121 18.21 -13.95 44.01
N SER A 122 16.97 -13.99 44.50
CA SER A 122 15.85 -14.55 43.75
C SER A 122 15.04 -13.37 43.21
N ILE A 123 14.35 -13.57 42.09
CA ILE A 123 13.38 -12.59 41.56
C ILE A 123 12.46 -12.00 42.64
N GLU A 124 12.02 -12.79 43.63
CA GLU A 124 11.20 -12.24 44.72
C GLU A 124 11.99 -11.22 45.50
N ASP A 125 13.25 -11.49 45.76
CA ASP A 125 14.10 -10.55 46.50
C ASP A 125 14.30 -9.26 45.67
N CYS A 126 14.38 -9.42 44.35
CA CYS A 126 14.48 -8.29 43.42
C CYS A 126 13.25 -7.39 43.49
N VAL A 127 12.06 -8.00 43.42
CA VAL A 127 10.80 -7.26 43.48
C VAL A 127 10.65 -6.57 44.81
N GLN A 128 10.60 -7.37 45.87
CA GLN A 128 10.46 -6.89 47.27
C GLN A 128 11.38 -5.74 47.68
N GLU A 129 12.59 -5.68 47.09
CA GLU A 129 13.47 -4.54 47.32
C GLU A 129 12.94 -3.35 46.54
N GLU A 130 12.52 -3.57 45.31
CA GLU A 130 11.93 -2.51 44.50
C GLU A 130 10.64 -1.89 45.13
N ALA A 131 9.86 -2.71 45.83
CA ALA A 131 8.72 -2.20 46.57
C ALA A 131 9.11 -1.30 47.75
N ARG A 132 10.30 -1.54 48.32
CA ARG A 132 10.83 -0.65 49.34
C ARG A 132 11.36 0.66 48.75
N CYS A 133 11.83 0.68 47.50
CA CYS A 133 12.18 1.95 46.82
C CYS A 133 11.00 2.74 46.32
N LEU A 134 9.95 2.04 45.90
CA LEU A 134 8.68 2.69 45.57
C LEU A 134 8.05 3.37 46.78
N VAL A 135 8.05 2.68 47.92
CA VAL A 135 7.55 3.24 49.17
C VAL A 135 8.37 4.47 49.55
N GLU A 136 9.69 4.43 49.37
CA GLU A 136 10.53 5.61 49.67
C GLU A 136 10.25 6.80 48.76
N GLU A 137 9.65 6.61 47.58
CA GLU A 137 9.35 7.72 46.65
C GLU A 137 7.91 8.19 46.79
N LEU A 138 7.02 7.31 47.19
CA LEU A 138 5.73 7.74 47.67
C LEU A 138 5.85 8.56 49.00
N ARG A 139 6.98 8.38 49.69
CA ARG A 139 7.27 9.14 50.89
C ARG A 139 7.74 10.55 50.48
N LYS A 140 8.59 10.63 49.44
CA LYS A 140 9.09 11.89 48.93
C LYS A 140 8.06 12.84 48.26
N THR A 141 6.85 12.35 47.99
CA THR A 141 5.75 13.25 47.56
C THR A 141 5.14 14.08 48.71
N LYS A 142 5.63 13.85 49.93
CA LYS A 142 5.22 14.58 51.14
C LYS A 142 3.70 14.76 51.19
N ALA A 143 2.99 13.72 50.78
CA ALA A 143 1.53 13.66 50.82
C ALA A 143 0.79 14.77 50.08
N SER A 144 1.49 15.47 49.18
CA SER A 144 0.85 16.46 48.31
C SER A 144 0.38 15.71 47.07
N PRO A 145 -0.78 16.10 46.51
CA PRO A 145 -1.44 15.23 45.54
C PRO A 145 -0.63 15.06 44.21
N CYS A 146 -0.54 13.84 43.70
CA CYS A 146 0.25 13.58 42.49
C CYS A 146 -0.44 12.65 41.49
N ASP A 147 0.11 12.64 40.28
CA ASP A 147 -0.29 11.71 39.24
C ASP A 147 0.64 10.50 39.30
N PRO A 148 0.14 9.36 39.80
CA PRO A 148 1.05 8.25 40.07
C PRO A 148 1.73 7.61 38.83
N THR A 149 1.43 8.11 37.62
CA THR A 149 1.91 7.52 36.37
C THR A 149 3.37 7.18 36.31
N PHE A 150 4.28 8.14 36.50
CA PHE A 150 5.72 7.87 36.36
C PHE A 150 6.39 7.15 37.56
N ILE A 151 5.85 7.32 38.76
CA ILE A 151 6.28 6.54 39.91
C ILE A 151 5.86 5.07 39.75
N LEU A 152 4.57 4.83 39.55
CA LEU A 152 4.08 3.47 39.36
C LEU A 152 4.63 2.75 38.13
N GLY A 153 5.19 3.46 37.16
CA GLY A 153 5.82 2.83 36.02
C GLY A 153 7.26 2.43 36.30
N CYS A 154 7.93 3.20 37.14
CA CYS A 154 9.34 3.01 37.42
C CYS A 154 9.58 1.77 38.26
N ALA A 155 8.61 1.37 39.09
CA ALA A 155 8.76 0.14 39.88
C ALA A 155 8.91 -1.12 38.97
N PRO A 156 7.87 -1.48 38.18
CA PRO A 156 8.06 -2.55 37.18
C PRO A 156 9.28 -2.39 36.26
N CYS A 157 9.45 -1.20 35.67
CA CYS A 157 10.58 -0.94 34.77
C CYS A 157 11.91 -1.29 35.39
N ASN A 158 12.07 -0.98 36.68
CA ASN A 158 13.28 -1.34 37.40
C ASN A 158 13.40 -2.82 37.54
N VAL A 159 12.36 -3.48 38.03
CA VAL A 159 12.39 -4.94 38.10
C VAL A 159 12.86 -5.52 36.76
N ILE A 160 12.29 -5.03 35.65
CA ILE A 160 12.65 -5.55 34.33
C ILE A 160 14.10 -5.27 33.93
N CYS A 161 14.51 -4.03 34.13
CA CYS A 161 15.86 -3.61 33.79
C CYS A 161 16.90 -4.45 34.53
N SER A 162 16.59 -4.78 35.79
CA SER A 162 17.46 -5.66 36.59
C SER A 162 17.63 -7.03 35.97
N ILE A 163 16.54 -7.62 35.55
CA ILE A 163 16.58 -8.89 34.85
C ILE A 163 17.31 -8.80 33.48
N ILE A 164 17.01 -7.81 32.64
CA ILE A 164 17.52 -7.75 31.25
C ILE A 164 19.01 -7.41 31.19
N PHE A 165 19.40 -6.34 31.89
CA PHE A 165 20.81 -5.85 31.86
C PHE A 165 21.32 -5.37 33.22
N HIS A 166 20.79 -5.85 34.34
CA HIS A 166 21.32 -5.48 35.64
C HIS A 166 21.02 -4.09 36.17
N LYS A 167 21.27 -3.07 35.39
CA LYS A 167 21.17 -1.68 35.90
C LYS A 167 19.77 -1.41 36.51
N ARG A 168 19.65 -0.24 37.11
CA ARG A 168 18.42 0.25 37.71
C ARG A 168 18.31 1.76 37.57
N PHE A 169 17.12 2.29 37.29
CA PHE A 169 17.01 3.76 37.10
C PHE A 169 16.73 4.45 38.44
N ASP A 170 17.24 5.67 38.60
CA ASP A 170 16.72 6.54 39.65
C ASP A 170 15.29 6.91 39.25
N TYR A 171 14.32 6.82 40.15
CA TYR A 171 12.92 7.16 39.83
C TYR A 171 12.59 8.44 39.02
N LYS A 172 13.45 9.46 39.07
CA LYS A 172 13.22 10.71 38.37
C LYS A 172 14.35 10.97 37.34
N ASP A 173 14.98 9.87 36.93
CA ASP A 173 16.07 9.90 35.95
C ASP A 173 15.34 10.37 34.68
N GLN A 174 15.88 11.40 34.05
CA GLN A 174 15.33 11.97 32.82
C GLN A 174 15.25 10.92 31.67
N GLN A 175 16.20 9.99 31.63
CA GLN A 175 16.22 8.93 30.60
C GLN A 175 15.07 7.92 30.79
N PHE A 176 14.81 7.48 32.02
CA PHE A 176 13.64 6.64 32.28
C PHE A 176 12.37 7.40 31.93
N LEU A 177 12.30 8.67 32.27
CA LEU A 177 11.11 9.45 31.97
C LEU A 177 10.75 9.51 30.48
N ASN A 178 11.74 9.54 29.59
CA ASN A 178 11.43 9.45 28.14
C ASN A 178 10.87 8.09 27.82
N LEU A 179 11.63 7.06 28.13
CA LEU A 179 11.23 5.71 27.83
C LEU A 179 9.79 5.49 28.29
N MET A 180 9.51 5.86 29.54
CA MET A 180 8.18 5.65 30.13
C MET A 180 7.05 6.33 29.39
N GLU A 181 7.17 7.63 29.11
CA GLU A 181 6.09 8.28 28.38
C GLU A 181 5.99 7.80 26.92
N LYS A 182 7.13 7.42 26.32
CA LYS A 182 7.15 6.85 24.96
C LYS A 182 6.40 5.51 24.98
N LEU A 183 6.71 4.62 25.90
CA LEU A 183 5.87 3.42 26.10
C LEU A 183 4.40 3.79 26.34
N ASN A 184 4.17 4.78 27.18
CA ASN A 184 2.80 5.21 27.48
C ASN A 184 2.09 5.78 26.27
N GLU A 185 2.80 6.58 25.49
CA GLU A 185 2.26 7.16 24.27
C GLU A 185 1.94 6.10 23.20
N ASN A 186 2.83 5.14 23.03
CA ASN A 186 2.64 4.06 22.09
C ASN A 186 1.36 3.23 22.35
N ILE A 187 1.07 2.94 23.62
CA ILE A 187 -0.10 2.17 23.93
C ILE A 187 -1.37 3.01 23.70
N LYS A 188 -1.27 4.32 23.97
CA LYS A 188 -2.34 5.29 23.70
C LYS A 188 -2.69 5.24 22.24
N ILE A 189 -1.67 5.36 21.40
CA ILE A 189 -1.79 5.38 19.93
C ILE A 189 -2.32 4.08 19.37
N LEU A 190 -1.76 2.96 19.80
CA LEU A 190 -2.29 1.65 19.42
C LEU A 190 -3.75 1.43 19.76
N SER A 191 -4.31 2.14 20.73
CA SER A 191 -5.76 2.06 21.04
C SER A 191 -6.67 3.18 20.46
N SER A 192 -6.06 4.28 20.02
CA SER A 192 -6.60 5.28 19.08
C SER A 192 -7.57 4.75 18.00
N PRO A 193 -8.75 5.37 17.84
CA PRO A 193 -9.50 5.21 16.58
C PRO A 193 -8.69 5.33 15.26
N TRP A 194 -7.75 6.26 15.17
CA TRP A 194 -6.98 6.44 13.93
C TRP A 194 -6.22 5.19 13.58
N ILE A 195 -5.61 4.56 14.57
CA ILE A 195 -4.95 3.26 14.33
C ILE A 195 -5.94 2.15 13.96
N GLN A 196 -7.18 2.26 14.38
CA GLN A 196 -8.17 1.35 13.87
C GLN A 196 -8.54 1.62 12.41
N ILE A 197 -8.43 2.86 11.93
CA ILE A 197 -8.52 3.12 10.49
C ILE A 197 -7.28 2.60 9.78
N CYS A 198 -6.11 2.74 10.37
CA CYS A 198 -4.88 2.22 9.75
C CYS A 198 -4.87 0.69 9.52
N ASN A 199 -5.75 -0.03 10.18
CA ASN A 199 -5.86 -1.48 9.98
C ASN A 199 -6.96 -1.91 9.03
N ASN A 200 -7.95 -1.09 8.79
CA ASN A 200 -8.83 -1.32 7.65
C ASN A 200 -8.25 -0.80 6.31
N PHE A 201 -7.06 -0.17 6.32
CA PHE A 201 -6.43 0.38 5.09
C PHE A 201 -4.90 0.44 5.19
N SER A 202 -4.24 -0.72 5.18
CA SER A 202 -2.79 -0.81 5.36
C SER A 202 -1.90 0.14 4.50
N PRO A 203 -2.29 0.49 3.24
CA PRO A 203 -1.62 1.57 2.48
C PRO A 203 -1.52 2.95 3.16
N ILE A 204 -2.59 3.46 3.77
CA ILE A 204 -2.53 4.66 4.61
C ILE A 204 -1.24 4.76 5.47
N ILE A 205 -0.91 3.68 6.15
CA ILE A 205 0.26 3.65 7.03
C ILE A 205 1.53 4.13 6.38
N ASP A 206 1.65 3.95 5.08
CA ASP A 206 2.82 4.44 4.40
C ASP A 206 2.68 5.75 3.64
N TYR A 207 1.50 6.36 3.58
CA TYR A 207 1.39 7.59 2.82
C TYR A 207 0.80 8.79 3.55
N PHE A 208 0.00 8.56 4.59
CA PHE A 208 -0.55 9.67 5.36
C PHE A 208 0.14 10.07 6.70
N PRO A 209 0.06 11.36 7.03
CA PRO A 209 0.56 12.04 8.22
C PRO A 209 -0.32 11.85 9.47
N GLY A 210 0.15 11.05 10.43
CA GLY A 210 -0.61 10.78 11.66
C GLY A 210 0.16 10.08 12.75
N THR A 211 -0.56 9.68 13.79
CA THR A 211 0.09 9.15 14.96
C THR A 211 0.78 7.83 14.74
N HIS A 212 0.36 7.06 13.74
CA HIS A 212 1.14 5.89 13.35
C HIS A 212 2.62 6.20 13.14
N ASN A 213 2.95 7.35 12.58
CA ASN A 213 4.36 7.65 12.28
C ASN A 213 5.24 7.91 13.51
N LYS A 214 4.61 8.42 14.57
CA LYS A 214 5.30 8.70 15.80
C LYS A 214 5.47 7.39 16.52
N LEU A 215 4.43 6.57 16.55
CA LEU A 215 4.61 5.29 17.24
C LEU A 215 5.85 4.63 16.66
N LEU A 216 6.02 4.67 15.35
CA LEU A 216 7.18 4.02 14.74
C LEU A 216 8.52 4.62 15.15
N LYS A 217 8.55 5.95 15.29
CA LYS A 217 9.71 6.70 15.78
C LYS A 217 10.11 6.22 17.17
N ASN A 218 9.14 6.27 18.10
CA ASN A 218 9.32 5.81 19.48
C ASN A 218 9.80 4.38 19.58
N VAL A 219 9.23 3.50 18.75
CA VAL A 219 9.64 2.11 18.76
C VAL A 219 11.10 2.00 18.36
N ALA A 220 11.50 2.81 17.38
CA ALA A 220 12.86 2.80 16.86
C ALA A 220 13.86 3.27 17.90
N PHE A 221 13.46 4.32 18.62
CA PHE A 221 14.14 4.79 19.84
C PHE A 221 14.46 3.71 20.87
N MET A 222 13.47 3.09 21.52
CA MET A 222 13.74 1.99 22.45
C MET A 222 14.63 0.92 21.83
N LYS A 223 14.41 0.61 20.55
CA LYS A 223 15.20 -0.43 19.85
C LYS A 223 16.67 -0.03 19.87
N SER A 224 16.92 1.23 19.52
CA SER A 224 18.24 1.80 19.55
C SER A 224 18.84 1.76 20.95
N TYR A 225 18.14 2.33 21.93
CA TYR A 225 18.53 2.28 23.35
C TYR A 225 18.91 0.90 23.87
N ILE A 226 18.10 -0.11 23.60
CA ILE A 226 18.43 -1.49 23.97
C ILE A 226 19.72 -1.93 23.30
N LEU A 227 19.91 -1.56 22.03
CA LEU A 227 21.08 -1.98 21.27
C LEU A 227 22.37 -1.38 21.77
N GLU A 228 22.35 -0.14 22.28
CA GLU A 228 23.44 0.35 23.13
C GLU A 228 23.77 -0.71 24.20
N LYS A 229 22.84 -0.94 25.13
CA LYS A 229 23.03 -1.91 26.19
C LYS A 229 23.56 -3.27 25.71
N VAL A 230 23.06 -3.77 24.59
CA VAL A 230 23.50 -5.08 24.07
C VAL A 230 24.88 -5.08 23.46
N LYS A 231 25.26 -4.07 22.68
CA LYS A 231 26.67 -3.90 22.30
C LYS A 231 27.56 -3.88 23.54
N GLU A 232 27.37 -2.91 24.44
CA GLU A 232 28.26 -2.80 25.61
C GLU A 232 28.31 -4.06 26.53
N HIS A 233 27.30 -4.93 26.47
CA HIS A 233 27.37 -6.25 27.17
C HIS A 233 28.33 -7.23 26.48
N GLN A 234 28.41 -7.17 25.14
CA GLN A 234 29.28 -8.08 24.35
C GLN A 234 30.74 -7.95 24.76
N GLU A 235 31.18 -6.74 25.11
CA GLU A 235 32.59 -6.49 25.49
C GLU A 235 32.86 -6.96 26.93
N SER A 236 32.14 -6.40 27.91
CA SER A 236 32.38 -6.81 29.28
C SER A 236 31.78 -8.18 29.38
N MET A 237 32.16 -9.05 28.45
CA MET A 237 31.65 -10.43 28.40
C MET A 237 31.91 -11.42 29.54
N ASP A 238 33.00 -12.17 29.42
CA ASP A 238 33.38 -13.14 30.45
C ASP A 238 32.50 -14.37 30.58
N MET A 239 32.73 -15.32 29.70
CA MET A 239 31.98 -16.55 29.69
C MET A 239 31.81 -17.08 31.09
N ASN A 240 32.92 -17.35 31.74
CA ASN A 240 32.87 -17.88 33.08
C ASN A 240 32.00 -17.08 34.04
N ASN A 241 31.35 -16.04 33.55
CA ASN A 241 30.53 -15.23 34.45
C ASN A 241 29.52 -14.29 33.85
N PRO A 242 28.23 -14.78 33.75
CA PRO A 242 27.25 -13.85 33.20
C PRO A 242 26.34 -13.42 34.35
N GLN A 243 25.65 -12.29 34.29
CA GLN A 243 24.83 -11.92 35.46
C GLN A 243 23.44 -11.32 35.17
N ASP A 244 22.90 -11.59 33.98
CA ASP A 244 21.60 -11.09 33.56
C ASP A 244 21.15 -11.79 32.28
N PHE A 245 19.95 -11.45 31.81
CA PHE A 245 19.38 -12.00 30.57
C PHE A 245 20.22 -11.79 29.32
N ILE A 246 20.60 -10.55 29.04
CA ILE A 246 21.45 -10.26 27.87
C ILE A 246 22.75 -11.09 27.84
N ASP A 247 23.37 -11.31 29.00
CA ASP A 247 24.59 -12.14 29.06
C ASP A 247 24.25 -13.58 28.73
N CYS A 248 23.30 -14.17 29.46
CA CYS A 248 22.85 -15.54 29.13
C CYS A 248 22.47 -15.80 27.67
N PHE A 249 22.04 -14.75 26.97
CA PHE A 249 21.66 -14.89 25.58
C PHE A 249 22.93 -14.95 24.73
N LEU A 250 23.91 -14.10 25.06
CA LEU A 250 25.20 -14.09 24.34
C LEU A 250 26.00 -15.40 24.58
N MET A 251 25.83 -16.00 25.76
CA MET A 251 26.40 -17.33 26.01
C MET A 251 25.80 -18.41 25.13
N LYS A 252 24.48 -18.40 24.98
CA LYS A 252 23.78 -19.28 24.05
C LYS A 252 24.18 -18.99 22.59
N MET A 253 24.54 -17.75 22.24
CA MET A 253 25.07 -17.48 20.90
C MET A 253 26.42 -18.15 20.62
N GLU A 254 27.28 -18.26 21.64
CA GLU A 254 28.53 -19.03 21.54
C GLU A 254 28.33 -20.56 21.55
N LYS A 255 27.54 -21.09 22.50
CA LYS A 255 27.07 -22.52 22.51
C LYS A 255 26.40 -22.98 21.19
N GLU A 256 26.31 -22.05 20.24
CA GLU A 256 25.67 -22.33 18.94
C GLU A 256 26.59 -21.98 17.76
N LYS A 257 27.39 -22.95 17.34
CA LYS A 257 28.26 -22.85 16.14
C LYS A 257 28.07 -24.20 15.45
N HIS A 258 27.50 -25.11 16.23
CA HIS A 258 27.10 -26.43 15.78
C HIS A 258 25.88 -26.10 14.96
N ASN A 259 24.95 -25.37 15.56
CA ASN A 259 23.75 -24.97 14.78
C ASN A 259 24.07 -24.09 13.56
N GLN A 260 25.08 -23.22 13.70
CA GLN A 260 25.74 -22.48 12.59
C GLN A 260 24.87 -21.44 11.81
N PRO A 261 23.88 -21.87 10.97
CA PRO A 261 22.72 -20.97 10.71
C PRO A 261 21.90 -20.61 11.97
N SER A 262 22.21 -19.43 12.51
CA SER A 262 21.64 -18.67 13.67
C SER A 262 20.64 -19.29 14.67
N GLU A 263 19.33 -19.03 14.45
CA GLU A 263 18.27 -19.05 15.47
C GLU A 263 18.40 -17.93 16.52
N PHE A 264 19.57 -17.85 17.14
CA PHE A 264 19.93 -16.81 18.10
C PHE A 264 20.92 -15.77 17.52
N THR A 265 20.44 -14.87 16.66
CA THR A 265 21.20 -13.68 16.23
C THR A 265 21.29 -12.62 17.34
N ILE A 266 22.10 -11.57 17.15
CA ILE A 266 22.00 -10.33 17.97
C ILE A 266 20.64 -9.72 17.68
N GLU A 267 20.28 -9.66 16.39
CA GLU A 267 18.98 -9.16 15.96
C GLU A 267 17.81 -9.79 16.73
N SER A 268 17.86 -11.09 17.03
CA SER A 268 16.80 -11.68 17.85
C SER A 268 16.96 -11.33 19.35
N LEU A 269 18.18 -11.17 19.83
CA LEU A 269 18.42 -10.66 21.18
C LEU A 269 17.88 -9.23 21.33
N GLU A 270 18.41 -8.34 20.50
CA GLU A 270 17.96 -6.95 20.39
C GLU A 270 16.45 -6.91 20.56
N ASN A 271 15.73 -7.67 19.73
CA ASN A 271 14.25 -7.76 19.79
C ASN A 271 13.68 -8.39 21.06
N THR A 272 14.07 -9.59 21.41
CA THR A 272 13.57 -10.21 22.64
C THR A 272 13.71 -9.30 23.86
N ALA A 273 14.84 -8.60 23.93
CA ALA A 273 15.08 -7.69 25.05
C ALA A 273 14.04 -6.57 25.01
N VAL A 274 13.85 -5.93 23.86
CA VAL A 274 12.79 -4.93 23.76
C VAL A 274 11.35 -5.47 23.93
N ASP A 275 11.05 -6.71 23.55
CA ASP A 275 9.70 -7.26 23.82
C ASP A 275 9.45 -7.30 25.31
N LEU A 276 10.42 -7.85 26.06
CA LEU A 276 10.30 -8.03 27.50
C LEU A 276 10.23 -6.68 28.22
N PHE A 277 11.08 -5.75 27.78
CA PHE A 277 11.22 -4.46 28.44
C PHE A 277 9.97 -3.60 28.26
N GLY A 278 9.29 -3.73 27.14
CA GLY A 278 8.11 -2.94 26.89
C GLY A 278 6.90 -3.59 27.52
N ALA A 279 6.61 -4.82 27.11
CA ALA A 279 5.58 -5.65 27.75
C ALA A 279 5.63 -5.69 29.30
N GLY A 280 6.80 -5.94 29.88
CA GLY A 280 6.93 -5.99 31.34
C GLY A 280 6.68 -4.68 32.11
N THR A 281 7.22 -3.60 31.58
CA THR A 281 6.98 -2.27 32.10
C THR A 281 5.52 -1.86 31.96
N GLU A 282 5.06 -1.72 30.72
CA GLU A 282 3.84 -0.94 30.43
C GLU A 282 2.52 -1.62 30.88
N THR A 283 2.51 -2.93 30.91
CA THR A 283 1.30 -3.69 31.16
C THR A 283 1.08 -3.85 32.69
N THR A 284 2.18 -4.01 33.45
CA THR A 284 2.11 -4.00 34.91
C THR A 284 1.85 -2.56 35.40
N SER A 285 2.68 -1.64 34.92
CA SER A 285 2.47 -0.21 35.12
C SER A 285 0.99 0.17 34.98
N THR A 286 0.44 0.00 33.78
CA THR A 286 -0.98 0.31 33.54
C THR A 286 -1.91 -0.39 34.54
N THR A 287 -1.70 -1.68 34.79
CA THR A 287 -2.49 -2.42 35.79
C THR A 287 -2.46 -1.87 37.24
N LEU A 288 -1.31 -1.34 37.68
CA LEU A 288 -1.20 -0.75 39.02
C LEU A 288 -2.00 0.52 39.09
N ARG A 289 -1.66 1.40 38.16
CA ARG A 289 -2.32 2.65 37.99
C ARG A 289 -3.85 2.75 38.11
N TYR A 290 -4.47 1.69 37.61
CA TYR A 290 -5.93 1.44 37.52
C TYR A 290 -6.43 0.76 38.80
N ALA A 291 -5.51 0.06 39.45
CA ALA A 291 -5.79 -0.63 40.70
C ALA A 291 -5.98 0.50 41.67
N LEU A 292 -4.96 1.33 41.85
CA LEU A 292 -5.10 2.48 42.73
C LEU A 292 -6.35 3.27 42.40
N LEU A 293 -6.59 3.54 41.11
CA LEU A 293 -7.83 4.18 40.67
C LEU A 293 -9.11 3.49 41.16
N LEU A 294 -9.13 2.17 41.14
CA LEU A 294 -10.27 1.43 41.66
C LEU A 294 -10.34 1.37 43.16
N LEU A 295 -9.20 1.49 43.83
CA LEU A 295 -9.19 1.56 45.28
C LEU A 295 -9.66 2.94 45.79
N LEU A 296 -9.35 4.04 45.09
CA LEU A 296 -9.91 5.37 45.44
C LEU A 296 -11.45 5.34 45.38
N LYS A 297 -11.94 4.71 44.34
CA LYS A 297 -13.35 4.62 44.06
C LYS A 297 -14.12 3.73 45.06
N HIS A 298 -13.45 2.80 45.75
CA HIS A 298 -14.16 1.87 46.66
C HIS A 298 -13.43 1.77 47.99
N PRO A 299 -13.64 2.74 48.89
CA PRO A 299 -12.83 2.72 50.10
C PRO A 299 -13.26 1.59 51.07
N GLU A 300 -14.54 1.27 51.12
CA GLU A 300 -15.04 0.02 51.75
C GLU A 300 -14.06 -1.20 51.53
N VAL A 301 -13.65 -1.40 50.27
CA VAL A 301 -12.75 -2.47 49.83
C VAL A 301 -11.36 -2.18 50.30
N THR A 302 -10.86 -0.97 50.02
CA THR A 302 -9.49 -0.59 50.43
C THR A 302 -9.25 -0.81 51.92
N ALA A 303 -10.26 -0.52 52.75
CA ALA A 303 -10.21 -0.86 54.18
C ALA A 303 -10.11 -2.37 54.46
N LYS A 304 -11.06 -3.17 54.00
CA LYS A 304 -10.99 -4.62 54.23
C LYS A 304 -9.63 -5.24 53.86
N VAL A 305 -8.97 -4.64 52.87
CA VAL A 305 -7.63 -5.02 52.39
C VAL A 305 -6.58 -4.60 53.39
N GLN A 306 -6.61 -3.34 53.79
CA GLN A 306 -5.70 -2.84 54.83
C GLN A 306 -5.89 -3.52 56.20
N GLU A 307 -7.07 -4.04 56.46
CA GLU A 307 -7.19 -4.83 57.71
C GLU A 307 -6.22 -6.01 57.53
N GLU A 308 -6.51 -6.86 56.55
CA GLU A 308 -5.72 -8.07 56.29
C GLU A 308 -4.24 -7.82 56.34
N ILE A 309 -3.77 -6.77 55.67
CA ILE A 309 -2.37 -6.46 55.69
C ILE A 309 -1.92 -6.28 57.12
N GLU A 310 -2.58 -5.41 57.90
CA GLU A 310 -2.16 -5.16 59.29
C GLU A 310 -2.24 -6.41 60.14
N ARG A 311 -3.31 -7.17 59.99
CA ARG A 311 -3.41 -8.45 60.66
C ARG A 311 -2.28 -9.47 60.34
N VAL A 312 -1.94 -9.67 59.07
CA VAL A 312 -1.11 -10.81 58.63
C VAL A 312 0.33 -10.42 58.49
N ILE A 313 0.61 -9.46 57.61
CA ILE A 313 1.92 -8.79 57.57
C ILE A 313 1.86 -7.74 58.67
N GLY A 314 2.96 -7.26 59.20
CA GLY A 314 2.80 -6.12 60.14
C GLY A 314 2.61 -4.82 59.41
N ARG A 315 2.92 -3.72 60.09
CA ARG A 315 3.35 -2.54 59.39
C ARG A 315 4.85 -2.48 59.34
N ASN A 316 5.56 -3.56 59.58
CA ASN A 316 6.99 -3.43 59.52
C ASN A 316 7.78 -4.14 58.42
N ARG A 317 7.74 -5.44 58.43
CA ARG A 317 8.44 -6.22 57.42
C ARG A 317 7.84 -6.19 56.02
N SER A 318 8.69 -6.31 55.00
CA SER A 318 8.20 -6.42 53.60
C SER A 318 7.15 -7.49 53.50
N PRO A 319 6.09 -7.28 52.68
CA PRO A 319 5.24 -8.45 52.37
C PRO A 319 6.02 -9.45 51.50
N CYS A 320 5.67 -10.73 51.60
CA CYS A 320 6.27 -11.76 50.72
C CYS A 320 5.16 -12.57 50.02
N MET A 321 5.54 -13.41 49.07
CA MET A 321 4.55 -14.18 48.29
C MET A 321 3.91 -15.30 49.12
N GLN A 322 4.60 -15.76 50.16
CA GLN A 322 4.00 -16.70 51.10
C GLN A 322 2.76 -16.11 51.82
N ASP A 323 2.72 -14.76 51.97
CA ASP A 323 1.59 -14.05 52.60
C ASP A 323 0.26 -14.13 51.88
N ARG A 324 0.31 -14.31 50.58
CA ARG A 324 -0.89 -14.34 49.74
C ARG A 324 -1.87 -15.43 50.10
N SER A 325 -1.40 -16.61 50.47
CA SER A 325 -2.32 -17.69 50.81
C SER A 325 -3.09 -17.40 52.10
N HIS A 326 -2.56 -16.54 52.98
CA HIS A 326 -3.25 -16.16 54.22
C HIS A 326 -3.90 -14.79 54.10
N MET A 327 -4.34 -14.42 52.91
CA MET A 327 -4.86 -13.09 52.61
C MET A 327 -5.87 -13.20 51.47
N PRO A 328 -6.95 -13.97 51.67
CA PRO A 328 -7.81 -14.24 50.53
C PRO A 328 -8.60 -13.01 50.04
N TYR A 329 -8.81 -12.00 50.89
CA TYR A 329 -9.44 -10.78 50.43
C TYR A 329 -8.49 -10.07 49.47
N THR A 330 -7.26 -9.81 49.91
CA THR A 330 -6.34 -9.10 49.05
C THR A 330 -6.06 -9.89 47.77
N ASP A 331 -6.03 -11.22 47.84
CA ASP A 331 -5.84 -12.04 46.65
C ASP A 331 -7.00 -11.84 45.66
N ALA A 332 -8.23 -11.73 46.17
CA ALA A 332 -9.42 -11.52 45.33
C ALA A 332 -9.52 -10.13 44.75
N VAL A 333 -9.24 -9.14 45.56
CA VAL A 333 -9.16 -7.77 45.04
C VAL A 333 -8.20 -7.71 43.84
N VAL A 334 -6.97 -8.24 43.99
CA VAL A 334 -5.96 -8.22 42.92
C VAL A 334 -6.47 -8.93 41.67
N HIS A 335 -7.18 -10.02 41.85
CA HIS A 335 -7.78 -10.74 40.72
C HIS A 335 -8.89 -9.90 40.09
N GLU A 336 -9.71 -9.30 40.94
CA GLU A 336 -10.86 -8.55 40.46
C GLU A 336 -10.45 -7.35 39.65
N VAL A 337 -9.37 -6.66 40.04
CA VAL A 337 -8.81 -5.55 39.27
C VAL A 337 -8.51 -6.05 37.86
N GLN A 338 -7.81 -7.17 37.75
CA GLN A 338 -7.41 -7.65 36.43
C GLN A 338 -8.55 -8.13 35.59
N ARG A 339 -9.61 -8.59 36.23
CA ARG A 339 -10.76 -9.11 35.51
C ARG A 339 -11.59 -7.92 35.04
N TYR A 340 -11.91 -7.07 35.99
CA TYR A 340 -12.72 -5.92 35.69
C TYR A 340 -12.06 -5.07 34.62
N ILE A 341 -10.84 -4.59 34.86
CA ILE A 341 -10.19 -3.70 33.90
C ILE A 341 -10.02 -4.27 32.51
N ASP A 342 -9.91 -5.59 32.38
CA ASP A 342 -9.78 -6.22 31.08
C ASP A 342 -8.70 -5.50 30.22
N LEU A 343 -7.44 -5.74 30.55
CA LEU A 343 -6.37 -4.86 30.09
C LEU A 343 -6.15 -4.96 28.59
N LEU A 344 -6.24 -6.16 28.04
CA LEU A 344 -6.06 -6.38 26.62
C LEU A 344 -7.29 -7.16 26.15
N PRO A 345 -8.41 -6.46 25.87
CA PRO A 345 -9.71 -7.01 25.52
C PRO A 345 -9.74 -8.11 24.49
N THR A 346 -8.85 -8.03 23.54
CA THR A 346 -8.78 -9.01 22.50
C THR A 346 -7.41 -9.63 22.45
N SER A 347 -6.71 -9.73 23.59
CA SER A 347 -5.34 -10.29 23.66
C SER A 347 -4.44 -9.70 22.57
N LEU A 348 -3.36 -10.37 22.20
CA LEU A 348 -2.72 -10.04 20.94
C LEU A 348 -3.28 -11.03 19.91
N PRO A 349 -3.41 -10.62 18.63
CA PRO A 349 -4.02 -11.48 17.63
C PRO A 349 -3.21 -12.73 17.40
N HIS A 350 -3.88 -13.89 17.33
CA HIS A 350 -3.25 -15.16 16.92
C HIS A 350 -3.36 -15.38 15.42
N ALA A 351 -2.78 -16.47 14.94
CA ALA A 351 -2.95 -16.94 13.56
C ALA A 351 -2.86 -18.46 13.55
N VAL A 352 -3.48 -19.12 12.58
CA VAL A 352 -3.40 -20.59 12.51
C VAL A 352 -2.20 -21.01 11.70
N THR A 353 -1.56 -22.06 12.19
CA THR A 353 -0.21 -22.44 11.77
C THR A 353 -0.22 -23.36 10.55
N CYS A 354 -1.19 -24.26 10.51
CA CYS A 354 -1.57 -25.08 9.36
C CYS A 354 -3.04 -24.74 8.98
N ASP A 355 -3.61 -25.52 8.06
CA ASP A 355 -5.06 -25.47 7.81
C ASP A 355 -5.72 -26.30 8.89
N ILE A 356 -6.80 -25.82 9.48
CA ILE A 356 -7.41 -26.59 10.55
C ILE A 356 -8.94 -26.51 10.49
N LYS A 357 -9.56 -27.69 10.46
CA LYS A 357 -11.00 -27.86 10.59
C LYS A 357 -11.32 -27.60 12.05
N PHE A 358 -12.17 -26.64 12.34
CA PHE A 358 -12.50 -26.29 13.72
C PHE A 358 -13.99 -25.98 13.79
N ARG A 359 -14.70 -26.59 14.74
CA ARG A 359 -16.16 -26.39 14.84
C ARG A 359 -16.84 -26.48 13.45
N ASN A 360 -16.50 -27.57 12.74
CA ASN A 360 -16.92 -27.82 11.34
C ASN A 360 -16.83 -26.62 10.39
N TYR A 361 -15.64 -26.02 10.28
CA TYR A 361 -15.46 -24.82 9.43
C TYR A 361 -14.26 -24.73 8.54
N LEU A 362 -13.11 -25.25 8.95
CA LEU A 362 -11.93 -25.24 8.03
C LEU A 362 -11.34 -23.87 7.62
N ILE A 363 -10.50 -23.34 8.50
CA ILE A 363 -9.78 -22.11 8.30
C ILE A 363 -8.40 -22.41 7.76
N PRO A 364 -8.01 -21.65 6.75
CA PRO A 364 -6.70 -21.77 6.08
C PRO A 364 -5.50 -21.40 6.91
N LYS A 365 -4.33 -21.97 6.61
CA LYS A 365 -3.05 -21.54 7.20
C LYS A 365 -2.89 -20.03 6.97
N GLY A 366 -2.49 -19.32 8.03
CA GLY A 366 -2.33 -17.87 8.00
C GLY A 366 -3.47 -17.10 8.64
N THR A 367 -4.70 -17.53 8.40
CA THR A 367 -5.87 -16.78 8.89
C THR A 367 -5.69 -16.29 10.33
N THR A 368 -5.75 -14.97 10.47
CA THR A 368 -5.65 -14.30 11.77
C THR A 368 -6.84 -14.65 12.67
N ILE A 369 -6.61 -14.72 13.96
CA ILE A 369 -7.65 -15.08 14.93
C ILE A 369 -7.70 -14.10 16.06
N LEU A 370 -8.87 -13.60 16.42
CA LEU A 370 -9.01 -12.82 17.65
C LEU A 370 -9.67 -13.60 18.73
N ILE A 371 -9.06 -13.55 19.91
CA ILE A 371 -9.63 -14.12 21.09
C ILE A 371 -10.31 -12.97 21.78
N SER A 372 -11.60 -13.02 21.98
CA SER A 372 -12.18 -12.04 22.87
C SER A 372 -11.85 -12.58 24.24
N LEU A 373 -10.98 -11.91 24.97
CA LEU A 373 -10.75 -12.24 26.36
C LEU A 373 -11.76 -11.59 27.24
N THR A 374 -12.32 -10.45 26.80
CA THR A 374 -13.43 -9.80 27.54
C THR A 374 -14.60 -10.77 27.70
N SER A 375 -14.97 -11.37 26.59
CA SER A 375 -15.97 -12.42 26.57
C SER A 375 -15.82 -13.47 27.68
N VAL A 376 -14.58 -13.80 28.05
CA VAL A 376 -14.30 -14.77 29.14
C VAL A 376 -14.24 -14.12 30.51
N LEU A 377 -13.43 -13.09 30.65
CA LEU A 377 -13.26 -12.39 31.92
C LEU A 377 -14.61 -11.84 32.42
N HIS A 378 -15.46 -11.41 31.48
CA HIS A 378 -16.76 -10.76 31.78
C HIS A 378 -17.94 -11.66 31.47
N ASP A 379 -17.71 -12.98 31.56
CA ASP A 379 -18.77 -13.99 31.45
C ASP A 379 -19.80 -13.76 32.55
N ASN A 380 -21.07 -13.97 32.22
CA ASN A 380 -22.15 -13.63 33.12
C ASN A 380 -22.50 -14.74 34.10
N LYS A 381 -22.43 -16.01 33.63
CA LYS A 381 -22.63 -17.19 34.49
C LYS A 381 -21.47 -17.22 35.47
N GLU A 382 -20.25 -17.42 35.00
CA GLU A 382 -19.11 -17.45 35.93
C GLU A 382 -18.98 -16.22 36.83
N PHE A 383 -19.34 -15.05 36.35
CA PHE A 383 -19.22 -13.84 37.13
C PHE A 383 -20.48 -13.01 37.10
N PRO A 384 -21.40 -13.24 38.03
CA PRO A 384 -22.64 -12.46 38.07
C PRO A 384 -22.34 -10.96 38.05
N ASN A 385 -23.09 -10.19 37.26
CA ASN A 385 -22.86 -8.77 37.19
C ASN A 385 -21.42 -8.45 36.91
N PRO A 386 -20.93 -8.96 35.79
CA PRO A 386 -19.53 -8.79 35.38
C PRO A 386 -19.05 -7.34 35.23
N GLU A 387 -19.95 -6.40 34.98
CA GLU A 387 -19.54 -5.02 34.83
C GLU A 387 -19.35 -4.32 36.17
N MET A 388 -19.76 -4.96 37.27
CA MET A 388 -19.52 -4.45 38.63
C MET A 388 -18.15 -4.92 39.13
N PHE A 389 -17.33 -3.99 39.66
CA PHE A 389 -16.12 -4.36 40.40
C PHE A 389 -16.51 -4.85 41.80
N ASP A 390 -16.48 -6.16 41.99
CA ASP A 390 -16.90 -6.80 43.23
C ASP A 390 -15.88 -7.92 43.60
N PRO A 391 -15.10 -7.76 44.70
CA PRO A 391 -14.10 -8.80 45.00
C PRO A 391 -14.70 -10.13 45.38
N HIS A 392 -16.00 -10.18 45.63
CA HIS A 392 -16.68 -11.45 45.91
C HIS A 392 -16.86 -12.30 44.65
N HIS A 393 -16.44 -11.78 43.51
CA HIS A 393 -16.45 -12.56 42.29
C HIS A 393 -15.40 -13.69 42.43
N PHE A 394 -14.37 -13.46 43.26
CA PHE A 394 -13.30 -14.42 43.51
C PHE A 394 -13.22 -14.96 44.95
N LEU A 395 -14.36 -15.04 45.67
CA LEU A 395 -14.43 -15.49 47.08
C LEU A 395 -15.63 -16.40 47.34
N ASP A 396 -15.41 -17.59 47.88
CA ASP A 396 -16.52 -18.52 48.18
C ASP A 396 -17.38 -17.98 49.37
N GLU A 397 -18.51 -18.59 49.64
CA GLU A 397 -19.39 -18.09 50.69
C GLU A 397 -18.65 -18.00 51.99
N GLY A 398 -17.73 -18.91 52.20
CA GLY A 398 -16.95 -18.94 53.42
C GLY A 398 -16.23 -17.64 53.59
N GLY A 399 -15.50 -17.23 52.58
CA GLY A 399 -14.75 -16.00 52.62
C GLY A 399 -13.37 -16.42 52.27
N ASN A 400 -13.32 -17.49 51.52
CA ASN A 400 -12.07 -18.11 51.09
C ASN A 400 -11.86 -17.83 49.62
N PHE A 401 -10.63 -17.77 49.14
CA PHE A 401 -10.45 -17.52 47.71
C PHE A 401 -11.03 -18.66 46.90
N LYS A 402 -11.82 -18.36 45.87
CA LYS A 402 -12.12 -19.39 44.86
C LYS A 402 -11.44 -19.00 43.55
N LYS A 403 -10.64 -19.94 43.03
CA LYS A 403 -9.98 -19.84 41.73
C LYS A 403 -11.09 -19.78 40.65
N SER A 404 -10.74 -19.60 39.38
CA SER A 404 -11.73 -19.68 38.28
C SER A 404 -11.10 -20.04 36.94
N LYS A 405 -11.67 -21.00 36.21
CA LYS A 405 -11.16 -21.38 34.87
C LYS A 405 -11.33 -20.17 33.91
N TYR A 406 -12.24 -19.24 34.27
CA TYR A 406 -12.54 -18.09 33.44
C TYR A 406 -11.66 -16.87 33.72
N PHE A 407 -10.65 -16.99 34.59
CA PHE A 407 -9.78 -15.86 34.89
C PHE A 407 -8.57 -16.08 34.04
N MET A 408 -8.57 -15.53 32.83
CA MET A 408 -7.42 -15.67 31.96
C MET A 408 -6.95 -14.35 31.31
N PRO A 409 -6.63 -13.33 32.14
CA PRO A 409 -6.08 -12.05 31.65
C PRO A 409 -4.73 -12.17 30.98
N PHE A 410 -4.00 -13.23 31.28
CA PHE A 410 -2.69 -13.50 30.65
C PHE A 410 -2.84 -14.37 29.41
N SER A 411 -4.08 -14.59 28.98
CA SER A 411 -4.43 -15.51 27.87
C SER A 411 -4.25 -16.94 28.32
N ALA A 412 -4.13 -17.83 27.36
CA ALA A 412 -3.99 -19.24 27.67
C ALA A 412 -3.35 -19.92 26.47
N GLY A 413 -3.01 -21.19 26.65
CA GLY A 413 -2.42 -21.98 25.59
C GLY A 413 -0.92 -21.85 25.46
N LYS A 414 -0.42 -22.18 24.28
CA LYS A 414 1.00 -22.17 24.04
C LYS A 414 1.64 -20.77 23.98
N ARG A 415 0.84 -19.70 23.90
CA ARG A 415 1.37 -18.34 23.81
C ARG A 415 1.04 -17.49 25.01
N ILE A 416 0.60 -18.13 26.08
CA ILE A 416 0.28 -17.47 27.35
C ILE A 416 1.40 -16.52 27.78
N CYS A 417 1.06 -15.51 28.54
CA CYS A 417 2.03 -14.53 29.02
C CYS A 417 3.30 -15.18 29.57
N VAL A 418 4.43 -14.82 28.98
CA VAL A 418 5.75 -15.32 29.39
C VAL A 418 6.08 -14.85 30.79
N GLY A 419 5.51 -13.71 31.19
CA GLY A 419 5.74 -13.13 32.49
C GLY A 419 4.59 -13.28 33.47
N GLU A 420 3.66 -14.19 33.21
CA GLU A 420 2.53 -14.44 34.12
C GLU A 420 2.89 -14.37 35.57
N ALA A 421 3.93 -15.09 35.96
CA ALA A 421 4.27 -15.21 37.40
C ALA A 421 4.95 -13.96 37.98
N LEU A 422 5.87 -13.40 37.21
CA LEU A 422 6.58 -12.18 37.61
C LEU A 422 5.62 -11.05 37.90
N ALA A 423 4.62 -10.93 37.02
CA ALA A 423 3.58 -9.94 37.12
C ALA A 423 2.68 -10.24 38.30
N GLY A 424 2.30 -11.50 38.47
CA GLY A 424 1.55 -11.87 39.65
C GLY A 424 2.18 -11.31 40.92
N MET A 425 3.50 -11.55 41.10
CA MET A 425 4.32 -10.95 42.18
C MET A 425 4.35 -9.42 42.21
N GLU A 426 4.79 -8.77 41.12
CA GLU A 426 4.87 -7.31 41.07
C GLU A 426 3.55 -6.64 41.57
N LEU A 427 2.39 -7.17 41.22
CA LEU A 427 1.12 -6.56 41.63
C LEU A 427 0.89 -6.71 43.12
N PHE A 428 0.96 -7.95 43.59
CA PHE A 428 0.66 -8.25 44.97
C PHE A 428 1.59 -7.50 45.92
N LEU A 429 2.88 -7.53 45.62
CA LEU A 429 3.90 -6.98 46.48
C LEU A 429 3.92 -5.47 46.44
N PHE A 430 3.76 -4.86 45.25
CA PHE A 430 3.73 -3.39 45.17
C PHE A 430 2.43 -2.82 45.78
N LEU A 431 1.31 -3.52 45.64
CA LEU A 431 0.06 -2.96 46.14
C LEU A 431 -0.04 -3.06 47.63
N THR A 432 0.34 -4.21 48.19
CA THR A 432 0.35 -4.42 49.64
C THR A 432 1.45 -3.59 50.30
N SER A 433 2.54 -3.32 49.59
CA SER A 433 3.57 -2.45 50.13
C SER A 433 3.04 -1.03 50.22
N ILE A 434 2.29 -0.60 49.22
CA ILE A 434 1.71 0.77 49.22
C ILE A 434 0.67 0.89 50.34
N LEU A 435 -0.23 -0.09 50.45
CA LEU A 435 -1.34 0.00 51.38
C LEU A 435 -0.98 -0.31 52.84
N GLN A 436 0.12 -1.00 53.11
CA GLN A 436 0.59 -1.07 54.51
C GLN A 436 1.11 0.32 55.01
N ASN A 437 1.76 1.07 54.13
CA ASN A 437 2.39 2.34 54.47
C ASN A 437 1.66 3.63 54.10
N PHE A 438 0.49 3.53 53.51
CA PHE A 438 -0.17 4.71 53.01
C PHE A 438 -1.66 4.53 53.02
N ASN A 439 -2.34 5.64 53.33
CA ASN A 439 -3.75 5.81 53.02
C ASN A 439 -3.88 6.66 51.77
N LEU A 440 -4.86 6.29 50.96
CA LEU A 440 -4.98 6.87 49.64
C LEU A 440 -6.05 7.93 49.70
N LYS A 441 -5.67 9.21 49.67
CA LYS A 441 -6.68 10.25 49.55
C LYS A 441 -6.88 10.71 48.13
N SER A 442 -8.03 10.32 47.58
CA SER A 442 -8.59 10.87 46.36
C SER A 442 -8.77 12.36 46.51
N LEU A 443 -8.32 13.17 45.54
CA LEU A 443 -8.72 14.60 45.55
C LEU A 443 -9.84 14.85 44.56
N VAL A 444 -10.82 13.97 44.55
CA VAL A 444 -12.10 14.11 43.87
C VAL A 444 -13.05 13.10 44.50
N ASP A 445 -14.21 13.55 44.96
CA ASP A 445 -15.22 12.65 45.53
C ASP A 445 -15.19 11.33 44.70
N PRO A 446 -14.99 10.17 45.37
CA PRO A 446 -15.32 8.86 44.81
C PRO A 446 -16.66 8.75 44.07
N LYS A 447 -17.73 9.32 44.61
CA LYS A 447 -19.02 9.31 43.91
C LYS A 447 -18.93 9.92 42.50
N ASN A 448 -17.87 10.68 42.28
CA ASN A 448 -17.68 11.40 41.04
C ASN A 448 -16.68 10.98 40.00
N LEU A 449 -15.58 10.34 40.37
CA LEU A 449 -14.59 9.96 39.36
C LEU A 449 -14.98 8.73 38.62
N ASP A 450 -14.84 8.77 37.31
CA ASP A 450 -15.19 7.59 36.51
C ASP A 450 -13.93 6.83 36.17
N THR A 451 -14.09 5.51 36.06
CA THR A 451 -13.01 4.53 36.03
C THR A 451 -12.98 3.89 34.64
N THR A 452 -13.37 4.66 33.65
CA THR A 452 -13.73 4.10 32.36
C THR A 452 -12.53 4.27 31.50
N PRO A 453 -12.17 3.24 30.70
CA PRO A 453 -11.01 3.47 29.88
C PRO A 453 -11.30 4.61 28.95
N VAL A 454 -10.31 5.47 28.76
CA VAL A 454 -10.41 6.62 27.90
C VAL A 454 -10.25 6.24 26.41
N VAL A 455 -9.66 5.05 26.15
CA VAL A 455 -9.65 4.34 24.85
C VAL A 455 -9.45 2.83 25.12
N ASN A 456 -9.68 1.96 24.12
CA ASN A 456 -9.52 0.49 24.34
C ASN A 456 -9.17 -0.40 23.11
N GLY A 457 -8.75 0.14 21.97
CA GLY A 457 -8.28 -0.61 20.78
C GLY A 457 -7.39 -1.82 21.04
N PHE A 458 -6.18 -1.57 21.53
CA PHE A 458 -5.27 -2.63 21.94
C PHE A 458 -5.64 -2.85 23.37
N ALA A 459 -5.46 -1.80 24.18
CA ALA A 459 -5.45 -1.92 25.62
C ALA A 459 -6.43 -0.98 26.25
N SER A 460 -7.10 -1.41 27.32
CA SER A 460 -7.94 -0.54 28.12
C SER A 460 -7.05 0.38 28.95
N VAL A 461 -6.74 1.58 28.44
CA VAL A 461 -5.89 2.53 29.21
C VAL A 461 -6.77 3.32 30.16
N PRO A 462 -6.35 3.63 31.41
CA PRO A 462 -7.21 4.32 32.36
C PRO A 462 -7.20 5.86 32.17
N PRO A 463 -8.21 6.55 32.75
CA PRO A 463 -8.34 8.02 32.83
C PRO A 463 -7.28 8.69 33.66
N PHE A 464 -7.18 10.01 33.52
CA PHE A 464 -6.36 10.82 34.41
C PHE A 464 -7.00 10.89 35.80
N TYR A 465 -6.15 10.73 36.80
CA TYR A 465 -6.54 10.93 38.17
C TYR A 465 -5.32 11.37 38.97
N GLN A 466 -5.59 11.93 40.14
CA GLN A 466 -4.57 12.17 41.14
C GLN A 466 -5.06 11.68 42.49
N LEU A 467 -4.09 11.57 43.38
CA LEU A 467 -4.31 11.10 44.71
C LEU A 467 -3.18 11.53 45.64
N CYS A 468 -3.51 11.61 46.92
CA CYS A 468 -2.50 11.78 47.96
C CYS A 468 -2.16 10.57 48.79
N PHE A 469 -0.86 10.34 48.93
CA PHE A 469 -0.30 9.22 49.68
C PHE A 469 0.00 9.75 51.05
N ILE A 470 -0.93 9.54 51.95
CA ILE A 470 -0.83 10.03 53.33
C ILE A 470 -0.44 8.85 54.23
N PRO A 471 0.76 8.89 54.83
CA PRO A 471 1.27 7.80 55.64
C PRO A 471 0.39 7.44 56.85
N ILE A 472 0.69 6.33 57.49
CA ILE A 472 -0.09 5.91 58.63
C ILE A 472 0.74 6.02 59.89
N LYS B 10 22.48 -1.55 -12.28
CA LYS B 10 21.06 -1.97 -12.10
C LYS B 10 20.13 -1.16 -13.06
N LEU B 11 18.85 -0.91 -12.77
CA LEU B 11 17.96 -0.33 -13.81
C LEU B 11 18.55 0.94 -14.46
N PRO B 12 18.31 1.13 -15.78
CA PRO B 12 18.78 2.31 -16.51
C PRO B 12 18.43 3.65 -15.87
N PRO B 13 19.12 4.74 -16.29
CA PRO B 13 18.81 6.09 -15.80
C PRO B 13 17.39 6.53 -16.04
N GLY B 14 16.98 7.60 -15.40
CA GLY B 14 15.65 8.15 -15.66
C GLY B 14 15.11 8.95 -14.50
N PRO B 15 14.18 9.87 -14.78
CA PRO B 15 13.71 10.81 -13.80
C PRO B 15 13.20 10.14 -12.56
N THR B 16 13.40 10.80 -11.41
CA THR B 16 13.15 10.17 -10.12
C THR B 16 11.65 10.20 -9.92
N PRO B 17 11.09 9.06 -9.55
CA PRO B 17 9.64 9.01 -9.38
C PRO B 17 9.16 9.74 -8.12
N LEU B 18 7.90 10.19 -8.11
CA LEU B 18 7.20 10.53 -6.84
C LEU B 18 6.55 9.24 -6.38
N PRO B 19 6.53 8.99 -5.08
CA PRO B 19 6.41 7.61 -4.56
C PRO B 19 5.06 6.91 -4.80
N VAL B 20 3.98 7.68 -4.90
CA VAL B 20 2.63 7.10 -5.09
C VAL B 20 2.39 6.97 -6.62
N ILE B 21 2.42 8.13 -7.27
CA ILE B 21 2.08 8.30 -8.68
C ILE B 21 3.14 7.97 -9.77
N GLY B 22 4.38 7.68 -9.36
CA GLY B 22 5.51 7.52 -10.29
C GLY B 22 5.81 8.76 -11.12
N ASN B 23 6.38 8.56 -12.31
CA ASN B 23 6.76 9.69 -13.20
C ASN B 23 5.65 10.41 -13.96
N ILE B 24 4.40 10.23 -13.55
CA ILE B 24 3.28 10.83 -14.26
C ILE B 24 3.37 12.36 -14.49
N LEU B 25 4.11 13.10 -13.65
CA LEU B 25 4.25 14.55 -13.89
C LEU B 25 5.16 14.91 -15.07
N GLN B 26 6.19 14.11 -15.35
CA GLN B 26 7.02 14.35 -16.56
C GLN B 26 6.34 13.89 -17.83
N ILE B 27 5.77 12.69 -17.82
CA ILE B 27 5.27 12.07 -19.04
C ILE B 27 3.88 12.60 -19.44
N GLY B 28 3.09 13.03 -18.46
CA GLY B 28 1.73 13.54 -18.71
C GLY B 28 0.80 12.45 -19.19
N ILE B 29 -0.31 12.84 -19.77
CA ILE B 29 -1.29 11.86 -20.21
C ILE B 29 -1.94 12.11 -21.58
N LYS B 30 -1.43 13.05 -22.36
CA LYS B 30 -2.00 13.36 -23.66
C LYS B 30 -1.13 12.97 -24.85
N ASP B 31 0.14 12.69 -24.64
CA ASP B 31 0.94 12.25 -25.74
C ASP B 31 2.13 11.55 -25.16
N ILE B 32 2.09 10.25 -25.10
CA ILE B 32 3.21 9.50 -24.49
C ILE B 32 4.44 9.45 -25.43
N SER B 33 4.20 9.36 -26.74
CA SER B 33 5.31 9.31 -27.71
C SER B 33 6.13 10.60 -27.74
N LYS B 34 5.48 11.75 -27.53
CA LYS B 34 6.21 13.02 -27.51
C LYS B 34 7.04 13.21 -26.23
N SER B 35 6.51 12.73 -25.10
CA SER B 35 7.21 12.81 -23.81
C SER B 35 8.38 11.85 -23.75
N LEU B 36 8.14 10.65 -24.27
CA LEU B 36 9.21 9.67 -24.43
C LEU B 36 10.33 10.20 -25.33
N THR B 37 9.96 10.95 -26.38
CA THR B 37 10.95 11.50 -27.31
C THR B 37 11.80 12.52 -26.60
N ASN B 38 11.18 13.42 -25.83
CA ASN B 38 11.90 14.48 -25.11
C ASN B 38 12.77 13.92 -23.99
N LEU B 39 12.26 12.92 -23.26
CA LEU B 39 13.04 12.28 -22.23
C LEU B 39 14.32 11.60 -22.74
N SER B 40 14.32 11.19 -24.02
CA SER B 40 15.50 10.53 -24.61
C SER B 40 16.56 11.54 -24.93
N LYS B 41 16.15 12.79 -25.14
CA LYS B 41 17.08 13.89 -25.37
C LYS B 41 17.81 14.30 -24.08
N VAL B 42 17.36 13.81 -22.94
CA VAL B 42 18.00 13.94 -21.66
C VAL B 42 18.71 12.68 -21.09
N TYR B 43 17.94 11.60 -20.91
CA TYR B 43 18.50 10.33 -20.42
C TYR B 43 19.11 9.36 -21.43
N GLY B 44 18.75 9.50 -22.71
CA GLY B 44 19.42 8.80 -23.81
C GLY B 44 18.64 7.70 -24.52
N PRO B 45 19.35 6.69 -25.07
CA PRO B 45 18.74 5.54 -25.74
C PRO B 45 17.84 4.66 -24.86
N VAL B 46 18.35 4.29 -23.69
CA VAL B 46 17.73 3.31 -22.82
C VAL B 46 17.52 4.00 -21.48
N PHE B 47 16.30 4.03 -20.97
CA PHE B 47 15.98 4.69 -19.71
C PHE B 47 14.71 4.16 -19.06
N THR B 48 14.49 4.52 -17.80
CA THR B 48 13.46 3.91 -16.99
C THR B 48 12.45 4.92 -16.55
N LEU B 49 11.18 4.57 -16.77
CA LEU B 49 10.03 5.30 -16.27
C LEU B 49 9.30 4.42 -15.30
N TYR B 50 8.46 5.07 -14.50
CA TYR B 50 7.74 4.39 -13.44
C TYR B 50 6.29 4.69 -13.66
N PHE B 51 5.56 3.74 -14.26
CA PHE B 51 4.11 3.86 -14.41
C PHE B 51 3.56 3.36 -13.10
N GLY B 52 3.02 4.29 -12.31
CA GLY B 52 2.80 4.11 -10.87
C GLY B 52 4.03 3.58 -10.16
N LEU B 53 3.95 2.33 -9.70
CA LEU B 53 5.01 1.67 -8.97
C LEU B 53 5.79 0.69 -9.86
N LYS B 54 5.41 0.61 -11.13
CA LYS B 54 6.03 -0.34 -12.08
C LYS B 54 7.27 0.28 -12.83
N PRO B 55 8.45 -0.38 -12.75
CA PRO B 55 9.53 0.01 -13.64
C PRO B 55 9.26 -0.41 -15.11
N ILE B 56 9.66 0.45 -16.04
CA ILE B 56 9.41 0.27 -17.45
C ILE B 56 10.60 0.82 -18.20
N VAL B 57 11.43 -0.06 -18.74
CA VAL B 57 12.54 0.40 -19.56
C VAL B 57 12.04 0.75 -20.96
N VAL B 58 12.35 1.96 -21.43
CA VAL B 58 12.05 2.46 -22.78
C VAL B 58 13.27 2.33 -23.67
N LEU B 59 13.08 2.07 -24.97
CA LEU B 59 14.19 2.02 -25.95
C LEU B 59 13.90 2.96 -27.08
N HIS B 60 14.85 3.81 -27.42
CA HIS B 60 14.55 4.84 -28.38
C HIS B 60 15.16 4.84 -29.75
N GLY B 61 16.44 4.64 -29.86
CA GLY B 61 17.01 4.68 -31.22
C GLY B 61 16.80 3.41 -32.00
N TYR B 62 17.00 3.47 -33.31
CA TYR B 62 16.94 2.24 -34.13
C TYR B 62 18.01 1.34 -33.51
N GLU B 63 19.21 1.89 -33.39
CA GLU B 63 20.29 1.12 -32.77
C GLU B 63 19.82 0.35 -31.52
N ALA B 64 19.16 1.03 -30.59
CA ALA B 64 18.72 0.39 -29.32
C ALA B 64 17.69 -0.69 -29.56
N VAL B 65 16.67 -0.31 -30.35
CA VAL B 65 15.60 -1.22 -30.75
C VAL B 65 16.16 -2.45 -31.43
N LYS B 66 17.03 -2.26 -32.42
CA LYS B 66 17.59 -3.40 -33.16
C LYS B 66 18.31 -4.39 -32.24
N GLU B 67 19.19 -3.87 -31.40
CA GLU B 67 19.93 -4.73 -30.49
C GLU B 67 19.02 -5.55 -29.60
N ALA B 68 17.96 -4.96 -29.08
CA ALA B 68 17.08 -5.67 -28.13
C ALA B 68 16.16 -6.64 -28.89
N LEU B 69 15.53 -6.20 -29.96
CA LEU B 69 14.51 -7.00 -30.64
C LEU B 69 15.07 -8.01 -31.61
N ILE B 70 16.17 -7.65 -32.28
CA ILE B 70 16.87 -8.60 -33.16
C ILE B 70 17.96 -9.39 -32.43
N ASP B 71 19.02 -8.69 -31.98
CA ASP B 71 20.24 -9.30 -31.42
C ASP B 71 20.01 -10.01 -30.06
N LEU B 72 19.26 -9.40 -29.12
CA LEU B 72 18.83 -10.14 -27.91
C LEU B 72 17.39 -10.69 -28.05
N GLY B 73 17.04 -11.12 -29.28
CA GLY B 73 15.68 -11.51 -29.69
C GLY B 73 14.87 -12.37 -28.73
N GLU B 74 15.41 -13.50 -28.27
CA GLU B 74 14.65 -14.36 -27.37
C GLU B 74 14.41 -13.70 -26.01
N GLU B 75 15.40 -12.94 -25.55
CA GLU B 75 15.35 -12.31 -24.24
C GLU B 75 14.31 -11.19 -24.16
N PHE B 76 14.09 -10.47 -25.27
CA PHE B 76 13.05 -9.43 -25.39
C PHE B 76 11.75 -9.87 -26.11
N SER B 77 11.49 -11.19 -26.16
CA SER B 77 10.34 -11.72 -26.87
C SER B 77 9.09 -11.82 -26.00
N GLY B 78 9.15 -11.36 -24.76
CA GLY B 78 8.01 -11.49 -23.88
C GLY B 78 7.02 -10.39 -24.16
N ARG B 79 5.78 -10.56 -23.72
CA ARG B 79 4.76 -9.53 -23.88
C ARG B 79 4.44 -8.94 -22.52
N GLY B 80 4.57 -7.62 -22.46
CA GLY B 80 4.23 -6.89 -21.25
C GLY B 80 2.74 -6.79 -21.07
N ILE B 81 2.30 -7.03 -19.84
CA ILE B 81 0.89 -6.97 -19.53
C ILE B 81 0.62 -5.69 -18.82
N PHE B 82 0.02 -4.71 -19.49
CA PHE B 82 -0.61 -3.58 -18.79
C PHE B 82 -1.96 -4.09 -18.21
N PRO B 83 -2.43 -3.46 -17.11
CA PRO B 83 -3.47 -4.08 -16.24
C PRO B 83 -4.89 -4.30 -16.83
N LEU B 84 -5.32 -3.50 -17.80
CA LEU B 84 -6.64 -3.70 -18.45
C LEU B 84 -6.71 -5.04 -19.18
N ALA B 85 -5.64 -5.33 -19.91
CA ALA B 85 -5.46 -6.62 -20.61
C ALA B 85 -5.69 -7.79 -19.68
N GLU B 86 -5.17 -7.67 -18.45
CA GLU B 86 -5.31 -8.74 -17.46
C GLU B 86 -6.78 -8.89 -17.07
N ARG B 87 -7.47 -7.77 -16.84
CA ARG B 87 -8.86 -7.85 -16.38
C ARG B 87 -9.80 -8.32 -17.47
N ALA B 88 -9.49 -7.97 -18.72
CA ALA B 88 -10.15 -8.54 -19.93
C ALA B 88 -9.99 -10.09 -20.00
N ASN B 89 -8.92 -10.63 -19.46
CA ASN B 89 -8.72 -12.06 -19.47
C ASN B 89 -8.30 -12.64 -20.81
N ARG B 90 -7.22 -12.12 -21.38
CA ARG B 90 -6.78 -12.61 -22.67
C ARG B 90 -5.47 -13.38 -22.74
N GLY B 91 -4.83 -13.61 -21.61
CA GLY B 91 -3.56 -14.31 -21.61
C GLY B 91 -3.46 -15.60 -22.38
N PHE B 92 -4.58 -16.09 -22.84
CA PHE B 92 -4.65 -17.37 -23.58
C PHE B 92 -4.95 -16.86 -24.98
N GLY B 93 -4.21 -17.31 -25.98
CA GLY B 93 -4.30 -16.69 -27.31
C GLY B 93 -2.93 -16.34 -27.78
N ILE B 94 -2.77 -15.32 -28.59
CA ILE B 94 -1.44 -15.02 -29.17
C ILE B 94 -0.84 -13.66 -28.81
N VAL B 95 -1.64 -12.60 -28.84
CA VAL B 95 -1.19 -11.25 -28.46
C VAL B 95 -0.72 -11.11 -26.98
N PHE B 96 -1.53 -11.55 -26.02
CA PHE B 96 -1.21 -11.38 -24.61
C PHE B 96 -0.75 -12.63 -23.87
N SER B 97 -0.23 -13.59 -24.62
CA SER B 97 0.26 -14.81 -24.01
C SER B 97 1.77 -14.79 -24.02
N ASN B 98 2.34 -15.68 -23.22
CA ASN B 98 3.78 -15.70 -22.98
C ASN B 98 4.31 -17.13 -22.83
N GLY B 99 5.59 -17.28 -23.07
CA GLY B 99 6.21 -18.59 -22.88
C GLY B 99 5.83 -19.77 -23.74
N LYS B 100 5.78 -20.95 -23.14
CA LYS B 100 5.43 -22.16 -23.87
C LYS B 100 4.11 -22.02 -24.67
N LYS B 101 3.08 -21.46 -24.03
CA LYS B 101 1.80 -21.26 -24.75
C LYS B 101 2.02 -20.38 -25.99
N TRP B 102 2.51 -19.16 -25.81
CA TRP B 102 2.73 -18.26 -26.90
C TRP B 102 3.46 -18.96 -28.02
N LYS B 103 4.55 -19.68 -27.72
CA LYS B 103 5.37 -20.34 -28.75
C LYS B 103 4.56 -21.28 -29.63
N GLU B 104 3.88 -22.22 -28.98
CA GLU B 104 3.08 -23.25 -29.67
C GLU B 104 1.98 -22.64 -30.51
N ILE B 105 1.26 -21.68 -29.93
CA ILE B 105 0.11 -21.08 -30.61
C ILE B 105 0.54 -20.18 -31.75
N ARG B 106 1.53 -19.34 -31.50
CA ARG B 106 2.04 -18.44 -32.51
C ARG B 106 2.59 -19.21 -33.72
N ARG B 107 3.18 -20.37 -33.44
CA ARG B 107 3.75 -21.23 -34.51
C ARG B 107 2.67 -21.98 -35.28
N PHE B 108 1.69 -22.52 -34.55
CA PHE B 108 0.57 -23.19 -35.17
C PHE B 108 -0.18 -22.25 -36.10
N SER B 109 -0.52 -21.06 -35.58
CA SER B 109 -1.23 -20.03 -36.33
C SER B 109 -0.47 -19.68 -37.61
N LEU B 110 0.78 -19.30 -37.51
CA LEU B 110 1.56 -19.02 -38.70
C LEU B 110 1.50 -20.07 -39.84
N MET B 111 1.63 -21.35 -39.50
CA MET B 111 1.62 -22.40 -40.52
C MET B 111 0.22 -22.63 -41.03
N THR B 112 -0.79 -22.58 -40.20
CA THR B 112 -2.07 -22.75 -40.80
C THR B 112 -2.19 -21.50 -41.66
N LEU B 113 -2.18 -20.31 -41.07
CA LEU B 113 -2.28 -19.11 -41.92
C LEU B 113 -1.40 -19.09 -43.14
N ARG B 114 -0.46 -20.02 -43.26
CA ARG B 114 0.28 -20.23 -44.49
C ARG B 114 -0.40 -21.32 -45.34
N ASN B 115 -1.73 -21.19 -45.49
CA ASN B 115 -2.54 -21.79 -46.58
C ASN B 115 -4.05 -21.38 -46.45
N PHE B 116 -4.68 -21.06 -47.58
CA PHE B 116 -6.09 -20.57 -47.63
C PHE B 116 -6.51 -19.67 -46.45
N LYS B 120 -7.43 -24.92 -52.47
CA LYS B 120 -8.33 -24.22 -53.38
C LYS B 120 -7.93 -22.75 -53.53
N ARG B 121 -8.40 -21.91 -52.61
CA ARG B 121 -8.09 -20.49 -52.64
C ARG B 121 -6.59 -20.26 -52.45
N SER B 122 -6.19 -18.98 -52.49
CA SER B 122 -4.78 -18.62 -52.33
C SER B 122 -4.53 -17.32 -51.52
N ILE B 123 -5.46 -16.91 -50.66
CA ILE B 123 -5.31 -15.68 -49.81
C ILE B 123 -5.36 -14.41 -50.63
N GLU B 124 -4.37 -14.21 -51.52
CA GLU B 124 -4.46 -13.13 -52.51
C GLU B 124 -5.76 -13.26 -53.34
N ASP B 125 -6.24 -14.48 -53.54
CA ASP B 125 -7.52 -14.65 -54.18
C ASP B 125 -8.57 -14.07 -53.25
N CYS B 126 -8.54 -14.50 -52.00
CA CYS B 126 -9.46 -13.96 -51.01
C CYS B 126 -9.45 -12.40 -50.91
N VAL B 127 -8.27 -11.80 -50.94
CA VAL B 127 -8.14 -10.36 -50.83
C VAL B 127 -8.64 -9.69 -52.10
N GLN B 128 -8.31 -10.24 -53.25
CA GLN B 128 -8.85 -9.71 -54.52
C GLN B 128 -10.36 -9.80 -54.62
N GLU B 129 -10.97 -10.91 -54.23
CA GLU B 129 -12.42 -10.98 -54.26
C GLU B 129 -13.01 -9.85 -53.44
N GLU B 130 -12.51 -9.69 -52.23
CA GLU B 130 -13.00 -8.68 -51.30
C GLU B 130 -12.78 -7.22 -51.79
N ALA B 131 -11.69 -7.04 -52.54
CA ALA B 131 -11.37 -5.76 -53.15
C ALA B 131 -12.29 -5.37 -54.28
N ARG B 132 -13.03 -6.35 -54.78
CA ARG B 132 -14.03 -6.11 -55.82
C ARG B 132 -15.28 -5.57 -55.12
N CYS B 133 -15.73 -6.26 -54.06
CA CYS B 133 -16.91 -5.81 -53.27
C CYS B 133 -16.83 -4.47 -52.61
N LEU B 134 -15.63 -4.09 -52.17
CA LEU B 134 -15.36 -2.73 -51.72
C LEU B 134 -15.74 -1.82 -52.89
N VAL B 135 -15.07 -2.01 -54.03
CA VAL B 135 -15.28 -1.13 -55.19
C VAL B 135 -16.76 -1.09 -55.56
N GLU B 136 -17.45 -2.22 -55.46
CA GLU B 136 -18.88 -2.27 -55.70
C GLU B 136 -19.60 -1.31 -54.71
N GLU B 137 -19.37 -1.49 -53.42
CA GLU B 137 -20.06 -0.72 -52.38
C GLU B 137 -19.77 0.76 -52.44
N LEU B 138 -18.54 1.10 -52.81
CA LEU B 138 -18.22 2.49 -53.09
C LEU B 138 -18.98 3.02 -54.31
N ARG B 139 -19.27 2.14 -55.24
CA ARG B 139 -20.03 2.51 -56.42
C ARG B 139 -21.48 2.83 -56.04
N LYS B 140 -22.01 2.11 -55.06
CA LYS B 140 -23.36 2.31 -54.56
C LYS B 140 -23.52 3.50 -53.57
N THR B 141 -22.45 4.22 -53.25
CA THR B 141 -22.59 5.53 -52.58
C THR B 141 -22.99 6.63 -53.58
N LYS B 142 -22.82 6.36 -54.87
CA LYS B 142 -23.36 7.21 -55.91
C LYS B 142 -22.71 8.58 -55.91
N ALA B 143 -21.48 8.64 -55.44
CA ALA B 143 -20.73 9.86 -55.31
C ALA B 143 -21.23 10.75 -54.19
N SER B 144 -22.35 10.40 -53.53
CA SER B 144 -22.88 11.24 -52.47
C SER B 144 -21.86 11.20 -51.34
N PRO B 145 -21.62 12.35 -50.68
CA PRO B 145 -20.52 12.36 -49.73
C PRO B 145 -20.78 11.38 -48.57
N CYS B 146 -19.74 10.63 -48.21
CA CYS B 146 -19.88 9.62 -47.19
C CYS B 146 -18.74 9.63 -46.17
N ASP B 147 -19.01 8.97 -45.04
CA ASP B 147 -18.00 8.62 -44.04
C ASP B 147 -17.45 7.23 -44.35
N PRO B 148 -16.15 7.14 -44.71
CA PRO B 148 -15.66 5.86 -45.21
C PRO B 148 -15.41 4.81 -44.11
N THR B 149 -15.53 5.20 -42.83
CA THR B 149 -15.30 4.33 -41.69
C THR B 149 -15.86 2.93 -41.78
N PHE B 150 -17.15 2.76 -41.97
CA PHE B 150 -17.71 1.39 -41.99
C PHE B 150 -17.55 0.64 -43.30
N ILE B 151 -17.30 1.35 -44.41
CA ILE B 151 -17.01 0.69 -45.67
C ILE B 151 -15.56 0.16 -45.63
N LEU B 152 -14.61 1.07 -45.40
CA LEU B 152 -13.21 0.72 -45.31
C LEU B 152 -12.86 -0.25 -44.17
N GLY B 153 -13.71 -0.30 -43.15
CA GLY B 153 -13.55 -1.29 -42.09
C GLY B 153 -13.97 -2.67 -42.54
N CYS B 154 -15.05 -2.76 -43.33
CA CYS B 154 -15.64 -4.05 -43.72
C CYS B 154 -14.78 -4.89 -44.65
N ALA B 155 -13.88 -4.26 -45.41
CA ALA B 155 -13.06 -5.05 -46.30
C ALA B 155 -12.06 -5.88 -45.48
N PRO B 156 -11.16 -5.24 -44.71
CA PRO B 156 -10.32 -6.04 -43.86
C PRO B 156 -11.10 -6.99 -42.95
N CYS B 157 -12.21 -6.54 -42.39
CA CYS B 157 -12.98 -7.45 -41.55
C CYS B 157 -13.42 -8.71 -42.29
N ASN B 158 -13.75 -8.60 -43.57
CA ASN B 158 -14.23 -9.77 -44.34
C ASN B 158 -13.14 -10.71 -44.75
N VAL B 159 -11.98 -10.18 -45.09
CA VAL B 159 -10.81 -11.03 -45.31
C VAL B 159 -10.54 -11.90 -44.09
N ILE B 160 -10.51 -11.32 -42.89
CA ILE B 160 -10.18 -12.13 -41.70
C ILE B 160 -11.30 -13.09 -41.43
N CYS B 161 -12.53 -12.64 -41.51
CA CYS B 161 -13.67 -13.52 -41.27
C CYS B 161 -13.69 -14.66 -42.27
N SER B 162 -13.38 -14.39 -43.54
CA SER B 162 -13.15 -15.48 -44.49
C SER B 162 -12.16 -16.50 -43.94
N ILE B 163 -11.02 -16.01 -43.44
CA ILE B 163 -9.98 -16.90 -42.90
C ILE B 163 -10.34 -17.59 -41.56
N ILE B 164 -10.87 -16.87 -40.60
CA ILE B 164 -11.28 -17.47 -39.35
C ILE B 164 -12.56 -18.27 -39.45
N PHE B 165 -13.63 -17.62 -39.86
CA PHE B 165 -14.95 -18.26 -39.96
C PHE B 165 -15.18 -18.94 -41.30
N HIS B 166 -14.90 -18.26 -42.40
CA HIS B 166 -15.15 -18.81 -43.73
C HIS B 166 -16.60 -18.41 -43.94
N LYS B 167 -16.81 -17.10 -43.89
CA LYS B 167 -18.12 -16.46 -43.97
C LYS B 167 -17.88 -14.97 -44.04
N ARG B 168 -18.40 -14.27 -45.04
CA ARG B 168 -18.21 -12.82 -45.06
C ARG B 168 -19.49 -12.05 -44.77
N PHE B 169 -19.41 -10.74 -44.68
CA PHE B 169 -20.57 -9.92 -44.34
C PHE B 169 -21.13 -9.01 -45.42
N ASP B 170 -22.32 -8.51 -45.18
CA ASP B 170 -22.97 -7.59 -46.08
C ASP B 170 -22.50 -6.30 -45.51
N TYR B 171 -22.03 -5.39 -46.34
CA TYR B 171 -21.41 -4.17 -45.81
C TYR B 171 -22.35 -3.35 -44.90
N LYS B 172 -23.65 -3.60 -45.03
CA LYS B 172 -24.66 -2.95 -44.22
C LYS B 172 -25.33 -3.92 -43.28
N ASP B 173 -24.62 -4.98 -42.85
CA ASP B 173 -25.19 -5.94 -41.91
C ASP B 173 -25.08 -5.30 -40.56
N GLN B 174 -26.17 -5.29 -39.79
CA GLN B 174 -26.13 -4.65 -38.48
C GLN B 174 -25.07 -5.29 -37.60
N GLN B 175 -25.03 -6.62 -37.62
CA GLN B 175 -24.13 -7.36 -36.74
C GLN B 175 -22.66 -7.06 -36.97
N PHE B 176 -22.25 -6.87 -38.24
CA PHE B 176 -20.93 -6.28 -38.52
C PHE B 176 -20.79 -4.87 -37.93
N LEU B 177 -21.79 -4.02 -38.11
CA LEU B 177 -21.68 -2.63 -37.69
C LEU B 177 -21.49 -2.43 -36.17
N ASN B 178 -22.02 -3.33 -35.35
CA ASN B 178 -21.73 -3.27 -33.92
C ASN B 178 -20.31 -3.62 -33.69
N LEU B 179 -19.94 -4.84 -34.09
CA LEU B 179 -18.56 -5.27 -34.04
C LEU B 179 -17.56 -4.14 -34.41
N MET B 180 -17.81 -3.47 -35.51
CA MET B 180 -16.93 -2.39 -35.93
C MET B 180 -16.95 -1.18 -34.97
N GLU B 181 -18.12 -0.65 -34.65
CA GLU B 181 -18.14 0.56 -33.81
C GLU B 181 -17.48 0.23 -32.47
N LYS B 182 -17.74 -0.96 -31.93
CA LYS B 182 -17.03 -1.44 -30.74
C LYS B 182 -15.49 -1.55 -30.89
N LEU B 183 -14.98 -2.24 -31.92
CA LEU B 183 -13.55 -2.25 -32.21
C LEU B 183 -12.98 -0.85 -32.35
N ASN B 184 -13.71 0.04 -33.02
CA ASN B 184 -13.28 1.42 -33.15
C ASN B 184 -13.26 2.12 -31.78
N GLU B 185 -14.37 2.03 -31.06
CA GLU B 185 -14.52 2.64 -29.73
C GLU B 185 -13.41 2.19 -28.80
N ASN B 186 -13.13 0.89 -28.83
CA ASN B 186 -12.09 0.29 -28.03
C ASN B 186 -10.72 0.92 -28.18
N ILE B 187 -10.24 1.15 -29.40
CA ILE B 187 -8.90 1.75 -29.51
C ILE B 187 -9.00 3.23 -29.22
N LYS B 188 -10.17 3.84 -29.48
CA LYS B 188 -10.46 5.22 -29.03
C LYS B 188 -10.18 5.32 -27.55
N ILE B 189 -10.75 4.38 -26.78
CA ILE B 189 -10.61 4.30 -25.33
C ILE B 189 -9.17 4.00 -24.96
N LEU B 190 -8.53 2.93 -25.45
CA LEU B 190 -7.14 2.63 -25.01
C LEU B 190 -6.17 3.76 -25.25
N SER B 191 -6.49 4.62 -26.23
CA SER B 191 -5.66 5.80 -26.56
C SER B 191 -6.04 7.06 -25.78
N SER B 192 -7.20 7.03 -25.13
CA SER B 192 -7.67 8.04 -24.17
C SER B 192 -6.63 8.47 -23.13
N PRO B 193 -6.65 9.76 -22.73
CA PRO B 193 -5.98 10.19 -21.49
C PRO B 193 -6.42 9.46 -20.22
N TRP B 194 -7.73 9.25 -20.05
CA TRP B 194 -8.23 8.47 -18.91
C TRP B 194 -7.51 7.15 -18.66
N ILE B 195 -7.37 6.35 -19.71
CA ILE B 195 -6.80 5.01 -19.62
C ILE B 195 -5.33 5.09 -19.33
N GLN B 196 -4.71 6.22 -19.68
CA GLN B 196 -3.37 6.52 -19.26
C GLN B 196 -3.30 6.72 -17.75
N ILE B 197 -4.28 7.44 -17.20
CA ILE B 197 -4.45 7.57 -15.76
C ILE B 197 -4.72 6.23 -15.07
N CYS B 198 -5.66 5.44 -15.57
CA CYS B 198 -5.81 4.01 -15.15
C CYS B 198 -4.53 3.15 -15.14
N ASN B 199 -3.49 3.54 -15.88
CA ASN B 199 -2.24 2.78 -15.91
C ASN B 199 -1.19 3.21 -14.90
N ASN B 200 -1.44 4.37 -14.30
CA ASN B 200 -0.63 4.89 -13.23
C ASN B 200 -1.35 4.52 -11.92
N PHE B 201 -2.55 3.95 -12.06
CA PHE B 201 -3.36 3.52 -10.90
C PHE B 201 -4.27 2.28 -11.07
N SER B 202 -3.70 1.09 -11.01
CA SER B 202 -4.46 -0.12 -11.14
C SER B 202 -5.79 -0.05 -10.39
N PRO B 203 -5.73 0.36 -9.07
CA PRO B 203 -7.01 0.42 -8.37
C PRO B 203 -8.15 1.11 -9.10
N ILE B 204 -7.89 2.24 -9.71
CA ILE B 204 -8.97 2.88 -10.48
C ILE B 204 -9.77 1.83 -11.25
N ILE B 205 -9.06 1.00 -12.02
CA ILE B 205 -9.71 0.11 -12.96
C ILE B 205 -10.75 -0.76 -12.28
N ASP B 206 -10.51 -1.11 -11.03
CA ASP B 206 -11.42 -2.01 -10.34
C ASP B 206 -12.57 -1.31 -9.65
N TYR B 207 -12.41 -0.05 -9.28
CA TYR B 207 -13.33 0.63 -8.36
C TYR B 207 -13.97 1.93 -8.83
N PHE B 208 -13.47 2.56 -9.89
CA PHE B 208 -14.07 3.81 -10.39
C PHE B 208 -15.04 3.58 -11.54
N PRO B 209 -16.04 4.45 -11.72
CA PRO B 209 -16.69 4.44 -13.02
C PRO B 209 -15.73 4.99 -14.05
N GLY B 210 -16.05 4.77 -15.33
CA GLY B 210 -15.31 5.38 -16.46
C GLY B 210 -15.24 4.45 -17.64
N THR B 211 -14.60 4.92 -18.71
CA THR B 211 -14.65 4.21 -19.99
C THR B 211 -14.00 2.84 -20.00
N HIS B 212 -12.94 2.64 -19.22
CA HIS B 212 -12.42 1.26 -19.03
C HIS B 212 -13.54 0.20 -18.86
N ASN B 213 -14.57 0.50 -18.09
CA ASN B 213 -15.63 -0.46 -17.91
C ASN B 213 -16.35 -0.81 -19.21
N LYS B 214 -16.48 0.16 -20.10
CA LYS B 214 -17.05 -0.10 -21.41
C LYS B 214 -16.07 -0.93 -22.24
N LEU B 215 -14.81 -0.52 -22.23
CA LEU B 215 -13.77 -1.28 -22.91
C LEU B 215 -13.92 -2.77 -22.60
N LEU B 216 -14.03 -3.10 -21.33
CA LEU B 216 -14.17 -4.49 -20.91
C LEU B 216 -15.45 -5.11 -21.39
N LYS B 217 -16.54 -4.37 -21.27
CA LYS B 217 -17.85 -4.87 -21.71
C LYS B 217 -17.86 -5.24 -23.20
N ASN B 218 -17.26 -4.38 -24.05
CA ASN B 218 -17.05 -4.61 -25.48
C ASN B 218 -16.22 -5.87 -25.76
N VAL B 219 -15.11 -5.99 -25.06
CA VAL B 219 -14.27 -7.16 -25.17
C VAL B 219 -15.09 -8.43 -24.88
N ALA B 220 -15.94 -8.40 -23.87
CA ALA B 220 -16.71 -9.59 -23.54
C ALA B 220 -17.65 -9.97 -24.66
N PHE B 221 -18.24 -8.95 -25.28
CA PHE B 221 -19.07 -9.12 -26.48
C PHE B 221 -18.32 -9.83 -27.61
N MET B 222 -17.28 -9.21 -28.18
CA MET B 222 -16.36 -9.87 -29.12
C MET B 222 -16.06 -11.34 -28.78
N LYS B 223 -15.71 -11.62 -27.54
CA LYS B 223 -15.35 -12.96 -27.10
C LYS B 223 -16.53 -13.91 -27.27
N SER B 224 -17.73 -13.45 -26.89
CA SER B 224 -18.93 -14.28 -27.00
C SER B 224 -19.39 -14.49 -28.46
N TYR B 225 -19.22 -13.47 -29.28
CA TYR B 225 -19.46 -13.59 -30.68
C TYR B 225 -18.62 -14.73 -31.28
N ILE B 226 -17.33 -14.75 -30.97
CA ILE B 226 -16.40 -15.77 -31.47
C ILE B 226 -16.78 -17.14 -30.91
N LEU B 227 -17.25 -17.18 -29.67
CA LEU B 227 -17.74 -18.43 -29.08
C LEU B 227 -18.94 -19.03 -29.83
N GLU B 228 -19.96 -18.24 -30.21
CA GLU B 228 -21.04 -18.73 -31.09
C GLU B 228 -20.43 -19.53 -32.26
N LYS B 229 -19.51 -18.90 -32.99
CA LYS B 229 -18.95 -19.50 -34.21
C LYS B 229 -18.08 -20.72 -33.89
N VAL B 230 -17.58 -20.81 -32.67
CA VAL B 230 -16.77 -21.97 -32.24
C VAL B 230 -17.62 -23.18 -31.90
N LYS B 231 -18.77 -22.96 -31.26
CA LYS B 231 -19.77 -24.01 -31.04
C LYS B 231 -20.27 -24.63 -32.32
N GLU B 232 -20.80 -23.83 -33.25
CA GLU B 232 -21.36 -24.37 -34.52
C GLU B 232 -20.30 -25.10 -35.37
N HIS B 233 -19.03 -24.71 -35.26
CA HIS B 233 -17.92 -25.27 -36.04
C HIS B 233 -17.65 -26.68 -35.51
N GLN B 234 -17.74 -26.74 -34.19
CA GLN B 234 -17.58 -27.91 -33.38
C GLN B 234 -18.73 -28.84 -33.64
N GLU B 235 -19.52 -28.57 -34.65
CA GLU B 235 -20.65 -29.43 -34.95
C GLU B 235 -20.62 -29.79 -36.41
N SER B 236 -20.58 -28.77 -37.25
CA SER B 236 -20.51 -28.97 -38.67
C SER B 236 -19.09 -29.34 -38.99
N MET B 237 -18.46 -30.03 -38.06
CA MET B 237 -17.08 -30.40 -38.19
C MET B 237 -16.65 -31.01 -39.50
N ASP B 238 -16.54 -32.32 -39.52
CA ASP B 238 -16.01 -33.03 -40.72
C ASP B 238 -14.49 -33.07 -40.78
N MET B 239 -13.89 -33.90 -39.93
CA MET B 239 -12.41 -34.05 -39.83
C MET B 239 -11.74 -34.15 -41.20
N ASN B 240 -12.42 -34.70 -42.20
CA ASN B 240 -11.79 -34.81 -43.53
C ASN B 240 -11.78 -33.57 -44.42
N ASN B 241 -12.47 -32.51 -43.99
CA ASN B 241 -12.56 -31.26 -44.77
C ASN B 241 -12.48 -29.95 -43.94
N PRO B 242 -11.29 -29.68 -43.36
CA PRO B 242 -11.13 -28.49 -42.57
C PRO B 242 -10.91 -27.30 -43.48
N GLN B 243 -11.88 -26.40 -43.47
CA GLN B 243 -11.95 -25.32 -44.46
C GLN B 243 -11.57 -23.93 -43.93
N ASP B 244 -11.38 -23.79 -42.62
CA ASP B 244 -10.90 -22.55 -42.05
C ASP B 244 -9.98 -22.74 -40.83
N PHE B 245 -9.55 -21.63 -40.26
CA PHE B 245 -8.72 -21.61 -39.07
C PHE B 245 -9.33 -22.31 -37.88
N ILE B 246 -10.60 -22.08 -37.63
CA ILE B 246 -11.23 -22.67 -36.45
C ILE B 246 -11.22 -24.21 -36.52
N ASP B 247 -11.56 -24.74 -37.70
CA ASP B 247 -11.53 -26.16 -38.00
C ASP B 247 -10.12 -26.71 -37.79
N CYS B 248 -9.13 -26.11 -38.41
CA CYS B 248 -7.73 -26.53 -38.18
C CYS B 248 -7.34 -26.61 -36.71
N PHE B 249 -7.75 -25.61 -35.95
CA PHE B 249 -7.37 -25.53 -34.55
C PHE B 249 -7.99 -26.61 -33.70
N LEU B 250 -9.30 -26.81 -33.91
CA LEU B 250 -10.12 -27.84 -33.20
C LEU B 250 -9.66 -29.28 -33.53
N MET B 251 -9.17 -29.44 -34.77
CA MET B 251 -8.47 -30.65 -35.20
C MET B 251 -7.14 -30.76 -34.47
N LYS B 252 -6.30 -29.72 -34.49
CA LYS B 252 -5.06 -29.74 -33.70
C LYS B 252 -5.35 -29.99 -32.24
N MET B 253 -6.42 -29.44 -31.66
CA MET B 253 -6.78 -29.78 -30.25
C MET B 253 -6.90 -31.29 -30.12
N GLU B 254 -7.60 -31.91 -31.09
CA GLU B 254 -7.81 -33.37 -31.14
C GLU B 254 -6.50 -34.16 -31.16
N LYS B 255 -5.64 -33.81 -32.12
CA LYS B 255 -4.32 -34.38 -32.28
C LYS B 255 -3.48 -34.38 -30.98
N GLU B 256 -3.71 -33.46 -30.04
CA GLU B 256 -2.98 -33.38 -28.76
C GLU B 256 -3.82 -33.87 -27.56
N LYS B 257 -4.89 -34.64 -27.79
CA LYS B 257 -5.65 -35.24 -26.69
C LYS B 257 -4.68 -36.12 -25.88
N HIS B 258 -3.86 -36.92 -26.59
CA HIS B 258 -2.83 -37.78 -25.97
C HIS B 258 -1.55 -36.97 -25.69
N ASN B 259 -1.67 -36.07 -24.72
CA ASN B 259 -0.61 -35.14 -24.33
C ASN B 259 -0.69 -34.57 -22.90
N GLN B 260 -1.87 -34.29 -22.40
CA GLN B 260 -2.03 -33.91 -20.96
C GLN B 260 -1.67 -32.47 -20.50
N PRO B 261 -0.35 -32.09 -20.50
CA PRO B 261 -0.12 -30.64 -20.68
C PRO B 261 -0.66 -30.26 -22.07
N SER B 262 -1.85 -29.67 -22.10
CA SER B 262 -2.63 -29.54 -23.32
C SER B 262 -2.12 -28.47 -24.31
N GLU B 263 -2.36 -27.21 -23.95
CA GLU B 263 -1.99 -26.01 -24.70
C GLU B 263 -2.84 -25.52 -25.86
N PHE B 264 -3.79 -26.33 -26.28
CA PHE B 264 -4.70 -26.07 -27.38
C PHE B 264 -6.07 -26.42 -26.79
N THR B 265 -6.45 -25.67 -25.75
CA THR B 265 -7.81 -25.75 -25.20
C THR B 265 -8.87 -25.05 -26.09
N ILE B 266 -10.13 -25.08 -25.71
CA ILE B 266 -11.11 -24.19 -26.33
C ILE B 266 -10.78 -22.75 -26.00
N GLU B 267 -10.51 -22.49 -24.72
CA GLU B 267 -10.11 -21.17 -24.26
C GLU B 267 -8.94 -20.53 -25.06
N SER B 268 -7.97 -21.33 -25.49
CA SER B 268 -6.91 -20.81 -26.34
C SER B 268 -7.44 -20.46 -27.72
N LEU B 269 -8.40 -21.23 -28.22
CA LEU B 269 -9.00 -21.00 -29.54
C LEU B 269 -9.85 -19.75 -29.55
N GLU B 270 -10.79 -19.71 -28.62
CA GLU B 270 -11.61 -18.54 -28.31
C GLU B 270 -10.76 -17.25 -28.36
N ASN B 271 -9.69 -17.23 -27.58
CA ASN B 271 -8.79 -16.08 -27.52
C ASN B 271 -7.96 -15.82 -28.79
N THR B 272 -7.39 -16.87 -29.37
CA THR B 272 -6.56 -16.71 -30.59
C THR B 272 -7.37 -16.08 -31.74
N ALA B 273 -8.63 -16.51 -31.82
CA ALA B 273 -9.55 -16.10 -32.86
C ALA B 273 -9.93 -14.63 -32.70
N VAL B 274 -10.35 -14.23 -31.50
CA VAL B 274 -10.63 -12.82 -31.26
C VAL B 274 -9.35 -11.97 -31.41
N ASP B 275 -8.21 -12.55 -31.08
CA ASP B 275 -6.94 -11.84 -31.23
C ASP B 275 -6.71 -11.49 -32.70
N LEU B 276 -6.95 -12.46 -33.59
CA LEU B 276 -6.78 -12.25 -35.03
C LEU B 276 -7.87 -11.32 -35.60
N PHE B 277 -9.12 -11.65 -35.27
CA PHE B 277 -10.27 -10.92 -35.77
C PHE B 277 -10.19 -9.44 -35.47
N GLY B 278 -9.91 -9.08 -34.23
CA GLY B 278 -9.78 -7.68 -33.86
C GLY B 278 -8.52 -7.05 -34.41
N ALA B 279 -7.37 -7.61 -34.06
CA ALA B 279 -6.07 -7.08 -34.53
C ALA B 279 -6.14 -6.73 -36.00
N GLY B 280 -6.47 -7.72 -36.83
CA GLY B 280 -6.46 -7.60 -38.28
C GLY B 280 -7.46 -6.60 -38.81
N THR B 281 -8.73 -6.76 -38.45
CA THR B 281 -9.80 -5.82 -38.82
C THR B 281 -9.48 -4.36 -38.48
N GLU B 282 -9.08 -4.08 -37.25
CA GLU B 282 -9.00 -2.69 -36.82
C GLU B 282 -7.77 -2.00 -37.35
N THR B 283 -6.65 -2.64 -37.22
CA THR B 283 -5.41 -1.98 -37.52
C THR B 283 -5.35 -1.62 -39.03
N THR B 284 -5.84 -2.53 -39.88
CA THR B 284 -5.72 -2.33 -41.30
C THR B 284 -6.74 -1.29 -41.72
N SER B 285 -7.98 -1.49 -41.31
CA SER B 285 -9.04 -0.48 -41.40
C SER B 285 -8.56 0.97 -41.11
N THR B 286 -8.09 1.23 -39.88
CA THR B 286 -7.47 2.52 -39.54
C THR B 286 -6.41 2.95 -40.55
N THR B 287 -5.51 2.07 -40.93
CA THR B 287 -4.47 2.44 -41.87
C THR B 287 -5.05 2.94 -43.21
N LEU B 288 -6.13 2.31 -43.69
CA LEU B 288 -6.80 2.71 -44.96
C LEU B 288 -7.49 4.05 -44.85
N ARG B 289 -8.33 4.17 -43.81
CA ARG B 289 -9.01 5.40 -43.46
C ARG B 289 -8.05 6.57 -43.39
N TYR B 290 -6.89 6.32 -42.85
CA TYR B 290 -5.87 7.31 -42.77
C TYR B 290 -5.13 7.54 -44.05
N ALA B 291 -5.24 6.63 -44.98
CA ALA B 291 -4.50 6.74 -46.25
C ALA B 291 -5.32 7.65 -47.13
N LEU B 292 -6.62 7.37 -47.23
CA LEU B 292 -7.49 8.22 -48.02
C LEU B 292 -7.31 9.66 -47.60
N LEU B 293 -7.50 9.92 -46.33
CA LEU B 293 -7.30 11.27 -45.82
C LEU B 293 -5.96 11.94 -46.27
N LEU B 294 -4.85 11.23 -46.22
CA LEU B 294 -3.60 11.78 -46.72
C LEU B 294 -3.61 11.98 -48.25
N LEU B 295 -4.42 11.18 -48.95
CA LEU B 295 -4.57 11.38 -50.38
C LEU B 295 -5.37 12.65 -50.64
N LEU B 296 -6.54 12.79 -50.00
CA LEU B 296 -7.31 14.07 -50.05
C LEU B 296 -6.44 15.30 -49.82
N LYS B 297 -5.64 15.24 -48.78
CA LYS B 297 -4.82 16.35 -48.37
C LYS B 297 -3.71 16.65 -49.41
N HIS B 298 -3.13 15.65 -50.07
CA HIS B 298 -2.09 15.98 -51.08
C HIS B 298 -2.55 15.45 -52.43
N PRO B 299 -3.30 16.20 -53.27
CA PRO B 299 -3.85 15.59 -54.50
C PRO B 299 -2.78 15.45 -55.61
N GLU B 300 -1.66 16.16 -55.45
CA GLU B 300 -0.41 15.94 -56.22
C GLU B 300 -0.02 14.45 -56.39
N VAL B 301 -0.03 13.70 -55.29
CA VAL B 301 0.32 12.27 -55.28
C VAL B 301 -0.87 11.41 -55.74
N THR B 302 -2.05 11.69 -55.25
CA THR B 302 -3.27 11.03 -55.75
C THR B 302 -3.38 11.11 -57.30
N ALA B 303 -2.73 12.08 -57.93
CA ALA B 303 -2.54 12.06 -59.40
C ALA B 303 -1.38 11.14 -59.81
N LYS B 304 -0.15 11.47 -59.43
CA LYS B 304 1.02 10.61 -59.76
C LYS B 304 0.81 9.10 -59.55
N VAL B 305 0.07 8.72 -58.51
CA VAL B 305 -0.31 7.32 -58.27
C VAL B 305 -1.38 6.88 -59.25
N GLN B 306 -2.39 7.72 -59.43
CA GLN B 306 -3.48 7.39 -60.36
C GLN B 306 -3.00 7.28 -61.80
N GLU B 307 -1.85 7.90 -62.11
CA GLU B 307 -1.19 7.68 -63.38
C GLU B 307 -0.61 6.25 -63.39
N GLU B 308 0.43 5.99 -62.59
CA GLU B 308 1.00 4.64 -62.53
C GLU B 308 -0.02 3.53 -62.64
N ILE B 309 -1.17 3.69 -62.00
CA ILE B 309 -2.17 2.65 -62.08
C ILE B 309 -2.58 2.51 -63.53
N GLU B 310 -3.03 3.57 -64.18
CA GLU B 310 -3.53 3.47 -65.59
C GLU B 310 -2.46 2.99 -66.59
N ARG B 311 -1.20 3.32 -66.36
CA ARG B 311 -0.10 2.82 -67.20
C ARG B 311 0.26 1.33 -67.03
N VAL B 312 0.36 0.85 -65.80
CA VAL B 312 0.89 -0.50 -65.51
C VAL B 312 -0.22 -1.57 -65.47
N ILE B 313 -1.30 -1.26 -64.75
CA ILE B 313 -2.55 -2.04 -64.79
C ILE B 313 -3.31 -1.25 -65.85
N GLY B 314 -4.47 -1.72 -66.28
CA GLY B 314 -5.30 -0.86 -67.15
C GLY B 314 -6.45 -0.31 -66.36
N ARG B 315 -7.62 -0.31 -66.99
CA ARG B 315 -8.91 -0.17 -66.34
C ARG B 315 -9.73 -1.44 -66.58
N ASN B 316 -9.13 -2.48 -67.16
CA ASN B 316 -9.88 -3.70 -67.59
C ASN B 316 -9.71 -4.90 -66.67
N ARG B 317 -8.78 -4.83 -65.71
CA ARG B 317 -8.55 -5.89 -64.72
C ARG B 317 -8.24 -5.36 -63.29
N SER B 318 -8.53 -6.22 -62.30
CA SER B 318 -8.27 -5.93 -60.90
C SER B 318 -6.77 -5.85 -60.75
N PRO B 319 -6.28 -5.10 -59.77
CA PRO B 319 -4.81 -5.17 -59.68
C PRO B 319 -4.37 -6.45 -58.96
N CYS B 320 -3.09 -6.79 -59.07
CA CYS B 320 -2.57 -7.95 -58.33
C CYS B 320 -1.22 -7.63 -57.73
N MET B 321 -0.77 -8.52 -56.85
CA MET B 321 0.43 -8.28 -56.05
C MET B 321 1.67 -8.13 -56.89
N GLN B 322 1.68 -8.83 -58.01
CA GLN B 322 2.77 -8.66 -58.96
C GLN B 322 2.89 -7.26 -59.55
N ASP B 323 1.87 -6.43 -59.43
CA ASP B 323 1.94 -5.08 -59.96
C ASP B 323 2.80 -4.21 -59.04
N ARG B 324 2.86 -4.59 -57.76
CA ARG B 324 3.63 -3.80 -56.81
C ARG B 324 5.09 -3.67 -57.24
N SER B 325 5.64 -4.70 -57.88
CA SER B 325 7.02 -4.62 -58.40
C SER B 325 7.17 -3.69 -59.61
N HIS B 326 6.09 -3.30 -60.28
CA HIS B 326 6.21 -2.36 -61.39
C HIS B 326 5.64 -0.97 -61.09
N MET B 327 5.21 -0.78 -59.84
CA MET B 327 4.61 0.47 -59.36
C MET B 327 5.41 1.01 -58.17
N PRO B 328 6.62 1.52 -58.41
CA PRO B 328 7.47 1.96 -57.29
C PRO B 328 6.98 3.22 -56.54
N TYR B 329 6.28 4.11 -57.21
CA TYR B 329 5.72 5.27 -56.58
C TYR B 329 4.61 4.82 -55.63
N THR B 330 3.65 4.09 -56.19
CA THR B 330 2.54 3.59 -55.42
C THR B 330 3.03 2.72 -54.26
N ASP B 331 4.12 1.97 -54.44
CA ASP B 331 4.70 1.21 -53.33
C ASP B 331 5.19 2.21 -52.31
N ALA B 332 5.90 3.24 -52.74
CA ALA B 332 6.37 4.26 -51.79
C ALA B 332 5.26 5.04 -51.08
N VAL B 333 4.17 5.34 -51.76
CA VAL B 333 3.09 6.04 -51.08
C VAL B 333 2.52 5.19 -49.98
N VAL B 334 2.24 3.92 -50.28
CA VAL B 334 1.70 3.00 -49.27
C VAL B 334 2.69 2.82 -48.13
N HIS B 335 3.99 2.75 -48.45
CA HIS B 335 5.02 2.75 -47.41
C HIS B 335 4.99 4.00 -46.55
N GLU B 336 5.00 5.18 -47.20
CA GLU B 336 4.99 6.46 -46.51
C GLU B 336 3.79 6.64 -45.59
N VAL B 337 2.59 6.28 -46.06
CA VAL B 337 1.41 6.32 -45.21
C VAL B 337 1.68 5.60 -43.87
N GLN B 338 2.22 4.38 -43.88
CA GLN B 338 2.50 3.66 -42.63
C GLN B 338 3.60 4.32 -41.80
N ARG B 339 4.58 4.95 -42.46
CA ARG B 339 5.71 5.57 -41.77
C ARG B 339 5.34 6.92 -41.14
N TYR B 340 4.50 7.68 -41.82
CA TYR B 340 4.06 8.94 -41.30
C TYR B 340 3.03 8.74 -40.21
N ILE B 341 1.96 8.00 -40.47
CA ILE B 341 0.89 7.83 -39.48
C ILE B 341 1.33 7.20 -38.17
N ASP B 342 2.33 6.31 -38.20
CA ASP B 342 2.92 5.80 -36.96
C ASP B 342 1.81 5.23 -36.07
N LEU B 343 1.09 4.26 -36.61
CA LEU B 343 -0.16 3.80 -36.04
C LEU B 343 -0.04 3.27 -34.60
N LEU B 344 1.06 2.57 -34.31
CA LEU B 344 1.32 2.04 -32.99
C LEU B 344 2.67 2.59 -32.51
N PRO B 345 2.67 3.82 -31.91
CA PRO B 345 3.88 4.58 -31.64
C PRO B 345 4.84 3.96 -30.68
N THR B 346 4.32 3.17 -29.76
CA THR B 346 5.17 2.45 -28.83
C THR B 346 4.85 0.96 -28.90
N SER B 347 4.50 0.51 -30.12
CA SER B 347 4.16 -0.88 -30.42
C SER B 347 3.09 -1.50 -29.53
N LEU B 348 3.31 -2.73 -29.08
CA LEU B 348 2.68 -3.27 -27.88
C LEU B 348 3.81 -3.57 -26.94
N PRO B 349 3.65 -3.26 -25.64
CA PRO B 349 4.72 -3.45 -24.66
C PRO B 349 5.36 -4.85 -24.60
N HIS B 350 6.66 -4.90 -24.43
CA HIS B 350 7.30 -6.17 -24.30
C HIS B 350 7.70 -6.33 -22.87
N ALA B 351 8.21 -7.50 -22.55
CA ALA B 351 8.74 -7.85 -21.26
C ALA B 351 10.00 -8.68 -21.54
N VAL B 352 10.92 -8.80 -20.58
CA VAL B 352 12.07 -9.71 -20.78
C VAL B 352 11.85 -11.07 -20.11
N THR B 353 12.38 -12.10 -20.79
CA THR B 353 12.13 -13.51 -20.46
C THR B 353 13.06 -14.06 -19.38
N CYS B 354 14.20 -13.39 -19.19
CA CYS B 354 15.19 -13.72 -18.16
C CYS B 354 15.87 -12.42 -17.68
N ASP B 355 16.70 -12.53 -16.65
CA ASP B 355 17.51 -11.39 -16.20
C ASP B 355 18.58 -11.15 -17.25
N ILE B 356 18.72 -9.91 -17.72
CA ILE B 356 19.53 -9.65 -18.90
C ILE B 356 20.40 -8.42 -18.74
N LYS B 357 21.72 -8.59 -18.86
CA LYS B 357 22.64 -7.47 -18.89
C LYS B 357 22.49 -6.82 -20.27
N PHE B 358 22.10 -5.55 -20.30
CA PHE B 358 21.88 -4.86 -21.58
C PHE B 358 22.53 -3.49 -21.49
N ARG B 359 23.57 -3.22 -22.29
CA ARG B 359 24.27 -1.93 -22.29
C ARG B 359 24.76 -1.54 -20.89
N ASN B 360 25.40 -2.50 -20.22
CA ASN B 360 25.81 -2.36 -18.82
C ASN B 360 24.62 -1.89 -17.99
N TYR B 361 23.49 -2.60 -18.04
CA TYR B 361 22.36 -2.20 -17.18
C TYR B 361 21.64 -3.26 -16.38
N LEU B 362 21.72 -4.49 -16.83
CA LEU B 362 20.99 -5.57 -16.15
C LEU B 362 19.56 -5.31 -15.66
N ILE B 363 18.62 -5.45 -16.58
CA ILE B 363 17.20 -5.33 -16.33
C ILE B 363 16.77 -6.74 -15.94
N PRO B 364 15.99 -6.83 -14.87
CA PRO B 364 15.50 -8.09 -14.31
C PRO B 364 14.30 -8.69 -15.05
N LYS B 365 14.22 -10.02 -15.07
CA LYS B 365 13.15 -10.71 -15.80
C LYS B 365 11.80 -10.22 -15.30
N GLY B 366 10.87 -10.07 -16.25
CA GLY B 366 9.52 -9.61 -15.98
C GLY B 366 9.36 -8.15 -16.32
N THR B 367 10.45 -7.43 -16.46
CA THR B 367 10.37 -5.98 -16.57
C THR B 367 9.76 -5.61 -17.91
N THR B 368 8.76 -4.74 -17.87
CA THR B 368 8.16 -4.24 -19.09
C THR B 368 9.13 -3.40 -19.91
N ILE B 369 9.26 -3.71 -21.19
CA ILE B 369 10.00 -2.87 -22.11
C ILE B 369 9.04 -2.14 -23.06
N LEU B 370 9.20 -0.82 -23.21
CA LEU B 370 8.58 -0.09 -24.30
C LEU B 370 9.55 0.17 -25.43
N ILE B 371 9.05 0.04 -26.65
CA ILE B 371 9.82 0.26 -27.85
C ILE B 371 9.21 1.48 -28.47
N SER B 372 9.96 2.56 -28.65
CA SER B 372 9.43 3.64 -29.45
C SER B 372 9.60 3.30 -30.94
N LEU B 373 8.58 2.75 -31.57
CA LEU B 373 8.57 2.64 -33.03
C LEU B 373 8.55 4.01 -33.70
N THR B 374 7.92 4.99 -33.07
CA THR B 374 7.97 6.36 -33.56
C THR B 374 9.39 6.80 -33.78
N SER B 375 10.27 6.46 -32.83
CA SER B 375 11.67 6.89 -32.93
C SER B 375 12.36 6.37 -34.16
N VAL B 376 12.02 5.14 -34.57
CA VAL B 376 12.54 4.58 -35.81
C VAL B 376 11.83 5.12 -37.05
N LEU B 377 10.52 4.97 -37.17
CA LEU B 377 9.84 5.45 -38.38
C LEU B 377 10.15 6.93 -38.69
N HIS B 378 10.30 7.76 -37.66
CA HIS B 378 10.56 9.19 -37.83
C HIS B 378 12.03 9.61 -37.60
N ASP B 379 12.98 8.68 -37.73
CA ASP B 379 14.42 8.98 -37.57
C ASP B 379 14.85 10.04 -38.56
N ASN B 380 15.78 10.91 -38.16
CA ASN B 380 16.16 12.09 -38.97
C ASN B 380 17.12 11.76 -40.11
N LYS B 381 18.29 11.22 -39.77
CA LYS B 381 19.27 10.85 -40.77
C LYS B 381 18.54 10.03 -41.85
N GLU B 382 17.86 8.96 -41.46
CA GLU B 382 17.17 8.10 -42.43
C GLU B 382 15.90 8.71 -43.07
N PHE B 383 15.32 9.71 -42.47
CA PHE B 383 14.11 10.25 -43.05
C PHE B 383 14.04 11.73 -42.87
N PRO B 384 14.68 12.49 -43.82
CA PRO B 384 14.57 13.93 -43.62
C PRO B 384 13.14 14.38 -43.42
N ASN B 385 12.95 15.54 -42.83
CA ASN B 385 11.62 16.06 -42.53
C ASN B 385 10.56 15.04 -42.20
N PRO B 386 10.91 14.15 -41.29
CA PRO B 386 10.04 13.06 -40.86
C PRO B 386 8.62 13.44 -40.62
N GLU B 387 8.39 14.65 -40.12
CA GLU B 387 7.03 15.07 -39.84
C GLU B 387 6.27 15.41 -41.10
N MET B 388 6.93 15.38 -42.27
CA MET B 388 6.28 15.64 -43.54
C MET B 388 5.97 14.33 -44.29
N PHE B 389 4.86 14.32 -45.03
CA PHE B 389 4.38 13.17 -45.81
C PHE B 389 4.89 13.29 -47.24
N ASP B 390 6.10 12.77 -47.47
CA ASP B 390 6.77 12.83 -48.77
C ASP B 390 7.14 11.41 -49.24
N PRO B 391 6.52 10.93 -50.34
CA PRO B 391 6.82 9.59 -50.80
C PRO B 391 8.25 9.36 -51.23
N HIS B 392 8.96 10.42 -51.62
CA HIS B 392 10.39 10.29 -51.90
C HIS B 392 11.21 9.77 -50.71
N HIS B 393 10.55 9.57 -49.58
CA HIS B 393 11.22 8.96 -48.44
C HIS B 393 11.60 7.54 -48.87
N PHE B 394 10.75 6.91 -49.70
CA PHE B 394 11.02 5.57 -50.20
C PHE B 394 11.37 5.52 -51.70
N LEU B 395 11.84 6.65 -52.26
CA LEU B 395 12.34 6.69 -53.63
C LEU B 395 13.78 7.17 -53.67
N ASP B 396 14.58 6.51 -54.51
CA ASP B 396 15.99 6.85 -54.72
C ASP B 396 16.08 7.93 -55.79
N GLU B 397 17.30 8.38 -56.10
CA GLU B 397 17.51 9.40 -57.11
C GLU B 397 16.64 9.15 -58.34
N GLY B 398 16.98 8.10 -59.09
CA GLY B 398 16.24 7.75 -60.29
C GLY B 398 14.74 7.81 -60.08
N GLY B 399 14.23 6.92 -59.24
CA GLY B 399 12.81 6.87 -58.96
C GLY B 399 12.32 5.47 -58.65
N ASN B 400 13.25 4.60 -58.25
CA ASN B 400 12.92 3.24 -57.93
C ASN B 400 12.74 3.09 -56.44
N PHE B 401 11.87 2.18 -56.08
CA PHE B 401 11.56 1.97 -54.68
C PHE B 401 12.86 1.81 -53.90
N LYS B 402 12.85 2.22 -52.62
CA LYS B 402 14.04 2.20 -51.76
C LYS B 402 13.77 1.58 -50.38
N LYS B 403 13.96 0.27 -50.26
CA LYS B 403 13.76 -0.44 -48.98
C LYS B 403 14.56 0.32 -47.92
N SER B 404 14.04 0.36 -46.69
CA SER B 404 14.71 1.01 -45.54
C SER B 404 14.66 0.13 -44.31
N LYS B 405 15.80 -0.11 -43.66
CA LYS B 405 15.81 -0.90 -42.41
C LYS B 405 14.87 -0.31 -41.34
N TYR B 406 14.60 0.99 -41.46
CA TYR B 406 13.86 1.73 -40.46
C TYR B 406 12.37 1.55 -40.62
N PHE B 407 11.93 1.15 -41.80
CA PHE B 407 10.51 0.88 -41.99
C PHE B 407 10.14 -0.38 -41.24
N MET B 408 9.75 -0.22 -39.97
CA MET B 408 9.25 -1.32 -39.18
C MET B 408 7.96 -0.98 -38.42
N PRO B 409 6.91 -0.62 -39.16
CA PRO B 409 5.63 -0.37 -38.51
C PRO B 409 4.96 -1.62 -37.97
N PHE B 410 5.45 -2.79 -38.35
CA PHE B 410 4.96 -4.06 -37.80
C PHE B 410 5.90 -4.57 -36.71
N SER B 411 6.76 -3.70 -36.17
CA SER B 411 7.76 -4.08 -35.15
C SER B 411 8.74 -5.06 -35.75
N ALA B 412 9.50 -5.72 -34.91
CA ALA B 412 10.58 -6.57 -35.36
C ALA B 412 10.86 -7.68 -34.38
N GLY B 413 11.54 -8.71 -34.85
CA GLY B 413 12.02 -9.75 -33.98
C GLY B 413 10.98 -10.80 -33.69
N LYS B 414 11.07 -11.44 -32.54
CA LYS B 414 10.32 -12.66 -32.34
C LYS B 414 8.81 -12.47 -32.21
N ARG B 415 8.38 -11.24 -31.90
CA ARG B 415 6.96 -10.92 -31.81
C ARG B 415 6.39 -10.06 -32.95
N ILE B 416 7.17 -9.82 -33.98
CA ILE B 416 6.70 -9.20 -35.22
C ILE B 416 5.31 -9.63 -35.74
N CYS B 417 4.59 -8.67 -36.29
CA CYS B 417 3.26 -8.86 -36.83
C CYS B 417 3.01 -10.17 -37.57
N VAL B 418 2.23 -11.04 -36.93
CA VAL B 418 1.84 -12.31 -37.49
C VAL B 418 1.22 -12.15 -38.84
N GLY B 419 0.45 -11.07 -39.02
CA GLY B 419 -0.24 -10.77 -40.27
C GLY B 419 0.40 -9.67 -41.12
N GLU B 420 1.73 -9.57 -41.11
CA GLU B 420 2.41 -8.55 -41.90
C GLU B 420 2.16 -8.69 -43.39
N ALA B 421 2.47 -9.87 -43.92
CA ALA B 421 2.33 -10.15 -45.35
C ALA B 421 0.89 -9.95 -45.86
N LEU B 422 -0.08 -10.30 -45.01
CA LEU B 422 -1.49 -10.12 -45.34
C LEU B 422 -1.90 -8.65 -45.35
N ALA B 423 -1.46 -7.89 -44.35
CA ALA B 423 -1.78 -6.47 -44.27
C ALA B 423 -1.20 -5.70 -45.44
N GLY B 424 0.04 -6.00 -45.81
CA GLY B 424 0.65 -5.33 -46.93
C GLY B 424 -0.04 -5.61 -48.25
N MET B 425 -0.66 -6.79 -48.37
CA MET B 425 -1.54 -7.07 -49.49
C MET B 425 -2.77 -6.20 -49.38
N GLU B 426 -3.50 -6.30 -48.25
CA GLU B 426 -4.76 -5.56 -48.06
C GLU B 426 -4.60 -4.07 -48.35
N LEU B 427 -3.48 -3.50 -47.93
CA LEU B 427 -3.18 -2.08 -48.19
C LEU B 427 -3.08 -1.83 -49.67
N PHE B 428 -2.09 -2.45 -50.30
CA PHE B 428 -1.83 -2.27 -51.73
C PHE B 428 -2.99 -2.56 -52.70
N LEU B 429 -3.73 -3.64 -52.47
CA LEU B 429 -4.81 -4.00 -53.39
C LEU B 429 -6.02 -3.10 -53.18
N PHE B 430 -6.48 -2.98 -51.94
CA PHE B 430 -7.61 -2.10 -51.62
C PHE B 430 -7.40 -0.65 -52.04
N LEU B 431 -6.21 -0.10 -51.81
CA LEU B 431 -5.92 1.26 -52.24
C LEU B 431 -5.84 1.44 -53.75
N THR B 432 -5.12 0.55 -54.44
CA THR B 432 -5.04 0.64 -55.90
C THR B 432 -6.35 0.25 -56.53
N SER B 433 -7.11 -0.65 -55.94
CA SER B 433 -8.47 -0.89 -56.47
C SER B 433 -9.36 0.35 -56.38
N ILE B 434 -9.24 1.09 -55.28
CA ILE B 434 -10.03 2.32 -55.05
C ILE B 434 -9.62 3.38 -56.07
N LEU B 435 -8.33 3.68 -56.17
CA LEU B 435 -7.87 4.70 -57.11
C LEU B 435 -7.91 4.41 -58.61
N GLN B 436 -7.92 3.15 -59.01
CA GLN B 436 -8.12 2.88 -60.42
C GLN B 436 -9.57 3.15 -60.85
N ASN B 437 -10.55 2.98 -59.96
CA ASN B 437 -11.96 3.19 -60.32
C ASN B 437 -12.64 4.47 -59.88
N PHE B 438 -12.01 5.21 -58.96
CA PHE B 438 -12.66 6.35 -58.33
C PHE B 438 -11.71 7.51 -58.21
N ASN B 439 -12.30 8.69 -58.23
CA ASN B 439 -11.60 9.94 -58.07
C ASN B 439 -12.07 10.55 -56.79
N LEU B 440 -11.12 10.91 -55.93
CA LEU B 440 -11.42 11.31 -54.56
C LEU B 440 -11.67 12.82 -54.38
N LYS B 441 -12.89 13.20 -53.99
CA LYS B 441 -13.18 14.63 -53.71
C LYS B 441 -13.45 14.91 -52.22
N SER B 442 -12.65 15.82 -51.65
CA SER B 442 -12.81 16.25 -50.25
C SER B 442 -14.04 17.17 -50.21
N LEU B 443 -14.89 17.04 -49.19
CA LEU B 443 -16.01 17.99 -49.02
C LEU B 443 -15.63 19.31 -48.40
N VAL B 444 -14.44 19.38 -47.84
CA VAL B 444 -13.94 20.60 -47.24
C VAL B 444 -12.68 20.87 -48.04
N ASP B 445 -12.22 22.12 -48.06
CA ASP B 445 -11.03 22.45 -48.84
C ASP B 445 -9.84 21.74 -48.23
N PRO B 446 -9.08 20.97 -49.07
CA PRO B 446 -7.80 20.38 -48.69
C PRO B 446 -6.88 21.20 -47.78
N LYS B 447 -6.94 22.53 -47.83
CA LYS B 447 -6.11 23.38 -46.94
C LYS B 447 -6.64 23.36 -45.51
N ASN B 448 -7.97 23.32 -45.37
CA ASN B 448 -8.64 23.33 -44.04
C ASN B 448 -8.57 22.00 -43.27
N LEU B 449 -8.93 20.85 -43.87
CA LEU B 449 -8.92 19.56 -43.13
C LEU B 449 -7.51 19.11 -42.74
N ASP B 450 -7.39 18.36 -41.64
CA ASP B 450 -6.07 18.07 -41.10
C ASP B 450 -5.88 16.63 -40.62
N THR B 451 -4.62 16.26 -40.56
CA THR B 451 -4.19 14.90 -40.46
C THR B 451 -3.71 14.56 -39.06
N THR B 452 -4.08 15.38 -38.07
CA THR B 452 -3.44 15.32 -36.76
C THR B 452 -4.28 14.37 -35.94
N PRO B 453 -3.65 13.34 -35.37
CA PRO B 453 -4.43 12.37 -34.54
C PRO B 453 -5.33 12.91 -33.38
N VAL B 454 -6.61 12.60 -33.48
CA VAL B 454 -7.59 12.81 -32.41
C VAL B 454 -7.12 12.30 -31.02
N VAL B 455 -6.37 11.21 -30.96
CA VAL B 455 -5.72 10.72 -29.72
C VAL B 455 -4.58 9.78 -30.11
N ASN B 456 -3.55 9.63 -29.29
CA ASN B 456 -2.38 8.80 -29.65
C ASN B 456 -1.67 7.97 -28.56
N GLY B 457 -2.41 7.42 -27.59
CA GLY B 457 -1.75 6.64 -26.56
C GLY B 457 -1.45 5.23 -27.04
N PHE B 458 -2.45 4.39 -27.20
CA PHE B 458 -2.21 3.10 -27.86
C PHE B 458 -1.95 3.34 -29.33
N ALA B 459 -2.99 3.69 -30.07
CA ALA B 459 -2.89 3.83 -31.50
C ALA B 459 -3.09 5.29 -31.85
N SER B 460 -2.99 5.63 -33.13
CA SER B 460 -3.13 6.99 -33.62
C SER B 460 -4.39 7.06 -34.40
N VAL B 461 -5.52 7.32 -33.74
CA VAL B 461 -6.83 7.23 -34.41
C VAL B 461 -7.08 8.50 -35.23
N PRO B 462 -7.62 8.38 -36.48
CA PRO B 462 -7.63 9.54 -37.36
C PRO B 462 -8.85 10.43 -37.10
N PRO B 463 -8.75 11.72 -37.47
CA PRO B 463 -9.84 12.69 -37.40
C PRO B 463 -10.97 12.38 -38.33
N PHE B 464 -12.10 13.03 -38.09
CA PHE B 464 -13.28 12.92 -38.98
C PHE B 464 -13.07 13.70 -40.28
N TYR B 465 -13.68 13.14 -41.32
CA TYR B 465 -13.65 13.65 -42.66
C TYR B 465 -14.63 12.84 -43.44
N GLN B 466 -15.09 13.43 -44.53
CA GLN B 466 -15.93 12.75 -45.50
C GLN B 466 -15.37 13.09 -46.83
N LEU B 467 -15.78 12.31 -47.81
CA LEU B 467 -15.29 12.50 -49.14
C LEU B 467 -16.26 11.86 -50.06
N CYS B 468 -16.11 12.21 -51.33
CA CYS B 468 -16.96 11.69 -52.37
C CYS B 468 -16.17 10.72 -53.22
N PHE B 469 -16.86 9.65 -53.62
CA PHE B 469 -16.28 8.61 -54.47
C PHE B 469 -16.83 8.74 -55.88
N ILE B 470 -16.15 9.57 -56.69
CA ILE B 470 -16.66 9.87 -58.02
C ILE B 470 -16.08 8.86 -59.00
N PRO B 471 -16.95 8.08 -59.69
CA PRO B 471 -16.47 7.21 -60.75
C PRO B 471 -15.60 7.87 -61.83
N ILE B 472 -14.46 7.23 -62.09
CA ILE B 472 -13.51 7.65 -63.16
C ILE B 472 -14.13 7.26 -64.49
N HIS B 473 -13.98 8.08 -65.53
CA HIS B 473 -14.55 7.77 -66.84
C HIS B 473 -16.07 7.62 -66.75
N LYS C 10 -29.41 62.22 -20.67
CA LYS C 10 -29.25 61.93 -19.20
C LYS C 10 -27.77 61.51 -18.93
N LEU C 11 -27.48 60.51 -18.10
CA LEU C 11 -26.08 60.35 -17.65
C LEU C 11 -25.09 60.21 -18.81
N PRO C 12 -23.82 60.64 -18.62
CA PRO C 12 -22.78 60.48 -19.62
C PRO C 12 -22.58 59.06 -20.15
N PRO C 13 -21.83 58.89 -21.26
CA PRO C 13 -21.55 57.54 -21.77
C PRO C 13 -20.79 56.73 -20.77
N GLY C 14 -20.72 55.42 -20.97
CA GLY C 14 -19.90 54.56 -20.12
C GLY C 14 -20.28 53.12 -20.23
N PRO C 15 -19.39 52.21 -19.83
CA PRO C 15 -19.70 50.79 -19.95
C PRO C 15 -20.94 50.46 -19.17
N THR C 16 -21.77 49.58 -19.76
CA THR C 16 -23.05 49.27 -19.15
C THR C 16 -22.76 48.37 -17.96
N PRO C 17 -23.49 48.58 -16.88
CA PRO C 17 -23.29 47.77 -15.70
C PRO C 17 -23.53 46.27 -15.93
N LEU C 18 -23.09 45.45 -14.98
CA LEU C 18 -23.69 44.15 -14.73
C LEU C 18 -24.65 44.43 -13.57
N PRO C 19 -25.61 43.54 -13.33
CA PRO C 19 -26.79 43.93 -12.50
C PRO C 19 -26.51 44.31 -11.03
N VAL C 20 -25.76 43.47 -10.33
CA VAL C 20 -25.52 43.63 -8.87
C VAL C 20 -24.18 44.35 -8.60
N ILE C 21 -23.13 43.77 -9.19
CA ILE C 21 -21.78 44.26 -9.06
C ILE C 21 -21.40 45.58 -9.79
N GLY C 22 -22.25 46.09 -10.69
CA GLY C 22 -21.90 47.28 -11.50
C GLY C 22 -20.70 47.02 -12.40
N ASN C 23 -19.93 48.05 -12.69
CA ASN C 23 -18.75 47.93 -13.58
C ASN C 23 -17.46 47.30 -13.01
N ILE C 24 -17.54 46.59 -11.88
CA ILE C 24 -16.34 46.05 -11.25
C ILE C 24 -15.38 45.24 -12.14
N LEU C 25 -15.86 44.65 -13.24
CA LEU C 25 -14.98 43.82 -14.09
C LEU C 25 -14.18 44.64 -15.10
N GLN C 26 -14.71 45.78 -15.57
CA GLN C 26 -13.89 46.72 -16.38
C GLN C 26 -12.90 47.52 -15.53
N ILE C 27 -13.33 48.06 -14.38
CA ILE C 27 -12.43 48.88 -13.56
C ILE C 27 -11.43 48.07 -12.73
N GLY C 28 -11.83 46.88 -12.30
CA GLY C 28 -10.98 46.03 -11.45
C GLY C 28 -10.88 46.58 -10.03
N ILE C 29 -9.87 46.11 -9.31
CA ILE C 29 -9.63 46.57 -7.94
C ILE C 29 -8.20 46.90 -7.53
N LYS C 30 -7.19 46.64 -8.35
CA LYS C 30 -5.80 46.89 -7.97
C LYS C 30 -5.26 48.22 -8.47
N ASP C 31 -5.90 48.85 -9.45
CA ASP C 31 -5.37 50.12 -9.97
C ASP C 31 -6.42 50.99 -10.66
N ILE C 32 -7.23 51.65 -9.84
CA ILE C 32 -8.39 52.42 -10.32
C ILE C 32 -7.93 53.57 -11.23
N SER C 33 -6.84 54.23 -10.84
CA SER C 33 -6.33 55.36 -11.59
C SER C 33 -6.05 54.99 -13.05
N LYS C 34 -5.48 53.79 -13.24
CA LYS C 34 -5.06 53.33 -14.56
C LYS C 34 -6.21 52.81 -15.38
N SER C 35 -7.21 52.23 -14.71
CA SER C 35 -8.42 51.72 -15.39
C SER C 35 -9.27 52.88 -15.84
N LEU C 36 -9.49 53.83 -14.93
CA LEU C 36 -10.09 55.12 -15.27
C LEU C 36 -9.45 55.81 -16.47
N THR C 37 -8.13 55.69 -16.61
CA THR C 37 -7.39 56.32 -17.72
C THR C 37 -7.67 55.62 -19.04
N ASN C 38 -7.61 54.29 -19.06
CA ASN C 38 -7.94 53.47 -20.25
C ASN C 38 -9.38 53.61 -20.66
N LEU C 39 -10.27 53.80 -19.68
CA LEU C 39 -11.67 54.00 -19.95
C LEU C 39 -11.96 55.31 -20.65
N SER C 40 -11.14 56.34 -20.38
CA SER C 40 -11.34 57.67 -21.01
C SER C 40 -11.00 57.63 -22.48
N LYS C 41 -10.03 56.76 -22.81
CA LYS C 41 -9.56 56.59 -24.19
C LYS C 41 -10.70 56.07 -25.03
N VAL C 42 -11.54 55.22 -24.46
CA VAL C 42 -12.77 54.78 -25.10
C VAL C 42 -13.92 55.78 -25.03
N TYR C 43 -14.47 56.00 -23.84
CA TYR C 43 -15.62 56.90 -23.63
C TYR C 43 -15.45 58.43 -23.69
N GLY C 44 -14.27 58.94 -23.44
CA GLY C 44 -13.97 60.37 -23.57
C GLY C 44 -13.59 61.07 -22.28
N PRO C 45 -13.82 62.41 -22.20
CA PRO C 45 -13.51 63.20 -21.00
C PRO C 45 -14.45 62.97 -19.81
N VAL C 46 -15.72 62.88 -20.08
CA VAL C 46 -16.74 62.78 -19.06
C VAL C 46 -17.42 61.43 -19.30
N PHE C 47 -17.56 60.60 -18.28
CA PHE C 47 -18.19 59.30 -18.42
C PHE C 47 -18.59 58.66 -17.09
N THR C 48 -19.58 57.77 -17.15
CA THR C 48 -20.20 57.20 -15.97
C THR C 48 -19.74 55.78 -15.72
N LEU C 49 -19.49 55.46 -14.46
CA LEU C 49 -19.18 54.11 -14.00
C LEU C 49 -20.16 53.81 -12.94
N TYR C 50 -20.24 52.53 -12.56
CA TYR C 50 -21.19 52.08 -11.56
C TYR C 50 -20.39 51.35 -10.53
N PHE C 51 -20.50 51.84 -9.30
CA PHE C 51 -19.87 51.19 -8.15
C PHE C 51 -21.01 50.51 -7.47
N GLY C 52 -21.11 49.19 -7.64
CA GLY C 52 -22.37 48.46 -7.44
C GLY C 52 -23.53 49.12 -8.18
N LEU C 53 -24.40 49.79 -7.42
CA LEU C 53 -25.61 50.44 -7.93
C LEU C 53 -25.47 51.97 -7.93
N LYS C 54 -24.28 52.49 -7.61
CA LYS C 54 -24.03 53.94 -7.60
C LYS C 54 -23.44 54.49 -8.92
N PRO C 55 -24.18 55.40 -9.61
CA PRO C 55 -23.59 56.20 -10.68
C PRO C 55 -22.49 57.09 -10.15
N ILE C 56 -21.39 57.17 -10.89
CA ILE C 56 -20.29 58.03 -10.56
C ILE C 56 -19.83 58.62 -11.88
N VAL C 57 -19.85 59.93 -12.03
CA VAL C 57 -19.27 60.55 -13.21
C VAL C 57 -17.79 60.78 -12.99
N VAL C 58 -16.96 60.33 -13.93
CA VAL C 58 -15.52 60.62 -13.94
C VAL C 58 -15.24 61.86 -14.82
N LEU C 59 -14.18 62.61 -14.53
CA LEU C 59 -13.73 63.71 -15.39
C LEU C 59 -12.27 63.46 -15.63
N HIS C 60 -11.83 63.70 -16.87
CA HIS C 60 -10.50 63.30 -17.25
C HIS C 60 -9.60 64.45 -17.77
N GLY C 61 -10.04 65.23 -18.75
CA GLY C 61 -9.18 66.35 -19.18
C GLY C 61 -8.79 67.36 -18.09
N TYR C 62 -7.64 68.00 -18.21
CA TYR C 62 -7.51 69.31 -17.61
C TYR C 62 -8.77 70.09 -17.98
N GLU C 63 -9.05 70.21 -19.28
CA GLU C 63 -10.25 70.87 -19.77
C GLU C 63 -11.48 70.51 -18.93
N ALA C 64 -11.74 69.22 -18.79
CA ALA C 64 -12.98 68.77 -18.11
C ALA C 64 -13.02 69.16 -16.64
N VAL C 65 -11.89 68.93 -15.97
CA VAL C 65 -11.70 69.23 -14.56
C VAL C 65 -11.94 70.69 -14.23
N LYS C 66 -11.30 71.58 -14.98
CA LYS C 66 -11.43 73.02 -14.73
C LYS C 66 -12.81 73.63 -14.99
N GLU C 67 -13.41 73.23 -16.10
CA GLU C 67 -14.79 73.61 -16.36
C GLU C 67 -15.63 73.23 -15.15
N ALA C 68 -15.45 72.03 -14.62
CA ALA C 68 -16.27 71.52 -13.50
C ALA C 68 -15.91 72.18 -12.15
N LEU C 69 -14.62 72.32 -11.86
CA LEU C 69 -14.17 72.77 -10.52
C LEU C 69 -14.02 74.27 -10.41
N ILE C 70 -13.54 74.91 -11.47
CA ILE C 70 -13.42 76.36 -11.49
C ILE C 70 -14.72 77.00 -12.02
N ASP C 71 -15.06 76.73 -13.29
CA ASP C 71 -16.17 77.40 -14.00
C ASP C 71 -17.56 76.98 -13.50
N LEU C 72 -17.77 75.72 -13.12
CA LEU C 72 -19.03 75.35 -12.47
C LEU C 72 -18.84 75.17 -10.95
N GLY C 73 -17.96 76.01 -10.40
CA GLY C 73 -17.45 75.90 -9.03
C GLY C 73 -18.44 75.49 -7.96
N GLU C 74 -19.50 76.28 -7.79
CA GLU C 74 -20.47 75.98 -6.73
C GLU C 74 -21.17 74.66 -6.92
N GLU C 75 -21.46 74.34 -8.18
CA GLU C 75 -22.29 73.19 -8.51
C GLU C 75 -21.55 71.87 -8.30
N PHE C 76 -20.23 71.85 -8.49
CA PHE C 76 -19.35 70.70 -8.13
C PHE C 76 -18.58 70.82 -6.79
N SER C 77 -18.99 71.69 -5.87
CA SER C 77 -18.33 71.85 -4.56
C SER C 77 -18.97 71.01 -3.44
N GLY C 78 -19.63 69.93 -3.80
CA GLY C 78 -20.13 69.01 -2.81
C GLY C 78 -19.06 67.98 -2.59
N ARG C 79 -19.19 67.21 -1.51
CA ARG C 79 -18.25 66.16 -1.20
C ARG C 79 -19.05 64.88 -1.27
N GLY C 80 -18.58 63.97 -2.09
CA GLY C 80 -19.23 62.70 -2.25
C GLY C 80 -18.88 61.79 -1.11
N ILE C 81 -19.89 61.27 -0.46
CA ILE C 81 -19.67 60.35 0.63
C ILE C 81 -19.52 58.96 0.04
N PHE C 82 -18.40 58.29 0.36
CA PHE C 82 -18.29 56.85 0.09
C PHE C 82 -18.68 56.17 1.43
N PRO C 83 -19.08 54.88 1.38
CA PRO C 83 -19.80 54.28 2.53
C PRO C 83 -19.02 54.11 3.85
N LEU C 84 -17.70 53.90 3.77
CA LEU C 84 -16.86 53.80 4.99
C LEU C 84 -16.88 55.07 5.85
N ALA C 85 -16.71 56.22 5.18
CA ALA C 85 -16.82 57.53 5.83
C ALA C 85 -18.17 57.71 6.52
N GLU C 86 -19.25 57.26 5.85
CA GLU C 86 -20.58 57.20 6.47
C GLU C 86 -20.49 56.52 7.82
N ARG C 87 -19.93 55.32 7.83
CA ARG C 87 -19.98 54.51 9.03
C ARG C 87 -19.08 55.04 10.13
N ALA C 88 -17.96 55.66 9.76
CA ALA C 88 -17.05 56.32 10.71
C ALA C 88 -17.73 57.52 11.42
N ASN C 89 -18.75 58.10 10.78
CA ASN C 89 -19.59 59.19 11.30
C ASN C 89 -18.85 60.54 11.39
N ARG C 90 -18.16 60.86 10.31
CA ARG C 90 -17.32 62.06 10.28
C ARG C 90 -17.75 63.13 9.28
N GLY C 91 -19.04 63.36 9.22
CA GLY C 91 -19.61 64.39 8.33
C GLY C 91 -19.95 65.74 8.95
N PHE C 92 -19.54 65.84 10.21
CA PHE C 92 -19.51 67.11 10.97
C PHE C 92 -18.03 67.45 10.92
N GLY C 93 -17.69 68.70 10.62
CA GLY C 93 -16.28 69.01 10.31
C GLY C 93 -16.10 69.45 8.87
N ILE C 94 -14.86 69.51 8.38
CA ILE C 94 -14.62 70.07 7.05
C ILE C 94 -14.69 69.04 5.91
N VAL C 95 -13.91 67.97 6.01
CA VAL C 95 -13.61 67.12 4.85
C VAL C 95 -14.86 66.43 4.34
N PHE C 96 -15.66 65.86 5.25
CA PHE C 96 -16.79 65.05 4.87
C PHE C 96 -18.15 65.70 5.06
N SER C 97 -18.17 67.02 5.07
CA SER C 97 -19.42 67.68 5.35
C SER C 97 -19.78 68.46 4.14
N ASN C 98 -21.06 68.82 4.08
CA ASN C 98 -21.62 69.57 2.99
C ASN C 98 -22.52 70.66 3.49
N GLY C 99 -22.84 71.54 2.55
CA GLY C 99 -23.90 72.49 2.74
C GLY C 99 -23.46 73.65 3.57
N LYS C 100 -24.40 74.18 4.33
CA LYS C 100 -24.14 75.33 5.16
C LYS C 100 -23.08 74.99 6.21
N LYS C 101 -23.11 73.76 6.74
CA LYS C 101 -22.13 73.37 7.75
C LYS C 101 -20.70 73.44 7.22
N TRP C 102 -20.51 72.90 6.02
CA TRP C 102 -19.24 72.95 5.34
C TRP C 102 -18.86 74.39 5.18
N LYS C 103 -19.77 75.20 4.66
CA LYS C 103 -19.47 76.62 4.34
C LYS C 103 -18.83 77.42 5.43
N GLU C 104 -19.60 77.60 6.50
CA GLU C 104 -19.14 78.27 7.73
C GLU C 104 -17.90 77.68 8.43
N ILE C 105 -17.93 76.36 8.59
CA ILE C 105 -16.84 75.61 9.20
C ILE C 105 -15.59 75.85 8.39
N ARG C 106 -15.61 75.54 7.12
CA ARG C 106 -14.42 75.76 6.35
C ARG C 106 -14.01 77.21 6.37
N ARG C 107 -14.95 78.12 6.42
CA ARG C 107 -14.61 79.56 6.42
C ARG C 107 -13.96 80.00 7.74
N PHE C 108 -14.55 79.52 8.82
CA PHE C 108 -14.07 79.82 10.15
C PHE C 108 -12.66 79.30 10.28
N SER C 109 -12.47 78.03 9.90
CA SER C 109 -11.17 77.37 9.95
C SER C 109 -10.12 78.14 9.12
N LEU C 110 -10.43 78.45 7.88
CA LEU C 110 -9.51 79.25 7.08
C LEU C 110 -9.15 80.57 7.74
N MET C 111 -10.15 81.28 8.26
CA MET C 111 -9.91 82.53 8.97
C MET C 111 -9.01 82.29 10.19
N THR C 112 -9.35 81.33 11.08
CA THR C 112 -8.53 81.18 12.30
C THR C 112 -7.10 80.74 11.93
N LEU C 113 -6.94 79.79 11.00
CA LEU C 113 -5.62 79.48 10.42
C LEU C 113 -4.86 80.65 9.83
N ARG C 114 -5.54 81.71 9.40
CA ARG C 114 -4.87 82.91 8.85
C ARG C 114 -4.50 83.89 9.97
N ASN C 115 -3.68 83.41 10.92
CA ASN C 115 -3.20 84.25 12.06
C ASN C 115 -2.10 83.52 12.82
N PHE C 116 -2.47 82.49 13.59
CA PHE C 116 -1.56 81.68 14.43
C PHE C 116 -1.82 80.19 14.34
N ARG C 121 3.97 85.52 16.75
CA ARG C 121 4.39 84.23 16.18
C ARG C 121 3.70 83.89 14.83
N SER C 122 4.47 83.79 13.73
CA SER C 122 3.90 83.32 12.42
C SER C 122 3.84 81.79 12.22
N ILE C 123 3.17 81.33 11.16
CA ILE C 123 3.10 79.89 10.88
C ILE C 123 4.50 79.41 10.49
N GLU C 124 5.17 80.18 9.62
CA GLU C 124 6.59 79.94 9.24
C GLU C 124 7.59 79.82 10.39
N ASP C 125 7.42 80.63 11.43
CA ASP C 125 8.25 80.51 12.61
C ASP C 125 7.98 79.15 13.27
N CYS C 126 6.71 78.79 13.34
CA CYS C 126 6.31 77.51 13.92
C CYS C 126 6.96 76.35 13.15
N VAL C 127 6.99 76.48 11.83
CA VAL C 127 7.52 75.44 10.95
C VAL C 127 9.03 75.43 11.00
N GLN C 128 9.65 76.60 11.11
CA GLN C 128 11.12 76.65 11.24
C GLN C 128 11.53 76.01 12.54
N GLU C 129 10.87 76.34 13.64
CA GLU C 129 11.19 75.71 14.93
C GLU C 129 11.17 74.19 14.78
N GLU C 130 10.18 73.66 14.09
CA GLU C 130 10.05 72.22 13.97
C GLU C 130 11.09 71.55 13.03
N ALA C 131 11.60 72.30 12.07
CA ALA C 131 12.61 71.83 11.15
C ALA C 131 13.97 71.79 11.79
N ARG C 132 14.15 72.52 12.89
CA ARG C 132 15.37 72.39 13.64
C ARG C 132 15.35 71.04 14.31
N CYS C 133 14.27 70.71 15.03
CA CYS C 133 14.19 69.42 15.76
C CYS C 133 14.25 68.17 14.92
N LEU C 134 13.69 68.25 13.73
CA LEU C 134 13.85 67.19 12.75
C LEU C 134 15.37 67.05 12.51
N VAL C 135 16.05 68.14 12.19
CA VAL C 135 17.50 68.07 11.96
C VAL C 135 18.22 67.53 13.21
N GLU C 136 17.76 67.90 14.40
CA GLU C 136 18.33 67.36 15.63
C GLU C 136 18.07 65.84 15.72
N GLU C 137 16.84 65.42 15.46
CA GLU C 137 16.48 64.00 15.57
C GLU C 137 17.12 63.16 14.50
N LEU C 138 17.43 63.75 13.36
CA LEU C 138 18.22 63.08 12.36
C LEU C 138 19.70 63.01 12.78
N ARG C 139 20.18 64.00 13.53
CA ARG C 139 21.53 63.90 14.06
C ARG C 139 21.71 62.71 14.97
N LYS C 140 20.69 62.44 15.77
CA LYS C 140 20.76 61.45 16.82
C LYS C 140 20.62 60.01 16.29
N THR C 141 20.34 59.84 15.00
CA THR C 141 20.46 58.52 14.37
C THR C 141 21.93 58.09 14.19
N LYS C 142 22.84 59.05 14.22
CA LYS C 142 24.29 58.79 14.22
C LYS C 142 24.71 58.13 12.92
N ALA C 143 24.03 58.52 11.84
CA ALA C 143 24.32 58.03 10.51
C ALA C 143 24.11 56.54 10.35
N SER C 144 23.44 55.90 11.32
CA SER C 144 23.17 54.48 11.22
C SER C 144 21.94 54.38 10.36
N PRO C 145 21.85 53.33 9.55
CA PRO C 145 20.72 53.26 8.63
C PRO C 145 19.40 53.18 9.41
N CYS C 146 18.40 53.93 8.98
CA CYS C 146 17.11 53.94 9.65
C CYS C 146 15.96 53.96 8.66
N ASP C 147 14.76 53.73 9.21
CA ASP C 147 13.49 53.92 8.51
C ASP C 147 13.02 55.34 8.82
N PRO C 148 12.89 56.19 7.79
CA PRO C 148 12.57 57.58 8.10
C PRO C 148 11.11 57.83 8.55
N THR C 149 10.26 56.81 8.42
CA THR C 149 8.83 56.91 8.64
C THR C 149 8.36 57.60 9.92
N PHE C 150 8.84 57.22 11.08
CA PHE C 150 8.34 57.89 12.27
C PHE C 150 9.00 59.24 12.55
N ILE C 151 10.14 59.52 11.93
CA ILE C 151 10.80 60.82 12.08
C ILE C 151 10.15 61.81 11.11
N LEU C 152 10.12 61.45 9.83
CA LEU C 152 9.49 62.26 8.81
C LEU C 152 7.98 62.52 9.04
N GLY C 153 7.30 61.64 9.73
CA GLY C 153 5.91 61.88 10.12
C GLY C 153 5.76 62.82 11.30
N CYS C 154 6.70 62.76 12.25
CA CYS C 154 6.60 63.55 13.47
C CYS C 154 6.72 65.07 13.26
N ALA C 155 7.41 65.49 12.20
CA ALA C 155 7.55 66.92 11.95
C ALA C 155 6.21 67.56 11.51
N PRO C 156 5.62 67.09 10.39
CA PRO C 156 4.27 67.53 10.07
C PRO C 156 3.30 67.36 11.22
N CYS C 157 3.37 66.26 11.94
CA CYS C 157 2.44 66.02 13.02
C CYS C 157 2.52 67.07 14.08
N ASN C 158 3.74 67.57 14.35
CA ASN C 158 3.99 68.59 15.39
C ASN C 158 3.61 69.98 15.01
N VAL C 159 3.85 70.34 13.75
CA VAL C 159 3.30 71.59 13.21
C VAL C 159 1.79 71.65 13.42
N ILE C 160 1.05 70.61 13.03
CA ILE C 160 -0.39 70.58 13.20
C ILE C 160 -0.80 70.63 14.68
N CYS C 161 -0.16 69.80 15.51
CA CYS C 161 -0.46 69.76 16.94
C CYS C 161 -0.22 71.09 17.62
N SER C 162 0.86 71.78 17.25
CA SER C 162 1.05 73.14 17.69
C SER C 162 -0.15 74.03 17.36
N ILE C 163 -0.59 73.97 16.11
CA ILE C 163 -1.76 74.71 15.63
C ILE C 163 -3.12 74.27 16.28
N ILE C 164 -3.46 72.99 16.28
CA ILE C 164 -4.75 72.53 16.86
C ILE C 164 -4.78 72.58 18.39
N PHE C 165 -3.79 71.99 19.09
CA PHE C 165 -3.82 71.98 20.56
C PHE C 165 -2.60 72.50 21.31
N HIS C 166 -1.63 73.06 20.58
CA HIS C 166 -0.53 73.79 21.24
C HIS C 166 0.62 72.96 21.85
N LYS C 167 0.46 71.66 21.97
CA LYS C 167 1.49 70.86 22.53
C LYS C 167 2.11 70.18 21.37
N ARG C 168 3.38 69.86 21.48
CA ARG C 168 4.06 69.11 20.43
C ARG C 168 4.68 67.85 21.07
N PHE C 169 5.27 66.95 20.27
CA PHE C 169 5.63 65.61 20.70
C PHE C 169 7.14 65.40 20.67
N ASP C 170 7.64 64.64 21.64
CA ASP C 170 8.96 64.01 21.54
C ASP C 170 8.93 62.97 20.41
N TYR C 171 9.94 62.94 19.56
CA TYR C 171 9.90 62.07 18.37
C TYR C 171 9.83 60.57 18.75
N LYS C 172 10.30 60.23 19.95
CA LYS C 172 10.19 58.87 20.49
C LYS C 172 9.09 58.71 21.52
N ASP C 173 8.01 59.48 21.41
CA ASP C 173 6.88 59.35 22.34
C ASP C 173 5.94 58.24 21.88
N GLN C 174 5.59 57.32 22.77
CA GLN C 174 4.79 56.15 22.38
C GLN C 174 3.43 56.57 21.86
N GLN C 175 2.83 57.52 22.56
CA GLN C 175 1.56 58.10 22.13
C GLN C 175 1.59 58.52 20.67
N PHE C 176 2.51 59.43 20.29
CA PHE C 176 2.69 59.81 18.89
C PHE C 176 2.86 58.58 17.98
N LEU C 177 3.62 57.60 18.41
CA LEU C 177 3.88 56.42 17.57
C LEU C 177 2.63 55.60 17.28
N ASN C 178 1.67 55.52 18.21
CA ASN C 178 0.40 54.86 17.88
C ASN C 178 -0.32 55.68 16.86
N LEU C 179 -0.63 56.94 17.21
CA LEU C 179 -1.28 57.85 16.30
C LEU C 179 -0.71 57.76 14.88
N MET C 180 0.61 57.71 14.75
CA MET C 180 1.20 57.58 13.42
C MET C 180 0.95 56.20 12.79
N GLU C 181 1.16 55.11 13.54
CA GLU C 181 0.98 53.74 13.01
C GLU C 181 -0.41 53.64 12.42
N LYS C 182 -1.38 54.05 13.23
CA LYS C 182 -2.78 54.06 12.87
C LYS C 182 -3.10 54.91 11.63
N LEU C 183 -2.69 56.19 11.61
CA LEU C 183 -2.83 57.03 10.41
C LEU C 183 -2.21 56.38 9.17
N ASN C 184 -1.05 55.76 9.34
CA ASN C 184 -0.42 55.04 8.24
C ASN C 184 -1.27 53.83 7.85
N GLU C 185 -1.54 52.96 8.83
CA GLU C 185 -2.37 51.76 8.63
C GLU C 185 -3.62 52.08 7.82
N ASN C 186 -4.37 53.07 8.28
CA ASN C 186 -5.59 53.50 7.63
C ASN C 186 -5.46 53.78 6.14
N ILE C 187 -4.49 54.60 5.76
CA ILE C 187 -4.31 54.92 4.34
C ILE C 187 -3.95 53.68 3.54
N LYS C 188 -3.17 52.80 4.17
CA LYS C 188 -2.83 51.52 3.56
C LYS C 188 -4.09 50.71 3.35
N ILE C 189 -4.98 50.72 4.35
CA ILE C 189 -6.27 50.09 4.27
C ILE C 189 -7.16 50.80 3.26
N LEU C 190 -7.30 52.12 3.30
CA LEU C 190 -8.18 52.79 2.30
C LEU C 190 -7.70 52.65 0.88
N SER C 191 -6.39 52.42 0.69
CA SER C 191 -5.83 52.14 -0.65
C SER C 191 -5.87 50.64 -1.06
N SER C 192 -6.33 49.80 -0.13
CA SER C 192 -6.43 48.35 -0.29
C SER C 192 -7.36 47.97 -1.45
N PRO C 193 -7.04 46.89 -2.19
CA PRO C 193 -8.03 46.26 -3.07
C PRO C 193 -9.30 45.76 -2.35
N TRP C 194 -9.15 45.19 -1.17
CA TRP C 194 -10.31 44.82 -0.37
C TRP C 194 -11.33 45.94 -0.16
N ILE C 195 -10.87 47.12 0.26
CA ILE C 195 -11.76 48.28 0.44
C ILE C 195 -12.34 48.69 -0.91
N GLN C 196 -11.63 48.44 -1.99
CA GLN C 196 -12.19 48.64 -3.33
C GLN C 196 -13.41 47.74 -3.57
N ILE C 197 -13.30 46.48 -3.13
CA ILE C 197 -14.44 45.58 -3.05
C ILE C 197 -15.53 46.12 -2.13
N CYS C 198 -15.23 46.49 -0.90
CA CYS C 198 -16.23 47.14 -0.01
C CYS C 198 -17.04 48.32 -0.61
N ASN C 199 -16.55 48.94 -1.67
CA ASN C 199 -17.26 50.07 -2.29
C ASN C 199 -18.20 49.67 -3.43
N ASN C 200 -17.89 48.57 -4.11
CA ASN C 200 -18.87 47.92 -4.98
C ASN C 200 -19.98 47.15 -4.19
N PHE C 201 -19.80 46.94 -2.89
CA PHE C 201 -20.70 46.09 -2.10
C PHE C 201 -20.91 46.59 -0.67
N SER C 202 -21.51 47.76 -0.48
CA SER C 202 -21.60 48.35 0.89
C SER C 202 -22.19 47.48 2.05
N PRO C 203 -23.07 46.50 1.77
CA PRO C 203 -23.43 45.50 2.82
C PRO C 203 -22.28 44.63 3.36
N ILE C 204 -21.21 44.41 2.59
CA ILE C 204 -19.98 43.78 3.14
C ILE C 204 -19.48 44.50 4.40
N ILE C 205 -19.48 45.82 4.33
CA ILE C 205 -18.89 46.65 5.36
C ILE C 205 -19.50 46.37 6.73
N ASP C 206 -20.77 45.99 6.76
CA ASP C 206 -21.44 45.81 8.03
C ASP C 206 -21.45 44.37 8.51
N TYR C 207 -21.18 43.40 7.62
CA TYR C 207 -21.38 41.98 8.02
C TYR C 207 -20.15 41.08 7.89
N PHE C 208 -19.21 41.38 7.00
CA PHE C 208 -18.00 40.56 6.85
C PHE C 208 -16.92 40.97 7.83
N PRO C 209 -16.06 40.03 8.21
CA PRO C 209 -14.83 40.47 8.84
C PRO C 209 -13.90 41.06 7.79
N GLY C 210 -12.86 41.77 8.25
CA GLY C 210 -11.79 42.26 7.37
C GLY C 210 -11.25 43.61 7.81
N THR C 211 -10.36 44.17 6.99
CA THR C 211 -9.59 45.33 7.42
C THR C 211 -10.41 46.58 7.61
N HIS C 212 -11.47 46.76 6.83
CA HIS C 212 -12.41 47.89 7.09
C HIS C 212 -12.77 48.02 8.60
N ASN C 213 -12.93 46.88 9.29
CA ASN C 213 -13.23 46.91 10.71
C ASN C 213 -12.16 47.63 11.52
N LYS C 214 -10.90 47.38 11.19
CA LYS C 214 -9.78 47.99 11.88
C LYS C 214 -9.72 49.45 11.50
N LEU C 215 -9.83 49.75 10.22
CA LEU C 215 -9.97 51.14 9.79
C LEU C 215 -10.91 51.89 10.75
N LEU C 216 -12.08 51.33 10.97
CA LEU C 216 -13.07 51.98 11.81
C LEU C 216 -12.61 52.11 13.25
N LYS C 217 -12.08 51.03 13.77
CA LYS C 217 -11.58 50.98 15.12
C LYS C 217 -10.53 52.09 15.34
N ASN C 218 -9.61 52.24 14.40
CA ASN C 218 -8.59 53.28 14.49
C ASN C 218 -9.19 54.68 14.51
N VAL C 219 -10.08 54.97 13.56
CA VAL C 219 -10.73 56.27 13.46
C VAL C 219 -11.31 56.65 14.82
N ALA C 220 -11.94 55.69 15.48
CA ALA C 220 -12.56 55.93 16.76
C ALA C 220 -11.52 56.30 17.80
N PHE C 221 -10.36 55.67 17.72
CA PHE C 221 -9.22 56.01 18.57
C PHE C 221 -8.82 57.46 18.40
N MET C 222 -8.30 57.85 17.22
CA MET C 222 -8.07 59.26 16.84
C MET C 222 -9.16 60.21 17.38
N LYS C 223 -10.42 59.91 17.09
CA LYS C 223 -11.55 60.78 17.48
C LYS C 223 -11.51 61.02 18.98
N SER C 224 -11.34 59.96 19.76
CA SER C 224 -11.39 60.06 21.20
C SER C 224 -10.12 60.74 21.78
N TYR C 225 -8.97 60.49 21.18
CA TYR C 225 -7.78 61.22 21.52
C TYR C 225 -8.06 62.72 21.47
N ILE C 226 -8.66 63.15 20.37
CA ILE C 226 -8.91 64.57 20.10
C ILE C 226 -9.97 65.11 21.06
N LEU C 227 -10.93 64.28 21.45
CA LEU C 227 -11.88 64.65 22.49
C LEU C 227 -11.21 64.84 23.87
N GLU C 228 -10.23 64.03 24.27
CA GLU C 228 -9.46 64.32 25.51
C GLU C 228 -8.88 65.73 25.46
N LYS C 229 -8.30 66.11 24.33
CA LYS C 229 -7.71 67.45 24.19
C LYS C 229 -8.76 68.55 24.23
N VAL C 230 -9.98 68.23 23.79
CA VAL C 230 -11.07 69.21 23.81
C VAL C 230 -11.53 69.46 25.24
N LYS C 231 -11.60 68.41 26.04
CA LYS C 231 -12.02 68.51 27.45
C LYS C 231 -10.89 69.24 28.16
N GLU C 232 -9.65 68.87 27.93
CA GLU C 232 -8.59 69.61 28.67
C GLU C 232 -8.76 71.11 28.39
N HIS C 233 -8.89 71.51 27.13
CA HIS C 233 -9.08 72.92 26.76
C HIS C 233 -10.29 73.68 27.28
N GLN C 234 -11.41 72.97 27.39
CA GLN C 234 -12.65 73.50 27.97
C GLN C 234 -12.50 73.84 29.44
N GLU C 235 -11.81 72.97 30.16
CA GLU C 235 -11.60 73.15 31.59
C GLU C 235 -10.34 74.02 31.87
N SER C 236 -9.87 74.77 30.90
CA SER C 236 -8.79 75.68 31.13
C SER C 236 -8.80 76.61 29.96
N MET C 237 -9.82 77.43 29.75
CA MET C 237 -9.82 78.22 28.51
C MET C 237 -9.36 79.67 28.44
N ASP C 238 -9.61 80.43 29.49
CA ASP C 238 -9.28 81.87 29.52
C ASP C 238 -9.73 82.68 28.31
N MET C 239 -11.04 82.95 28.24
CA MET C 239 -11.64 83.67 27.09
C MET C 239 -10.79 84.86 26.57
N ASN C 240 -9.92 85.40 27.42
CA ASN C 240 -8.97 86.47 27.01
C ASN C 240 -7.67 86.03 26.34
N ASN C 241 -7.32 84.75 26.48
CA ASN C 241 -6.12 84.20 25.86
C ASN C 241 -6.42 82.87 25.11
N PRO C 242 -7.00 83.00 23.90
CA PRO C 242 -7.07 81.89 22.97
C PRO C 242 -5.70 81.61 22.37
N GLN C 243 -5.19 80.42 22.64
CA GLN C 243 -3.82 80.04 22.31
C GLN C 243 -3.70 79.18 21.05
N ASP C 244 -4.83 78.66 20.57
CA ASP C 244 -4.85 77.72 19.46
C ASP C 244 -6.23 77.66 18.80
N PHE C 245 -6.33 76.79 17.80
CA PHE C 245 -7.56 76.47 17.10
C PHE C 245 -8.66 76.00 18.03
N ILE C 246 -8.39 75.02 18.89
CA ILE C 246 -9.44 74.50 19.79
C ILE C 246 -10.04 75.60 20.68
N ASP C 247 -9.17 76.46 21.22
CA ASP C 247 -9.59 77.62 22.01
C ASP C 247 -10.45 78.57 21.15
N CYS C 248 -9.97 78.95 19.97
CA CYS C 248 -10.76 79.82 19.08
C CYS C 248 -12.12 79.29 18.70
N PHE C 249 -12.26 77.98 18.61
CA PHE C 249 -13.49 77.36 18.16
C PHE C 249 -14.53 77.36 19.26
N LEU C 250 -14.11 76.92 20.44
CA LEU C 250 -14.89 76.99 21.68
C LEU C 250 -15.35 78.41 21.98
N MET C 251 -14.53 79.39 21.60
CA MET C 251 -14.97 80.77 21.63
C MET C 251 -16.08 80.95 20.60
N LYS C 252 -15.81 80.80 19.30
CA LYS C 252 -16.86 80.91 18.27
C LYS C 252 -18.10 80.15 18.66
N MET C 253 -17.98 78.87 19.06
CA MET C 253 -19.13 78.08 19.62
C MET C 253 -20.04 78.91 20.53
N GLU C 254 -19.39 79.59 21.48
CA GLU C 254 -20.03 80.41 22.53
C GLU C 254 -20.70 81.72 21.97
N LYS C 255 -19.98 82.43 21.11
CA LYS C 255 -20.54 83.54 20.30
C LYS C 255 -21.81 83.21 19.47
N GLU C 256 -22.22 81.94 19.41
CA GLU C 256 -23.39 81.48 18.66
C GLU C 256 -24.51 80.88 19.52
N LYS C 257 -24.34 80.79 20.85
CA LYS C 257 -25.45 80.37 21.71
C LYS C 257 -26.72 81.22 21.43
N HIS C 258 -26.53 82.52 21.26
CA HIS C 258 -27.64 83.45 20.93
C HIS C 258 -28.15 83.39 19.49
N ASN C 259 -27.36 82.84 18.55
CA ASN C 259 -27.81 82.61 17.17
C ASN C 259 -28.40 81.19 16.91
N GLN C 260 -29.37 80.89 17.75
CA GLN C 260 -30.18 79.70 17.75
C GLN C 260 -29.64 78.43 17.16
N PRO C 261 -29.78 78.33 15.77
CA PRO C 261 -29.35 77.06 15.15
C PRO C 261 -28.21 76.26 15.76
N SER C 262 -26.98 76.46 15.28
CA SER C 262 -25.83 75.74 15.79
C SER C 262 -24.74 75.82 14.79
N GLU C 263 -24.33 74.65 14.34
CA GLU C 263 -23.25 74.58 13.32
C GLU C 263 -21.84 74.62 13.91
N PHE C 264 -21.73 74.96 15.18
CA PHE C 264 -20.48 75.03 15.88
C PHE C 264 -20.74 74.37 17.21
N THR C 265 -20.91 73.06 17.14
CA THR C 265 -21.14 72.20 18.29
C THR C 265 -19.82 71.60 18.76
N ILE C 266 -19.83 70.90 19.88
CA ILE C 266 -18.66 70.08 20.29
C ILE C 266 -18.35 69.01 19.25
N GLU C 267 -19.40 68.40 18.71
CA GLU C 267 -19.28 67.39 17.67
C GLU C 267 -18.58 67.90 16.42
N SER C 268 -18.83 69.15 16.04
CA SER C 268 -18.17 69.69 14.84
C SER C 268 -16.71 70.01 15.13
N LEU C 269 -16.41 70.39 16.37
CA LEU C 269 -15.04 70.68 16.77
C LEU C 269 -14.23 69.38 16.77
N GLU C 270 -14.75 68.38 17.47
CA GLU C 270 -14.16 67.05 17.53
C GLU C 270 -13.73 66.59 16.13
N ASN C 271 -14.65 66.65 15.17
CA ASN C 271 -14.35 66.22 13.81
C ASN C 271 -13.48 67.17 13.01
N THR C 272 -13.70 68.47 13.09
CA THR C 272 -12.83 69.41 12.38
C THR C 272 -11.37 69.24 12.82
N ALA C 273 -11.19 68.99 14.12
CA ALA C 273 -9.86 68.79 14.68
C ALA C 273 -9.24 67.51 14.18
N VAL C 274 -9.95 66.40 14.21
CA VAL C 274 -9.39 65.17 13.67
C VAL C 274 -9.23 65.22 12.12
N ASP C 275 -9.99 66.07 11.47
CA ASP C 275 -9.80 66.25 10.04
C ASP C 275 -8.47 66.89 9.85
N LEU C 276 -8.23 68.02 10.50
CA LEU C 276 -6.97 68.74 10.28
C LEU C 276 -5.78 67.88 10.71
N PHE C 277 -5.95 67.19 11.84
CA PHE C 277 -4.89 66.40 12.43
C PHE C 277 -4.42 65.33 11.49
N GLY C 278 -5.33 64.51 11.00
CA GLY C 278 -4.95 63.40 10.15
C GLY C 278 -4.55 63.86 8.78
N ALA C 279 -5.35 64.72 8.18
CA ALA C 279 -5.02 65.27 6.87
C ALA C 279 -3.63 65.90 6.83
N GLY C 280 -3.33 66.78 7.79
CA GLY C 280 -2.05 67.48 7.77
C GLY C 280 -0.83 66.70 8.22
N THR C 281 -1.06 65.66 9.03
CA THR C 281 0.02 64.78 9.46
C THR C 281 0.38 63.80 8.36
N GLU C 282 -0.62 63.16 7.77
CA GLU C 282 -0.36 61.99 6.98
C GLU C 282 0.06 62.33 5.56
N THR C 283 -0.65 63.25 4.96
CA THR C 283 -0.47 63.53 3.53
C THR C 283 0.92 64.16 3.31
N THR C 284 1.35 65.00 4.23
CA THR C 284 2.64 65.69 4.12
C THR C 284 3.79 64.76 4.41
N SER C 285 3.65 63.94 5.46
CA SER C 285 4.68 62.95 5.80
C SER C 285 4.96 61.91 4.72
N THR C 286 3.92 61.48 4.04
CA THR C 286 4.04 60.62 2.88
C THR C 286 4.75 61.35 1.76
N THR C 287 4.35 62.56 1.48
CA THR C 287 5.02 63.33 0.44
C THR C 287 6.54 63.47 0.67
N LEU C 288 6.95 63.58 1.94
CA LEU C 288 8.38 63.71 2.33
C LEU C 288 9.10 62.43 2.14
N ARG C 289 8.53 61.37 2.73
CA ARG C 289 9.02 60.00 2.66
C ARG C 289 9.50 59.45 1.33
N TYR C 290 8.61 59.78 0.41
CA TYR C 290 8.60 59.52 -0.98
C TYR C 290 9.46 60.49 -1.71
N ALA C 291 9.89 61.52 -1.04
CA ALA C 291 10.72 62.50 -1.67
C ALA C 291 12.07 61.94 -1.48
N LEU C 292 12.42 61.80 -0.23
CA LEU C 292 13.76 61.29 0.08
C LEU C 292 14.05 60.13 -0.86
N LEU C 293 13.14 59.16 -0.89
CA LEU C 293 13.29 58.05 -1.80
C LEU C 293 13.63 58.49 -3.23
N LEU C 294 12.91 59.44 -3.80
CA LEU C 294 13.24 59.95 -5.14
C LEU C 294 14.62 60.65 -5.24
N LEU C 295 15.06 61.23 -4.12
CA LEU C 295 16.37 61.80 -4.07
C LEU C 295 17.44 60.70 -4.04
N LEU C 296 17.27 59.67 -3.19
CA LEU C 296 18.14 58.44 -3.23
C LEU C 296 18.31 57.86 -4.65
N LYS C 297 17.21 57.72 -5.35
CA LYS C 297 17.22 57.12 -6.64
C LYS C 297 17.91 58.00 -7.74
N HIS C 298 17.86 59.33 -7.60
CA HIS C 298 18.43 60.24 -8.62
C HIS C 298 19.43 61.17 -7.97
N PRO C 299 20.65 60.68 -7.68
CA PRO C 299 21.54 61.52 -6.87
C PRO C 299 22.17 62.67 -7.67
N GLU C 300 22.12 62.59 -9.01
CA GLU C 300 22.39 63.73 -9.90
C GLU C 300 21.60 65.01 -9.47
N VAL C 301 20.35 64.81 -9.08
CA VAL C 301 19.44 65.88 -8.64
C VAL C 301 19.70 66.24 -7.17
N THR C 302 19.87 65.24 -6.29
CA THR C 302 20.22 65.53 -4.89
C THR C 302 21.45 66.43 -4.84
N ALA C 303 22.50 66.11 -5.60
CA ALA C 303 23.70 66.98 -5.70
C ALA C 303 23.40 68.43 -6.13
N LYS C 304 22.78 68.59 -7.29
CA LYS C 304 22.41 69.89 -7.90
C LYS C 304 21.62 70.79 -6.93
N VAL C 305 20.77 70.18 -6.10
CA VAL C 305 19.87 70.86 -5.15
C VAL C 305 20.74 71.24 -3.97
N GLN C 306 21.65 70.33 -3.63
CA GLN C 306 22.59 70.56 -2.54
C GLN C 306 23.40 71.77 -2.91
N GLU C 307 23.84 71.86 -4.17
CA GLU C 307 24.60 73.02 -4.59
C GLU C 307 23.77 74.26 -4.27
N GLU C 308 22.60 74.40 -4.89
CA GLU C 308 21.78 75.59 -4.69
C GLU C 308 21.65 75.98 -3.23
N ILE C 309 21.48 75.00 -2.36
CA ILE C 309 21.33 75.30 -0.94
C ILE C 309 22.60 75.93 -0.42
N GLU C 310 23.76 75.43 -0.81
CA GLU C 310 25.02 76.02 -0.27
C GLU C 310 25.20 77.43 -0.81
N ARG C 311 24.97 77.63 -2.10
CA ARG C 311 25.13 78.95 -2.73
C ARG C 311 24.19 80.05 -2.18
N VAL C 312 22.91 79.76 -1.98
CA VAL C 312 21.91 80.80 -1.65
C VAL C 312 21.78 80.97 -0.15
N ILE C 313 21.49 79.86 0.52
CA ILE C 313 21.54 79.82 1.98
C ILE C 313 22.99 79.51 2.28
N GLY C 314 23.47 79.85 3.47
CA GLY C 314 24.82 79.46 3.83
C GLY C 314 24.78 78.01 4.25
N ARG C 315 25.46 77.76 5.37
CA ARG C 315 25.18 76.63 6.19
C ARG C 315 25.11 77.22 7.61
N ASN C 316 24.86 78.53 7.73
CA ASN C 316 24.91 79.21 9.04
C ASN C 316 23.55 79.67 9.56
N ARG C 317 22.53 79.53 8.71
CA ARG C 317 21.13 79.77 9.11
C ARG C 317 20.12 78.80 8.50
N SER C 318 18.96 78.68 9.15
CA SER C 318 17.94 77.76 8.69
C SER C 318 17.43 78.31 7.38
N PRO C 319 16.87 77.44 6.54
CA PRO C 319 16.27 78.01 5.33
C PRO C 319 15.01 78.83 5.66
N CYS C 320 14.68 79.79 4.83
CA CYS C 320 13.38 80.47 4.97
C CYS C 320 12.62 80.52 3.64
N MET C 321 11.34 80.83 3.76
CA MET C 321 10.43 80.75 2.63
C MET C 321 10.84 81.70 1.55
N GLN C 322 11.37 82.81 1.98
CA GLN C 322 11.94 83.76 1.06
C GLN C 322 13.00 83.19 0.11
N ASP C 323 13.69 82.12 0.51
CA ASP C 323 14.77 81.54 -0.31
C ASP C 323 14.22 80.76 -1.49
N ARG C 324 12.95 80.36 -1.39
CA ARG C 324 12.31 79.65 -2.47
C ARG C 324 12.26 80.53 -3.72
N SER C 325 12.10 81.84 -3.54
CA SER C 325 12.17 82.75 -4.69
C SER C 325 13.56 82.70 -5.33
N HIS C 326 14.62 82.42 -4.59
CA HIS C 326 15.99 82.37 -5.13
C HIS C 326 16.58 81.00 -5.44
N MET C 327 15.76 79.95 -5.30
CA MET C 327 16.19 78.57 -5.52
C MET C 327 15.24 77.90 -6.53
N PRO C 328 15.37 78.24 -7.82
CA PRO C 328 14.39 77.71 -8.78
C PRO C 328 14.49 76.18 -8.98
N TYR C 329 15.70 75.65 -9.00
CA TYR C 329 15.88 74.23 -9.14
C TYR C 329 15.20 73.56 -7.94
N THR C 330 15.60 73.93 -6.73
CA THR C 330 14.99 73.35 -5.55
C THR C 330 13.47 73.54 -5.52
N ASP C 331 12.94 74.68 -6.01
CA ASP C 331 11.48 74.80 -6.12
C ASP C 331 10.97 73.78 -7.13
N ALA C 332 11.64 73.62 -8.25
CA ALA C 332 11.17 72.66 -9.25
C ALA C 332 11.21 71.22 -8.76
N VAL C 333 12.23 70.85 -8.01
CA VAL C 333 12.28 69.48 -7.55
C VAL C 333 11.10 69.16 -6.65
N VAL C 334 10.81 70.03 -5.70
CA VAL C 334 9.72 69.85 -4.74
C VAL C 334 8.38 69.77 -5.47
N HIS C 335 8.22 70.61 -6.48
CA HIS C 335 7.07 70.52 -7.41
C HIS C 335 7.00 69.17 -8.11
N GLU C 336 8.11 68.74 -8.69
CA GLU C 336 8.16 67.47 -9.40
C GLU C 336 7.84 66.29 -8.50
N VAL C 337 8.35 66.29 -7.29
CA VAL C 337 7.97 65.24 -6.32
C VAL C 337 6.45 65.09 -6.23
N GLN C 338 5.71 66.19 -6.16
CA GLN C 338 4.25 66.13 -6.03
C GLN C 338 3.56 65.79 -7.33
N ARG C 339 4.12 66.21 -8.45
CA ARG C 339 3.52 65.94 -9.76
C ARG C 339 3.69 64.47 -10.16
N TYR C 340 4.87 63.93 -9.87
CA TYR C 340 5.18 62.54 -10.11
C TYR C 340 4.46 61.60 -9.18
N ILE C 341 4.62 61.74 -7.86
CA ILE C 341 4.01 60.77 -6.93
C ILE C 341 2.51 60.74 -7.01
N ASP C 342 1.88 61.87 -7.34
CA ASP C 342 0.45 61.91 -7.61
C ASP C 342 -0.30 61.30 -6.43
N LEU C 343 -0.17 61.94 -5.28
CA LEU C 343 -0.47 61.31 -4.00
C LEU C 343 -1.95 60.91 -3.78
N LEU C 344 -2.86 61.63 -4.43
CA LEU C 344 -4.29 61.42 -4.33
C LEU C 344 -4.78 61.46 -5.76
N PRO C 345 -4.65 60.34 -6.49
CA PRO C 345 -4.90 60.22 -7.92
C PRO C 345 -6.26 60.66 -8.39
N THR C 346 -7.26 60.35 -7.59
CA THR C 346 -8.63 60.76 -7.89
C THR C 346 -9.16 61.76 -6.84
N SER C 347 -8.27 62.60 -6.31
CA SER C 347 -8.59 63.53 -5.24
C SER C 347 -9.33 62.90 -4.05
N LEU C 348 -10.37 63.61 -3.57
CA LEU C 348 -11.38 62.96 -2.77
C LEU C 348 -12.62 63.21 -3.60
N PRO C 349 -13.58 62.26 -3.59
CA PRO C 349 -14.77 62.33 -4.43
C PRO C 349 -15.63 63.59 -4.20
N HIS C 350 -16.09 64.16 -5.31
CA HIS C 350 -16.93 65.33 -5.29
C HIS C 350 -18.35 64.89 -5.64
N ALA C 351 -19.31 65.75 -5.35
CA ALA C 351 -20.69 65.47 -5.61
C ALA C 351 -21.28 66.79 -6.07
N VAL C 352 -22.38 66.71 -6.82
CA VAL C 352 -22.98 67.94 -7.37
C VAL C 352 -24.10 68.42 -6.46
N THR C 353 -24.18 69.74 -6.33
CA THR C 353 -25.03 70.40 -5.33
C THR C 353 -26.47 70.57 -5.80
N CYS C 354 -26.67 70.47 -7.11
CA CYS C 354 -27.96 70.64 -7.77
C CYS C 354 -27.98 69.79 -9.04
N ASP C 355 -29.14 69.71 -9.70
CA ASP C 355 -29.18 69.11 -11.04
C ASP C 355 -28.44 70.11 -11.97
N ILE C 356 -27.49 69.62 -12.76
CA ILE C 356 -26.66 70.51 -13.57
C ILE C 356 -26.49 69.98 -15.01
N LYS C 357 -26.69 70.86 -16.00
CA LYS C 357 -26.39 70.54 -17.39
C LYS C 357 -24.89 70.67 -17.53
N PHE C 358 -24.20 69.61 -17.94
CA PHE C 358 -22.74 69.70 -18.07
C PHE C 358 -22.27 68.88 -19.27
N ARG C 359 -21.63 69.54 -20.25
CA ARG C 359 -21.27 68.93 -21.56
C ARG C 359 -22.51 68.31 -22.26
N ASN C 360 -23.62 69.06 -22.14
CA ASN C 360 -24.98 68.62 -22.53
C ASN C 360 -25.15 67.16 -22.05
N TYR C 361 -25.07 66.95 -20.74
CA TYR C 361 -25.32 65.61 -20.17
C TYR C 361 -26.27 65.57 -18.97
N LEU C 362 -26.49 66.71 -18.36
CA LEU C 362 -27.35 66.74 -17.17
C LEU C 362 -27.21 65.69 -16.08
N ILE C 363 -26.30 65.95 -15.16
CA ILE C 363 -26.04 65.11 -14.02
C ILE C 363 -27.01 65.51 -12.93
N PRO C 364 -27.59 64.52 -12.28
CA PRO C 364 -28.56 64.72 -11.20
C PRO C 364 -27.95 65.14 -9.88
N LYS C 365 -28.64 66.02 -9.15
CA LYS C 365 -28.24 66.41 -7.79
C LYS C 365 -27.86 65.20 -6.94
N GLY C 366 -26.71 65.31 -6.28
CA GLY C 366 -26.21 64.33 -5.34
C GLY C 366 -25.28 63.33 -5.95
N THR C 367 -24.99 63.46 -7.23
CA THR C 367 -24.24 62.42 -7.94
C THR C 367 -22.76 62.56 -7.62
N THR C 368 -22.13 61.45 -7.24
CA THR C 368 -20.70 61.46 -6.98
C THR C 368 -19.92 61.82 -8.25
N ILE C 369 -18.90 62.66 -8.11
CA ILE C 369 -17.98 62.96 -9.19
C ILE C 369 -16.57 62.53 -8.81
N LEU C 370 -15.88 61.76 -9.67
CA LEU C 370 -14.44 61.60 -9.54
C LEU C 370 -13.70 62.54 -10.45
N ILE C 371 -12.65 63.14 -9.92
CA ILE C 371 -11.77 64.01 -10.66
C ILE C 371 -10.52 63.21 -10.81
N SER C 372 -10.09 62.91 -12.02
CA SER C 372 -8.76 62.35 -12.11
C SER C 372 -7.72 63.49 -12.00
N LEU C 373 -7.09 63.64 -10.83
CA LEU C 373 -5.95 64.53 -10.73
C LEU C 373 -4.78 63.96 -11.50
N THR C 374 -4.65 62.64 -11.52
CA THR C 374 -3.62 62.00 -12.32
C THR C 374 -3.64 62.43 -13.76
N SER C 375 -4.83 62.56 -14.32
CA SER C 375 -4.96 62.97 -15.72
C SER C 375 -4.38 64.34 -15.99
N VAL C 376 -4.47 65.21 -15.00
CA VAL C 376 -3.85 66.55 -15.08
C VAL C 376 -2.35 66.54 -14.70
N LEU C 377 -2.00 66.11 -13.52
CA LEU C 377 -0.59 66.06 -13.15
C LEU C 377 0.28 65.29 -14.14
N HIS C 378 -0.30 64.34 -14.88
CA HIS C 378 0.49 63.51 -15.83
C HIS C 378 0.13 63.77 -17.28
N ASP C 379 -0.50 64.92 -17.56
CA ASP C 379 -0.80 65.34 -18.95
C ASP C 379 0.49 65.41 -19.77
N ASN C 380 0.41 64.92 -21.01
CA ASN C 380 1.65 64.64 -21.80
C ASN C 380 2.08 65.79 -22.70
N LYS C 381 1.12 66.64 -23.09
CA LYS C 381 1.41 67.83 -23.87
C LYS C 381 2.13 68.76 -22.89
N GLU C 382 1.49 69.02 -21.75
CA GLU C 382 2.10 69.85 -20.70
C GLU C 382 3.36 69.25 -20.07
N PHE C 383 3.38 67.94 -19.86
CA PHE C 383 4.52 67.31 -19.21
C PHE C 383 5.11 66.13 -19.96
N PRO C 384 5.80 66.42 -21.04
CA PRO C 384 6.41 65.38 -21.85
C PRO C 384 6.95 64.32 -20.92
N ASN C 385 6.94 63.06 -21.32
CA ASN C 385 7.45 61.98 -20.49
C ASN C 385 7.11 62.09 -19.00
N PRO C 386 5.81 62.15 -18.75
CA PRO C 386 5.19 62.29 -17.43
C PRO C 386 5.54 61.22 -16.44
N GLU C 387 5.79 60.01 -16.92
CA GLU C 387 6.16 58.93 -16.01
C GLU C 387 7.61 59.01 -15.55
N MET C 388 8.41 59.90 -16.15
CA MET C 388 9.75 60.17 -15.62
C MET C 388 9.77 61.32 -14.59
N PHE C 389 10.65 61.18 -13.60
CA PHE C 389 10.89 62.21 -12.59
C PHE C 389 11.97 63.18 -13.09
N ASP C 390 11.54 64.24 -13.76
CA ASP C 390 12.43 65.23 -14.36
C ASP C 390 12.07 66.62 -13.82
N PRO C 391 12.97 67.24 -13.04
CA PRO C 391 12.63 68.59 -12.56
C PRO C 391 12.51 69.66 -13.65
N HIS C 392 13.03 69.40 -14.84
CA HIS C 392 12.91 70.37 -15.94
C HIS C 392 11.49 70.54 -16.44
N HIS C 393 10.58 69.78 -15.84
CA HIS C 393 9.16 69.95 -16.13
C HIS C 393 8.81 71.34 -15.58
N PHE C 394 9.43 71.73 -14.46
CA PHE C 394 9.19 73.05 -13.88
C PHE C 394 10.35 74.04 -14.08
N LEU C 395 11.14 73.87 -15.14
CA LEU C 395 12.16 74.85 -15.55
C LEU C 395 11.98 75.20 -17.02
N ASP C 396 12.06 76.50 -17.33
CA ASP C 396 12.10 77.01 -18.72
C ASP C 396 13.45 76.70 -19.36
N GLU C 397 13.62 77.08 -20.63
CA GLU C 397 14.89 76.89 -21.37
C GLU C 397 16.13 77.39 -20.60
N GLY C 398 16.02 78.58 -20.00
CA GLY C 398 17.07 79.18 -19.17
C GLY C 398 17.21 78.81 -17.68
N GLY C 399 16.56 77.74 -17.22
CA GLY C 399 16.72 77.26 -15.84
C GLY C 399 16.06 78.08 -14.73
N ASN C 400 15.00 78.82 -15.05
CA ASN C 400 14.16 79.50 -14.04
C ASN C 400 12.80 78.84 -13.89
N PHE C 401 12.14 79.04 -12.75
CA PHE C 401 10.94 78.28 -12.42
C PHE C 401 9.80 78.55 -13.39
N LYS C 402 9.08 77.49 -13.78
CA LYS C 402 7.98 77.58 -14.75
C LYS C 402 6.65 77.12 -14.15
N LYS C 403 5.91 78.07 -13.57
CA LYS C 403 4.55 77.78 -13.04
C LYS C 403 3.81 77.07 -14.14
N SER C 404 2.91 76.14 -13.76
CA SER C 404 2.03 75.42 -14.71
C SER C 404 0.63 75.29 -14.16
N LYS C 405 -0.38 75.66 -14.94
CA LYS C 405 -1.77 75.55 -14.48
C LYS C 405 -2.24 74.10 -14.31
N TYR C 406 -1.44 73.15 -14.77
CA TYR C 406 -1.67 71.72 -14.56
C TYR C 406 -1.23 71.27 -13.17
N PHE C 407 -0.38 72.03 -12.49
CA PHE C 407 0.10 71.63 -11.17
C PHE C 407 -0.98 71.85 -10.12
N MET C 408 -1.89 70.88 -10.01
CA MET C 408 -2.93 70.96 -9.01
C MET C 408 -3.02 69.69 -8.16
N PRO C 409 -1.94 69.36 -7.46
CA PRO C 409 -1.96 68.23 -6.57
C PRO C 409 -2.80 68.44 -5.31
N PHE C 410 -3.19 69.68 -5.04
CA PHE C 410 -4.10 70.00 -3.91
C PHE C 410 -5.53 70.18 -4.40
N SER C 411 -5.79 69.72 -5.62
CA SER C 411 -7.12 69.91 -6.26
C SER C 411 -7.33 71.41 -6.51
N ALA C 412 -8.52 71.78 -6.99
CA ALA C 412 -8.85 73.16 -7.25
C ALA C 412 -10.31 73.41 -6.95
N GLY C 413 -10.74 74.66 -7.12
CA GLY C 413 -12.13 74.99 -6.91
C GLY C 413 -12.43 75.25 -5.46
N LYS C 414 -13.71 75.18 -5.15
CA LYS C 414 -14.18 75.64 -3.86
C LYS C 414 -13.78 74.69 -2.72
N ARG C 415 -13.43 73.45 -3.05
CA ARG C 415 -12.93 72.48 -2.07
C ARG C 415 -11.41 72.32 -2.05
N ILE C 416 -10.69 73.17 -2.74
CA ILE C 416 -9.22 73.14 -2.73
C ILE C 416 -8.65 72.97 -1.32
N CYS C 417 -7.52 72.28 -1.22
CA CYS C 417 -6.85 72.02 0.05
C CYS C 417 -6.68 73.22 0.97
N VAL C 418 -7.39 73.17 2.10
CA VAL C 418 -7.34 74.19 3.14
C VAL C 418 -5.94 74.53 3.60
N GLY C 419 -5.08 73.52 3.69
CA GLY C 419 -3.69 73.70 4.10
C GLY C 419 -2.63 73.66 3.00
N GLU C 420 -2.98 74.13 1.80
CA GLU C 420 -2.05 74.21 0.68
C GLU C 420 -0.80 74.98 1.01
N ALA C 421 -1.00 76.18 1.53
CA ALA C 421 0.13 77.04 1.87
C ALA C 421 0.98 76.47 3.00
N LEU C 422 0.33 75.87 3.99
CA LEU C 422 1.06 75.27 5.09
C LEU C 422 1.89 74.12 4.60
N ALA C 423 1.31 73.30 3.72
CA ALA C 423 1.99 72.13 3.19
C ALA C 423 3.18 72.51 2.34
N GLY C 424 3.01 73.51 1.49
CA GLY C 424 4.06 73.94 0.57
C GLY C 424 5.28 74.45 1.31
N MET C 425 5.02 75.10 2.46
CA MET C 425 6.05 75.50 3.42
C MET C 425 6.71 74.28 4.01
N GLU C 426 5.93 73.40 4.65
CA GLU C 426 6.44 72.20 5.34
C GLU C 426 7.34 71.40 4.40
N LEU C 427 6.91 71.23 3.15
CA LEU C 427 7.74 70.51 2.16
C LEU C 427 9.08 71.21 1.94
N PHE C 428 9.04 72.42 1.41
CA PHE C 428 10.24 73.18 1.08
C PHE C 428 11.28 73.39 2.20
N LEU C 429 10.82 73.64 3.43
CA LEU C 429 11.74 73.88 4.56
C LEU C 429 12.28 72.58 5.12
N PHE C 430 11.41 71.62 5.45
CA PHE C 430 11.87 70.30 5.91
C PHE C 430 12.88 69.68 4.93
N LEU C 431 12.61 69.73 3.63
CA LEU C 431 13.53 69.14 2.66
C LEU C 431 14.86 69.82 2.55
N THR C 432 14.86 71.15 2.40
CA THR C 432 16.11 71.90 2.30
C THR C 432 16.84 71.87 3.61
N SER C 433 16.13 71.89 4.72
CA SER C 433 16.79 71.67 6.03
C SER C 433 17.51 70.32 6.13
N ILE C 434 16.90 69.26 5.60
CA ILE C 434 17.49 67.92 5.60
C ILE C 434 18.72 67.93 4.71
N LEU C 435 18.55 68.40 3.49
CA LEU C 435 19.70 68.45 2.56
C LEU C 435 20.77 69.51 2.79
N GLN C 436 20.60 70.46 3.70
CA GLN C 436 21.70 71.38 3.97
C GLN C 436 22.62 70.77 4.99
N ASN C 437 22.08 70.03 5.95
CA ASN C 437 22.91 69.40 7.01
C ASN C 437 23.37 67.96 6.82
N PHE C 438 22.82 67.23 5.85
CA PHE C 438 23.02 65.78 5.73
C PHE C 438 23.14 65.33 4.29
N ASN C 439 24.05 64.38 4.08
CA ASN C 439 24.05 63.61 2.86
C ASN C 439 23.24 62.35 3.10
N LEU C 440 22.57 61.96 2.02
CA LEU C 440 21.63 60.86 2.01
C LEU C 440 22.29 59.66 1.37
N LYS C 441 22.52 58.59 2.14
CA LYS C 441 23.01 57.35 1.53
C LYS C 441 22.05 56.19 1.69
N SER C 442 21.70 55.64 0.51
CA SER C 442 20.82 54.46 0.34
C SER C 442 21.53 53.25 0.88
N LEU C 443 20.79 52.27 1.41
CA LEU C 443 21.39 51.04 1.88
C LEU C 443 21.24 49.91 0.82
N VAL C 444 20.85 50.27 -0.40
CA VAL C 444 20.68 49.29 -1.46
C VAL C 444 20.97 50.04 -2.74
N ASP C 445 21.66 49.43 -3.69
CA ASP C 445 22.11 50.17 -4.85
C ASP C 445 20.93 50.87 -5.50
N PRO C 446 21.02 52.20 -5.67
CA PRO C 446 19.97 52.95 -6.34
C PRO C 446 19.41 52.39 -7.66
N LYS C 447 20.16 51.54 -8.39
CA LYS C 447 19.58 50.86 -9.57
C LYS C 447 18.50 49.86 -9.12
N ASN C 448 18.74 49.19 -7.99
CA ASN C 448 17.81 48.17 -7.45
C ASN C 448 16.51 48.76 -6.86
N LEU C 449 16.58 49.51 -5.76
CA LEU C 449 15.34 50.02 -5.11
C LEU C 449 14.48 50.89 -6.05
N ASP C 450 13.17 50.90 -5.82
CA ASP C 450 12.24 51.45 -6.84
C ASP C 450 11.19 52.42 -6.29
N THR C 451 10.68 53.26 -7.18
CA THR C 451 9.61 54.24 -6.86
C THR C 451 8.27 53.53 -6.65
N THR C 452 7.70 53.02 -7.73
CA THR C 452 6.41 52.33 -7.77
C THR C 452 5.73 52.09 -6.42
N PRO C 453 4.52 52.62 -6.29
CA PRO C 453 3.74 52.40 -5.05
C PRO C 453 3.33 50.97 -4.67
N VAL C 454 3.37 50.71 -3.37
CA VAL C 454 2.82 49.50 -2.78
C VAL C 454 1.32 49.29 -3.09
N VAL C 455 0.50 50.34 -2.95
CA VAL C 455 -0.96 50.30 -3.26
C VAL C 455 -1.44 51.72 -3.56
N ASN C 456 -2.56 51.89 -4.27
CA ASN C 456 -3.01 53.25 -4.68
C ASN C 456 -4.53 53.55 -4.86
N GLY C 457 -5.37 52.83 -4.11
CA GLY C 457 -6.81 53.09 -4.10
C GLY C 457 -7.15 54.54 -3.78
N PHE C 458 -6.81 54.99 -2.58
CA PHE C 458 -7.01 56.35 -2.15
C PHE C 458 -5.78 57.08 -2.57
N ALA C 459 -4.65 56.66 -2.02
CA ALA C 459 -3.44 57.41 -2.09
C ALA C 459 -2.31 56.50 -2.47
N SER C 460 -1.22 57.09 -2.93
CA SER C 460 -0.07 56.35 -3.43
C SER C 460 0.86 55.99 -2.31
N VAL C 461 0.55 54.95 -1.55
CA VAL C 461 1.47 54.51 -0.46
C VAL C 461 2.85 54.10 -0.96
N PRO C 462 3.94 54.57 -0.38
CA PRO C 462 5.27 54.27 -0.88
C PRO C 462 5.96 53.05 -0.32
N PRO C 463 6.91 52.53 -1.07
CA PRO C 463 7.71 51.35 -0.69
C PRO C 463 8.46 51.49 0.58
N PHE C 464 8.93 50.35 1.12
CA PHE C 464 9.97 50.33 2.17
C PHE C 464 11.34 50.65 1.59
N TYR C 465 12.06 51.49 2.31
CA TYR C 465 13.47 51.76 2.04
C TYR C 465 14.05 52.17 3.37
N GLN C 466 15.37 52.12 3.44
CA GLN C 466 16.09 52.75 4.53
C GLN C 466 17.18 53.54 3.89
N LEU C 467 17.76 54.39 4.71
CA LEU C 467 18.83 55.25 4.23
C LEU C 467 19.33 55.97 5.46
N CYS C 468 20.62 56.22 5.49
CA CYS C 468 21.12 57.01 6.62
C CYS C 468 21.53 58.40 6.17
N PHE C 469 21.58 59.26 7.18
CA PHE C 469 21.78 60.67 7.05
C PHE C 469 23.20 60.96 7.49
N ILE C 470 24.08 61.18 6.53
CA ILE C 470 25.49 61.31 6.88
C ILE C 470 25.75 62.80 7.04
N PRO C 471 26.15 63.26 8.20
CA PRO C 471 26.33 64.69 8.39
C PRO C 471 27.34 65.33 7.47
N ILE C 472 26.96 66.42 6.81
CA ILE C 472 27.94 67.12 5.93
C ILE C 472 28.91 67.82 6.90
N HIS C 473 30.22 67.70 6.68
CA HIS C 473 31.23 68.07 7.69
C HIS C 473 31.45 69.59 7.67
N LYS D 10 23.66 -37.68 28.35
CA LYS D 10 22.64 -38.38 29.11
C LYS D 10 21.88 -39.41 28.27
N LEU D 11 22.52 -39.93 27.22
CA LEU D 11 21.93 -40.95 26.32
C LEU D 11 21.68 -42.19 27.18
N PRO D 12 20.58 -42.96 27.01
CA PRO D 12 20.37 -44.10 27.88
C PRO D 12 21.60 -45.01 28.09
N PRO D 13 21.56 -45.87 29.11
CA PRO D 13 22.69 -46.75 29.32
C PRO D 13 22.83 -47.71 28.16
N GLY D 14 23.90 -48.48 28.15
CA GLY D 14 24.09 -49.50 27.14
C GLY D 14 25.47 -50.11 27.20
N PRO D 15 25.69 -51.21 26.47
CA PRO D 15 27.03 -51.78 26.40
C PRO D 15 27.99 -50.82 25.74
N THR D 16 29.21 -50.81 26.25
CA THR D 16 30.19 -49.83 25.83
C THR D 16 30.81 -50.24 24.47
N PRO D 17 30.66 -49.36 23.48
CA PRO D 17 31.06 -49.73 22.12
C PRO D 17 32.54 -49.80 21.96
N LEU D 18 33.07 -50.81 21.25
CA LEU D 18 34.49 -50.76 20.81
C LEU D 18 34.59 -49.75 19.66
N PRO D 19 35.81 -49.26 19.39
CA PRO D 19 35.83 -47.92 18.81
C PRO D 19 35.58 -47.76 17.32
N VAL D 20 35.65 -48.83 16.53
CA VAL D 20 35.25 -48.72 15.10
C VAL D 20 34.02 -49.60 14.80
N ILE D 21 34.19 -50.88 15.09
CA ILE D 21 33.13 -51.88 15.05
C ILE D 21 31.84 -51.62 15.87
N GLY D 22 31.86 -50.68 16.82
CA GLY D 22 30.71 -50.43 17.69
C GLY D 22 30.35 -51.65 18.53
N ASN D 23 29.07 -51.83 18.81
CA ASN D 23 28.63 -52.98 19.58
C ASN D 23 28.27 -54.18 18.70
N ILE D 24 29.06 -54.44 17.65
CA ILE D 24 28.77 -55.59 16.79
C ILE D 24 29.11 -56.94 17.42
N LEU D 25 29.96 -56.96 18.43
CA LEU D 25 30.25 -58.24 19.08
C LEU D 25 29.18 -58.71 20.08
N GLN D 26 28.36 -57.81 20.63
CA GLN D 26 27.27 -58.17 21.57
C GLN D 26 25.88 -58.25 20.89
N ILE D 27 25.69 -57.53 19.79
CA ILE D 27 24.48 -57.68 19.00
C ILE D 27 24.64 -58.81 18.02
N GLY D 28 25.83 -58.96 17.43
CA GLY D 28 26.06 -59.92 16.35
C GLY D 28 25.36 -59.51 15.05
N ILE D 29 25.27 -60.48 14.13
CA ILE D 29 24.62 -60.27 12.81
C ILE D 29 23.56 -61.28 12.37
N LYS D 30 23.59 -62.50 12.89
CA LYS D 30 22.59 -63.50 12.50
C LYS D 30 21.19 -63.27 13.08
N ASP D 31 21.05 -62.61 14.24
CA ASP D 31 19.70 -62.52 14.83
C ASP D 31 19.48 -61.33 15.76
N ILE D 32 19.19 -60.19 15.19
CA ILE D 32 19.18 -58.96 15.96
C ILE D 32 18.07 -58.96 17.03
N SER D 33 16.88 -59.42 16.69
CA SER D 33 15.77 -59.31 17.62
C SER D 33 15.99 -60.12 18.91
N LYS D 34 16.69 -61.25 18.80
CA LYS D 34 17.02 -62.08 19.97
C LYS D 34 18.01 -61.38 20.87
N SER D 35 19.02 -60.76 20.28
CA SER D 35 20.06 -60.01 20.98
C SER D 35 19.50 -58.83 21.70
N LEU D 36 18.60 -58.12 21.04
CA LEU D 36 17.96 -56.98 21.68
C LEU D 36 17.19 -57.44 22.91
N THR D 37 16.58 -58.62 22.84
CA THR D 37 15.83 -59.17 23.98
C THR D 37 16.78 -59.45 25.14
N ASN D 38 17.94 -60.04 24.85
CA ASN D 38 18.97 -60.35 25.85
C ASN D 38 19.60 -59.15 26.52
N LEU D 39 19.92 -58.16 25.69
CA LEU D 39 20.47 -56.94 26.18
C LEU D 39 19.49 -56.22 27.06
N SER D 40 18.19 -56.26 26.76
CA SER D 40 17.18 -55.60 27.60
C SER D 40 17.09 -56.26 28.97
N LYS D 41 17.43 -57.55 29.06
CA LYS D 41 17.46 -58.26 30.34
C LYS D 41 18.60 -57.84 31.28
N VAL D 42 19.37 -56.81 30.90
CA VAL D 42 20.44 -56.28 31.74
C VAL D 42 20.50 -54.73 31.73
N TYR D 43 20.32 -54.10 30.57
CA TYR D 43 20.26 -52.63 30.50
C TYR D 43 18.85 -52.08 30.68
N GLY D 44 17.85 -52.96 30.54
CA GLY D 44 16.43 -52.62 30.76
C GLY D 44 15.54 -52.30 29.53
N PRO D 45 14.42 -51.59 29.76
CA PRO D 45 13.52 -51.19 28.70
C PRO D 45 14.08 -50.25 27.65
N VAL D 46 15.03 -49.42 28.01
CA VAL D 46 15.51 -48.38 27.09
C VAL D 46 17.01 -48.21 27.16
N PHE D 47 17.69 -48.56 26.09
CA PHE D 47 19.12 -48.53 26.07
C PHE D 47 19.68 -48.21 24.71
N THR D 48 21.02 -48.08 24.64
CA THR D 48 21.71 -47.53 23.48
C THR D 48 22.71 -48.49 22.92
N LEU D 49 22.61 -48.80 21.64
CA LEU D 49 23.59 -49.59 20.92
C LEU D 49 24.26 -48.70 19.94
N TYR D 50 25.40 -49.16 19.44
CA TYR D 50 26.15 -48.44 18.42
C TYR D 50 26.30 -49.36 17.25
N PHE D 51 25.67 -48.94 16.16
CA PHE D 51 25.85 -49.57 14.86
C PHE D 51 26.97 -48.74 14.24
N GLY D 52 28.18 -49.32 14.26
CA GLY D 52 29.43 -48.58 14.09
C GLY D 52 29.50 -47.32 14.95
N LEU D 53 29.42 -46.18 14.31
CA LEU D 53 29.51 -44.89 15.00
C LEU D 53 28.11 -44.33 15.26
N LYS D 54 27.07 -45.01 14.77
CA LYS D 54 25.70 -44.54 14.94
C LYS D 54 25.12 -45.02 16.29
N PRO D 55 24.68 -44.07 17.16
CA PRO D 55 23.88 -44.45 18.32
C PRO D 55 22.41 -44.67 17.93
N ILE D 56 21.80 -45.65 18.58
CA ILE D 56 20.47 -46.08 18.31
C ILE D 56 19.86 -46.34 19.68
N VAL D 57 18.83 -45.61 20.03
CA VAL D 57 18.11 -45.95 21.25
C VAL D 57 17.21 -47.13 20.87
N VAL D 58 16.96 -48.03 21.81
CA VAL D 58 16.13 -49.22 21.60
C VAL D 58 15.01 -49.14 22.62
N LEU D 59 13.78 -49.47 22.24
CA LEU D 59 12.66 -49.46 23.17
C LEU D 59 12.08 -50.84 23.29
N HIS D 60 11.82 -51.33 24.49
CA HIS D 60 11.44 -52.77 24.63
C HIS D 60 10.01 -53.08 25.11
N GLY D 61 9.64 -52.79 26.34
CA GLY D 61 8.27 -53.26 26.73
C GLY D 61 7.12 -52.60 25.98
N TYR D 62 5.94 -53.21 25.96
CA TYR D 62 4.72 -52.44 25.61
C TYR D 62 4.78 -51.06 26.28
N GLU D 63 5.07 -51.03 27.59
CA GLU D 63 5.02 -49.77 28.33
C GLU D 63 5.96 -48.74 27.72
N ALA D 64 7.16 -49.15 27.34
CA ALA D 64 8.17 -48.25 26.77
C ALA D 64 7.82 -47.78 25.37
N VAL D 65 7.32 -48.73 24.57
CA VAL D 65 6.91 -48.51 23.18
C VAL D 65 5.66 -47.65 23.02
N LYS D 66 4.64 -47.91 23.83
CA LYS D 66 3.43 -47.05 23.85
C LYS D 66 3.80 -45.60 24.20
N GLU D 67 4.54 -45.47 25.29
CA GLU D 67 4.96 -44.19 25.82
C GLU D 67 5.70 -43.37 24.78
N ALA D 68 6.47 -44.03 23.94
CA ALA D 68 7.22 -43.31 22.88
C ALA D 68 6.37 -43.01 21.63
N LEU D 69 5.52 -43.95 21.22
CA LEU D 69 4.86 -43.87 19.91
C LEU D 69 3.45 -43.31 19.96
N ILE D 70 2.72 -43.64 21.02
CA ILE D 70 1.40 -43.06 21.23
C ILE D 70 1.50 -41.74 22.01
N ASP D 71 2.19 -41.72 23.16
CA ASP D 71 2.19 -40.52 24.04
C ASP D 71 3.11 -39.39 23.56
N LEU D 72 4.34 -39.70 23.17
CA LEU D 72 5.19 -38.66 22.54
C LEU D 72 5.19 -38.79 21.00
N GLY D 73 4.02 -39.16 20.45
CA GLY D 73 3.91 -39.58 19.08
C GLY D 73 4.54 -38.66 18.04
N GLU D 74 4.36 -37.35 18.19
CA GLU D 74 4.94 -36.41 17.23
C GLU D 74 6.49 -36.38 17.32
N GLU D 75 7.03 -36.55 18.52
CA GLU D 75 8.48 -36.47 18.69
C GLU D 75 9.20 -37.76 18.23
N PHE D 76 8.45 -38.86 18.15
CA PHE D 76 8.94 -40.11 17.61
C PHE D 76 8.43 -40.44 16.21
N SER D 77 7.82 -39.49 15.51
CA SER D 77 7.24 -39.77 14.22
C SER D 77 8.24 -39.56 13.09
N GLY D 78 9.53 -39.52 13.40
CA GLY D 78 10.52 -39.35 12.33
C GLY D 78 10.79 -40.72 11.78
N ARG D 79 11.35 -40.81 10.56
CA ARG D 79 11.83 -42.07 10.00
C ARG D 79 13.32 -42.07 10.02
N GLY D 80 13.87 -43.06 10.72
CA GLY D 80 15.31 -43.32 10.74
C GLY D 80 15.76 -43.86 9.41
N ILE D 81 16.75 -43.20 8.82
CA ILE D 81 17.29 -43.62 7.54
C ILE D 81 18.51 -44.47 7.79
N PHE D 82 18.39 -45.78 7.73
CA PHE D 82 19.58 -46.63 7.55
C PHE D 82 20.16 -46.37 6.12
N PRO D 83 21.46 -46.67 5.91
CA PRO D 83 22.18 -46.05 4.78
C PRO D 83 21.89 -46.67 3.39
N LEU D 84 21.60 -47.98 3.33
CA LEU D 84 21.12 -48.60 2.09
C LEU D 84 19.93 -47.89 1.46
N ALA D 85 19.02 -47.39 2.31
CA ALA D 85 17.90 -46.57 1.86
C ALA D 85 18.33 -45.22 1.28
N GLU D 86 19.36 -44.59 1.89
CA GLU D 86 19.91 -43.31 1.37
C GLU D 86 20.40 -43.47 -0.09
N ARG D 87 21.09 -44.56 -0.41
CA ARG D 87 21.60 -44.79 -1.78
C ARG D 87 20.52 -45.27 -2.78
N ALA D 88 19.55 -46.05 -2.31
CA ALA D 88 18.37 -46.44 -3.14
C ALA D 88 17.65 -45.18 -3.67
N ASN D 89 17.79 -44.07 -2.93
CA ASN D 89 17.35 -42.73 -3.33
C ASN D 89 15.83 -42.56 -3.14
N ARG D 90 15.39 -43.02 -1.98
CA ARG D 90 13.98 -43.25 -1.72
C ARG D 90 13.39 -42.16 -0.83
N GLY D 91 14.10 -41.03 -0.69
CA GLY D 91 13.72 -39.94 0.22
C GLY D 91 12.33 -39.33 0.08
N PHE D 92 11.72 -39.49 -1.06
CA PHE D 92 10.41 -38.92 -1.25
C PHE D 92 9.35 -39.96 -1.07
N GLY D 93 8.13 -39.52 -0.88
CA GLY D 93 7.05 -40.45 -0.72
C GLY D 93 7.01 -41.41 0.43
N ILE D 94 6.09 -41.09 1.34
CA ILE D 94 5.77 -41.87 2.53
C ILE D 94 6.82 -42.61 3.34
N VAL D 95 7.10 -43.87 2.96
CA VAL D 95 8.01 -44.68 3.76
C VAL D 95 9.24 -44.02 4.29
N PHE D 96 10.08 -43.49 3.41
CA PHE D 96 11.34 -42.88 3.83
C PHE D 96 11.33 -41.37 3.91
N SER D 97 10.20 -40.76 3.58
CA SER D 97 9.93 -39.32 3.73
C SER D 97 10.02 -38.88 5.16
N ASN D 98 10.37 -37.61 5.34
CA ASN D 98 10.41 -37.02 6.68
C ASN D 98 9.81 -35.65 6.76
N GLY D 99 9.30 -35.32 7.94
CA GLY D 99 8.86 -33.97 8.23
C GLY D 99 7.63 -33.47 7.50
N LYS D 100 7.78 -32.35 6.76
CA LYS D 100 6.66 -31.69 6.07
C LYS D 100 6.19 -32.52 4.89
N LYS D 101 7.12 -33.04 4.10
CA LYS D 101 6.76 -33.81 2.91
C LYS D 101 6.03 -35.11 3.33
N TRP D 102 6.62 -35.82 4.29
CA TRP D 102 5.94 -36.92 4.92
C TRP D 102 4.43 -36.67 5.21
N LYS D 103 4.15 -35.77 6.16
CA LYS D 103 2.77 -35.49 6.62
C LYS D 103 1.78 -35.04 5.53
N GLU D 104 2.30 -34.31 4.56
CA GLU D 104 1.42 -33.84 3.47
C GLU D 104 1.07 -35.04 2.60
N ILE D 105 2.08 -35.79 2.17
CA ILE D 105 1.86 -36.92 1.26
C ILE D 105 1.17 -38.10 1.95
N ARG D 106 1.49 -38.33 3.21
CA ARG D 106 0.82 -39.38 3.91
C ARG D 106 -0.65 -39.04 4.05
N ARG D 107 -1.00 -37.80 4.40
CA ARG D 107 -2.43 -37.42 4.55
C ARG D 107 -3.18 -37.59 3.25
N PHE D 108 -2.55 -37.17 2.15
CA PHE D 108 -3.11 -37.28 0.82
C PHE D 108 -3.37 -38.75 0.52
N SER D 109 -2.28 -39.53 0.49
CA SER D 109 -2.32 -40.97 0.24
C SER D 109 -3.31 -41.74 1.11
N LEU D 110 -3.47 -41.33 2.37
CA LEU D 110 -4.52 -41.89 3.22
C LEU D 110 -5.95 -41.54 2.78
N MET D 111 -6.23 -40.26 2.46
CA MET D 111 -7.58 -39.84 2.00
C MET D 111 -7.88 -40.53 0.68
N THR D 112 -6.92 -40.44 -0.26
CA THR D 112 -7.02 -41.07 -1.59
C THR D 112 -7.29 -42.58 -1.52
N LEU D 113 -6.77 -43.27 -0.51
CA LEU D 113 -7.11 -44.67 -0.27
C LEU D 113 -8.45 -44.85 0.44
N ARG D 114 -8.89 -43.85 1.19
CA ARG D 114 -10.16 -43.96 1.92
C ARG D 114 -11.29 -44.27 0.94
N ASN D 115 -11.11 -43.95 -0.35
CA ASN D 115 -12.15 -44.16 -1.36
C ASN D 115 -11.59 -44.51 -2.75
N PHE D 116 -12.43 -45.24 -3.50
CA PHE D 116 -12.16 -45.80 -4.84
C PHE D 116 -13.23 -45.34 -5.84
N GLY D 117 -14.30 -44.70 -5.35
CA GLY D 117 -15.41 -44.18 -6.14
C GLY D 117 -16.32 -45.19 -6.81
N ARG D 121 -16.01 -51.54 -7.73
CA ARG D 121 -16.10 -50.12 -7.49
C ARG D 121 -15.86 -49.66 -6.00
N SER D 122 -15.94 -50.60 -5.04
CA SER D 122 -15.37 -50.42 -3.68
C SER D 122 -14.13 -51.33 -3.51
N ILE D 123 -13.22 -50.93 -2.63
CA ILE D 123 -12.03 -51.72 -2.33
C ILE D 123 -12.39 -53.18 -1.94
N GLU D 124 -13.50 -53.39 -1.23
CA GLU D 124 -13.90 -54.74 -0.85
C GLU D 124 -14.25 -55.60 -2.07
N ASP D 125 -14.79 -55.05 -3.17
CA ASP D 125 -15.04 -55.91 -4.33
C ASP D 125 -13.75 -56.10 -5.09
N CYS D 126 -12.86 -55.11 -5.05
CA CYS D 126 -11.55 -55.28 -5.68
C CYS D 126 -10.84 -56.50 -5.08
N VAL D 127 -10.85 -56.60 -3.76
CA VAL D 127 -10.30 -57.76 -3.08
C VAL D 127 -11.09 -58.99 -3.44
N GLN D 128 -12.35 -59.01 -3.05
CA GLN D 128 -13.25 -60.15 -3.25
C GLN D 128 -13.06 -60.81 -4.60
N GLU D 129 -13.17 -60.00 -5.64
CA GLU D 129 -13.03 -60.51 -7.01
C GLU D 129 -11.66 -61.12 -7.23
N GLU D 130 -10.61 -60.45 -6.76
CA GLU D 130 -9.26 -61.03 -6.76
C GLU D 130 -9.11 -62.38 -6.00
N ALA D 131 -9.90 -62.57 -4.94
CA ALA D 131 -9.96 -63.86 -4.25
C ALA D 131 -10.61 -64.96 -5.09
N ARG D 132 -11.52 -64.60 -6.00
CA ARG D 132 -12.09 -65.57 -6.93
C ARG D 132 -11.07 -66.01 -7.98
N CYS D 133 -10.24 -65.10 -8.49
CA CYS D 133 -9.15 -65.44 -9.42
C CYS D 133 -8.02 -66.22 -8.80
N LEU D 134 -7.77 -65.97 -7.52
CA LEU D 134 -6.78 -66.73 -6.78
C LEU D 134 -7.25 -68.17 -6.66
N VAL D 135 -8.52 -68.34 -6.30
CA VAL D 135 -9.14 -69.67 -6.15
C VAL D 135 -9.11 -70.39 -7.50
N GLU D 136 -9.30 -69.64 -8.58
CA GLU D 136 -9.24 -70.20 -9.90
C GLU D 136 -7.84 -70.72 -10.23
N GLU D 137 -6.79 -70.00 -9.86
CA GLU D 137 -5.42 -70.43 -10.20
C GLU D 137 -4.95 -71.57 -9.32
N LEU D 138 -5.51 -71.70 -8.14
CA LEU D 138 -5.33 -72.88 -7.31
C LEU D 138 -6.03 -74.11 -7.89
N ARG D 139 -7.07 -73.87 -8.70
CA ARG D 139 -7.77 -74.93 -9.40
C ARG D 139 -6.90 -75.41 -10.57
N LYS D 140 -6.19 -74.47 -11.20
CA LYS D 140 -5.32 -74.82 -12.33
C LYS D 140 -4.03 -75.60 -11.96
N THR D 141 -3.70 -75.70 -10.67
CA THR D 141 -2.60 -76.58 -10.21
C THR D 141 -3.01 -78.06 -10.10
N LYS D 142 -4.28 -78.33 -10.41
CA LYS D 142 -4.84 -79.69 -10.55
C LYS D 142 -4.43 -80.57 -9.37
N ALA D 143 -4.41 -79.99 -8.18
CA ALA D 143 -4.04 -80.70 -6.96
C ALA D 143 -2.66 -81.35 -6.98
N SER D 144 -1.74 -80.82 -7.79
CA SER D 144 -0.34 -81.23 -7.78
C SER D 144 0.33 -80.50 -6.65
N PRO D 145 1.48 -81.01 -6.18
CA PRO D 145 2.16 -80.27 -5.13
C PRO D 145 2.84 -79.02 -5.72
N CYS D 146 2.65 -77.86 -5.09
CA CYS D 146 3.22 -76.61 -5.60
C CYS D 146 3.86 -75.76 -4.50
N ASP D 147 4.66 -74.81 -4.96
CA ASP D 147 5.24 -73.80 -4.11
C ASP D 147 4.35 -72.57 -4.25
N PRO D 148 3.58 -72.20 -3.21
CA PRO D 148 2.55 -71.19 -3.40
C PRO D 148 3.02 -69.74 -3.53
N THR D 149 4.33 -69.55 -3.61
CA THR D 149 4.97 -68.25 -3.50
C THR D 149 4.53 -67.24 -4.54
N PHE D 150 4.59 -67.58 -5.81
CA PHE D 150 4.19 -66.63 -6.86
C PHE D 150 2.67 -66.49 -6.98
N ILE D 151 1.92 -67.56 -6.67
CA ILE D 151 0.48 -67.49 -6.66
C ILE D 151 0.03 -66.66 -5.48
N LEU D 152 0.45 -66.99 -4.27
CA LEU D 152 0.08 -66.17 -3.12
C LEU D 152 0.62 -64.74 -3.16
N GLY D 153 1.66 -64.49 -3.94
CA GLY D 153 2.14 -63.14 -4.14
C GLY D 153 1.30 -62.34 -5.12
N CYS D 154 0.64 -63.03 -6.04
CA CYS D 154 -0.04 -62.36 -7.15
C CYS D 154 -1.40 -61.77 -6.74
N ALA D 155 -2.04 -62.37 -5.74
CA ALA D 155 -3.32 -61.82 -5.27
C ALA D 155 -3.16 -60.41 -4.65
N PRO D 156 -2.36 -60.27 -3.57
CA PRO D 156 -2.06 -58.93 -3.07
C PRO D 156 -1.52 -57.93 -4.12
N CYS D 157 -0.64 -58.40 -5.00
CA CYS D 157 -0.04 -57.54 -6.01
C CYS D 157 -1.08 -56.97 -6.94
N ASN D 158 -2.03 -57.81 -7.32
CA ASN D 158 -3.11 -57.39 -8.19
C ASN D 158 -4.00 -56.36 -7.49
N VAL D 159 -4.45 -56.65 -6.27
CA VAL D 159 -5.24 -55.67 -5.52
C VAL D 159 -4.59 -54.31 -5.57
N ILE D 160 -3.30 -54.26 -5.34
CA ILE D 160 -2.62 -52.98 -5.30
C ILE D 160 -2.41 -52.34 -6.67
N CYS D 161 -2.08 -53.13 -7.66
CA CYS D 161 -1.88 -52.60 -9.00
C CYS D 161 -3.18 -51.99 -9.47
N SER D 162 -4.28 -52.63 -9.12
CA SER D 162 -5.61 -52.10 -9.40
C SER D 162 -5.80 -50.73 -8.79
N ILE D 163 -5.33 -50.56 -7.57
CA ILE D 163 -5.42 -49.27 -6.89
C ILE D 163 -4.44 -48.21 -7.46
N ILE D 164 -3.17 -48.57 -7.71
CA ILE D 164 -2.13 -47.63 -8.16
C ILE D 164 -2.32 -47.25 -9.63
N PHE D 165 -2.62 -48.24 -10.49
CA PHE D 165 -2.77 -47.96 -11.93
C PHE D 165 -3.76 -48.86 -12.69
N HIS D 166 -4.91 -49.19 -12.09
CA HIS D 166 -6.01 -49.90 -12.79
C HIS D 166 -5.67 -51.25 -13.43
N LYS D 167 -4.45 -51.48 -13.93
CA LYS D 167 -4.18 -52.78 -14.61
C LYS D 167 -4.18 -53.85 -13.50
N ARG D 168 -4.33 -55.11 -13.90
CA ARG D 168 -3.99 -56.25 -13.03
C ARG D 168 -3.35 -57.35 -13.91
N PHE D 169 -2.38 -58.09 -13.39
CA PHE D 169 -1.57 -59.01 -14.21
C PHE D 169 -2.25 -60.36 -14.32
N ASP D 170 -1.98 -61.07 -15.43
CA ASP D 170 -2.27 -62.51 -15.44
C ASP D 170 -1.30 -63.17 -14.47
N TYR D 171 -1.80 -64.14 -13.69
CA TYR D 171 -0.96 -64.87 -12.72
C TYR D 171 0.30 -65.57 -13.26
N LYS D 172 0.40 -65.79 -14.57
CA LYS D 172 1.61 -66.31 -15.20
C LYS D 172 2.37 -65.30 -16.01
N ASP D 173 1.88 -64.05 -16.08
CA ASP D 173 2.61 -62.96 -16.72
C ASP D 173 4.10 -62.94 -16.31
N GLN D 174 4.98 -63.22 -17.26
CA GLN D 174 6.42 -63.19 -17.03
C GLN D 174 6.92 -61.87 -16.36
N GLN D 175 6.30 -60.73 -16.67
CA GLN D 175 6.65 -59.45 -16.05
C GLN D 175 6.25 -59.33 -14.58
N PHE D 176 5.08 -59.85 -14.17
CA PHE D 176 4.78 -59.97 -12.75
C PHE D 176 5.80 -60.88 -12.11
N LEU D 177 6.16 -61.98 -12.74
CA LEU D 177 7.11 -62.89 -12.10
C LEU D 177 8.46 -62.26 -11.80
N ASN D 178 8.93 -61.33 -12.64
CA ASN D 178 10.20 -60.63 -12.34
C ASN D 178 10.06 -59.77 -11.10
N LEU D 179 9.15 -58.79 -11.17
CA LEU D 179 8.83 -57.97 -10.01
C LEU D 179 8.71 -58.80 -8.73
N MET D 180 7.86 -59.83 -8.73
CA MET D 180 7.68 -60.68 -7.56
C MET D 180 8.96 -61.32 -7.02
N GLU D 181 9.80 -61.86 -7.90
CA GLU D 181 11.06 -62.47 -7.40
C GLU D 181 11.95 -61.37 -6.83
N LYS D 182 12.09 -60.27 -7.57
CA LYS D 182 12.89 -59.12 -7.17
C LYS D 182 12.41 -58.55 -5.81
N LEU D 183 11.11 -58.38 -5.62
CA LEU D 183 10.63 -58.02 -4.30
C LEU D 183 11.06 -59.07 -3.27
N ASN D 184 10.84 -60.34 -3.58
CA ASN D 184 11.22 -61.43 -2.69
C ASN D 184 12.71 -61.49 -2.41
N GLU D 185 13.52 -61.31 -3.44
CA GLU D 185 14.97 -61.30 -3.31
C GLU D 185 15.45 -60.16 -2.42
N ASN D 186 14.93 -58.96 -2.68
CA ASN D 186 15.27 -57.77 -1.92
C ASN D 186 14.98 -57.87 -0.42
N ILE D 187 13.97 -58.64 -0.03
CA ILE D 187 13.68 -58.73 1.37
C ILE D 187 14.52 -59.81 2.04
N LYS D 188 14.89 -60.84 1.27
CA LYS D 188 15.79 -61.88 1.72
C LYS D 188 17.14 -61.24 2.00
N ILE D 189 17.57 -60.39 1.08
CA ILE D 189 18.80 -59.59 1.21
C ILE D 189 18.79 -58.59 2.35
N LEU D 190 17.73 -57.80 2.51
CA LEU D 190 17.64 -56.90 3.67
C LEU D 190 17.72 -57.60 5.01
N SER D 191 17.38 -58.87 5.07
CA SER D 191 17.43 -59.65 6.31
C SER D 191 18.69 -60.51 6.50
N SER D 192 19.46 -60.70 5.43
CA SER D 192 20.68 -61.51 5.50
C SER D 192 21.90 -60.88 6.19
N PRO D 193 22.49 -61.64 7.10
CA PRO D 193 23.70 -61.26 7.83
C PRO D 193 24.63 -60.26 7.13
N TRP D 194 24.91 -60.46 5.86
CA TRP D 194 25.80 -59.53 5.16
C TRP D 194 25.30 -58.09 5.24
N ILE D 195 24.03 -57.87 4.96
CA ILE D 195 23.44 -56.53 5.10
C ILE D 195 23.47 -56.03 6.55
N GLN D 196 23.58 -56.91 7.52
CA GLN D 196 23.84 -56.46 8.88
C GLN D 196 25.26 -55.91 9.06
N ILE D 197 26.25 -56.52 8.44
CA ILE D 197 27.59 -55.95 8.35
C ILE D 197 27.60 -54.64 7.57
N CYS D 198 26.71 -54.45 6.62
CA CYS D 198 26.69 -53.19 5.84
C CYS D 198 26.21 -51.98 6.65
N ASN D 199 25.44 -52.23 7.69
CA ASN D 199 24.96 -51.17 8.56
C ASN D 199 25.89 -50.90 9.77
N ASN D 200 26.83 -51.79 10.04
CA ASN D 200 27.90 -51.48 10.96
C ASN D 200 29.11 -50.83 10.29
N PHE D 201 29.05 -50.64 8.97
CA PHE D 201 30.19 -50.16 8.17
C PHE D 201 29.72 -49.51 6.88
N SER D 202 29.05 -48.38 6.94
CA SER D 202 28.46 -47.80 5.72
C SER D 202 29.41 -47.68 4.49
N PRO D 203 30.71 -47.36 4.69
CA PRO D 203 31.70 -47.42 3.58
C PRO D 203 31.81 -48.75 2.82
N ILE D 204 31.63 -49.89 3.48
CA ILE D 204 31.50 -51.15 2.76
C ILE D 204 30.52 -50.98 1.60
N ILE D 205 29.35 -50.42 1.87
CA ILE D 205 28.28 -50.34 0.86
C ILE D 205 28.73 -49.75 -0.47
N ASP D 206 29.62 -48.77 -0.44
CA ASP D 206 30.03 -48.06 -1.66
C ASP D 206 31.18 -48.68 -2.44
N TYR D 207 32.00 -49.53 -1.79
CA TYR D 207 33.26 -50.02 -2.36
C TYR D 207 33.41 -51.54 -2.36
N PHE D 208 32.55 -52.30 -1.68
CA PHE D 208 32.66 -53.76 -1.69
C PHE D 208 31.65 -54.37 -2.65
N PRO D 209 31.97 -55.54 -3.23
CA PRO D 209 30.92 -56.29 -3.91
C PRO D 209 29.97 -56.89 -2.90
N GLY D 210 28.80 -57.27 -3.37
CA GLY D 210 27.94 -58.19 -2.64
C GLY D 210 26.47 -57.90 -2.85
N THR D 211 25.64 -58.57 -2.05
CA THR D 211 24.23 -58.56 -2.31
C THR D 211 23.57 -57.19 -2.17
N HIS D 212 24.15 -56.31 -1.37
CA HIS D 212 23.69 -54.92 -1.36
C HIS D 212 23.60 -54.33 -2.77
N ASN D 213 24.56 -54.62 -3.65
CA ASN D 213 24.57 -54.03 -5.01
C ASN D 213 23.42 -54.56 -5.85
N LYS D 214 23.03 -55.81 -5.63
CA LYS D 214 21.90 -56.35 -6.36
C LYS D 214 20.62 -55.77 -5.82
N LEU D 215 20.48 -55.75 -4.49
CA LEU D 215 19.39 -55.04 -3.85
C LEU D 215 19.12 -53.71 -4.55
N LEU D 216 20.17 -52.94 -4.80
CA LEU D 216 20.05 -51.62 -5.44
C LEU D 216 19.62 -51.62 -6.90
N LYS D 217 20.08 -52.62 -7.65
CA LYS D 217 19.72 -52.79 -9.06
C LYS D 217 18.23 -53.06 -9.19
N ASN D 218 17.75 -53.99 -8.38
CA ASN D 218 16.35 -54.36 -8.36
C ASN D 218 15.47 -53.18 -7.98
N VAL D 219 15.90 -52.43 -6.96
CA VAL D 219 15.13 -51.29 -6.55
C VAL D 219 15.01 -50.30 -7.71
N ALA D 220 16.09 -50.16 -8.46
CA ALA D 220 16.15 -49.23 -9.57
C ALA D 220 15.19 -49.66 -10.68
N PHE D 221 15.11 -50.97 -10.86
CA PHE D 221 14.17 -51.60 -11.78
C PHE D 221 12.72 -51.31 -11.39
N MET D 222 12.31 -51.57 -10.15
CA MET D 222 10.97 -51.22 -9.71
C MET D 222 10.70 -49.74 -9.98
N LYS D 223 11.64 -48.87 -9.65
CA LYS D 223 11.49 -47.42 -9.89
C LYS D 223 11.28 -47.04 -11.35
N SER D 224 11.93 -47.77 -12.24
CA SER D 224 11.89 -47.52 -13.66
C SER D 224 10.53 -47.93 -14.18
N TYR D 225 10.14 -49.17 -13.90
CA TYR D 225 8.79 -49.70 -14.19
C TYR D 225 7.63 -48.80 -13.76
N ILE D 226 7.62 -48.38 -12.51
CA ILE D 226 6.56 -47.47 -12.03
C ILE D 226 6.58 -46.16 -12.80
N LEU D 227 7.76 -45.68 -13.17
CA LEU D 227 7.88 -44.40 -13.87
C LEU D 227 7.41 -44.50 -15.31
N GLU D 228 7.56 -45.67 -15.96
CA GLU D 228 6.85 -45.95 -17.21
C GLU D 228 5.39 -45.63 -17.00
N LYS D 229 4.72 -46.38 -16.12
CA LYS D 229 3.30 -46.18 -15.85
C LYS D 229 2.88 -44.74 -15.53
N VAL D 230 3.75 -43.97 -14.87
CA VAL D 230 3.42 -42.59 -14.52
C VAL D 230 3.57 -41.64 -15.69
N LYS D 231 4.55 -41.87 -16.56
CA LYS D 231 4.59 -41.16 -17.85
C LYS D 231 3.29 -41.41 -18.60
N GLU D 232 3.01 -42.66 -18.96
CA GLU D 232 1.78 -42.97 -19.72
C GLU D 232 0.43 -42.76 -18.99
N HIS D 233 0.45 -42.29 -17.74
CA HIS D 233 -0.76 -41.85 -17.02
C HIS D 233 -1.00 -40.35 -17.17
N GLN D 234 0.10 -39.57 -17.22
CA GLN D 234 0.12 -38.24 -17.91
C GLN D 234 -0.04 -38.67 -19.37
N GLU D 235 -0.20 -37.71 -20.28
CA GLU D 235 -0.61 -38.08 -21.66
C GLU D 235 -2.12 -38.32 -21.53
N SER D 236 -2.57 -39.54 -21.25
CA SER D 236 -4.01 -39.81 -21.08
C SER D 236 -4.80 -39.04 -19.98
N MET D 237 -4.13 -38.30 -19.11
CA MET D 237 -4.78 -37.55 -18.02
C MET D 237 -6.03 -36.81 -18.51
N ASP D 238 -7.17 -37.06 -17.86
CA ASP D 238 -8.45 -36.40 -18.10
C ASP D 238 -8.95 -35.86 -16.75
N MET D 239 -8.80 -34.53 -16.52
CA MET D 239 -9.07 -33.92 -15.20
C MET D 239 -10.47 -34.24 -14.64
N ASN D 240 -11.47 -34.34 -15.52
CA ASN D 240 -12.86 -34.67 -15.13
C ASN D 240 -13.09 -36.14 -14.79
N ASN D 241 -12.13 -36.99 -15.15
CA ASN D 241 -12.22 -38.42 -14.94
C ASN D 241 -10.85 -39.04 -14.61
N PRO D 242 -10.49 -39.03 -13.31
CA PRO D 242 -9.36 -39.80 -12.83
C PRO D 242 -9.83 -41.22 -12.40
N GLN D 243 -8.93 -42.19 -12.59
CA GLN D 243 -9.24 -43.61 -12.57
C GLN D 243 -8.72 -44.35 -11.35
N ASP D 244 -7.70 -43.78 -10.70
CA ASP D 244 -6.80 -44.50 -9.79
C ASP D 244 -5.90 -43.51 -9.03
N PHE D 245 -5.07 -44.06 -8.13
CA PHE D 245 -4.15 -43.29 -7.30
C PHE D 245 -3.23 -42.34 -8.09
N ILE D 246 -2.58 -42.85 -9.13
CA ILE D 246 -1.68 -42.03 -9.92
C ILE D 246 -2.37 -40.79 -10.52
N ASP D 247 -3.58 -41.00 -11.04
CA ASP D 247 -4.35 -39.92 -11.64
C ASP D 247 -4.67 -38.91 -10.55
N CYS D 248 -5.23 -39.38 -9.42
CA CYS D 248 -5.54 -38.48 -8.31
C CYS D 248 -4.36 -37.64 -7.81
N PHE D 249 -3.15 -38.16 -7.95
CA PHE D 249 -1.95 -37.49 -7.49
C PHE D 249 -1.56 -36.44 -8.52
N LEU D 250 -1.64 -36.79 -9.80
CA LEU D 250 -1.41 -35.81 -10.88
C LEU D 250 -2.42 -34.65 -10.88
N MET D 251 -3.65 -34.97 -10.50
CA MET D 251 -4.72 -33.98 -10.40
C MET D 251 -4.36 -33.00 -9.28
N LYS D 252 -4.01 -33.53 -8.12
CA LYS D 252 -3.46 -32.75 -7.01
C LYS D 252 -2.19 -31.95 -7.38
N MET D 253 -1.35 -32.41 -8.32
CA MET D 253 -0.20 -31.60 -8.77
C MET D 253 -0.61 -30.32 -9.50
N GLU D 254 -1.68 -30.42 -10.30
CA GLU D 254 -2.29 -29.25 -10.95
C GLU D 254 -2.99 -28.33 -9.91
N LYS D 255 -3.78 -28.92 -9.01
CA LYS D 255 -4.43 -28.12 -7.99
C LYS D 255 -3.33 -27.93 -6.95
N GLU D 256 -2.26 -27.36 -7.50
CA GLU D 256 -1.08 -26.97 -6.78
C GLU D 256 -0.19 -25.95 -7.50
N LYS D 257 -0.69 -24.73 -7.66
CA LYS D 257 0.12 -23.63 -8.18
C LYS D 257 0.17 -22.42 -7.23
N HIS D 258 -0.82 -22.31 -6.37
CA HIS D 258 -0.80 -21.24 -5.41
C HIS D 258 0.37 -21.60 -4.54
N ASN D 259 0.44 -22.87 -4.16
CA ASN D 259 1.54 -23.32 -3.33
C ASN D 259 2.89 -22.92 -3.88
N GLN D 260 3.01 -22.91 -5.20
CA GLN D 260 4.25 -22.52 -5.86
C GLN D 260 5.23 -23.68 -5.98
N PRO D 261 5.73 -24.17 -4.78
CA PRO D 261 6.68 -25.29 -4.94
C PRO D 261 6.03 -26.52 -5.57
N SER D 262 5.63 -27.35 -4.61
CA SER D 262 5.06 -28.59 -4.89
C SER D 262 4.86 -29.40 -3.64
N GLU D 263 5.92 -30.10 -3.29
CA GLU D 263 5.84 -31.09 -2.25
C GLU D 263 5.23 -32.33 -2.93
N PHE D 264 4.55 -32.11 -4.07
CA PHE D 264 3.94 -33.11 -4.88
C PHE D 264 4.60 -33.21 -6.24
N THR D 265 5.90 -33.35 -6.24
CA THR D 265 6.63 -33.58 -7.50
C THR D 265 6.13 -34.85 -8.20
N ILE D 266 6.57 -35.08 -9.45
CA ILE D 266 6.50 -36.42 -10.07
C ILE D 266 7.42 -37.34 -9.28
N GLU D 267 8.60 -36.83 -8.94
CA GLU D 267 9.55 -37.53 -8.08
C GLU D 267 8.91 -38.04 -6.78
N SER D 268 8.06 -37.26 -6.11
CA SER D 268 7.40 -37.81 -4.91
C SER D 268 6.29 -38.82 -5.28
N LEU D 269 5.67 -38.68 -6.45
CA LEU D 269 4.71 -39.67 -6.91
C LEU D 269 5.42 -40.97 -7.28
N GLU D 270 6.34 -40.86 -8.24
CA GLU D 270 7.20 -41.96 -8.65
C GLU D 270 7.54 -42.77 -7.40
N ASN D 271 8.03 -42.12 -6.34
CA ASN D 271 8.36 -42.81 -5.07
C ASN D 271 7.22 -43.30 -4.19
N THR D 272 6.18 -42.52 -4.01
CA THR D 272 5.01 -43.01 -3.26
C THR D 272 4.37 -44.25 -3.90
N ALA D 273 4.32 -44.25 -5.22
CA ALA D 273 3.73 -45.37 -5.95
C ALA D 273 4.66 -46.56 -5.72
N VAL D 274 5.98 -46.33 -5.77
CA VAL D 274 6.90 -47.44 -5.46
C VAL D 274 6.82 -48.01 -4.02
N ASP D 275 6.66 -47.14 -3.03
CA ASP D 275 6.42 -47.61 -1.65
C ASP D 275 5.22 -48.51 -1.49
N LEU D 276 4.09 -48.06 -2.02
CA LEU D 276 2.84 -48.78 -1.86
C LEU D 276 2.89 -50.09 -2.61
N PHE D 277 3.46 -50.03 -3.82
CA PHE D 277 3.48 -51.20 -4.68
C PHE D 277 4.34 -52.29 -4.06
N GLY D 278 5.46 -51.92 -3.47
CA GLY D 278 6.34 -52.89 -2.87
C GLY D 278 5.80 -53.36 -1.53
N ALA D 279 5.61 -52.40 -0.62
CA ALA D 279 5.13 -52.69 0.73
C ALA D 279 3.83 -53.51 0.77
N GLY D 280 2.83 -53.15 -0.04
CA GLY D 280 1.55 -53.86 -0.09
C GLY D 280 1.65 -55.29 -0.61
N THR D 281 2.38 -55.46 -1.71
CA THR D 281 2.62 -56.77 -2.34
C THR D 281 3.34 -57.76 -1.41
N GLU D 282 4.51 -57.32 -0.93
CA GLU D 282 5.47 -58.24 -0.37
C GLU D 282 5.10 -58.65 1.05
N THR D 283 4.54 -57.72 1.80
CA THR D 283 4.34 -57.94 3.20
C THR D 283 3.08 -58.80 3.41
N THR D 284 2.04 -58.55 2.59
CA THR D 284 0.85 -59.37 2.61
C THR D 284 1.18 -60.72 2.02
N SER D 285 1.81 -60.72 0.85
CA SER D 285 2.31 -61.98 0.26
C SER D 285 2.94 -62.89 1.33
N THR D 286 4.06 -62.43 1.89
CA THR D 286 4.80 -63.14 2.94
C THR D 286 3.92 -63.60 4.09
N THR D 287 2.99 -62.75 4.53
CA THR D 287 2.09 -63.15 5.62
C THR D 287 1.14 -64.32 5.23
N LEU D 288 0.74 -64.43 3.96
CA LEU D 288 -0.14 -65.55 3.54
C LEU D 288 0.61 -66.83 3.45
N ARG D 289 1.75 -66.73 2.78
CA ARG D 289 2.70 -67.81 2.68
C ARG D 289 3.03 -68.52 3.99
N TYR D 290 3.20 -67.73 5.04
CA TYR D 290 3.52 -68.22 6.40
C TYR D 290 2.25 -68.73 7.07
N ALA D 291 1.12 -68.16 6.71
CA ALA D 291 -0.21 -68.51 7.25
C ALA D 291 -0.53 -69.93 6.77
N LEU D 292 -0.51 -70.16 5.45
CA LEU D 292 -0.67 -71.52 4.92
C LEU D 292 0.33 -72.48 5.53
N LEU D 293 1.61 -72.10 5.64
CA LEU D 293 2.59 -72.94 6.31
C LEU D 293 2.22 -73.29 7.76
N LEU D 294 1.70 -72.32 8.50
CA LEU D 294 1.21 -72.62 9.85
C LEU D 294 -0.07 -73.44 9.91
N LEU D 295 -0.92 -73.35 8.91
CA LEU D 295 -2.08 -74.22 8.84
C LEU D 295 -1.69 -75.66 8.42
N LEU D 296 -0.62 -75.88 7.63
CA LEU D 296 -0.16 -77.25 7.34
C LEU D 296 0.37 -77.90 8.62
N LYS D 297 1.07 -77.11 9.40
CA LYS D 297 1.66 -77.58 10.63
C LYS D 297 0.60 -77.99 11.66
N HIS D 298 -0.55 -77.31 11.70
CA HIS D 298 -1.59 -77.59 12.72
C HIS D 298 -2.95 -77.89 12.08
N PRO D 299 -3.20 -79.15 11.69
CA PRO D 299 -4.46 -79.40 10.95
C PRO D 299 -5.70 -79.30 11.85
N GLU D 300 -5.57 -79.73 13.11
CA GLU D 300 -6.56 -79.43 14.17
C GLU D 300 -7.16 -77.98 14.10
N VAL D 301 -6.31 -76.98 13.87
CA VAL D 301 -6.69 -75.56 13.79
C VAL D 301 -7.35 -75.30 12.47
N THR D 302 -6.72 -75.74 11.37
CA THR D 302 -7.31 -75.66 10.02
C THR D 302 -8.72 -76.27 9.97
N ALA D 303 -8.93 -77.39 10.67
CA ALA D 303 -10.24 -77.98 10.84
C ALA D 303 -11.24 -77.01 11.49
N LYS D 304 -11.02 -76.64 12.74
CA LYS D 304 -11.95 -75.76 13.44
C LYS D 304 -12.31 -74.49 12.63
N VAL D 305 -11.39 -74.04 11.78
CA VAL D 305 -11.57 -72.90 10.89
C VAL D 305 -12.48 -73.25 9.72
N GLN D 306 -12.18 -74.33 9.02
CA GLN D 306 -13.04 -74.78 7.91
C GLN D 306 -14.47 -75.11 8.34
N GLU D 307 -14.65 -75.48 9.60
CA GLU D 307 -16.04 -75.64 10.08
C GLU D 307 -16.64 -74.25 9.99
N GLU D 308 -16.15 -73.31 10.80
CA GLU D 308 -16.70 -71.94 10.81
C GLU D 308 -17.00 -71.45 9.43
N ILE D 309 -16.10 -71.66 8.48
CA ILE D 309 -16.39 -71.22 7.14
C ILE D 309 -17.66 -71.89 6.66
N GLU D 310 -17.72 -73.22 6.63
CA GLU D 310 -18.93 -73.92 6.13
C GLU D 310 -20.28 -73.58 6.76
N ARG D 311 -20.25 -73.22 8.04
CA ARG D 311 -21.46 -72.93 8.84
C ARG D 311 -21.95 -71.48 8.74
N VAL D 312 -21.04 -70.52 8.55
CA VAL D 312 -21.32 -69.09 8.48
C VAL D 312 -21.44 -68.69 7.02
N ILE D 313 -20.32 -68.70 6.31
CA ILE D 313 -20.30 -68.60 4.83
C ILE D 313 -20.75 -69.97 4.33
N GLY D 314 -21.11 -70.17 3.09
CA GLY D 314 -21.30 -71.58 2.66
C GLY D 314 -20.10 -72.12 1.98
N ARG D 315 -20.30 -73.02 1.03
CA ARG D 315 -19.29 -73.25 0.02
C ARG D 315 -19.64 -72.48 -1.22
N ASN D 316 -20.60 -71.55 -1.14
CA ASN D 316 -21.11 -70.98 -2.39
C ASN D 316 -20.78 -69.53 -2.70
N ARG D 317 -21.21 -68.60 -1.86
CA ARG D 317 -20.93 -67.17 -2.13
C ARG D 317 -19.65 -66.60 -1.48
N SER D 318 -18.98 -65.72 -2.20
CA SER D 318 -17.75 -65.04 -1.72
C SER D 318 -17.86 -64.72 -0.23
N PRO D 319 -16.80 -64.96 0.56
CA PRO D 319 -16.84 -64.39 1.93
C PRO D 319 -16.69 -62.88 1.87
N CYS D 320 -17.28 -62.16 2.82
CA CYS D 320 -17.20 -60.70 2.90
C CYS D 320 -16.75 -60.27 4.31
N MET D 321 -16.41 -58.99 4.49
CA MET D 321 -15.86 -58.55 5.77
C MET D 321 -16.89 -58.57 6.90
N GLN D 322 -18.17 -58.51 6.54
CA GLN D 322 -19.24 -58.60 7.53
C GLN D 322 -19.26 -59.99 8.26
N ASP D 323 -18.67 -61.00 7.63
CA ASP D 323 -18.53 -62.34 8.22
C ASP D 323 -17.60 -62.47 9.42
N ARG D 324 -16.55 -61.67 9.43
CA ARG D 324 -15.53 -61.74 10.46
C ARG D 324 -16.08 -61.63 11.89
N SER D 325 -17.06 -60.78 12.12
CA SER D 325 -17.64 -60.66 13.46
C SER D 325 -18.37 -61.91 13.92
N HIS D 326 -18.77 -62.77 12.99
CA HIS D 326 -19.49 -64.01 13.28
C HIS D 326 -18.58 -65.22 13.18
N MET D 327 -17.27 -64.99 13.12
CA MET D 327 -16.28 -66.05 12.96
C MET D 327 -15.11 -65.79 13.88
N PRO D 328 -15.33 -65.90 15.20
CA PRO D 328 -14.25 -65.50 16.11
C PRO D 328 -13.05 -66.45 16.10
N TYR D 329 -13.24 -67.71 15.76
CA TYR D 329 -12.11 -68.62 15.59
C TYR D 329 -11.29 -68.21 14.38
N THR D 330 -11.89 -68.07 13.20
CA THR D 330 -11.11 -67.66 12.03
C THR D 330 -10.44 -66.33 12.25
N ASP D 331 -11.08 -65.45 13.01
CA ASP D 331 -10.53 -64.14 13.35
C ASP D 331 -9.32 -64.27 14.29
N ALA D 332 -9.41 -65.13 15.30
CA ALA D 332 -8.28 -65.41 16.20
C ALA D 332 -7.12 -66.10 15.48
N VAL D 333 -7.42 -67.04 14.60
CA VAL D 333 -6.39 -67.66 13.79
C VAL D 333 -5.62 -66.65 12.95
N VAL D 334 -6.29 -65.70 12.32
CA VAL D 334 -5.61 -64.67 11.51
C VAL D 334 -4.66 -63.82 12.38
N HIS D 335 -5.16 -63.37 13.51
CA HIS D 335 -4.38 -62.59 14.44
C HIS D 335 -3.18 -63.35 14.95
N GLU D 336 -3.39 -64.63 15.21
CA GLU D 336 -2.35 -65.43 15.78
C GLU D 336 -1.21 -65.66 14.80
N VAL D 337 -1.51 -65.91 13.53
CA VAL D 337 -0.50 -65.93 12.46
C VAL D 337 0.34 -64.64 12.53
N GLN D 338 -0.34 -63.51 12.54
CA GLN D 338 0.37 -62.25 12.56
C GLN D 338 1.20 -61.95 13.81
N ARG D 339 0.87 -62.51 14.99
CA ARG D 339 1.74 -62.21 16.13
C ARG D 339 2.81 -63.27 16.28
N TYR D 340 2.44 -64.50 16.04
CA TYR D 340 3.42 -65.55 16.04
C TYR D 340 4.54 -65.25 15.07
N ILE D 341 4.22 -65.10 13.79
CA ILE D 341 5.24 -64.90 12.78
C ILE D 341 6.11 -63.67 12.99
N ASP D 342 5.58 -62.65 13.65
CA ASP D 342 6.39 -61.46 13.94
C ASP D 342 7.12 -60.95 12.67
N LEU D 343 6.34 -60.41 11.76
CA LEU D 343 6.83 -60.21 10.41
C LEU D 343 7.98 -59.21 10.35
N LEU D 344 7.92 -58.17 11.17
CA LEU D 344 8.92 -57.12 11.17
C LEU D 344 9.30 -56.89 12.64
N PRO D 345 10.18 -57.74 13.19
CA PRO D 345 10.55 -57.82 14.60
C PRO D 345 10.89 -56.50 15.22
N THR D 346 11.54 -55.65 14.46
CA THR D 346 11.91 -54.33 14.92
C THR D 346 11.32 -53.21 14.06
N SER D 347 10.10 -53.40 13.56
CA SER D 347 9.40 -52.42 12.72
C SER D 347 10.34 -51.83 11.66
N LEU D 348 10.10 -50.63 11.16
CA LEU D 348 11.16 -49.89 10.48
C LEU D 348 11.66 -48.88 11.50
N PRO D 349 12.96 -48.50 11.43
CA PRO D 349 13.55 -47.64 12.41
C PRO D 349 12.92 -46.29 12.39
N HIS D 350 12.78 -45.67 13.56
CA HIS D 350 12.26 -44.34 13.67
C HIS D 350 13.38 -43.42 14.07
N ALA D 351 13.14 -42.13 14.00
CA ALA D 351 14.06 -41.10 14.45
C ALA D 351 13.27 -40.13 15.32
N VAL D 352 13.94 -39.37 16.19
CA VAL D 352 13.24 -38.31 16.93
C VAL D 352 13.40 -36.96 16.23
N THR D 353 12.33 -36.19 16.26
CA THR D 353 12.16 -35.04 15.38
C THR D 353 12.76 -33.76 15.93
N CYS D 354 12.67 -33.63 17.26
CA CYS D 354 13.32 -32.60 18.06
C CYS D 354 14.21 -33.30 19.12
N ASP D 355 14.82 -32.51 20.00
CA ASP D 355 15.47 -33.04 21.20
C ASP D 355 14.34 -33.36 22.16
N ILE D 356 14.38 -34.51 22.82
CA ILE D 356 13.24 -34.93 23.65
C ILE D 356 13.69 -35.66 24.92
N LYS D 357 13.20 -35.21 26.06
CA LYS D 357 13.46 -35.88 27.32
C LYS D 357 12.42 -37.03 27.43
N PHE D 358 12.93 -38.25 27.46
CA PHE D 358 12.12 -39.44 27.53
C PHE D 358 12.66 -40.33 28.65
N ARG D 359 11.84 -40.56 29.68
CA ARG D 359 12.30 -41.30 30.88
C ARG D 359 13.69 -40.85 31.42
N ASN D 360 13.80 -39.54 31.68
CA ASN D 360 15.03 -38.88 32.16
C ASN D 360 16.32 -39.31 31.46
N TYR D 361 16.39 -39.02 30.16
CA TYR D 361 17.57 -39.38 29.37
C TYR D 361 18.00 -38.36 28.30
N LEU D 362 17.10 -37.51 27.84
CA LEU D 362 17.48 -36.51 26.80
C LEU D 362 18.21 -37.08 25.58
N ILE D 363 17.44 -37.45 24.57
CA ILE D 363 17.89 -37.93 23.29
C ILE D 363 17.91 -36.76 22.34
N PRO D 364 18.97 -36.61 21.57
CA PRO D 364 19.09 -35.48 20.63
C PRO D 364 18.37 -35.67 19.29
N LYS D 365 17.91 -34.56 18.70
CA LYS D 365 17.23 -34.58 17.39
C LYS D 365 18.03 -35.43 16.38
N GLY D 366 17.33 -36.27 15.62
CA GLY D 366 17.93 -37.17 14.64
C GLY D 366 18.20 -38.59 15.11
N THR D 367 18.28 -38.81 16.42
CA THR D 367 18.71 -40.10 16.95
C THR D 367 17.74 -41.20 16.52
N THR D 368 18.32 -42.28 15.98
CA THR D 368 17.55 -43.41 15.46
C THR D 368 16.95 -44.24 16.63
N ILE D 369 15.73 -44.71 16.46
CA ILE D 369 15.04 -45.49 17.51
C ILE D 369 14.58 -46.83 16.96
N LEU D 370 14.79 -47.93 17.66
CA LEU D 370 14.20 -49.22 17.26
C LEU D 370 13.10 -49.59 18.19
N ILE D 371 11.96 -49.92 17.62
CA ILE D 371 10.85 -50.39 18.38
C ILE D 371 11.06 -51.87 18.32
N SER D 372 11.00 -52.56 19.44
CA SER D 372 10.99 -54.00 19.37
C SER D 372 9.53 -54.37 19.39
N LEU D 373 8.95 -54.61 18.21
CA LEU D 373 7.58 -55.13 18.15
C LEU D 373 7.52 -56.57 18.64
N THR D 374 8.61 -57.33 18.47
CA THR D 374 8.68 -58.71 19.00
C THR D 374 8.31 -58.70 20.47
N SER D 375 9.00 -57.84 21.21
CA SER D 375 8.79 -57.67 22.63
C SER D 375 7.33 -57.45 23.02
N VAL D 376 6.55 -56.76 22.17
CA VAL D 376 5.10 -56.58 22.40
C VAL D 376 4.25 -57.77 21.92
N LEU D 377 4.40 -58.14 20.66
CA LEU D 377 3.65 -59.28 20.12
C LEU D 377 3.88 -60.56 20.92
N HIS D 378 5.10 -60.75 21.44
CA HIS D 378 5.51 -61.96 22.19
C HIS D 378 5.65 -61.69 23.69
N ASP D 379 4.95 -60.67 24.21
CA ASP D 379 4.88 -60.39 25.65
C ASP D 379 4.36 -61.63 26.35
N ASN D 380 4.88 -61.90 27.54
CA ASN D 380 4.60 -63.17 28.21
C ASN D 380 3.38 -63.16 29.13
N LYS D 381 3.09 -61.98 29.71
CA LYS D 381 1.92 -61.77 30.59
C LYS D 381 0.71 -61.76 29.66
N GLU D 382 0.70 -60.84 28.70
CA GLU D 382 -0.42 -60.76 27.75
C GLU D 382 -0.68 -62.04 26.95
N PHE D 383 0.35 -62.76 26.56
CA PHE D 383 0.12 -63.99 25.80
C PHE D 383 0.95 -65.12 26.37
N PRO D 384 0.46 -65.81 27.40
CA PRO D 384 1.23 -66.92 27.98
C PRO D 384 1.76 -67.87 26.91
N ASN D 385 2.98 -68.37 27.05
CA ASN D 385 3.56 -69.27 26.08
C ASN D 385 3.50 -68.60 24.74
N PRO D 386 4.21 -67.49 24.65
CA PRO D 386 4.22 -66.64 23.46
C PRO D 386 4.82 -67.32 22.26
N GLU D 387 5.79 -68.20 22.46
CA GLU D 387 6.46 -68.82 21.36
C GLU D 387 5.62 -69.95 20.75
N MET D 388 4.51 -70.33 21.41
CA MET D 388 3.53 -71.31 20.87
C MET D 388 2.51 -70.59 19.97
N PHE D 389 2.25 -71.16 18.80
CA PHE D 389 1.13 -70.73 17.94
C PHE D 389 -0.12 -71.36 18.51
N ASP D 390 -0.92 -70.55 19.20
CA ASP D 390 -2.16 -71.00 19.83
C ASP D 390 -3.23 -69.91 19.62
N PRO D 391 -4.32 -70.20 18.84
CA PRO D 391 -5.34 -69.18 18.60
C PRO D 391 -6.08 -68.74 19.83
N HIS D 392 -6.07 -69.53 20.89
CA HIS D 392 -6.65 -69.08 22.16
C HIS D 392 -5.96 -67.86 22.78
N HIS D 393 -4.84 -67.42 22.21
CA HIS D 393 -4.20 -66.20 22.69
C HIS D 393 -5.21 -65.05 22.50
N PHE D 394 -5.97 -65.12 21.40
CA PHE D 394 -7.00 -64.13 21.07
C PHE D 394 -8.48 -64.53 21.31
N LEU D 395 -8.76 -65.45 22.25
CA LEU D 395 -10.15 -65.89 22.56
C LEU D 395 -10.46 -65.95 24.05
N ASP D 396 -11.47 -65.17 24.45
CA ASP D 396 -12.25 -65.29 25.70
C ASP D 396 -12.62 -66.76 26.09
N GLU D 397 -12.70 -67.05 27.41
CA GLU D 397 -12.94 -68.43 27.98
C GLU D 397 -14.05 -69.19 27.24
N GLY D 398 -15.27 -68.64 27.20
CA GLY D 398 -16.28 -69.04 26.18
C GLY D 398 -15.91 -68.38 24.84
N GLY D 399 -15.79 -69.17 23.77
CA GLY D 399 -14.98 -68.82 22.59
C GLY D 399 -15.14 -67.52 21.79
N ASN D 400 -15.45 -66.39 22.41
CA ASN D 400 -15.57 -65.11 21.71
C ASN D 400 -14.19 -64.56 21.38
N PHE D 401 -14.09 -63.64 20.44
CA PHE D 401 -12.82 -62.94 20.14
C PHE D 401 -12.38 -62.06 21.30
N LYS D 402 -11.08 -62.04 21.57
CA LYS D 402 -10.53 -61.22 22.68
C LYS D 402 -9.44 -60.31 22.13
N LYS D 403 -9.72 -59.02 22.02
CA LYS D 403 -8.77 -58.06 21.49
C LYS D 403 -7.53 -58.00 22.37
N SER D 404 -6.52 -57.27 21.93
CA SER D 404 -5.36 -56.99 22.77
C SER D 404 -4.65 -55.70 22.38
N LYS D 405 -4.35 -54.85 23.36
CA LYS D 405 -3.51 -53.67 23.10
C LYS D 405 -2.11 -54.09 22.66
N TYR D 406 -1.74 -55.33 22.95
CA TYR D 406 -0.43 -55.85 22.62
C TYR D 406 -0.32 -56.38 21.18
N PHE D 407 -1.40 -56.34 20.40
CA PHE D 407 -1.39 -56.83 19.02
C PHE D 407 -1.11 -55.64 18.17
N MET D 408 0.17 -55.36 17.91
CA MET D 408 0.51 -54.25 17.02
C MET D 408 1.55 -54.60 15.96
N PRO D 409 1.27 -55.61 15.11
CA PRO D 409 2.16 -55.89 13.97
C PRO D 409 2.23 -54.79 12.95
N PHE D 410 1.27 -53.85 12.97
CA PHE D 410 1.27 -52.73 12.02
C PHE D 410 1.94 -51.53 12.65
N SER D 411 2.49 -51.73 13.83
CA SER D 411 3.15 -50.67 14.53
C SER D 411 2.12 -49.86 15.25
N ALA D 412 2.51 -48.66 15.65
CA ALA D 412 1.60 -47.79 16.36
C ALA D 412 2.04 -46.37 16.21
N GLY D 413 1.15 -45.46 16.54
CA GLY D 413 1.47 -44.04 16.55
C GLY D 413 1.23 -43.36 15.24
N LYS D 414 1.98 -42.31 15.00
CA LYS D 414 1.73 -41.44 13.86
C LYS D 414 2.24 -42.03 12.53
N ARG D 415 3.01 -43.11 12.58
CA ARG D 415 3.54 -43.78 11.38
C ARG D 415 2.98 -45.16 11.11
N ILE D 416 1.91 -45.51 11.78
CA ILE D 416 1.32 -46.82 11.69
C ILE D 416 1.01 -47.15 10.26
N CYS D 417 1.02 -48.44 9.93
CA CYS D 417 0.76 -48.91 8.57
C CYS D 417 -0.33 -48.17 7.81
N VAL D 418 0.04 -47.52 6.71
CA VAL D 418 -0.92 -46.81 5.87
C VAL D 418 -1.98 -47.77 5.37
N GLY D 419 -1.62 -49.04 5.23
CA GLY D 419 -2.49 -50.05 4.67
C GLY D 419 -3.00 -51.06 5.66
N GLU D 420 -3.04 -50.72 6.94
CA GLU D 420 -3.59 -51.61 7.98
C GLU D 420 -4.88 -52.27 7.56
N ALA D 421 -5.83 -51.48 7.11
CA ALA D 421 -7.19 -51.99 6.83
C ALA D 421 -7.26 -52.88 5.58
N LEU D 422 -6.66 -52.42 4.51
CA LEU D 422 -6.55 -53.17 3.26
C LEU D 422 -5.98 -54.54 3.46
N ALA D 423 -5.02 -54.65 4.39
CA ALA D 423 -4.29 -55.89 4.65
C ALA D 423 -5.10 -56.78 5.55
N GLY D 424 -5.69 -56.23 6.60
CA GLY D 424 -6.67 -57.00 7.36
C GLY D 424 -7.71 -57.71 6.46
N MET D 425 -8.16 -57.05 5.39
CA MET D 425 -9.06 -57.66 4.39
C MET D 425 -8.38 -58.70 3.54
N GLU D 426 -7.24 -58.34 2.94
CA GLU D 426 -6.54 -59.27 2.06
C GLU D 426 -6.28 -60.57 2.81
N LEU D 427 -5.98 -60.50 4.10
CA LEU D 427 -5.69 -61.70 4.87
C LEU D 427 -6.94 -62.51 5.00
N PHE D 428 -7.95 -61.92 5.61
CA PHE D 428 -9.20 -62.63 5.90
C PHE D 428 -9.87 -63.19 4.66
N LEU D 429 -9.98 -62.37 3.62
CA LEU D 429 -10.72 -62.75 2.41
C LEU D 429 -9.98 -63.79 1.59
N PHE D 430 -8.65 -63.67 1.44
CA PHE D 430 -7.88 -64.66 0.68
C PHE D 430 -7.76 -66.02 1.42
N LEU D 431 -7.66 -66.00 2.75
CA LEU D 431 -7.54 -67.25 3.51
C LEU D 431 -8.84 -68.00 3.60
N THR D 432 -9.93 -67.30 3.93
CA THR D 432 -11.27 -67.91 3.99
C THR D 432 -11.69 -68.43 2.59
N SER D 433 -11.38 -67.70 1.54
CA SER D 433 -11.65 -68.18 0.20
C SER D 433 -10.89 -69.44 -0.11
N ILE D 434 -9.63 -69.52 0.30
CA ILE D 434 -8.79 -70.71 0.03
C ILE D 434 -9.30 -71.92 0.79
N LEU D 435 -9.65 -71.71 2.05
CA LEU D 435 -10.05 -72.78 2.94
C LEU D 435 -11.49 -73.23 2.75
N GLN D 436 -12.36 -72.38 2.21
CA GLN D 436 -13.70 -72.85 1.81
C GLN D 436 -13.61 -73.82 0.62
N ASN D 437 -12.81 -73.46 -0.39
CA ASN D 437 -12.68 -74.24 -1.61
C ASN D 437 -11.62 -75.33 -1.67
N PHE D 438 -10.75 -75.43 -0.67
CA PHE D 438 -9.66 -76.38 -0.74
C PHE D 438 -9.37 -76.97 0.60
N ASN D 439 -8.94 -78.23 0.56
CA ASN D 439 -8.22 -78.86 1.65
C ASN D 439 -6.72 -78.85 1.35
N LEU D 440 -5.94 -78.74 2.41
CA LEU D 440 -4.52 -78.44 2.29
C LEU D 440 -3.65 -79.65 2.60
N LYS D 441 -3.08 -80.28 1.57
CA LYS D 441 -2.19 -81.39 1.85
C LYS D 441 -0.72 -81.03 1.82
N SER D 442 -0.16 -81.04 3.03
CA SER D 442 1.28 -81.04 3.27
C SER D 442 1.88 -82.29 2.66
N LEU D 443 2.94 -82.15 1.87
CA LEU D 443 3.67 -83.35 1.43
C LEU D 443 4.91 -83.59 2.28
N VAL D 444 4.86 -83.23 3.54
CA VAL D 444 5.88 -83.57 4.50
C VAL D 444 5.07 -83.75 5.76
N ASP D 445 5.35 -84.78 6.53
CA ASP D 445 4.68 -84.97 7.81
C ASP D 445 4.75 -83.60 8.53
N PRO D 446 3.59 -83.05 8.97
CA PRO D 446 3.58 -81.93 9.89
C PRO D 446 4.48 -82.05 11.13
N LYS D 447 4.67 -83.24 11.68
CA LYS D 447 5.59 -83.35 12.82
C LYS D 447 7.02 -82.96 12.38
N ASN D 448 7.32 -83.05 11.09
CA ASN D 448 8.64 -82.78 10.55
C ASN D 448 8.93 -81.41 9.98
N LEU D 449 7.94 -80.74 9.40
CA LEU D 449 8.27 -79.42 8.80
C LEU D 449 8.40 -78.39 9.91
N ASP D 450 9.35 -77.48 9.73
CA ASP D 450 9.61 -76.48 10.74
C ASP D 450 9.26 -75.15 10.13
N THR D 451 8.85 -74.23 11.00
CA THR D 451 8.24 -72.99 10.62
C THR D 451 9.16 -71.82 10.92
N THR D 452 10.33 -72.09 11.50
CA THR D 452 11.15 -71.00 11.96
C THR D 452 11.64 -70.23 10.75
N PRO D 453 11.79 -68.91 10.88
CA PRO D 453 12.21 -68.14 9.71
C PRO D 453 13.58 -68.56 9.30
N VAL D 454 13.85 -68.45 8.02
CA VAL D 454 15.15 -68.79 7.49
C VAL D 454 16.15 -67.62 7.69
N VAL D 455 15.64 -66.39 7.78
CA VAL D 455 16.39 -65.18 8.21
C VAL D 455 15.45 -64.21 8.94
N ASN D 456 16.01 -63.16 9.59
CA ASN D 456 15.16 -62.20 10.36
C ASN D 456 15.72 -60.78 10.63
N GLY D 457 16.74 -60.29 9.93
CA GLY D 457 17.23 -58.90 10.02
C GLY D 457 16.26 -57.74 9.80
N PHE D 458 15.48 -57.81 8.75
CA PHE D 458 14.46 -56.83 8.45
C PHE D 458 13.21 -57.58 8.78
N ALA D 459 12.94 -58.61 7.99
CA ALA D 459 11.68 -59.30 8.09
C ALA D 459 11.91 -60.78 8.36
N SER D 460 11.00 -61.42 9.08
CA SER D 460 11.00 -62.85 9.29
C SER D 460 10.53 -63.58 8.02
N VAL D 461 11.47 -63.98 7.15
CA VAL D 461 11.20 -64.68 5.87
C VAL D 461 10.93 -66.16 6.07
N PRO D 462 9.78 -66.71 5.57
CA PRO D 462 9.49 -68.10 5.91
C PRO D 462 10.33 -69.10 5.11
N PRO D 463 10.44 -70.33 5.62
CA PRO D 463 11.19 -71.41 4.97
C PRO D 463 10.44 -71.97 3.80
N PHE D 464 11.13 -72.74 2.96
CA PHE D 464 10.51 -73.34 1.77
C PHE D 464 9.59 -74.46 2.19
N TYR D 465 8.46 -74.51 1.49
CA TYR D 465 7.55 -75.62 1.65
C TYR D 465 6.75 -75.74 0.39
N GLN D 466 6.17 -76.93 0.21
CA GLN D 466 5.18 -77.15 -0.81
C GLN D 466 3.92 -77.71 -0.19
N LEU D 467 2.83 -77.62 -0.94
CA LEU D 467 1.58 -78.25 -0.56
C LEU D 467 0.74 -78.44 -1.77
N CYS D 468 -0.32 -79.23 -1.61
CA CYS D 468 -1.30 -79.46 -2.66
C CYS D 468 -2.62 -78.88 -2.18
N PHE D 469 -3.30 -78.21 -3.11
CA PHE D 469 -4.63 -77.70 -2.89
C PHE D 469 -5.62 -78.68 -3.52
N ILE D 470 -6.16 -79.54 -2.64
CA ILE D 470 -7.05 -80.62 -3.06
C ILE D 470 -8.49 -80.13 -2.80
N PRO D 471 -9.30 -79.92 -3.88
CA PRO D 471 -10.61 -79.24 -3.74
C PRO D 471 -11.64 -79.97 -2.87
N ILE D 472 -12.43 -79.23 -2.07
CA ILE D 472 -13.41 -79.89 -1.18
C ILE D 472 -14.62 -80.38 -1.98
N HIS D 473 -15.29 -81.42 -1.48
CA HIS D 473 -16.57 -81.92 -2.05
C HIS D 473 -17.28 -82.81 -1.03
N LYS E 10 17.38 47.11 17.97
CA LYS E 10 17.93 45.76 18.30
C LYS E 10 17.97 44.88 17.02
N LEU E 11 17.25 43.76 16.94
CA LEU E 11 17.32 42.83 15.77
C LEU E 11 17.23 43.57 14.40
N PRO E 12 18.00 43.16 13.38
CA PRO E 12 17.93 43.93 12.11
C PRO E 12 16.54 43.94 11.47
N PRO E 13 16.28 44.88 10.53
CA PRO E 13 14.97 44.97 9.87
C PRO E 13 14.61 43.72 9.09
N GLY E 14 13.43 43.69 8.51
CA GLY E 14 12.99 42.59 7.63
C GLY E 14 11.47 42.42 7.55
N PRO E 15 10.97 41.61 6.61
CA PRO E 15 9.53 41.43 6.40
C PRO E 15 8.79 40.89 7.63
N THR E 16 7.61 41.44 7.91
CA THR E 16 6.92 41.15 9.16
C THR E 16 6.37 39.74 9.11
N PRO E 17 6.41 39.01 10.23
CA PRO E 17 6.00 37.62 10.16
C PRO E 17 4.56 37.36 10.58
N LEU E 18 3.93 36.41 9.91
CA LEU E 18 2.66 35.82 10.35
C LEU E 18 2.97 34.89 11.54
N PRO E 19 2.03 34.74 12.48
CA PRO E 19 2.49 34.33 13.83
C PRO E 19 2.75 32.84 14.10
N VAL E 20 2.50 31.95 13.14
CA VAL E 20 3.04 30.56 13.26
C VAL E 20 3.99 30.16 12.13
N ILE E 21 3.61 30.49 10.90
CA ILE E 21 4.36 30.05 9.73
C ILE E 21 5.59 30.93 9.42
N GLY E 22 5.82 31.96 10.24
CA GLY E 22 6.90 32.94 10.06
C GLY E 22 6.78 33.68 8.75
N ASN E 23 7.87 33.80 8.02
CA ASN E 23 7.89 34.45 6.72
C ASN E 23 7.84 33.49 5.57
N ILE E 24 7.15 32.37 5.74
CA ILE E 24 7.28 31.30 4.73
C ILE E 24 6.74 31.69 3.35
N LEU E 25 5.80 32.64 3.30
CA LEU E 25 5.27 33.14 2.02
C LEU E 25 6.22 34.06 1.22
N GLN E 26 7.01 34.87 1.91
CA GLN E 26 7.96 35.79 1.24
C GLN E 26 9.19 35.01 0.77
N ILE E 27 9.56 33.96 1.50
CA ILE E 27 10.77 33.18 1.19
C ILE E 27 10.49 32.05 0.22
N GLY E 28 9.37 31.34 0.41
CA GLY E 28 9.05 30.12 -0.35
C GLY E 28 9.85 28.91 0.15
N ILE E 29 9.96 27.88 -0.68
CA ILE E 29 10.81 26.73 -0.35
C ILE E 29 11.59 26.07 -1.49
N LYS E 30 11.34 26.47 -2.75
CA LYS E 30 12.02 25.87 -3.93
C LYS E 30 13.41 26.49 -4.20
N ASP E 31 13.66 27.73 -3.76
CA ASP E 31 14.95 28.37 -3.98
C ASP E 31 15.25 29.42 -2.93
N ILE E 32 15.73 28.99 -1.77
CA ILE E 32 16.01 29.91 -0.65
C ILE E 32 17.06 30.90 -1.06
N SER E 33 18.15 30.42 -1.68
CA SER E 33 19.21 31.29 -2.20
C SER E 33 18.63 32.52 -2.90
N LYS E 34 17.76 32.31 -3.87
CA LYS E 34 17.25 33.37 -4.74
C LYS E 34 16.33 34.39 -4.03
N SER E 35 15.51 33.94 -3.09
CA SER E 35 14.64 34.86 -2.33
C SER E 35 15.44 35.82 -1.47
N LEU E 36 16.42 35.26 -0.78
CA LEU E 36 17.32 36.02 0.05
C LEU E 36 17.97 37.12 -0.78
N THR E 37 18.33 36.84 -2.03
CA THR E 37 18.86 37.87 -2.94
C THR E 37 17.82 38.92 -3.25
N ASN E 38 16.61 38.47 -3.56
CA ASN E 38 15.51 39.38 -3.87
C ASN E 38 15.13 40.24 -2.68
N LEU E 39 15.03 39.64 -1.50
CA LEU E 39 14.86 40.40 -0.26
C LEU E 39 15.99 41.41 0.05
N SER E 40 17.22 41.08 -0.37
CA SER E 40 18.34 42.00 -0.15
C SER E 40 18.21 43.35 -0.90
N LYS E 41 17.39 43.38 -1.95
CA LYS E 41 17.23 44.60 -2.73
C LYS E 41 16.14 45.48 -2.17
N VAL E 42 15.56 45.09 -1.04
CA VAL E 42 14.61 45.96 -0.35
C VAL E 42 14.99 46.20 1.12
N TYR E 43 15.51 45.19 1.84
CA TYR E 43 15.99 45.40 3.21
C TYR E 43 17.53 45.63 3.37
N GLY E 44 18.29 45.23 2.35
CA GLY E 44 19.73 45.45 2.31
C GLY E 44 20.65 44.25 2.61
N PRO E 45 21.87 44.55 3.06
CA PRO E 45 22.86 43.58 3.45
C PRO E 45 22.55 42.68 4.62
N VAL E 46 21.75 43.16 5.56
CA VAL E 46 21.56 42.49 6.83
C VAL E 46 20.10 42.57 7.24
N PHE E 47 19.42 41.44 7.27
CA PHE E 47 18.02 41.49 7.63
C PHE E 47 17.57 40.20 8.20
N THR E 48 16.38 40.21 8.75
CA THR E 48 15.92 39.17 9.59
C THR E 48 14.78 38.50 8.94
N LEU E 49 14.79 37.17 8.95
CA LEU E 49 13.66 36.36 8.55
C LEU E 49 13.30 35.49 9.70
N TYR E 50 12.07 34.98 9.66
CA TYR E 50 11.60 33.97 10.58
C TYR E 50 11.28 32.70 9.78
N PHE E 51 12.00 31.64 10.12
CA PHE E 51 11.72 30.29 9.65
C PHE E 51 10.97 29.71 10.85
N GLY E 52 9.64 29.64 10.73
CA GLY E 52 8.79 29.34 11.87
C GLY E 52 8.82 30.53 12.81
N LEU E 53 9.22 30.31 14.06
CA LEU E 53 9.30 31.39 15.06
C LEU E 53 10.75 31.64 15.50
N LYS E 54 11.68 31.07 14.72
CA LYS E 54 13.11 31.19 14.95
C LYS E 54 13.61 32.38 14.14
N PRO E 55 14.09 33.44 14.78
CA PRO E 55 14.66 34.53 14.01
C PRO E 55 16.00 34.17 13.41
N ILE E 56 16.24 34.57 12.17
CA ILE E 56 17.47 34.29 11.45
C ILE E 56 17.99 35.56 10.80
N VAL E 57 19.25 35.93 11.03
CA VAL E 57 19.84 37.12 10.40
C VAL E 57 20.57 36.68 9.14
N VAL E 58 20.38 37.38 8.04
CA VAL E 58 20.97 36.95 6.79
C VAL E 58 21.99 37.97 6.40
N LEU E 59 23.20 37.55 6.09
CA LEU E 59 24.25 38.45 5.66
C LEU E 59 24.44 38.23 4.21
N HIS E 60 24.42 39.31 3.44
CA HIS E 60 24.37 39.22 2.00
C HIS E 60 25.33 40.22 1.44
N GLY E 61 26.21 39.84 0.51
CA GLY E 61 27.03 40.88 -0.14
C GLY E 61 28.50 40.59 -0.41
N TYR E 62 29.24 40.68 0.69
CA TYR E 62 30.67 40.54 0.80
C TYR E 62 31.07 41.38 2.00
N GLU E 63 30.92 42.68 1.88
CA GLU E 63 31.29 43.56 2.96
C GLU E 63 30.64 43.14 4.28
N ALA E 64 29.40 42.63 4.23
CA ALA E 64 28.71 42.08 5.45
C ALA E 64 29.25 40.73 5.89
N VAL E 65 29.55 39.89 4.91
CA VAL E 65 30.05 38.54 5.11
C VAL E 65 31.42 38.61 5.75
N LYS E 66 32.34 39.30 5.06
CA LYS E 66 33.71 39.51 5.55
C LYS E 66 33.74 40.25 6.89
N GLU E 67 32.92 41.28 7.03
CA GLU E 67 32.82 41.96 8.31
C GLU E 67 32.35 41.02 9.44
N ALA E 68 31.57 39.99 9.17
CA ALA E 68 31.14 39.12 10.27
C ALA E 68 32.09 37.95 10.46
N LEU E 69 32.49 37.34 9.34
CA LEU E 69 33.14 36.02 9.40
C LEU E 69 34.60 36.17 9.76
N ILE E 70 35.22 37.21 9.18
CA ILE E 70 36.60 37.67 9.48
C ILE E 70 36.63 38.72 10.64
N ASP E 71 36.29 40.00 10.38
CA ASP E 71 36.32 41.06 11.41
C ASP E 71 35.67 40.69 12.78
N LEU E 72 34.61 39.90 12.81
CA LEU E 72 34.02 39.46 14.10
C LEU E 72 34.15 37.95 14.33
N GLY E 73 35.06 37.32 13.57
CA GLY E 73 35.39 35.89 13.67
C GLY E 73 34.83 35.06 14.81
N GLU E 74 35.40 35.21 16.00
CA GLU E 74 34.99 34.38 17.13
C GLU E 74 33.49 34.51 17.44
N GLU E 75 32.91 35.65 17.15
CA GLU E 75 31.54 35.90 17.55
C GLU E 75 30.56 35.18 16.62
N PHE E 76 30.94 35.10 15.34
CA PHE E 76 30.21 34.36 14.30
C PHE E 76 30.82 32.99 13.95
N SER E 77 31.32 32.25 14.93
CA SER E 77 31.97 30.95 14.68
C SER E 77 31.16 29.80 15.26
N GLY E 78 29.95 30.10 15.70
CA GLY E 78 29.08 29.04 16.15
C GLY E 78 28.51 28.34 14.94
N ARG E 79 27.92 27.18 15.19
CA ARG E 79 27.23 26.43 14.16
C ARG E 79 25.78 26.44 14.55
N GLY E 80 24.94 26.79 13.58
CA GLY E 80 23.48 26.79 13.76
C GLY E 80 22.94 25.38 13.63
N ILE E 81 22.21 24.92 14.64
CA ILE E 81 21.72 23.55 14.75
C ILE E 81 20.27 23.51 14.26
N PHE E 82 20.01 23.18 12.99
CA PHE E 82 18.62 22.93 12.58
C PHE E 82 18.20 21.49 12.99
N PRO E 83 16.86 21.22 13.17
CA PRO E 83 16.42 20.00 13.87
C PRO E 83 16.99 18.71 13.35
N LEU E 84 16.79 18.38 12.07
CA LEU E 84 17.20 17.06 11.56
C LEU E 84 18.60 16.57 11.99
N ALA E 85 19.57 17.49 11.96
CA ALA E 85 20.94 17.20 12.41
C ALA E 85 20.99 16.81 13.87
N GLU E 86 20.32 17.59 14.72
CA GLU E 86 20.12 17.22 16.12
C GLU E 86 19.49 15.82 16.31
N ARG E 87 18.62 15.41 15.39
CA ARG E 87 17.99 14.09 15.47
C ARG E 87 18.99 13.00 15.09
N ALA E 88 19.81 13.30 14.08
CA ALA E 88 20.83 12.37 13.59
C ALA E 88 21.93 12.07 14.62
N ASN E 89 22.16 13.07 15.45
CA ASN E 89 23.13 13.03 16.55
C ASN E 89 24.57 13.30 16.23
N ARG E 90 24.82 14.36 15.47
CA ARG E 90 26.18 14.72 15.07
C ARG E 90 26.69 15.93 15.83
N GLY E 91 26.45 15.96 17.14
CA GLY E 91 26.91 17.06 17.98
C GLY E 91 28.33 17.04 18.52
N PHE E 92 29.08 16.00 18.20
CA PHE E 92 30.48 15.88 18.56
C PHE E 92 31.13 15.96 17.19
N GLY E 93 32.41 15.68 17.06
CA GLY E 93 33.00 15.85 15.71
C GLY E 93 33.13 17.31 15.35
N ILE E 94 33.34 17.61 14.08
CA ILE E 94 33.64 19.00 13.71
C ILE E 94 32.41 19.82 13.28
N VAL E 95 31.65 19.28 12.35
CA VAL E 95 30.71 20.07 11.57
C VAL E 95 29.52 20.54 12.41
N PHE E 96 28.97 19.72 13.27
CA PHE E 96 27.82 20.14 14.05
C PHE E 96 28.16 20.27 15.54
N SER E 97 29.42 20.47 15.86
CA SER E 97 29.78 20.72 17.25
C SER E 97 29.98 22.20 17.38
N ASN E 98 30.00 22.64 18.64
CA ASN E 98 30.35 24.01 19.04
C ASN E 98 31.25 24.05 20.27
N GLY E 99 31.92 25.19 20.42
CA GLY E 99 32.51 25.58 21.69
C GLY E 99 33.96 25.20 21.82
N LYS E 100 34.31 24.68 22.99
CA LYS E 100 35.63 24.12 23.23
C LYS E 100 35.79 22.77 22.49
N LYS E 101 34.76 21.91 22.60
CA LYS E 101 34.67 20.66 21.84
C LYS E 101 35.02 20.90 20.37
N TRP E 102 34.40 21.92 19.78
CA TRP E 102 34.74 22.34 18.43
C TRP E 102 36.21 22.76 18.30
N LYS E 103 36.66 23.73 19.09
CA LYS E 103 38.01 24.34 18.94
C LYS E 103 39.13 23.33 18.95
N GLU E 104 39.01 22.34 19.86
CA GLU E 104 40.07 21.35 20.07
C GLU E 104 40.12 20.36 18.94
N ILE E 105 38.96 19.75 18.64
CA ILE E 105 38.84 18.74 17.57
C ILE E 105 39.20 19.35 16.20
N ARG E 106 38.71 20.54 15.96
CA ARG E 106 39.10 21.20 14.75
C ARG E 106 40.61 21.44 14.72
N ARG E 107 41.22 21.80 15.86
CA ARG E 107 42.65 22.09 15.89
C ARG E 107 43.43 20.82 15.58
N PHE E 108 42.99 19.72 16.21
CA PHE E 108 43.67 18.43 16.09
C PHE E 108 43.60 17.90 14.66
N SER E 109 42.39 17.89 14.11
CA SER E 109 42.12 17.45 12.75
C SER E 109 42.91 18.23 11.73
N LEU E 110 43.06 19.51 11.98
CA LEU E 110 43.79 20.39 11.09
C LEU E 110 45.27 20.08 11.06
N MET E 111 45.84 19.82 12.24
CA MET E 111 47.26 19.48 12.37
C MET E 111 47.54 18.20 11.58
N THR E 112 46.74 17.16 11.80
CA THR E 112 47.06 15.82 11.29
C THR E 112 46.95 15.70 9.75
N LEU E 113 45.91 16.30 9.16
CA LEU E 113 45.85 16.48 7.70
C LEU E 113 47.09 17.16 7.09
N ARG E 114 47.75 18.03 7.85
CA ARG E 114 48.88 18.85 7.34
C ARG E 114 50.22 18.11 7.15
N ASN E 115 50.31 16.82 7.52
CA ASN E 115 51.54 15.98 7.31
C ASN E 115 51.33 14.66 6.51
N PHE E 116 50.41 13.81 7.00
CA PHE E 116 50.30 12.40 6.59
C PHE E 116 49.00 11.79 7.11
N ARG E 121 54.36 8.54 4.03
CA ARG E 121 53.77 8.91 2.74
C ARG E 121 52.93 10.19 2.86
N SER E 122 53.10 11.10 1.89
CA SER E 122 52.44 12.41 1.88
C SER E 122 51.04 12.30 1.30
N ILE E 123 50.24 13.35 1.45
CA ILE E 123 48.86 13.34 0.92
C ILE E 123 48.84 13.43 -0.60
N GLU E 124 49.66 14.30 -1.20
CA GLU E 124 49.74 14.36 -2.67
C GLU E 124 50.16 13.03 -3.35
N ASP E 125 50.91 12.18 -2.65
CA ASP E 125 51.20 10.83 -3.13
C ASP E 125 49.86 10.08 -3.28
N CYS E 126 49.10 10.04 -2.19
CA CYS E 126 47.82 9.35 -2.13
C CYS E 126 46.81 9.81 -3.16
N VAL E 127 46.80 11.11 -3.46
CA VAL E 127 45.95 11.69 -4.50
C VAL E 127 46.44 11.37 -5.90
N GLN E 128 47.75 11.46 -6.11
CA GLN E 128 48.33 11.31 -7.45
C GLN E 128 48.24 9.89 -7.99
N GLU E 129 48.28 8.96 -7.04
CA GLU E 129 48.13 7.54 -7.27
C GLU E 129 46.69 7.23 -7.64
N GLU E 130 45.77 7.78 -6.88
CA GLU E 130 44.33 7.62 -7.13
C GLU E 130 43.84 8.20 -8.45
N ALA E 131 44.47 9.27 -8.90
CA ALA E 131 44.26 9.79 -10.24
C ALA E 131 44.70 8.81 -11.32
N ARG E 132 45.75 8.01 -11.08
CA ARG E 132 46.11 6.93 -12.02
C ARG E 132 45.00 5.87 -12.08
N CYS E 133 44.58 5.35 -10.93
CA CYS E 133 43.49 4.35 -10.92
C CYS E 133 42.15 4.88 -11.46
N LEU E 134 41.94 6.21 -11.44
CA LEU E 134 40.76 6.81 -12.07
C LEU E 134 40.91 6.79 -13.59
N VAL E 135 42.10 7.16 -14.06
CA VAL E 135 42.41 7.17 -15.49
C VAL E 135 42.23 5.79 -16.12
N GLU E 136 42.56 4.73 -15.38
CA GLU E 136 42.38 3.39 -15.90
C GLU E 136 40.94 2.96 -15.87
N GLU E 137 40.21 3.28 -14.81
CA GLU E 137 38.78 2.95 -14.75
C GLU E 137 37.96 3.76 -15.74
N LEU E 138 38.47 4.88 -16.23
CA LEU E 138 37.82 5.55 -17.37
C LEU E 138 38.18 4.89 -18.73
N ARG E 139 39.38 4.29 -18.83
CA ARG E 139 39.75 3.48 -20.02
C ARG E 139 38.83 2.30 -20.18
N LYS E 140 38.57 1.63 -19.06
CA LYS E 140 37.70 0.45 -19.01
C LYS E 140 36.26 0.73 -19.48
N THR E 141 35.86 1.98 -19.64
CA THR E 141 34.59 2.28 -20.30
C THR E 141 34.68 2.24 -21.84
N LYS E 142 35.83 1.84 -22.40
CA LYS E 142 36.05 1.82 -23.85
C LYS E 142 35.19 2.82 -24.64
N ALA E 143 35.26 4.09 -24.27
CA ALA E 143 34.54 5.18 -24.95
C ALA E 143 33.00 5.03 -25.06
N SER E 144 32.39 4.13 -24.29
CA SER E 144 30.93 3.95 -24.33
C SER E 144 30.35 4.95 -23.34
N PRO E 145 29.11 5.41 -23.57
CA PRO E 145 28.57 6.45 -22.67
C PRO E 145 28.52 6.01 -21.19
N CYS E 146 28.52 6.98 -20.28
CA CYS E 146 28.09 6.72 -18.91
C CYS E 146 27.62 7.98 -18.20
N ASP E 147 27.02 7.76 -17.05
CA ASP E 147 26.75 8.77 -16.07
C ASP E 147 27.97 8.65 -15.15
N PRO E 148 28.84 9.69 -15.16
CA PRO E 148 30.16 9.58 -14.57
C PRO E 148 30.11 9.47 -13.05
N THR E 149 29.00 9.92 -12.46
CA THR E 149 28.74 9.93 -11.00
C THR E 149 29.45 8.88 -10.14
N PHE E 150 29.40 7.59 -10.50
CA PHE E 150 30.06 6.59 -9.66
C PHE E 150 31.56 6.49 -9.81
N ILE E 151 32.06 6.62 -11.04
CA ILE E 151 33.50 6.60 -11.27
C ILE E 151 34.11 7.82 -10.55
N LEU E 152 33.69 9.03 -10.95
CA LEU E 152 34.15 10.27 -10.32
C LEU E 152 34.02 10.33 -8.79
N GLY E 153 32.95 9.79 -8.23
CA GLY E 153 32.78 9.73 -6.78
C GLY E 153 33.82 8.87 -6.08
N CYS E 154 34.22 7.78 -6.73
CA CYS E 154 35.16 6.85 -6.13
C CYS E 154 36.59 7.37 -6.00
N ALA E 155 37.02 8.26 -6.89
CA ALA E 155 38.34 8.89 -6.77
C ALA E 155 38.51 9.64 -5.40
N PRO E 156 37.72 10.70 -5.16
CA PRO E 156 37.71 11.36 -3.86
C PRO E 156 37.48 10.40 -2.72
N CYS E 157 36.46 9.53 -2.85
CA CYS E 157 36.13 8.58 -1.78
C CYS E 157 37.32 7.69 -1.36
N ASN E 158 38.18 7.35 -2.30
CA ASN E 158 39.37 6.59 -1.96
C ASN E 158 40.43 7.43 -1.28
N VAL E 159 40.68 8.62 -1.81
CA VAL E 159 41.57 9.58 -1.18
C VAL E 159 41.19 9.83 0.28
N ILE E 160 39.91 10.01 0.58
CA ILE E 160 39.52 10.24 1.95
C ILE E 160 39.63 8.93 2.77
N CYS E 161 39.09 7.81 2.27
CA CYS E 161 39.16 6.52 3.00
C CYS E 161 40.57 6.04 3.39
N SER E 162 41.54 6.36 2.54
CA SER E 162 42.97 6.18 2.85
C SER E 162 43.44 7.02 4.03
N ILE E 163 43.07 8.29 4.04
CA ILE E 163 43.39 9.20 5.15
C ILE E 163 42.65 8.77 6.43
N ILE E 164 41.34 8.55 6.35
CA ILE E 164 40.56 8.23 7.56
C ILE E 164 40.97 6.91 8.14
N PHE E 165 40.89 5.82 7.38
CA PHE E 165 41.13 4.50 7.96
C PHE E 165 42.01 3.53 7.14
N HIS E 166 42.87 4.13 6.33
CA HIS E 166 43.90 3.44 5.53
C HIS E 166 43.59 2.62 4.27
N LYS E 167 42.43 1.97 4.20
CA LYS E 167 42.14 1.13 3.03
C LYS E 167 41.31 1.82 1.96
N ARG E 168 41.80 1.81 0.72
CA ARG E 168 41.03 2.20 -0.46
C ARG E 168 40.20 1.02 -1.09
N PHE E 169 39.35 1.31 -2.06
CA PHE E 169 38.37 0.36 -2.59
C PHE E 169 38.53 0.14 -4.08
N ASP E 170 37.88 -0.94 -4.52
CA ASP E 170 37.79 -1.27 -5.92
C ASP E 170 36.60 -0.51 -6.54
N TYR E 171 36.82 0.14 -7.67
CA TYR E 171 35.79 1.03 -8.24
C TYR E 171 34.45 0.33 -8.54
N LYS E 172 34.42 -1.00 -8.48
CA LYS E 172 33.19 -1.76 -8.71
C LYS E 172 32.76 -2.56 -7.50
N ASP E 173 33.39 -2.32 -6.34
CA ASP E 173 33.06 -3.00 -5.08
C ASP E 173 31.62 -2.68 -4.64
N GLN E 174 30.93 -3.66 -4.05
CA GLN E 174 29.53 -3.45 -3.68
C GLN E 174 29.41 -2.47 -2.53
N GLN E 175 30.18 -2.71 -1.48
CA GLN E 175 30.14 -1.87 -0.28
C GLN E 175 30.44 -0.38 -0.52
N PHE E 176 31.38 -0.03 -1.43
CA PHE E 176 31.59 1.39 -1.77
C PHE E 176 30.33 1.91 -2.36
N LEU E 177 29.88 1.28 -3.44
CA LEU E 177 28.76 1.78 -4.24
C LEU E 177 27.56 2.08 -3.37
N ASN E 178 27.30 1.18 -2.41
CA ASN E 178 26.18 1.29 -1.50
C ASN E 178 26.26 2.58 -0.68
N LEU E 179 27.45 2.82 -0.11
CA LEU E 179 27.79 4.07 0.57
C LEU E 179 27.68 5.28 -0.35
N MET E 180 28.37 5.27 -1.46
CA MET E 180 28.30 6.41 -2.37
C MET E 180 26.86 6.77 -2.77
N GLU E 181 25.97 5.79 -2.94
CA GLU E 181 24.56 6.04 -3.24
C GLU E 181 23.93 6.74 -2.04
N LYS E 182 24.05 6.14 -0.87
CA LYS E 182 23.55 6.75 0.36
C LYS E 182 24.04 8.20 0.56
N LEU E 183 25.29 8.49 0.23
CA LEU E 183 25.77 9.86 0.27
C LEU E 183 25.06 10.78 -0.74
N ASN E 184 24.95 10.37 -2.01
CA ASN E 184 24.35 11.25 -3.04
C ASN E 184 22.89 11.53 -2.79
N GLU E 185 22.20 10.47 -2.39
CA GLU E 185 20.85 10.50 -1.85
C GLU E 185 20.61 11.54 -0.75
N ASN E 186 21.49 11.55 0.25
CA ASN E 186 21.39 12.47 1.37
C ASN E 186 21.42 13.92 0.89
N ILE E 187 22.47 14.27 0.15
CA ILE E 187 22.58 15.62 -0.36
C ILE E 187 21.32 16.01 -1.10
N LYS E 188 20.94 15.16 -2.04
CA LYS E 188 19.75 15.33 -2.87
C LYS E 188 18.53 15.61 -2.00
N ILE E 189 18.40 14.87 -0.89
CA ILE E 189 17.35 15.11 0.10
C ILE E 189 17.56 16.44 0.81
N LEU E 190 18.74 16.75 1.33
CA LEU E 190 18.92 17.97 2.15
C LEU E 190 18.65 19.25 1.37
N SER E 191 18.88 19.19 0.07
CA SER E 191 18.51 20.29 -0.83
C SER E 191 17.02 20.33 -1.19
N SER E 192 16.27 19.28 -0.82
CA SER E 192 14.85 19.16 -1.10
C SER E 192 14.01 20.26 -0.43
N PRO E 193 12.97 20.74 -1.12
CA PRO E 193 11.94 21.61 -0.56
C PRO E 193 11.22 21.07 0.64
N TRP E 194 10.99 19.77 0.66
CA TRP E 194 10.38 19.12 1.82
C TRP E 194 11.25 19.26 3.06
N ILE E 195 12.57 19.14 2.92
CA ILE E 195 13.47 19.36 4.07
C ILE E 195 13.40 20.80 4.60
N GLN E 196 13.09 21.75 3.74
CA GLN E 196 12.78 23.10 4.20
C GLN E 196 11.60 23.07 5.16
N ILE E 197 10.49 22.50 4.74
CA ILE E 197 9.33 22.44 5.62
C ILE E 197 9.66 21.64 6.88
N CYS E 198 10.49 20.60 6.75
CA CYS E 198 10.87 19.77 7.90
C CYS E 198 11.60 20.52 8.98
N ASN E 199 12.54 21.36 8.56
CA ASN E 199 13.35 22.08 9.51
C ASN E 199 12.55 23.23 10.13
N ASN E 200 11.86 24.03 9.30
CA ASN E 200 10.92 25.09 9.80
C ASN E 200 9.98 24.68 10.90
N PHE E 201 9.43 23.45 10.82
CA PHE E 201 8.42 22.92 11.75
C PHE E 201 8.76 21.52 12.25
N SER E 202 9.70 21.42 13.20
CA SER E 202 10.17 20.10 13.69
C SER E 202 9.12 18.98 13.92
N PRO E 203 7.92 19.28 14.50
CA PRO E 203 6.91 18.19 14.71
C PRO E 203 6.49 17.39 13.44
N ILE E 204 6.47 18.03 12.30
CA ILE E 204 6.33 17.33 11.04
C ILE E 204 7.19 16.05 10.94
N ILE E 205 8.38 16.07 11.51
CA ILE E 205 9.36 14.97 11.37
C ILE E 205 8.86 13.67 12.06
N ASP E 206 8.11 13.80 13.13
CA ASP E 206 7.56 12.65 13.83
C ASP E 206 6.21 12.23 13.32
N TYR E 207 5.47 13.14 12.67
CA TYR E 207 4.07 12.86 12.24
C TYR E 207 3.80 12.74 10.74
N PHE E 208 4.81 12.96 9.91
CA PHE E 208 4.66 12.74 8.48
C PHE E 208 5.62 11.66 8.08
N PRO E 209 5.23 10.86 7.08
CA PRO E 209 6.20 9.99 6.40
C PRO E 209 6.99 10.84 5.40
N GLY E 210 8.12 10.35 4.90
CA GLY E 210 8.87 11.17 3.92
C GLY E 210 10.37 10.97 3.85
N THR E 211 11.02 11.67 2.93
CA THR E 211 12.43 11.42 2.69
C THR E 211 13.33 11.80 3.87
N HIS E 212 12.83 12.63 4.78
CA HIS E 212 13.56 12.87 6.03
C HIS E 212 13.97 11.58 6.71
N ASN E 213 13.11 10.58 6.71
CA ASN E 213 13.42 9.31 7.33
C ASN E 213 14.52 8.58 6.61
N LYS E 214 14.45 8.51 5.30
CA LYS E 214 15.52 7.93 4.50
C LYS E 214 16.86 8.57 4.87
N LEU E 215 16.88 9.89 4.91
CA LEU E 215 18.07 10.63 5.34
C LEU E 215 18.65 10.05 6.60
N LEU E 216 17.81 9.93 7.62
CA LEU E 216 18.26 9.48 8.93
C LEU E 216 18.81 8.07 8.92
N LYS E 217 18.09 7.15 8.29
CA LYS E 217 18.50 5.74 8.16
C LYS E 217 19.84 5.61 7.41
N ASN E 218 20.05 6.48 6.43
CA ASN E 218 21.30 6.50 5.68
C ASN E 218 22.45 6.97 6.58
N VAL E 219 22.17 7.91 7.48
CA VAL E 219 23.18 8.45 8.40
C VAL E 219 23.51 7.38 9.43
N ALA E 220 22.50 6.78 10.02
CA ALA E 220 22.71 5.66 10.97
C ALA E 220 23.64 4.59 10.39
N PHE E 221 23.53 4.34 9.10
CA PHE E 221 24.34 3.36 8.41
C PHE E 221 25.77 3.89 8.29
N MET E 222 26.02 4.95 7.50
CA MET E 222 27.29 5.71 7.51
C MET E 222 28.03 5.62 8.86
N LYS E 223 27.34 6.02 9.91
CA LYS E 223 27.87 6.08 11.26
C LYS E 223 28.26 4.72 11.91
N SER E 224 27.44 3.70 11.72
CA SER E 224 27.73 2.34 12.19
C SER E 224 28.89 1.68 11.43
N TYR E 225 28.90 1.86 10.11
CA TYR E 225 30.01 1.39 9.28
C TYR E 225 31.35 1.99 9.67
N ILE E 226 31.35 3.27 10.02
CA ILE E 226 32.57 3.96 10.46
C ILE E 226 32.96 3.52 11.87
N LEU E 227 31.98 3.38 12.76
CA LEU E 227 32.25 2.88 14.11
C LEU E 227 32.86 1.45 14.12
N GLU E 228 32.58 0.63 13.09
CA GLU E 228 33.27 -0.66 12.94
C GLU E 228 34.74 -0.46 12.59
N LYS E 229 35.05 0.41 11.64
CA LYS E 229 36.46 0.74 11.33
C LYS E 229 37.22 1.22 12.59
N VAL E 230 36.54 1.86 13.53
CA VAL E 230 37.16 2.31 14.77
C VAL E 230 37.47 1.15 15.70
N LYS E 231 36.44 0.47 16.17
CA LYS E 231 36.61 -0.63 17.09
C LYS E 231 37.61 -1.64 16.59
N GLU E 232 37.83 -1.68 15.29
CA GLU E 232 38.75 -2.64 14.77
C GLU E 232 40.08 -1.98 14.50
N HIS E 233 40.22 -0.75 14.92
CA HIS E 233 41.45 -0.05 14.72
C HIS E 233 42.10 0.05 16.05
N GLN E 234 41.29 -0.01 17.08
CA GLN E 234 41.82 0.06 18.42
C GLN E 234 42.70 -1.15 18.68
N GLU E 235 42.43 -2.27 18.01
CA GLU E 235 43.12 -3.53 18.27
C GLU E 235 43.90 -3.92 17.05
N SER E 236 44.81 -3.02 16.68
CA SER E 236 45.70 -3.16 15.50
C SER E 236 46.68 -1.98 15.53
N MET E 237 46.22 -0.83 16.03
CA MET E 237 47.09 0.30 16.16
C MET E 237 48.42 -0.04 16.83
N ASP E 238 49.46 0.62 16.32
CA ASP E 238 50.86 0.40 16.63
C ASP E 238 51.39 1.76 17.10
N MET E 239 51.65 1.92 18.40
CA MET E 239 52.17 3.20 18.95
C MET E 239 53.46 3.78 18.31
N ASN E 240 54.37 2.92 17.84
CA ASN E 240 55.57 3.38 17.11
C ASN E 240 55.25 3.75 15.67
N ASN E 241 54.12 3.26 15.15
CA ASN E 241 53.72 3.52 13.78
C ASN E 241 52.20 3.76 13.62
N PRO E 242 51.76 5.03 13.64
CA PRO E 242 50.41 5.39 13.23
C PRO E 242 50.46 5.72 11.75
N GLN E 243 49.36 5.53 11.04
CA GLN E 243 49.38 5.58 9.57
C GLN E 243 48.07 6.03 8.89
N ASP E 244 47.24 6.75 9.66
CA ASP E 244 45.95 7.22 9.19
C ASP E 244 45.34 8.00 10.33
N PHE E 245 44.41 8.88 9.99
CA PHE E 245 43.71 9.68 10.97
C PHE E 245 43.26 8.92 12.26
N ILE E 246 42.64 7.74 12.13
CA ILE E 246 42.06 7.05 13.29
C ILE E 246 43.13 6.56 14.27
N ASP E 247 44.27 6.09 13.73
CA ASP E 247 45.46 5.78 14.56
C ASP E 247 45.87 7.04 15.41
N CYS E 248 46.19 8.15 14.71
CA CYS E 248 46.57 9.46 15.32
C CYS E 248 45.70 9.99 16.45
N PHE E 249 44.41 9.77 16.30
CA PHE E 249 43.41 10.18 17.24
C PHE E 249 43.38 9.24 18.40
N LEU E 250 43.56 7.93 18.14
CA LEU E 250 43.60 6.93 19.23
C LEU E 250 44.85 7.10 20.05
N MET E 251 45.92 7.60 19.41
CA MET E 251 47.14 7.97 20.12
C MET E 251 46.91 9.17 21.02
N LYS E 252 46.25 10.19 20.48
CA LYS E 252 45.87 11.38 21.25
C LYS E 252 44.96 10.99 22.38
N MET E 253 43.92 10.22 22.07
CA MET E 253 43.06 9.58 23.07
C MET E 253 43.84 9.08 24.27
N GLU E 254 44.98 8.43 24.01
CA GLU E 254 45.89 7.85 25.04
C GLU E 254 46.58 8.91 25.91
N LYS E 255 47.26 9.83 25.23
CA LYS E 255 47.87 10.99 25.86
C LYS E 255 46.90 11.85 26.77
N GLU E 256 45.60 11.55 26.75
CA GLU E 256 44.61 12.15 27.65
C GLU E 256 44.12 11.18 28.75
N LYS E 257 44.90 10.14 29.05
CA LYS E 257 44.63 9.29 30.23
C LYS E 257 44.71 10.17 31.48
N HIS E 258 45.81 10.88 31.61
CA HIS E 258 46.04 11.77 32.73
C HIS E 258 44.81 12.61 33.01
N ASN E 259 44.63 13.62 32.16
CA ASN E 259 43.52 14.56 32.23
C ASN E 259 42.24 13.98 32.85
N GLN E 260 41.44 13.32 32.03
CA GLN E 260 40.18 12.65 32.39
C GLN E 260 38.93 13.38 31.95
N PRO E 261 38.94 14.77 32.09
CA PRO E 261 37.71 15.44 31.62
C PRO E 261 37.41 15.21 30.13
N SER E 262 37.64 14.01 29.63
CA SER E 262 37.36 13.72 28.22
C SER E 262 37.85 14.81 27.28
N GLU E 263 37.21 14.85 26.12
CA GLU E 263 37.44 15.77 25.02
C GLU E 263 37.42 14.97 23.77
N PHE E 264 38.45 14.17 23.64
CA PHE E 264 38.67 13.23 22.58
C PHE E 264 38.19 11.89 23.11
N THR E 265 37.00 11.46 22.68
CA THR E 265 36.47 10.14 23.06
C THR E 265 36.23 9.30 21.82
N ILE E 266 35.77 8.06 22.01
CA ILE E 266 35.43 7.16 20.90
C ILE E 266 34.29 7.78 20.09
N GLU E 267 33.29 8.32 20.81
CA GLU E 267 32.16 8.98 20.19
C GLU E 267 32.54 10.16 19.31
N SER E 268 33.50 10.96 19.75
CA SER E 268 33.90 12.12 18.97
C SER E 268 34.77 11.70 17.79
N LEU E 269 35.46 10.57 17.90
CA LEU E 269 36.25 10.06 16.77
C LEU E 269 35.25 9.49 15.80
N GLU E 270 34.31 8.75 16.35
CA GLU E 270 33.23 8.20 15.58
C GLU E 270 32.67 9.28 14.65
N ASN E 271 32.14 10.34 15.23
CA ASN E 271 31.60 11.47 14.47
C ASN E 271 32.58 12.28 13.60
N THR E 272 33.79 12.56 14.09
CA THR E 272 34.73 13.35 13.27
C THR E 272 35.10 12.62 11.98
N ALA E 273 35.21 11.29 12.12
CA ALA E 273 35.62 10.45 11.01
C ALA E 273 34.55 10.38 9.93
N VAL E 274 33.28 10.25 10.37
CA VAL E 274 32.15 10.31 9.47
C VAL E 274 31.96 11.69 8.85
N ASP E 275 32.16 12.75 9.61
CA ASP E 275 32.15 14.12 9.06
C ASP E 275 33.03 14.25 7.83
N LEU E 276 34.27 13.77 7.95
CA LEU E 276 35.27 13.92 6.90
C LEU E 276 35.02 12.94 5.77
N PHE E 277 34.59 11.72 6.11
CA PHE E 277 34.23 10.72 5.12
C PHE E 277 33.08 11.20 4.21
N GLY E 278 32.04 11.80 4.81
CA GLY E 278 30.94 12.34 4.04
C GLY E 278 31.36 13.55 3.23
N ALA E 279 31.73 14.60 3.95
CA ALA E 279 32.06 15.91 3.37
C ALA E 279 33.14 15.84 2.32
N GLY E 280 34.16 15.01 2.55
CA GLY E 280 35.25 14.82 1.59
C GLY E 280 34.88 14.19 0.25
N THR E 281 34.05 13.16 0.34
CA THR E 281 33.61 12.41 -0.83
C THR E 281 32.62 13.23 -1.67
N GLU E 282 31.55 13.66 -1.02
CA GLU E 282 30.38 14.10 -1.75
C GLU E 282 30.58 15.46 -2.42
N THR E 283 31.30 16.32 -1.73
CA THR E 283 31.45 17.69 -2.12
C THR E 283 32.34 17.83 -3.38
N THR E 284 33.35 16.95 -3.47
CA THR E 284 34.35 16.97 -4.52
C THR E 284 33.86 16.15 -5.71
N SER E 285 33.28 14.98 -5.40
CA SER E 285 32.46 14.22 -6.36
C SER E 285 31.53 15.13 -7.22
N THR E 286 30.65 15.88 -6.55
CA THR E 286 29.77 16.82 -7.21
C THR E 286 30.48 17.93 -7.97
N THR E 287 31.57 18.46 -7.41
CA THR E 287 32.27 19.56 -8.07
C THR E 287 32.94 19.08 -9.36
N LEU E 288 33.58 17.91 -9.28
CA LEU E 288 34.11 17.24 -10.48
C LEU E 288 33.04 17.03 -11.54
N ARG E 289 31.95 16.39 -11.14
CA ARG E 289 30.89 16.02 -12.06
C ARG E 289 30.27 17.17 -12.85
N TYR E 290 30.19 18.31 -12.17
CA TYR E 290 29.62 19.58 -12.67
C TYR E 290 30.67 20.29 -13.52
N ALA E 291 31.92 19.89 -13.32
CA ALA E 291 33.05 20.47 -14.04
C ALA E 291 33.01 19.83 -15.42
N LEU E 292 33.04 18.51 -15.45
CA LEU E 292 32.96 17.81 -16.74
C LEU E 292 31.76 18.26 -17.55
N LEU E 293 30.64 18.49 -16.88
CA LEU E 293 29.47 18.99 -17.56
C LEU E 293 29.72 20.39 -18.21
N LEU E 294 30.38 21.29 -17.50
CA LEU E 294 30.72 22.63 -18.05
C LEU E 294 31.78 22.58 -19.14
N LEU E 295 32.65 21.59 -19.08
CA LEU E 295 33.66 21.36 -20.10
C LEU E 295 33.07 20.79 -21.40
N LEU E 296 32.04 19.95 -21.29
CA LEU E 296 31.25 19.55 -22.47
C LEU E 296 30.55 20.74 -23.10
N LYS E 297 29.80 21.44 -22.28
CA LYS E 297 29.02 22.60 -22.68
C LYS E 297 29.88 23.75 -23.31
N HIS E 298 31.17 23.81 -22.99
CA HIS E 298 32.10 24.78 -23.58
C HIS E 298 33.37 24.01 -23.96
N PRO E 299 33.45 23.43 -25.18
CA PRO E 299 34.67 22.65 -25.46
C PRO E 299 35.83 23.47 -26.06
N GLU E 300 35.60 24.74 -26.41
CA GLU E 300 36.66 25.72 -26.72
C GLU E 300 37.63 25.90 -25.52
N VAL E 301 37.02 26.01 -24.34
CA VAL E 301 37.71 26.08 -23.05
C VAL E 301 38.47 24.78 -22.79
N THR E 302 37.82 23.65 -22.99
CA THR E 302 38.47 22.35 -22.74
C THR E 302 39.62 22.06 -23.70
N ALA E 303 39.60 22.70 -24.87
CA ALA E 303 40.70 22.66 -25.82
C ALA E 303 41.93 23.41 -25.32
N LYS E 304 41.72 24.65 -24.89
CA LYS E 304 42.81 25.46 -24.31
C LYS E 304 43.37 24.88 -23.01
N VAL E 305 42.54 24.27 -22.18
CA VAL E 305 43.02 23.59 -20.97
C VAL E 305 43.83 22.40 -21.41
N GLN E 306 43.41 21.75 -22.50
CA GLN E 306 44.15 20.57 -23.04
C GLN E 306 45.47 20.96 -23.67
N GLU E 307 45.52 22.13 -24.30
CA GLU E 307 46.74 22.69 -24.90
C GLU E 307 47.83 22.95 -23.83
N GLU E 308 47.44 23.60 -22.72
CA GLU E 308 48.34 23.86 -21.58
C GLU E 308 48.84 22.61 -20.90
N ILE E 309 48.03 21.56 -20.86
CA ILE E 309 48.48 20.32 -20.22
C ILE E 309 49.64 19.80 -21.05
N GLU E 310 49.39 19.52 -22.32
CA GLU E 310 50.39 18.85 -23.19
C GLU E 310 51.71 19.65 -23.37
N ARG E 311 51.61 21.00 -23.32
CA ARG E 311 52.79 21.89 -23.27
C ARG E 311 53.61 21.85 -21.97
N VAL E 312 52.97 21.80 -20.81
CA VAL E 312 53.67 21.86 -19.52
C VAL E 312 53.89 20.48 -18.87
N ILE E 313 52.95 19.57 -19.05
CA ILE E 313 53.06 18.16 -18.63
C ILE E 313 52.92 17.34 -19.92
N GLY E 314 53.92 16.53 -20.26
CA GLY E 314 53.77 15.60 -21.38
C GLY E 314 52.81 14.50 -20.97
N ARG E 315 52.36 13.65 -21.90
CA ARG E 315 51.59 12.47 -21.52
C ARG E 315 52.53 11.35 -20.97
N ASN E 316 53.25 11.69 -19.89
CA ASN E 316 54.42 10.93 -19.41
C ASN E 316 54.36 10.78 -17.88
N ARG E 317 54.55 11.89 -17.16
CA ARG E 317 54.29 11.93 -15.70
C ARG E 317 52.88 12.36 -15.34
N SER E 318 52.38 11.82 -14.24
CA SER E 318 51.10 12.23 -13.68
C SER E 318 51.36 13.67 -13.30
N PRO E 319 50.44 14.59 -13.61
CA PRO E 319 50.65 15.95 -13.14
C PRO E 319 50.73 16.00 -11.62
N CYS E 320 51.53 16.95 -11.11
CA CYS E 320 51.73 17.20 -9.68
C CYS E 320 51.45 18.66 -9.37
N MET E 321 51.31 18.96 -8.08
CA MET E 321 50.85 20.29 -7.64
C MET E 321 51.79 21.40 -8.08
N GLN E 322 53.08 21.08 -8.10
CA GLN E 322 54.11 22.00 -8.60
C GLN E 322 53.80 22.61 -9.98
N ASP E 323 53.07 21.90 -10.83
CA ASP E 323 52.71 22.40 -12.17
C ASP E 323 51.64 23.51 -12.15
N ARG E 324 50.90 23.60 -11.04
CA ARG E 324 49.72 24.46 -10.93
C ARG E 324 50.01 25.94 -11.17
N SER E 325 51.13 26.41 -10.63
CA SER E 325 51.56 27.81 -10.82
C SER E 325 51.81 28.09 -12.27
N HIS E 326 52.37 27.11 -12.99
CA HIS E 326 52.70 27.22 -14.43
C HIS E 326 51.53 26.96 -15.40
N MET E 327 50.34 26.65 -14.88
CA MET E 327 49.14 26.56 -15.70
C MET E 327 48.13 27.64 -15.26
N PRO E 328 48.23 28.85 -15.83
CA PRO E 328 47.28 29.91 -15.46
C PRO E 328 45.83 29.64 -15.92
N TYR E 329 45.63 29.23 -17.17
CA TYR E 329 44.30 28.96 -17.69
C TYR E 329 43.64 27.79 -16.93
N THR E 330 44.39 26.72 -16.71
CA THR E 330 43.85 25.56 -16.00
C THR E 330 43.46 25.91 -14.55
N ASP E 331 44.28 26.69 -13.87
CA ASP E 331 43.96 27.11 -12.51
C ASP E 331 42.73 28.01 -12.50
N ALA E 332 42.61 28.91 -13.47
CA ALA E 332 41.42 29.78 -13.62
C ALA E 332 40.11 29.01 -13.88
N VAL E 333 40.20 27.98 -14.73
CA VAL E 333 39.06 27.11 -15.03
C VAL E 333 38.57 26.41 -13.76
N VAL E 334 39.44 25.64 -13.11
CA VAL E 334 39.06 25.00 -11.82
C VAL E 334 38.42 26.01 -10.84
N HIS E 335 38.86 27.26 -10.88
CA HIS E 335 38.33 28.30 -10.00
C HIS E 335 36.99 28.86 -10.48
N GLU E 336 36.78 28.89 -11.80
CA GLU E 336 35.54 29.40 -12.35
C GLU E 336 34.43 28.39 -12.26
N VAL E 337 34.79 27.10 -12.27
CA VAL E 337 33.85 26.06 -11.93
C VAL E 337 33.29 26.31 -10.54
N GLN E 338 34.13 26.41 -9.52
CA GLN E 338 33.61 26.54 -8.14
C GLN E 338 32.83 27.85 -7.86
N ARG E 339 33.17 28.88 -8.63
CA ARG E 339 32.44 30.13 -8.57
C ARG E 339 31.07 30.04 -9.27
N TYR E 340 31.09 29.50 -10.49
CA TYR E 340 29.88 29.38 -11.30
C TYR E 340 28.85 28.46 -10.66
N ILE E 341 29.25 27.25 -10.32
CA ILE E 341 28.30 26.24 -9.82
C ILE E 341 27.72 26.57 -8.47
N ASP E 342 28.45 27.38 -7.68
CA ASP E 342 27.93 27.95 -6.45
C ASP E 342 27.52 26.80 -5.53
N LEU E 343 28.41 25.81 -5.42
CA LEU E 343 28.06 24.51 -4.79
C LEU E 343 27.31 24.58 -3.43
N LEU E 344 27.69 25.44 -2.49
CA LEU E 344 26.94 25.53 -1.22
C LEU E 344 26.44 26.94 -1.03
N PRO E 345 25.41 27.34 -1.81
CA PRO E 345 24.93 28.75 -1.92
C PRO E 345 24.75 29.55 -0.62
N THR E 346 24.46 28.86 0.47
CA THR E 346 24.18 29.46 1.75
C THR E 346 25.15 28.91 2.79
N SER E 347 26.32 28.45 2.35
CA SER E 347 27.24 27.79 3.27
C SER E 347 26.46 26.79 4.15
N LEU E 348 26.94 26.48 5.36
CA LEU E 348 26.07 25.88 6.41
C LEU E 348 25.71 27.00 7.34
N PRO E 349 24.62 26.88 8.08
CA PRO E 349 24.26 28.01 8.93
C PRO E 349 25.25 28.18 10.05
N HIS E 350 25.47 29.39 10.51
CA HIS E 350 26.29 29.63 11.66
C HIS E 350 25.36 30.16 12.71
N ALA E 351 25.88 30.33 13.91
CA ALA E 351 25.17 30.97 15.03
C ALA E 351 26.18 31.90 15.68
N VAL E 352 25.71 32.78 16.57
CA VAL E 352 26.68 33.66 17.24
C VAL E 352 26.94 33.11 18.61
N THR E 353 28.20 33.21 19.01
CA THR E 353 28.69 32.63 20.27
C THR E 353 28.34 33.46 21.55
N CYS E 354 27.90 34.71 21.37
CA CYS E 354 27.59 35.66 22.46
C CYS E 354 26.64 36.79 22.00
N ASP E 355 26.14 37.64 22.91
CA ASP E 355 25.35 38.83 22.50
C ASP E 355 26.32 39.73 21.76
N ILE E 356 25.90 40.36 20.68
CA ILE E 356 26.88 41.07 19.88
C ILE E 356 26.37 42.26 19.07
N LYS E 357 27.10 43.34 19.09
CA LYS E 357 26.73 44.49 18.31
C LYS E 357 27.32 44.35 16.95
N PHE E 358 26.48 44.20 15.93
CA PHE E 358 26.96 44.09 14.58
C PHE E 358 26.42 45.34 13.96
N ARG E 359 27.27 46.10 13.25
CA ARG E 359 26.79 47.35 12.66
C ARG E 359 26.22 48.12 13.84
N ASN E 360 24.89 48.09 13.99
CA ASN E 360 24.25 48.75 15.16
C ASN E 360 23.09 47.98 15.73
N TYR E 361 23.03 46.68 15.44
CA TYR E 361 21.84 45.88 15.76
C TYR E 361 21.76 44.96 16.94
N LEU E 362 22.88 44.58 17.50
CA LEU E 362 22.85 43.67 18.68
C LEU E 362 21.94 42.45 18.60
N ILE E 363 22.42 41.47 17.85
CA ILE E 363 22.00 40.09 17.70
C ILE E 363 22.34 39.28 18.95
N PRO E 364 21.33 38.72 19.63
CA PRO E 364 21.57 37.94 20.87
C PRO E 364 22.41 36.67 20.68
N LYS E 365 22.92 36.10 21.78
CA LYS E 365 23.65 34.83 21.72
C LYS E 365 22.70 33.77 21.16
N GLY E 366 23.21 32.98 20.22
CA GLY E 366 22.48 31.85 19.67
C GLY E 366 21.72 32.09 18.40
N THR E 367 21.33 33.33 18.12
CA THR E 367 20.67 33.65 16.85
C THR E 367 21.43 33.09 15.62
N THR E 368 20.70 32.35 14.77
CA THR E 368 21.26 31.72 13.58
C THR E 368 21.59 32.75 12.47
N ILE E 369 22.72 32.55 11.81
CA ILE E 369 23.19 33.41 10.75
C ILE E 369 23.33 32.67 9.40
N LEU E 370 22.73 33.21 8.35
CA LEU E 370 22.89 32.65 7.00
C LEU E 370 23.84 33.50 6.20
N ILE E 371 24.95 32.94 5.80
CA ILE E 371 25.88 33.65 4.98
C ILE E 371 25.48 33.40 3.54
N SER E 372 25.14 34.41 2.74
CA SER E 372 24.98 34.17 1.31
C SER E 372 26.31 34.11 0.61
N LEU E 373 26.83 32.92 0.44
CA LEU E 373 28.03 32.78 -0.38
C LEU E 373 27.76 33.13 -1.87
N THR E 374 26.54 32.89 -2.35
CA THR E 374 26.15 33.20 -3.74
C THR E 374 26.38 34.69 -4.10
N SER E 375 25.99 35.56 -3.17
CA SER E 375 26.16 37.00 -3.29
C SER E 375 27.62 37.36 -3.46
N VAL E 376 28.49 36.67 -2.73
CA VAL E 376 29.92 36.91 -2.87
C VAL E 376 30.44 36.34 -4.19
N LEU E 377 30.23 35.06 -4.45
CA LEU E 377 30.77 34.44 -5.69
C LEU E 377 30.19 35.08 -6.95
N HIS E 378 29.03 35.69 -6.85
CA HIS E 378 28.40 36.31 -8.01
C HIS E 378 28.31 37.79 -7.83
N ASP E 379 29.26 38.40 -7.10
CA ASP E 379 29.33 39.87 -6.99
C ASP E 379 29.41 40.41 -8.40
N ASN E 380 28.60 41.44 -8.63
CA ASN E 380 28.45 42.01 -9.96
C ASN E 380 29.67 42.87 -10.44
N LYS E 381 30.25 43.68 -9.53
CA LYS E 381 31.43 44.51 -9.83
C LYS E 381 32.63 43.61 -10.07
N GLU E 382 32.90 42.69 -9.14
CA GLU E 382 34.05 41.77 -9.25
C GLU E 382 34.03 40.76 -10.41
N PHE E 383 32.83 40.33 -10.76
CA PHE E 383 32.72 39.37 -11.82
C PHE E 383 31.71 39.89 -12.79
N PRO E 384 32.19 40.83 -13.67
CA PRO E 384 31.19 41.33 -14.63
C PRO E 384 30.51 40.21 -15.34
N ASN E 385 29.18 40.19 -15.32
CA ASN E 385 28.44 39.14 -15.96
C ASN E 385 28.74 37.92 -15.17
N PRO E 386 28.32 37.97 -13.93
CA PRO E 386 28.54 36.93 -12.89
C PRO E 386 28.00 35.59 -13.20
N GLU E 387 26.87 35.55 -13.91
CA GLU E 387 26.17 34.33 -14.16
C GLU E 387 26.52 33.70 -15.53
N MET E 388 27.56 34.20 -16.21
CA MET E 388 28.18 33.47 -17.35
C MET E 388 29.40 32.75 -16.84
N PHE E 389 29.78 31.66 -17.52
CA PHE E 389 30.98 30.87 -17.17
C PHE E 389 32.08 31.32 -18.09
N ASP E 390 33.06 32.01 -17.51
CA ASP E 390 34.18 32.59 -18.25
C ASP E 390 35.45 32.56 -17.39
N PRO E 391 36.47 31.75 -17.78
CA PRO E 391 37.75 31.75 -17.03
C PRO E 391 38.44 33.10 -16.90
N HIS E 392 38.20 34.04 -17.83
CA HIS E 392 38.68 35.42 -17.71
C HIS E 392 38.21 36.22 -16.47
N HIS E 393 37.38 35.56 -15.65
CA HIS E 393 36.95 36.11 -14.40
C HIS E 393 38.15 35.94 -13.44
N PHE E 394 38.96 34.90 -13.69
CA PHE E 394 40.16 34.65 -12.86
C PHE E 394 41.44 34.78 -13.71
N LEU E 395 41.41 35.65 -14.72
CA LEU E 395 42.61 36.01 -15.49
C LEU E 395 42.70 37.51 -15.68
N ASP E 396 43.93 38.01 -15.75
CA ASP E 396 44.20 39.44 -15.95
C ASP E 396 44.60 39.68 -17.41
N GLU E 397 44.55 40.94 -17.84
CA GLU E 397 44.63 41.35 -19.27
C GLU E 397 45.52 40.46 -20.16
N GLY E 398 46.74 40.17 -19.71
CA GLY E 398 47.61 39.17 -20.36
C GLY E 398 47.57 37.93 -19.50
N GLY E 399 47.16 36.79 -20.09
CA GLY E 399 46.72 35.60 -19.34
C GLY E 399 47.48 35.16 -18.09
N ASN E 400 47.25 35.88 -16.99
CA ASN E 400 47.82 35.52 -15.67
C ASN E 400 46.76 35.46 -14.60
N PHE E 401 46.88 34.45 -13.74
CA PHE E 401 45.84 34.11 -12.78
C PHE E 401 45.54 35.22 -11.77
N LYS E 402 44.39 35.85 -11.91
CA LYS E 402 43.91 36.94 -11.04
C LYS E 402 43.08 36.38 -9.88
N LYS E 403 43.78 35.98 -8.81
CA LYS E 403 43.21 35.66 -7.49
C LYS E 403 42.18 36.69 -7.12
N SER E 404 41.09 36.25 -6.46
CA SER E 404 40.03 37.15 -5.98
C SER E 404 39.73 37.04 -4.50
N LYS E 405 39.55 38.21 -3.91
CA LYS E 405 39.12 38.31 -2.53
C LYS E 405 37.77 37.64 -2.32
N TYR E 406 36.96 37.77 -3.37
CA TYR E 406 35.59 37.32 -3.44
C TYR E 406 35.41 35.82 -3.78
N PHE E 407 36.49 35.05 -3.90
CA PHE E 407 36.37 33.64 -4.24
C PHE E 407 36.34 32.90 -2.95
N MET E 408 35.16 32.84 -2.34
CA MET E 408 35.06 32.11 -1.09
C MET E 408 34.05 30.97 -1.07
N PRO E 409 34.19 30.01 -2.02
CA PRO E 409 33.30 28.81 -2.00
C PRO E 409 33.61 27.88 -0.85
N PHE E 410 34.70 28.11 -0.14
CA PHE E 410 34.98 27.25 1.03
C PHE E 410 34.60 28.08 2.24
N SER E 411 33.88 29.16 2.01
CA SER E 411 33.51 30.11 3.08
C SER E 411 34.77 30.79 3.52
N ALA E 412 34.71 31.42 4.69
CA ALA E 412 35.90 32.02 5.29
C ALA E 412 35.68 32.19 6.79
N GLY E 413 36.74 32.56 7.51
CA GLY E 413 36.63 32.73 8.95
C GLY E 413 37.01 31.50 9.73
N LYS E 414 36.49 31.39 10.92
CA LYS E 414 36.91 30.34 11.83
C LYS E 414 36.46 28.94 11.38
N ARG E 415 35.36 28.90 10.64
CA ARG E 415 34.75 27.64 10.24
C ARG E 415 35.02 27.31 8.81
N ILE E 416 36.00 27.98 8.21
CA ILE E 416 36.36 27.71 6.82
C ILE E 416 36.63 26.23 6.66
N CYS E 417 36.28 25.70 5.50
CA CYS E 417 36.48 24.27 5.19
C CYS E 417 37.87 23.69 5.48
N VAL E 418 37.90 22.77 6.44
CA VAL E 418 39.08 22.01 6.86
C VAL E 418 39.79 21.35 5.65
N GLY E 419 39.01 20.89 4.70
CA GLY E 419 39.55 20.18 3.57
C GLY E 419 40.18 21.03 2.49
N GLU E 420 39.86 22.33 2.49
CA GLU E 420 40.19 23.21 1.35
C GLU E 420 41.40 22.82 0.47
N ALA E 421 42.52 22.48 1.12
CA ALA E 421 43.79 22.21 0.43
C ALA E 421 43.73 20.90 -0.27
N LEU E 422 43.35 19.86 0.47
CA LEU E 422 43.06 18.53 -0.08
C LEU E 422 42.08 18.63 -1.22
N ALA E 423 41.00 19.36 -1.02
CA ALA E 423 39.96 19.57 -2.03
C ALA E 423 40.50 20.16 -3.34
N GLY E 424 41.16 21.31 -3.28
CA GLY E 424 41.76 21.90 -4.48
C GLY E 424 42.89 21.06 -5.09
N MET E 425 43.48 20.15 -4.30
CA MET E 425 44.41 19.14 -4.84
C MET E 425 43.64 18.19 -5.75
N GLU E 426 42.62 17.55 -5.16
CA GLU E 426 41.70 16.67 -5.85
C GLU E 426 41.14 17.33 -7.13
N LEU E 427 40.62 18.54 -7.02
CA LEU E 427 40.03 19.19 -8.20
C LEU E 427 41.02 19.36 -9.30
N PHE E 428 42.24 19.77 -8.94
CA PHE E 428 43.24 20.09 -9.94
C PHE E 428 43.89 18.85 -10.58
N LEU E 429 44.20 17.83 -9.77
CA LEU E 429 44.88 16.63 -10.28
C LEU E 429 43.98 15.64 -11.05
N PHE E 430 42.75 15.47 -10.56
CA PHE E 430 41.76 14.70 -11.29
C PHE E 430 41.36 15.37 -12.62
N LEU E 431 40.98 16.65 -12.63
CA LEU E 431 40.60 17.31 -13.90
C LEU E 431 41.69 17.35 -14.96
N THR E 432 42.95 17.28 -14.54
CA THR E 432 44.06 17.29 -15.48
C THR E 432 44.42 15.87 -15.89
N SER E 433 44.50 14.94 -14.95
CA SER E 433 44.72 13.54 -15.30
C SER E 433 43.68 13.06 -16.34
N ILE E 434 42.40 13.38 -16.09
CA ILE E 434 41.32 13.15 -17.06
C ILE E 434 41.63 13.85 -18.40
N LEU E 435 41.72 15.17 -18.39
CA LEU E 435 41.94 15.89 -19.66
C LEU E 435 43.25 15.65 -20.42
N GLN E 436 44.28 15.12 -19.77
CA GLN E 436 45.50 14.77 -20.49
C GLN E 436 45.38 13.44 -21.23
N ASN E 437 44.60 12.50 -20.66
CA ASN E 437 44.40 11.17 -21.29
C ASN E 437 43.07 10.90 -22.00
N PHE E 438 42.17 11.88 -22.06
CA PHE E 438 40.86 11.68 -22.69
C PHE E 438 40.29 12.98 -23.22
N ASN E 439 39.55 12.86 -24.32
CA ASN E 439 38.62 13.89 -24.73
C ASN E 439 37.25 13.49 -24.23
N LEU E 440 36.37 14.47 -24.22
CA LEU E 440 35.07 14.30 -23.63
C LEU E 440 34.11 14.52 -24.77
N LYS E 441 33.40 13.45 -25.16
CA LYS E 441 32.42 13.52 -26.26
C LYS E 441 31.00 13.40 -25.67
N SER E 442 30.18 14.41 -25.97
CA SER E 442 28.77 14.45 -25.55
C SER E 442 27.87 13.71 -26.53
N LEU E 443 26.78 13.12 -26.02
CA LEU E 443 25.74 12.51 -26.88
C LEU E 443 24.48 13.36 -26.76
N VAL E 444 24.51 14.48 -27.44
CA VAL E 444 23.53 15.55 -27.33
C VAL E 444 24.37 16.79 -27.59
N ASP E 445 23.76 17.77 -28.27
CA ASP E 445 24.46 18.99 -28.60
C ASP E 445 24.80 19.79 -27.31
N PRO E 446 26.07 20.26 -27.17
CA PRO E 446 26.44 21.36 -26.29
C PRO E 446 25.41 22.49 -26.14
N LYS E 447 24.92 23.05 -27.25
CA LYS E 447 23.82 24.05 -27.19
C LYS E 447 22.74 23.69 -26.15
N ASN E 448 22.49 22.39 -25.95
CA ASN E 448 21.21 21.91 -25.44
C ASN E 448 21.21 21.14 -24.12
N LEU E 449 22.31 20.49 -23.74
CA LEU E 449 22.41 20.05 -22.33
C LEU E 449 22.43 21.24 -21.37
N ASP E 450 21.48 21.30 -20.43
CA ASP E 450 21.44 22.40 -19.45
C ASP E 450 22.15 22.13 -18.12
N THR E 451 22.54 23.20 -17.44
CA THR E 451 23.62 23.19 -16.45
C THR E 451 23.06 23.73 -15.14
N THR E 452 21.73 23.80 -15.07
CA THR E 452 21.06 24.50 -13.99
C THR E 452 20.91 23.47 -12.91
N PRO E 453 21.01 23.86 -11.64
CA PRO E 453 20.85 22.87 -10.57
C PRO E 453 19.45 22.30 -10.52
N VAL E 454 19.36 20.98 -10.41
CA VAL E 454 18.08 20.26 -10.33
C VAL E 454 17.35 20.66 -9.04
N VAL E 455 18.10 20.85 -7.96
CA VAL E 455 17.65 21.54 -6.72
C VAL E 455 18.85 22.23 -6.12
N ASN E 456 18.62 23.22 -5.24
CA ASN E 456 19.72 23.88 -4.52
C ASN E 456 19.49 24.28 -3.06
N GLY E 457 18.50 23.70 -2.41
CA GLY E 457 18.13 24.08 -1.03
C GLY E 457 19.22 24.01 0.02
N PHE E 458 20.28 23.27 -0.27
CA PHE E 458 21.45 23.15 0.59
C PHE E 458 22.64 23.23 -0.33
N ALA E 459 22.76 22.28 -1.27
CA ALA E 459 23.80 22.29 -2.28
C ALA E 459 23.18 22.32 -3.67
N SER E 460 23.87 22.96 -4.61
CA SER E 460 23.52 22.94 -6.02
C SER E 460 23.88 21.56 -6.58
N VAL E 461 22.89 20.67 -6.59
CA VAL E 461 22.98 19.34 -7.22
C VAL E 461 22.83 19.52 -8.72
N PRO E 462 23.74 18.96 -9.54
CA PRO E 462 23.61 19.18 -10.98
C PRO E 462 22.57 18.23 -11.66
N PRO E 463 22.31 18.46 -12.97
CA PRO E 463 21.52 17.57 -13.81
C PRO E 463 22.13 16.21 -14.04
N PHE E 464 21.35 15.41 -14.74
CA PHE E 464 21.79 14.18 -15.34
C PHE E 464 22.36 14.55 -16.69
N TYR E 465 23.43 13.87 -17.05
CA TYR E 465 24.02 13.98 -18.37
C TYR E 465 24.84 12.72 -18.51
N GLN E 466 25.05 12.31 -19.77
CA GLN E 466 25.99 11.24 -20.04
C GLN E 466 27.08 11.74 -20.94
N LEU E 467 28.23 11.08 -20.85
CA LEU E 467 29.35 11.40 -21.74
C LEU E 467 30.28 10.23 -22.05
N CYS E 468 31.04 10.43 -23.13
CA CYS E 468 32.14 9.52 -23.46
C CYS E 468 33.57 9.99 -23.40
N PHE E 469 34.38 9.15 -22.76
CA PHE E 469 35.74 9.44 -22.42
C PHE E 469 36.50 8.69 -23.50
N ILE E 470 36.81 9.38 -24.61
CA ILE E 470 37.47 8.74 -25.77
C ILE E 470 38.96 8.94 -25.61
N PRO E 471 39.76 7.86 -25.53
CA PRO E 471 41.17 8.07 -25.32
C PRO E 471 41.74 9.01 -26.38
N ILE E 472 42.65 9.86 -25.89
CA ILE E 472 43.39 10.87 -26.69
C ILE E 472 44.69 10.28 -27.22
N HIS E 473 44.81 10.28 -28.55
CA HIS E 473 45.94 9.79 -29.38
C HIS E 473 47.22 10.00 -28.57
N LYS F 10 5.34 23.15 38.71
CA LYS F 10 4.78 24.34 39.44
C LYS F 10 3.28 24.57 39.12
N LEU F 11 2.89 25.12 37.97
CA LEU F 11 1.45 25.31 37.67
C LEU F 11 0.57 24.09 38.05
N PRO F 12 -0.69 24.31 38.41
CA PRO F 12 -1.53 23.11 38.67
C PRO F 12 -1.86 22.33 37.40
N PRO F 13 -2.22 21.03 37.52
CA PRO F 13 -2.40 20.16 36.35
C PRO F 13 -3.58 20.58 35.49
N GLY F 14 -3.61 20.21 34.22
CA GLY F 14 -4.79 20.44 33.40
C GLY F 14 -4.78 19.73 32.09
N PRO F 15 -5.91 19.82 31.33
CA PRO F 15 -5.98 19.26 29.99
C PRO F 15 -4.98 19.96 29.10
N THR F 16 -4.41 19.20 28.16
CA THR F 16 -3.30 19.69 27.38
C THR F 16 -3.83 20.64 26.34
N PRO F 17 -3.29 21.86 26.33
CA PRO F 17 -3.76 22.81 25.35
C PRO F 17 -3.15 22.53 24.00
N LEU F 18 -3.82 22.96 22.93
CA LEU F 18 -3.26 22.99 21.56
C LEU F 18 -2.57 24.36 21.34
N PRO F 19 -1.80 24.48 20.27
CA PRO F 19 -1.05 25.70 19.93
C PRO F 19 -1.71 27.07 20.16
N VAL F 20 -2.48 27.54 19.18
CA VAL F 20 -3.11 28.91 19.23
C VAL F 20 -4.39 29.00 20.08
N ILE F 21 -5.21 27.94 19.98
CA ILE F 21 -6.59 27.89 20.50
C ILE F 21 -6.77 27.38 21.93
N GLY F 22 -5.65 27.06 22.61
CA GLY F 22 -5.68 26.56 24.00
C GLY F 22 -6.53 25.32 24.25
N ASN F 23 -7.39 25.39 25.26
CA ASN F 23 -8.26 24.29 25.64
C ASN F 23 -9.67 24.45 25.13
N ILE F 24 -9.85 25.23 24.07
CA ILE F 24 -11.20 25.67 23.68
C ILE F 24 -12.12 24.52 23.34
N LEU F 25 -11.55 23.43 22.82
CA LEU F 25 -12.31 22.22 22.51
C LEU F 25 -12.90 21.52 23.75
N GLN F 26 -12.28 21.72 24.92
CA GLN F 26 -12.75 21.05 26.14
C GLN F 26 -13.72 21.93 26.93
N ILE F 27 -13.52 23.25 26.92
CA ILE F 27 -14.36 24.18 27.68
C ILE F 27 -15.62 24.60 26.92
N GLY F 28 -15.49 24.76 25.60
CA GLY F 28 -16.57 25.27 24.78
C GLY F 28 -16.71 26.78 24.89
N ILE F 29 -17.87 27.27 24.45
CA ILE F 29 -18.20 28.68 24.58
C ILE F 29 -19.61 29.00 25.09
N LYS F 30 -20.43 27.97 25.27
CA LYS F 30 -21.85 28.14 25.53
C LYS F 30 -22.23 27.95 27.01
N ASP F 31 -21.38 27.28 27.80
CA ASP F 31 -21.71 27.03 29.21
C ASP F 31 -20.50 26.81 30.14
N ILE F 32 -19.72 27.88 30.31
CA ILE F 32 -18.44 27.79 30.99
C ILE F 32 -18.49 27.20 32.38
N SER F 33 -19.43 27.62 33.21
CA SER F 33 -19.45 27.08 34.55
C SER F 33 -19.71 25.57 34.64
N LYS F 34 -20.47 25.04 33.69
CA LYS F 34 -20.75 23.61 33.63
C LYS F 34 -19.43 22.93 33.25
N SER F 35 -18.73 23.48 32.27
CA SER F 35 -17.46 22.88 31.84
C SER F 35 -16.42 22.90 32.94
N LEU F 36 -16.43 23.95 33.75
CA LEU F 36 -15.48 24.07 34.81
C LEU F 36 -15.86 23.07 35.88
N THR F 37 -17.17 22.93 36.11
CA THR F 37 -17.68 21.88 37.01
C THR F 37 -17.26 20.47 36.57
N ASN F 38 -17.29 20.18 35.27
CA ASN F 38 -16.96 18.82 34.79
C ASN F 38 -15.48 18.54 34.80
N LEU F 39 -14.70 19.50 34.33
CA LEU F 39 -13.24 19.39 34.41
C LEU F 39 -12.77 19.16 35.85
N SER F 40 -13.48 19.76 36.82
CA SER F 40 -13.19 19.58 38.24
C SER F 40 -13.38 18.16 38.78
N LYS F 41 -14.21 17.35 38.12
CA LYS F 41 -14.43 15.95 38.52
C LYS F 41 -13.35 15.03 37.90
N VAL F 42 -12.37 15.66 37.24
CA VAL F 42 -11.27 14.99 36.64
C VAL F 42 -10.02 15.56 37.26
N TYR F 43 -9.79 16.86 37.14
CA TYR F 43 -8.56 17.45 37.66
C TYR F 43 -8.72 18.01 39.07
N GLY F 44 -9.80 17.64 39.76
CA GLY F 44 -10.01 18.05 41.14
C GLY F 44 -10.32 19.52 41.33
N PRO F 45 -9.86 20.11 42.44
CA PRO F 45 -10.36 21.42 42.78
C PRO F 45 -9.43 22.59 42.37
N VAL F 46 -8.22 22.31 41.92
CA VAL F 46 -7.36 23.42 41.52
C VAL F 46 -6.80 23.00 40.19
N PHE F 47 -7.08 23.72 39.11
CA PHE F 47 -6.61 23.32 37.81
C PHE F 47 -6.33 24.41 36.82
N THR F 48 -5.84 24.04 35.64
CA THR F 48 -5.34 25.02 34.71
C THR F 48 -5.81 24.83 33.32
N LEU F 49 -6.51 25.85 32.83
CA LEU F 49 -6.96 25.91 31.47
C LEU F 49 -6.15 27.00 30.82
N TYR F 50 -6.26 27.10 29.50
CA TYR F 50 -5.55 28.11 28.77
C TYR F 50 -6.56 28.68 27.83
N PHE F 51 -6.83 29.97 27.94
CA PHE F 51 -7.78 30.58 27.03
C PHE F 51 -6.94 31.14 25.95
N GLY F 52 -6.59 30.30 25.00
CA GLY F 52 -5.74 30.73 23.92
C GLY F 52 -4.34 30.49 24.42
N LEU F 53 -3.64 31.57 24.71
CA LEU F 53 -2.26 31.49 25.22
C LEU F 53 -2.15 31.80 26.71
N LYS F 54 -3.12 32.56 27.26
CA LYS F 54 -3.13 32.95 28.68
C LYS F 54 -3.56 31.75 29.56
N PRO F 55 -2.74 31.40 30.58
CA PRO F 55 -3.16 30.40 31.56
C PRO F 55 -4.06 31.00 32.62
N ILE F 56 -4.91 30.16 33.17
CA ILE F 56 -5.95 30.57 34.07
C ILE F 56 -6.12 29.49 35.10
N VAL F 57 -5.86 29.79 36.35
CA VAL F 57 -6.04 28.79 37.38
C VAL F 57 -7.47 28.89 37.85
N VAL F 58 -8.14 27.76 38.00
CA VAL F 58 -9.55 27.70 38.37
C VAL F 58 -9.66 27.11 39.77
N LEU F 59 -10.62 27.54 40.58
CA LEU F 59 -10.75 27.06 41.96
C LEU F 59 -12.14 26.54 42.19
N HIS F 60 -12.29 25.25 42.48
CA HIS F 60 -13.64 24.69 42.54
C HIS F 60 -14.35 24.48 43.86
N GLY F 61 -13.68 23.96 44.87
CA GLY F 61 -14.43 23.70 46.11
C GLY F 61 -14.44 24.86 47.09
N TYR F 62 -15.47 24.89 47.92
CA TYR F 62 -15.53 25.83 49.03
C TYR F 62 -14.16 25.92 49.69
N GLU F 63 -13.63 24.78 50.12
CA GLU F 63 -12.32 24.79 50.76
C GLU F 63 -11.23 25.44 49.89
N ALA F 64 -11.24 25.29 48.57
CA ALA F 64 -10.25 25.99 47.71
C ALA F 64 -10.50 27.49 47.56
N VAL F 65 -11.78 27.83 47.52
CA VAL F 65 -12.20 29.21 47.32
C VAL F 65 -11.86 29.94 48.61
N LYS F 66 -12.27 29.36 49.74
CA LYS F 66 -11.97 29.96 51.04
C LYS F 66 -10.48 30.19 51.29
N GLU F 67 -9.67 29.20 51.00
CA GLU F 67 -8.26 29.32 51.26
C GLU F 67 -7.53 30.37 50.41
N ALA F 68 -8.18 30.85 49.35
CA ALA F 68 -7.52 31.76 48.40
C ALA F 68 -8.08 33.13 48.59
N LEU F 69 -9.38 33.22 48.84
CA LEU F 69 -10.02 34.52 48.97
C LEU F 69 -9.95 35.08 50.41
N ILE F 70 -10.20 34.21 51.39
CA ILE F 70 -10.09 34.54 52.80
C ILE F 70 -8.63 34.34 53.34
N ASP F 71 -8.20 33.09 53.55
CA ASP F 71 -6.88 32.76 54.08
C ASP F 71 -5.67 33.34 53.33
N LEU F 72 -5.78 33.65 52.04
CA LEU F 72 -4.66 34.29 51.29
C LEU F 72 -5.13 35.55 50.55
N GLY F 73 -6.27 36.09 51.01
CA GLY F 73 -6.99 37.15 50.35
C GLY F 73 -6.16 38.17 49.63
N GLU F 74 -5.13 38.73 50.28
CA GLU F 74 -4.34 39.82 49.68
C GLU F 74 -3.63 39.37 48.41
N GLU F 75 -3.16 38.13 48.40
CA GLU F 75 -2.40 37.61 47.27
C GLU F 75 -3.32 37.32 46.06
N PHE F 76 -4.56 36.92 46.35
CA PHE F 76 -5.65 36.75 45.37
C PHE F 76 -6.65 37.93 45.29
N SER F 77 -6.27 39.14 45.74
CA SER F 77 -7.17 40.30 45.72
C SER F 77 -7.05 41.08 44.39
N GLY F 78 -6.24 40.58 43.47
CA GLY F 78 -6.15 41.18 42.17
C GLY F 78 -7.42 41.01 41.33
N ARG F 79 -7.54 41.84 40.30
CA ARG F 79 -8.62 41.74 39.33
C ARG F 79 -7.97 41.42 38.01
N GLY F 80 -8.52 40.40 37.34
CA GLY F 80 -8.06 39.97 36.04
C GLY F 80 -8.80 40.75 35.00
N ILE F 81 -8.09 41.18 33.96
CA ILE F 81 -8.67 42.02 32.93
C ILE F 81 -8.63 41.29 31.59
N PHE F 82 -9.79 41.01 31.03
CA PHE F 82 -9.84 40.41 29.71
C PHE F 82 -9.72 41.59 28.79
N PRO F 83 -9.58 41.38 27.48
CA PRO F 83 -9.31 42.53 26.58
C PRO F 83 -10.50 43.42 26.12
N LEU F 84 -11.75 43.09 26.44
CA LEU F 84 -12.82 44.06 26.20
C LEU F 84 -12.82 45.16 27.25
N ALA F 85 -12.64 44.81 28.53
CA ALA F 85 -12.58 45.83 29.59
C ALA F 85 -11.46 46.80 29.37
N GLU F 86 -10.34 46.27 28.88
CA GLU F 86 -9.22 47.10 28.57
C GLU F 86 -9.56 48.15 27.52
N ARG F 87 -10.19 47.74 26.42
CA ARG F 87 -10.57 48.65 25.34
C ARG F 87 -11.64 49.67 25.74
N ALA F 88 -12.53 49.25 26.65
CA ALA F 88 -13.52 50.13 27.26
C ALA F 88 -12.88 51.27 28.05
N ASN F 89 -11.69 51.01 28.60
CA ASN F 89 -10.89 52.00 29.31
C ASN F 89 -11.54 52.26 30.67
N ARG F 90 -11.51 51.24 31.53
CA ARG F 90 -12.11 51.34 32.84
C ARG F 90 -11.20 50.89 33.97
N GLY F 91 -9.91 51.17 33.80
CA GLY F 91 -8.90 50.78 34.82
C GLY F 91 -8.90 51.57 36.14
N PHE F 92 -9.78 52.55 36.23
CA PHE F 92 -9.86 53.49 37.32
C PHE F 92 -11.22 53.16 37.91
N GLY F 93 -11.55 53.74 39.05
CA GLY F 93 -12.73 53.26 39.77
C GLY F 93 -12.42 51.94 40.44
N ILE F 94 -13.44 51.16 40.76
CA ILE F 94 -13.28 50.03 41.69
C ILE F 94 -13.16 48.68 41.00
N VAL F 95 -14.16 48.36 40.20
CA VAL F 95 -14.35 47.03 39.64
C VAL F 95 -13.13 46.61 38.86
N PHE F 96 -12.70 47.42 37.91
CA PHE F 96 -11.64 46.98 37.01
C PHE F 96 -10.32 47.60 37.36
N SER F 97 -10.14 48.07 38.59
CA SER F 97 -8.82 48.60 38.98
C SER F 97 -8.06 47.64 39.88
N ASN F 98 -6.75 47.87 39.97
CA ASN F 98 -5.83 47.12 40.82
C ASN F 98 -4.88 48.01 41.64
N GLY F 99 -4.02 47.38 42.43
CA GLY F 99 -2.97 48.09 43.16
C GLY F 99 -3.49 48.97 44.28
N LYS F 100 -2.66 49.91 44.72
CA LYS F 100 -3.04 50.89 45.76
C LYS F 100 -4.23 51.76 45.29
N LYS F 101 -4.16 52.26 44.04
CA LYS F 101 -5.27 52.94 43.35
C LYS F 101 -6.61 52.26 43.62
N TRP F 102 -6.60 50.94 43.59
CA TRP F 102 -7.78 50.16 43.96
C TRP F 102 -8.01 50.36 45.46
N LYS F 103 -7.03 49.98 46.30
CA LYS F 103 -7.21 50.04 47.77
C LYS F 103 -7.82 51.34 48.34
N GLU F 104 -7.30 52.48 47.88
CA GLU F 104 -7.82 53.81 48.24
C GLU F 104 -9.28 54.02 47.81
N ILE F 105 -9.53 53.84 46.51
CA ILE F 105 -10.83 54.13 45.92
C ILE F 105 -11.85 53.22 46.57
N ARG F 106 -11.50 51.96 46.78
CA ARG F 106 -12.42 51.05 47.43
C ARG F 106 -12.70 51.44 48.88
N ARG F 107 -11.65 51.81 49.61
CA ARG F 107 -11.77 52.19 51.04
C ARG F 107 -12.62 53.43 51.13
N PHE F 108 -12.29 54.42 50.31
CA PHE F 108 -13.01 55.67 50.35
C PHE F 108 -14.49 55.42 50.12
N SER F 109 -14.80 54.73 49.03
CA SER F 109 -16.17 54.47 48.61
C SER F 109 -16.97 53.68 49.62
N LEU F 110 -16.38 52.68 50.24
CA LEU F 110 -17.06 51.99 51.35
C LEU F 110 -17.38 52.84 52.61
N MET F 111 -16.40 53.62 53.10
CA MET F 111 -16.62 54.61 54.17
C MET F 111 -17.76 55.50 53.70
N THR F 112 -17.61 56.06 52.49
CA THR F 112 -18.57 57.04 52.05
C THR F 112 -20.00 56.44 52.16
N LEU F 113 -20.23 55.32 51.49
CA LEU F 113 -21.55 54.65 51.58
C LEU F 113 -22.08 54.09 52.93
N ARG F 114 -21.27 54.09 54.00
CA ARG F 114 -21.74 53.87 55.37
C ARG F 114 -22.16 55.21 56.04
N ASN F 115 -23.17 55.88 55.41
CA ASN F 115 -23.85 57.16 55.80
C ASN F 115 -24.33 58.02 54.60
N PHE F 116 -25.47 58.75 54.71
CA PHE F 116 -26.03 59.70 53.69
C PHE F 116 -25.59 59.45 52.20
N ARG F 121 -31.04 61.52 55.24
CA ARG F 121 -31.68 60.37 55.87
C ARG F 121 -30.92 59.06 55.61
N SER F 122 -31.33 58.00 56.29
CA SER F 122 -30.68 56.70 56.14
C SER F 122 -31.00 56.13 54.75
N ILE F 123 -30.07 55.34 54.23
CA ILE F 123 -30.26 54.58 52.99
C ILE F 123 -31.55 53.75 53.03
N GLU F 124 -31.92 53.25 54.19
CA GLU F 124 -33.16 52.49 54.32
C GLU F 124 -34.41 53.34 54.06
N ASP F 125 -34.37 54.63 54.38
CA ASP F 125 -35.47 55.55 53.99
C ASP F 125 -35.54 55.55 52.47
N CYS F 126 -34.41 55.89 51.85
CA CYS F 126 -34.28 55.91 50.38
C CYS F 126 -34.81 54.67 49.64
N VAL F 127 -34.45 53.49 50.10
CA VAL F 127 -34.97 52.24 49.56
C VAL F 127 -36.45 52.08 49.81
N GLN F 128 -36.85 52.24 51.06
CA GLN F 128 -38.23 52.00 51.50
C GLN F 128 -39.25 52.98 50.86
N GLU F 129 -38.75 54.16 50.46
CA GLU F 129 -39.53 55.15 49.75
C GLU F 129 -39.68 54.66 48.33
N GLU F 130 -38.54 54.34 47.71
CA GLU F 130 -38.55 53.79 46.37
C GLU F 130 -39.50 52.58 46.19
N ALA F 131 -39.54 51.73 47.21
CA ALA F 131 -40.45 50.61 47.29
C ALA F 131 -41.88 50.99 47.30
N ARG F 132 -42.17 52.19 47.82
CA ARG F 132 -43.54 52.69 47.88
C ARG F 132 -44.01 53.14 46.49
N CYS F 133 -43.14 53.85 45.74
CA CYS F 133 -43.38 54.20 44.32
C CYS F 133 -43.49 52.95 43.45
N LEU F 134 -42.47 52.09 43.48
CA LEU F 134 -42.52 50.80 42.83
C LEU F 134 -43.91 50.19 42.97
N VAL F 135 -44.47 50.22 44.18
CA VAL F 135 -45.80 49.62 44.41
C VAL F 135 -46.88 50.35 43.63
N GLU F 136 -46.83 51.69 43.59
CA GLU F 136 -47.84 52.49 42.87
C GLU F 136 -47.81 52.19 41.35
N GLU F 137 -46.60 52.03 40.81
CA GLU F 137 -46.40 51.77 39.39
C GLU F 137 -46.93 50.42 39.03
N LEU F 138 -46.78 49.47 39.92
CA LEU F 138 -47.41 48.17 39.72
C LEU F 138 -48.93 48.25 39.79
N ARG F 139 -49.44 49.25 40.51
CA ARG F 139 -50.88 49.51 40.58
C ARG F 139 -51.35 50.11 39.24
N LYS F 140 -50.52 51.00 38.68
CA LYS F 140 -50.77 51.66 37.40
C LYS F 140 -50.72 50.74 36.16
N THR F 141 -50.26 49.49 36.31
CA THR F 141 -50.41 48.48 35.24
C THR F 141 -51.81 47.83 35.22
N LYS F 142 -52.66 48.21 36.17
CA LYS F 142 -54.09 47.94 36.13
C LYS F 142 -54.37 46.43 35.88
N ALA F 143 -53.55 45.59 36.51
CA ALA F 143 -53.66 44.11 36.48
C ALA F 143 -53.34 43.49 35.13
N SER F 144 -53.00 44.33 34.15
CA SER F 144 -52.76 43.88 32.79
C SER F 144 -51.47 43.06 32.74
N PRO F 145 -51.34 42.16 31.74
CA PRO F 145 -50.05 41.49 31.58
C PRO F 145 -48.94 42.50 31.30
N CYS F 146 -47.79 42.27 31.89
CA CYS F 146 -46.67 43.20 31.62
C CYS F 146 -45.38 42.44 31.89
N ASP F 147 -44.35 42.75 31.13
CA ASP F 147 -43.02 42.12 31.29
C ASP F 147 -42.24 43.02 32.23
N PRO F 148 -41.84 42.58 33.43
CA PRO F 148 -41.57 43.49 34.54
C PRO F 148 -40.12 43.97 34.60
N THR F 149 -39.52 44.27 33.45
CA THR F 149 -38.06 44.37 33.34
C THR F 149 -37.67 45.83 33.53
N PHE F 150 -38.58 46.74 33.20
CA PHE F 150 -38.26 48.18 33.32
C PHE F 150 -38.83 48.70 34.63
N ILE F 151 -39.97 48.16 35.05
CA ILE F 151 -40.48 48.65 36.34
C ILE F 151 -39.46 48.24 37.41
N LEU F 152 -39.40 46.94 37.68
CA LEU F 152 -38.43 46.33 38.58
C LEU F 152 -37.00 46.79 38.41
N GLY F 153 -36.62 47.23 37.23
CA GLY F 153 -35.26 47.72 36.99
C GLY F 153 -35.09 49.12 37.54
N CYS F 154 -36.15 49.90 37.39
CA CYS F 154 -36.20 51.30 37.81
C CYS F 154 -35.96 51.52 39.31
N ALA F 155 -36.72 50.82 40.15
CA ALA F 155 -36.60 50.94 41.60
C ALA F 155 -35.14 50.88 42.10
N PRO F 156 -34.42 49.77 41.83
CA PRO F 156 -33.00 49.73 42.04
C PRO F 156 -32.23 50.88 41.47
N CYS F 157 -32.51 51.24 40.22
CA CYS F 157 -31.79 52.32 39.52
C CYS F 157 -31.90 53.63 40.24
N ASN F 158 -33.12 53.93 40.69
CA ASN F 158 -33.41 55.16 41.46
C ASN F 158 -32.62 55.24 42.76
N VAL F 159 -32.70 54.17 43.54
CA VAL F 159 -31.96 54.07 44.77
C VAL F 159 -30.47 54.39 44.56
N ILE F 160 -29.86 53.86 43.51
CA ILE F 160 -28.43 54.15 43.25
C ILE F 160 -28.27 55.58 42.78
N CYS F 161 -29.23 56.10 42.03
CA CYS F 161 -29.17 57.50 41.54
C CYS F 161 -29.25 58.56 42.64
N SER F 162 -30.20 58.38 43.54
CA SER F 162 -30.22 59.12 44.80
C SER F 162 -28.80 59.15 45.37
N ILE F 163 -28.29 57.98 45.78
CA ILE F 163 -26.95 57.84 46.38
C ILE F 163 -25.80 58.43 45.52
N ILE F 164 -25.81 58.22 44.21
CA ILE F 164 -24.69 58.66 43.37
C ILE F 164 -24.73 60.18 43.15
N PHE F 165 -25.81 60.70 42.53
CA PHE F 165 -25.87 62.13 42.08
C PHE F 165 -27.17 62.84 42.48
N HIS F 166 -27.86 62.21 43.44
CA HIS F 166 -29.08 62.74 44.06
C HIS F 166 -30.30 63.07 43.20
N LYS F 167 -30.26 62.80 41.90
CA LYS F 167 -31.47 63.05 41.06
C LYS F 167 -32.27 61.72 41.26
N ARG F 168 -33.35 61.56 40.51
CA ARG F 168 -34.23 60.37 40.62
C ARG F 168 -35.27 60.40 39.47
N PHE F 169 -35.53 59.28 38.77
CA PHE F 169 -36.34 59.32 37.52
C PHE F 169 -37.81 58.94 37.69
N ASP F 170 -38.64 59.41 36.77
CA ASP F 170 -40.00 58.89 36.58
C ASP F 170 -39.87 57.50 35.98
N TYR F 171 -40.75 56.57 36.35
CA TYR F 171 -40.66 55.18 35.84
C TYR F 171 -40.87 55.04 34.32
N LYS F 172 -41.44 56.07 33.70
CA LYS F 172 -41.60 56.09 32.26
C LYS F 172 -40.84 57.23 31.59
N ASP F 173 -39.96 57.91 32.32
CA ASP F 173 -39.01 58.83 31.71
C ASP F 173 -38.21 58.06 30.63
N GLN F 174 -38.00 58.72 29.49
CA GLN F 174 -37.25 58.14 28.34
C GLN F 174 -35.76 57.90 28.66
N GLN F 175 -35.07 58.98 29.02
CA GLN F 175 -33.69 58.96 29.49
C GLN F 175 -33.30 57.70 30.32
N PHE F 176 -34.16 57.29 31.27
CA PHE F 176 -33.94 56.07 32.10
C PHE F 176 -34.03 54.87 31.22
N LEU F 177 -35.19 54.68 30.62
CA LEU F 177 -35.47 53.49 29.79
C LEU F 177 -34.37 53.21 28.75
N ASN F 178 -33.79 54.27 28.21
CA ASN F 178 -32.65 54.18 27.32
C ASN F 178 -31.41 53.63 28.02
N LEU F 179 -31.06 54.21 29.17
CA LEU F 179 -29.96 53.69 30.00
C LEU F 179 -30.19 52.23 30.38
N MET F 180 -31.37 51.94 30.95
CA MET F 180 -31.74 50.58 31.38
C MET F 180 -31.66 49.57 30.23
N GLU F 181 -32.16 49.93 29.05
CA GLU F 181 -32.07 49.03 27.90
C GLU F 181 -30.61 48.71 27.61
N LYS F 182 -29.77 49.74 27.58
CA LYS F 182 -28.36 49.57 27.34
C LYS F 182 -27.65 48.69 28.36
N LEU F 183 -28.01 48.81 29.64
CA LEU F 183 -27.48 47.92 30.70
C LEU F 183 -27.87 46.49 30.47
N ASN F 184 -29.18 46.23 30.29
CA ASN F 184 -29.66 44.88 29.99
C ASN F 184 -28.93 44.26 28.82
N GLU F 185 -28.84 45.01 27.72
CA GLU F 185 -28.12 44.51 26.57
C GLU F 185 -26.73 44.09 26.97
N ASN F 186 -25.96 45.04 27.50
CA ASN F 186 -24.58 44.79 27.90
C ASN F 186 -24.37 43.41 28.52
N ILE F 187 -25.17 43.12 29.54
CA ILE F 187 -25.08 41.84 30.25
C ILE F 187 -25.32 40.62 29.36
N LYS F 188 -26.48 40.57 28.70
CA LYS F 188 -26.76 39.54 27.69
C LYS F 188 -25.61 39.39 26.69
N ILE F 189 -24.98 40.50 26.35
CA ILE F 189 -23.85 40.52 25.43
C ILE F 189 -22.61 39.95 26.10
N LEU F 190 -22.30 40.28 27.35
CA LEU F 190 -21.08 39.69 27.98
C LEU F 190 -21.22 38.18 28.23
N SER F 191 -22.45 37.73 28.51
CA SER F 191 -22.76 36.29 28.68
C SER F 191 -22.86 35.48 27.37
N SER F 192 -23.15 36.18 26.27
CA SER F 192 -22.97 35.74 24.89
C SER F 192 -21.78 34.79 24.68
N PRO F 193 -21.99 33.65 23.97
CA PRO F 193 -20.86 32.86 23.48
C PRO F 193 -19.88 33.62 22.59
N TRP F 194 -20.36 34.61 21.85
CA TRP F 194 -19.44 35.39 21.01
C TRP F 194 -18.31 36.05 21.82
N ILE F 195 -18.66 36.62 22.96
CA ILE F 195 -17.72 37.33 23.83
C ILE F 195 -16.69 36.38 24.45
N GLN F 196 -17.07 35.11 24.55
CA GLN F 196 -16.12 34.05 24.85
C GLN F 196 -15.07 33.97 23.74
N ILE F 197 -15.48 33.83 22.49
CA ILE F 197 -14.51 33.89 21.37
C ILE F 197 -13.72 35.20 21.40
N CYS F 198 -14.39 36.33 21.64
CA CYS F 198 -13.76 37.65 21.57
C CYS F 198 -12.59 37.85 22.51
N ASN F 199 -12.67 37.29 23.72
CA ASN F 199 -11.60 37.48 24.70
C ASN F 199 -10.45 36.45 24.61
N ASN F 200 -10.79 35.20 24.30
CA ASN F 200 -9.82 34.15 24.00
C ASN F 200 -8.83 34.59 22.93
N PHE F 201 -9.32 35.33 21.92
CA PHE F 201 -8.48 35.89 20.85
C PHE F 201 -8.84 37.35 20.57
N SER F 202 -8.04 38.26 21.11
CA SER F 202 -8.30 39.71 21.05
C SER F 202 -8.26 40.31 19.64
N PRO F 203 -7.38 39.81 18.73
CA PRO F 203 -7.43 40.41 17.38
C PRO F 203 -8.79 40.32 16.68
N ILE F 204 -9.65 39.40 17.11
CA ILE F 204 -11.02 39.34 16.63
C ILE F 204 -11.83 40.62 16.89
N ILE F 205 -11.62 41.29 18.01
CA ILE F 205 -12.40 42.53 18.29
C ILE F 205 -12.16 43.58 17.20
N ASP F 206 -10.93 43.66 16.71
CA ASP F 206 -10.54 44.63 15.68
C ASP F 206 -10.99 44.30 14.26
N TYR F 207 -11.08 43.02 13.89
CA TYR F 207 -11.32 42.59 12.50
C TYR F 207 -12.71 42.05 12.17
N PHE F 208 -13.56 41.86 13.15
CA PHE F 208 -14.86 41.24 12.97
C PHE F 208 -15.89 42.19 13.45
N PRO F 209 -17.03 42.26 12.75
CA PRO F 209 -18.12 43.05 13.30
C PRO F 209 -18.82 42.18 14.30
N GLY F 210 -19.70 42.76 15.11
CA GLY F 210 -20.41 41.99 16.14
C GLY F 210 -20.89 42.78 17.34
N THR F 211 -21.50 42.07 18.29
CA THR F 211 -22.09 42.74 19.44
C THR F 211 -21.07 43.42 20.35
N HIS F 212 -19.84 42.91 20.41
CA HIS F 212 -18.75 43.62 21.10
C HIS F 212 -18.63 45.09 20.84
N ASN F 213 -18.86 45.53 19.62
CA ASN F 213 -18.91 46.97 19.35
C ASN F 213 -20.15 47.62 19.99
N LYS F 214 -21.30 46.95 19.97
CA LYS F 214 -22.50 47.50 20.62
C LYS F 214 -22.31 47.66 22.12
N LEU F 215 -21.62 46.68 22.71
CA LEU F 215 -21.20 46.72 24.11
C LEU F 215 -20.39 47.96 24.38
N LEU F 216 -19.28 48.09 23.66
CA LEU F 216 -18.38 49.25 23.79
C LEU F 216 -19.03 50.63 23.51
N LYS F 217 -19.99 50.68 22.57
CA LYS F 217 -20.79 51.87 22.25
C LYS F 217 -21.63 52.28 23.44
N ASN F 218 -22.33 51.31 24.01
CA ASN F 218 -23.18 51.55 25.16
C ASN F 218 -22.37 51.95 26.39
N VAL F 219 -21.13 51.45 26.45
CA VAL F 219 -20.25 51.77 27.57
C VAL F 219 -19.88 53.24 27.52
N ALA F 220 -19.33 53.67 26.39
CA ALA F 220 -18.97 55.07 26.13
C ALA F 220 -20.10 56.07 26.44
N PHE F 221 -21.31 55.72 25.99
CA PHE F 221 -22.52 56.48 26.27
C PHE F 221 -22.87 56.62 27.75
N MET F 222 -22.52 55.66 28.59
CA MET F 222 -22.69 55.81 30.06
C MET F 222 -21.54 56.58 30.72
N LYS F 223 -20.29 56.25 30.44
CA LYS F 223 -19.17 57.10 30.85
C LYS F 223 -19.43 58.56 30.47
N SER F 224 -20.08 58.76 29.32
CA SER F 224 -20.46 60.09 28.84
C SER F 224 -21.57 60.75 29.67
N TYR F 225 -22.64 60.01 29.97
CA TYR F 225 -23.77 60.53 30.77
C TYR F 225 -23.47 60.84 32.24
N ILE F 226 -22.60 60.04 32.85
CA ILE F 226 -22.16 60.20 34.24
C ILE F 226 -21.15 61.34 34.36
N LEU F 227 -20.38 61.59 33.31
CA LEU F 227 -19.47 62.72 33.26
C LEU F 227 -20.22 64.06 33.28
N GLU F 228 -21.40 64.12 32.64
CA GLU F 228 -22.34 65.29 32.74
C GLU F 228 -22.54 65.70 34.18
N LYS F 229 -23.01 64.74 34.97
CA LYS F 229 -23.38 64.98 36.36
C LYS F 229 -22.16 65.43 37.20
N VAL F 230 -20.97 64.97 36.82
CA VAL F 230 -19.73 65.38 37.50
C VAL F 230 -19.42 66.86 37.23
N LYS F 231 -19.54 67.28 35.98
CA LYS F 231 -19.30 68.69 35.61
C LYS F 231 -20.56 69.53 35.97
N GLU F 232 -21.57 68.83 36.47
CA GLU F 232 -22.85 69.46 36.89
C GLU F 232 -22.80 69.67 38.40
N HIS F 233 -21.97 68.91 39.10
CA HIS F 233 -21.78 69.02 40.57
C HIS F 233 -20.70 70.10 40.61
N GLN F 234 -19.44 69.82 40.32
CA GLN F 234 -18.50 70.94 40.31
C GLN F 234 -19.14 72.35 40.30
N GLU F 235 -20.04 72.65 39.36
CA GLU F 235 -20.68 74.00 39.28
C GLU F 235 -21.95 73.81 40.11
N SER F 236 -21.84 74.06 41.39
CA SER F 236 -22.95 73.73 42.33
C SER F 236 -22.50 73.21 43.70
N MET F 237 -21.31 72.61 43.69
CA MET F 237 -20.66 72.03 44.89
C MET F 237 -20.58 73.16 45.90
N ASP F 238 -21.24 72.98 47.05
CA ASP F 238 -21.18 73.95 48.14
C ASP F 238 -19.94 73.81 49.05
N MET F 239 -19.43 72.58 49.25
CA MET F 239 -18.26 72.42 50.12
C MET F 239 -18.55 72.64 51.61
N ASN F 240 -19.81 72.93 51.93
CA ASN F 240 -20.20 73.15 53.31
C ASN F 240 -21.27 72.18 53.72
N ASN F 241 -22.09 71.79 52.76
CA ASN F 241 -22.87 70.58 52.91
C ASN F 241 -22.79 69.81 51.57
N PRO F 242 -22.23 68.59 51.60
CA PRO F 242 -22.42 67.69 50.49
C PRO F 242 -23.76 66.95 50.67
N GLN F 243 -24.37 66.50 49.57
CA GLN F 243 -25.63 65.75 49.65
C GLN F 243 -25.61 64.39 48.91
N ASP F 244 -24.44 63.96 48.41
CA ASP F 244 -24.30 62.67 47.71
C ASP F 244 -22.83 62.24 47.52
N PHE F 245 -22.67 61.03 46.96
CA PHE F 245 -21.35 60.43 46.66
C PHE F 245 -20.44 61.31 45.80
N ILE F 246 -20.97 61.93 44.74
CA ILE F 246 -20.14 62.79 43.87
C ILE F 246 -19.60 63.98 44.65
N ASP F 247 -20.49 64.70 45.32
CA ASP F 247 -20.08 65.83 46.17
C ASP F 247 -18.97 65.34 47.09
N CYS F 248 -19.25 64.27 47.86
CA CYS F 248 -18.27 63.68 48.80
C CYS F 248 -16.90 63.40 48.20
N PHE F 249 -16.87 62.93 46.95
CA PHE F 249 -15.64 62.63 46.21
C PHE F 249 -14.86 63.89 45.84
N LEU F 250 -15.58 64.91 45.35
CA LEU F 250 -14.98 66.24 45.05
C LEU F 250 -14.38 66.92 46.28
N MET F 251 -15.12 66.92 47.39
CA MET F 251 -14.58 67.30 48.72
C MET F 251 -13.26 66.58 49.00
N LYS F 252 -13.23 65.26 48.86
CA LYS F 252 -11.99 64.49 49.02
C LYS F 252 -10.94 64.84 47.96
N MET F 253 -11.33 65.26 46.76
CA MET F 253 -10.32 65.68 45.78
C MET F 253 -9.56 66.89 46.29
N GLU F 254 -10.31 67.85 46.86
CA GLU F 254 -9.73 69.06 47.50
C GLU F 254 -8.74 68.68 48.63
N LYS F 255 -9.15 67.76 49.49
CA LYS F 255 -8.39 67.28 50.69
C LYS F 255 -7.25 66.29 50.39
N GLU F 256 -6.81 66.29 49.14
CA GLU F 256 -5.75 65.46 48.64
C GLU F 256 -4.96 66.27 47.61
N LYS F 257 -5.47 67.47 47.32
CA LYS F 257 -4.78 68.34 46.39
C LYS F 257 -3.40 68.64 46.95
N HIS F 258 -3.24 68.39 48.24
CA HIS F 258 -1.99 68.60 48.92
C HIS F 258 -1.00 67.62 48.35
N ASN F 259 -1.45 66.37 48.20
CA ASN F 259 -0.62 65.31 47.64
C ASN F 259 0.17 65.68 46.41
N GLN F 260 -0.53 65.89 45.30
CA GLN F 260 0.19 66.28 44.07
C GLN F 260 0.24 65.29 42.88
N PRO F 261 1.13 64.26 42.88
CA PRO F 261 0.85 63.08 42.00
C PRO F 261 -0.48 62.31 42.24
N SER F 262 -1.59 62.96 41.89
CA SER F 262 -2.95 62.38 41.72
C SER F 262 -3.51 61.44 42.82
N GLU F 263 -4.37 60.52 42.35
CA GLU F 263 -5.08 59.47 43.09
C GLU F 263 -6.61 59.48 42.99
N PHE F 264 -7.23 60.57 43.40
CA PHE F 264 -8.62 60.88 43.19
C PHE F 264 -8.71 61.88 42.07
N THR F 265 -8.34 61.44 40.87
CA THR F 265 -8.60 62.18 39.65
C THR F 265 -10.12 62.30 39.40
N ILE F 266 -10.51 62.94 38.29
CA ILE F 266 -11.93 62.95 37.83
C ILE F 266 -12.21 61.80 36.86
N GLU F 267 -11.16 61.33 36.18
CA GLU F 267 -11.17 60.01 35.55
C GLU F 267 -11.62 58.93 36.55
N SER F 268 -11.04 58.91 37.76
CA SER F 268 -11.40 57.87 38.74
C SER F 268 -12.81 58.11 39.38
N LEU F 269 -13.20 59.36 39.53
CA LEU F 269 -14.57 59.69 39.95
C LEU F 269 -15.63 59.21 38.95
N GLU F 270 -15.37 59.51 37.68
CA GLU F 270 -16.22 59.10 36.56
C GLU F 270 -16.47 57.60 36.59
N ASN F 271 -15.39 56.82 36.65
CA ASN F 271 -15.50 55.36 36.65
C ASN F 271 -16.11 54.79 37.93
N THR F 272 -15.58 55.14 39.09
CA THR F 272 -16.18 54.70 40.35
C THR F 272 -17.71 54.89 40.35
N ALA F 273 -18.16 56.02 39.82
CA ALA F 273 -19.58 56.35 39.73
C ALA F 273 -20.31 55.41 38.78
N VAL F 274 -19.75 55.20 37.59
CA VAL F 274 -20.40 54.30 36.64
C VAL F 274 -20.34 52.83 37.08
N ASP F 275 -19.24 52.45 37.75
CA ASP F 275 -19.11 51.13 38.36
C ASP F 275 -20.31 50.85 39.24
N LEU F 276 -20.63 51.80 40.12
CA LEU F 276 -21.74 51.64 41.07
C LEU F 276 -23.07 51.76 40.38
N PHE F 277 -23.17 52.65 39.39
CA PHE F 277 -24.41 52.86 38.67
C PHE F 277 -24.86 51.52 38.06
N GLY F 278 -23.98 50.94 37.22
CA GLY F 278 -24.32 49.72 36.48
C GLY F 278 -24.47 48.51 37.39
N ALA F 279 -23.37 48.14 38.05
CA ALA F 279 -23.37 47.03 38.98
C ALA F 279 -24.55 47.13 39.89
N GLY F 280 -24.75 48.31 40.45
CA GLY F 280 -25.89 48.59 41.31
C GLY F 280 -27.27 48.46 40.70
N THR F 281 -27.44 48.73 39.40
CA THR F 281 -28.77 48.59 38.79
C THR F 281 -29.09 47.19 38.24
N GLU F 282 -28.12 46.57 37.56
CA GLU F 282 -28.40 45.33 36.84
C GLU F 282 -28.44 44.09 37.75
N THR F 283 -27.53 44.00 38.69
CA THR F 283 -27.49 42.83 39.56
C THR F 283 -28.81 42.66 40.30
N THR F 284 -29.31 43.76 40.88
CA THR F 284 -30.51 43.74 41.69
C THR F 284 -31.74 43.65 40.81
N SER F 285 -31.75 44.40 39.70
CA SER F 285 -32.85 44.31 38.72
C SER F 285 -33.08 42.84 38.36
N THR F 286 -31.99 42.21 37.93
CA THR F 286 -32.04 40.83 37.48
C THR F 286 -32.44 39.86 38.57
N THR F 287 -31.83 40.00 39.73
CA THR F 287 -32.16 39.17 40.89
C THR F 287 -33.65 39.26 41.25
N LEU F 288 -34.24 40.46 41.12
CA LEU F 288 -35.67 40.67 41.39
C LEU F 288 -36.57 40.05 40.36
N ARG F 289 -36.23 40.27 39.09
CA ARG F 289 -36.93 39.67 37.96
C ARG F 289 -37.08 38.15 37.99
N TYR F 290 -35.95 37.52 38.32
CA TYR F 290 -35.78 36.05 38.46
C TYR F 290 -36.48 35.59 39.75
N ALA F 291 -36.56 36.50 40.72
CA ALA F 291 -37.19 36.22 41.99
C ALA F 291 -38.66 36.01 41.74
N LEU F 292 -39.29 36.99 41.10
CA LEU F 292 -40.71 36.87 40.79
C LEU F 292 -41.02 35.63 39.94
N LEU F 293 -40.17 35.37 38.95
CA LEU F 293 -40.30 34.17 38.11
C LEU F 293 -40.34 32.91 38.95
N LEU F 294 -39.49 32.84 39.98
CA LEU F 294 -39.46 31.66 40.86
C LEU F 294 -40.68 31.54 41.78
N LEU F 295 -41.29 32.67 42.13
CA LEU F 295 -42.51 32.71 42.94
C LEU F 295 -43.77 32.28 42.18
N LEU F 296 -43.88 32.71 40.90
CA LEU F 296 -44.92 32.19 39.96
C LEU F 296 -44.86 30.69 39.84
N LYS F 297 -43.65 30.17 39.66
CA LYS F 297 -43.43 28.74 39.51
C LYS F 297 -43.57 27.94 40.83
N HIS F 298 -43.66 28.63 41.97
CA HIS F 298 -43.85 27.99 43.28
C HIS F 298 -44.84 28.75 44.14
N PRO F 299 -46.13 28.71 43.81
CA PRO F 299 -47.09 29.53 44.55
C PRO F 299 -47.39 29.00 45.99
N GLU F 300 -47.09 27.73 46.23
CA GLU F 300 -46.97 27.09 47.57
C GLU F 300 -46.19 27.95 48.61
N VAL F 301 -45.14 28.61 48.13
CA VAL F 301 -44.15 29.31 48.92
C VAL F 301 -44.65 30.72 49.09
N THR F 302 -44.93 31.39 47.98
CA THR F 302 -45.54 32.72 48.00
C THR F 302 -46.73 32.81 48.99
N ALA F 303 -47.47 31.71 49.18
CA ALA F 303 -48.40 31.58 50.31
C ALA F 303 -47.66 31.82 51.62
N LYS F 304 -46.78 30.90 52.00
CA LYS F 304 -46.01 31.01 53.24
C LYS F 304 -45.42 32.41 53.44
N VAL F 305 -44.78 32.98 52.42
CA VAL F 305 -44.19 34.34 52.52
C VAL F 305 -45.27 35.40 52.78
N GLN F 306 -46.37 35.35 52.05
CA GLN F 306 -47.43 36.33 52.21
C GLN F 306 -47.96 36.25 53.63
N GLU F 307 -48.31 35.03 54.03
CA GLU F 307 -48.83 34.77 55.38
C GLU F 307 -47.93 35.48 56.39
N GLU F 308 -46.65 35.12 56.41
CA GLU F 308 -45.65 35.76 57.25
C GLU F 308 -45.52 37.31 57.09
N ILE F 309 -45.91 37.88 55.95
CA ILE F 309 -45.94 39.34 55.87
C ILE F 309 -47.12 39.82 56.68
N GLU F 310 -48.30 39.23 56.47
CA GLU F 310 -49.52 39.63 57.22
C GLU F 310 -49.38 39.52 58.76
N ARG F 311 -48.68 38.50 59.27
CA ARG F 311 -48.34 38.43 60.70
C ARG F 311 -47.47 39.61 61.14
N VAL F 312 -46.24 39.61 60.68
CA VAL F 312 -45.21 40.48 61.20
C VAL F 312 -45.36 41.96 60.75
N ILE F 313 -45.95 42.20 59.60
CA ILE F 313 -46.25 43.54 59.08
C ILE F 313 -47.76 43.56 58.81
N GLY F 314 -48.41 44.71 58.94
CA GLY F 314 -49.85 44.78 58.69
C GLY F 314 -50.19 44.88 57.22
N ARG F 315 -51.46 45.18 56.96
CA ARG F 315 -51.90 45.76 55.68
C ARG F 315 -51.84 47.30 55.85
N ASN F 316 -50.68 47.82 56.24
CA ASN F 316 -50.60 49.26 56.46
C ASN F 316 -49.27 49.95 56.21
N ARG F 317 -48.28 49.69 57.05
CA ARG F 317 -47.00 50.38 56.86
C ARG F 317 -46.04 49.64 55.91
N SER F 318 -45.12 50.43 55.36
CA SER F 318 -43.88 49.95 54.75
C SER F 318 -43.17 48.94 55.63
N PRO F 319 -42.75 47.80 55.07
CA PRO F 319 -41.78 46.97 55.76
C PRO F 319 -40.46 47.74 55.94
N CYS F 320 -39.79 47.56 57.08
CA CYS F 320 -38.44 48.08 57.30
C CYS F 320 -37.54 46.88 57.59
N MET F 321 -36.22 47.10 57.68
CA MET F 321 -35.24 46.01 57.88
C MET F 321 -35.37 45.24 59.22
N GLN F 322 -35.78 45.92 60.28
CA GLN F 322 -36.11 45.28 61.55
C GLN F 322 -37.07 44.11 61.43
N ASP F 323 -37.95 44.16 60.44
CA ASP F 323 -38.89 43.06 60.19
C ASP F 323 -38.17 41.77 59.80
N ARG F 324 -36.99 41.89 59.18
CA ARG F 324 -36.29 40.73 58.64
C ARG F 324 -35.95 39.64 59.66
N SER F 325 -35.46 40.02 60.84
CA SER F 325 -35.20 39.07 61.96
C SER F 325 -36.45 38.31 62.41
N HIS F 326 -37.61 38.92 62.22
CA HIS F 326 -38.89 38.36 62.66
C HIS F 326 -39.64 37.62 61.58
N MET F 327 -39.04 37.65 60.38
CA MET F 327 -39.55 37.02 59.18
C MET F 327 -38.49 36.03 58.64
N PRO F 328 -38.35 34.85 59.29
CA PRO F 328 -37.32 33.86 58.90
C PRO F 328 -37.57 33.16 57.54
N TYR F 329 -38.81 32.73 57.27
CA TYR F 329 -39.16 32.09 56.01
C TYR F 329 -38.94 33.04 54.83
N THR F 330 -39.44 34.27 54.96
CA THR F 330 -39.18 35.29 53.95
C THR F 330 -37.69 35.49 53.70
N ASP F 331 -36.90 35.46 54.77
CA ASP F 331 -35.45 35.63 54.64
C ASP F 331 -34.82 34.42 53.91
N ALA F 332 -35.36 33.23 54.18
CA ALA F 332 -34.88 32.00 53.58
C ALA F 332 -35.23 31.93 52.10
N VAL F 333 -36.34 32.58 51.72
CA VAL F 333 -36.77 32.66 50.32
C VAL F 333 -35.89 33.64 49.53
N VAL F 334 -35.68 34.84 50.04
CA VAL F 334 -34.73 35.79 49.46
C VAL F 334 -33.29 35.22 49.34
N HIS F 335 -32.89 34.40 50.29
CA HIS F 335 -31.57 33.75 50.24
C HIS F 335 -31.52 32.59 49.22
N GLU F 336 -32.61 31.82 49.11
CA GLU F 336 -32.68 30.67 48.20
C GLU F 336 -32.68 31.11 46.75
N VAL F 337 -33.35 32.23 46.50
CA VAL F 337 -33.36 32.86 45.20
C VAL F 337 -31.94 33.20 44.75
N GLN F 338 -31.12 33.72 45.65
CA GLN F 338 -29.76 34.10 45.26
C GLN F 338 -28.84 32.89 45.08
N ARG F 339 -29.10 31.87 45.88
CA ARG F 339 -28.28 30.66 45.85
C ARG F 339 -28.58 29.90 44.56
N TYR F 340 -29.87 29.77 44.28
CA TYR F 340 -30.37 29.02 43.15
C TYR F 340 -30.02 29.66 41.80
N ILE F 341 -30.37 30.92 41.60
CA ILE F 341 -30.13 31.57 40.33
C ILE F 341 -28.65 31.71 40.00
N ASP F 342 -27.78 31.66 41.01
CA ASP F 342 -26.34 31.60 40.76
C ASP F 342 -25.94 32.77 39.82
N LEU F 343 -26.42 33.97 40.13
CA LEU F 343 -26.36 35.11 39.21
C LEU F 343 -25.02 35.39 38.56
N LEU F 344 -23.92 35.17 39.25
CA LEU F 344 -22.60 35.41 38.67
C LEU F 344 -21.76 34.18 38.94
N PRO F 345 -21.96 33.13 38.12
CA PRO F 345 -21.47 31.79 38.37
C PRO F 345 -19.98 31.63 38.48
N THR F 346 -19.20 32.48 37.84
CA THR F 346 -17.76 32.52 38.12
C THR F 346 -17.30 33.89 38.65
N SER F 347 -18.18 34.52 39.44
CA SER F 347 -17.86 35.88 39.93
C SER F 347 -16.96 36.53 38.87
N LEU F 348 -16.40 37.70 39.17
CA LEU F 348 -15.51 38.26 38.15
C LEU F 348 -14.15 37.64 38.34
N PRO F 349 -13.30 37.64 37.30
CA PRO F 349 -12.02 36.99 37.44
C PRO F 349 -11.05 37.78 38.30
N HIS F 350 -10.32 37.07 39.16
CA HIS F 350 -9.29 37.69 39.99
C HIS F 350 -7.92 37.45 39.33
N ALA F 351 -6.87 38.02 39.93
CA ALA F 351 -5.51 37.91 39.46
C ALA F 351 -4.73 37.76 40.73
N VAL F 352 -3.53 37.21 40.64
CA VAL F 352 -2.67 37.20 41.83
C VAL F 352 -1.75 38.41 41.75
N THR F 353 -1.45 38.94 42.94
CA THR F 353 -0.75 40.21 43.13
C THR F 353 0.79 40.03 43.25
N CYS F 354 1.24 38.77 43.33
CA CYS F 354 2.66 38.38 43.46
C CYS F 354 2.78 36.93 42.96
N ASP F 355 4.01 36.41 42.84
CA ASP F 355 4.22 34.95 42.75
C ASP F 355 3.81 34.38 44.11
N ILE F 356 3.21 33.20 44.14
CA ILE F 356 2.60 32.73 45.38
C ILE F 356 2.45 31.23 45.38
N LYS F 357 3.17 30.58 46.31
CA LYS F 357 3.03 29.16 46.59
C LYS F 357 1.61 28.95 47.17
N PHE F 358 0.75 28.34 46.37
CA PHE F 358 -0.61 28.00 46.81
C PHE F 358 -0.57 26.53 47.10
N ARG F 359 -1.00 26.11 48.29
CA ARG F 359 -1.07 24.66 48.66
C ARG F 359 -0.33 23.78 47.64
N ASN F 360 0.99 23.96 47.54
CA ASN F 360 1.94 23.17 46.70
C ASN F 360 1.95 23.37 45.17
N TYR F 361 1.74 24.61 44.68
CA TYR F 361 1.66 24.80 43.21
C TYR F 361 2.46 25.99 42.65
N LEU F 362 2.52 27.13 43.35
CA LEU F 362 3.30 28.28 42.80
C LEU F 362 2.77 28.90 41.51
N ILE F 363 1.78 29.77 41.65
CA ILE F 363 1.15 30.49 40.57
C ILE F 363 1.83 31.81 40.41
N PRO F 364 2.33 32.11 39.23
CA PRO F 364 3.07 33.38 38.98
C PRO F 364 2.24 34.65 39.14
N LYS F 365 2.92 35.77 39.45
CA LYS F 365 2.28 37.11 39.56
C LYS F 365 1.52 37.40 38.28
N GLY F 366 0.27 37.85 38.43
CA GLY F 366 -0.59 38.15 37.27
C GLY F 366 -1.52 37.06 36.78
N THR F 367 -1.22 35.80 37.06
CA THR F 367 -2.06 34.67 36.63
C THR F 367 -3.55 34.86 37.00
N THR F 368 -4.44 34.61 36.05
CA THR F 368 -5.85 34.83 36.27
C THR F 368 -6.46 33.67 37.00
N ILE F 369 -7.34 33.99 37.95
CA ILE F 369 -8.00 33.02 38.80
C ILE F 369 -9.53 33.12 38.59
N LEU F 370 -10.17 32.00 38.29
CA LEU F 370 -11.62 31.95 38.23
C LEU F 370 -12.21 31.30 39.48
N ILE F 371 -13.04 32.03 40.19
CA ILE F 371 -13.65 31.49 41.39
C ILE F 371 -14.95 30.91 40.92
N SER F 372 -15.07 29.60 40.87
CA SER F 372 -16.42 29.02 40.71
C SER F 372 -17.26 29.27 41.99
N LEU F 373 -18.17 30.24 41.95
CA LEU F 373 -19.12 30.41 43.06
C LEU F 373 -20.24 29.35 43.01
N THR F 374 -20.46 28.80 41.83
CA THR F 374 -21.53 27.84 41.66
C THR F 374 -21.25 26.61 42.49
N SER F 375 -20.02 26.13 42.44
CA SER F 375 -19.58 25.02 43.28
C SER F 375 -19.95 25.21 44.73
N VAL F 376 -19.78 26.44 45.22
CA VAL F 376 -20.13 26.79 46.61
C VAL F 376 -21.65 26.89 46.74
N LEU F 377 -22.26 27.83 46.04
CA LEU F 377 -23.72 27.95 46.12
C LEU F 377 -24.48 26.64 45.92
N HIS F 378 -23.87 25.66 45.24
CA HIS F 378 -24.56 24.43 44.83
C HIS F 378 -23.87 23.21 45.43
N ASP F 379 -23.22 23.42 46.56
CA ASP F 379 -22.48 22.35 47.19
C ASP F 379 -23.45 21.28 47.61
N ASN F 380 -22.97 20.06 47.54
CA ASN F 380 -23.81 18.91 47.69
C ASN F 380 -24.20 18.57 49.14
N LYS F 381 -23.18 18.55 50.02
CA LYS F 381 -23.33 18.31 51.47
C LYS F 381 -24.12 19.45 52.10
N GLU F 382 -23.70 20.67 51.83
CA GLU F 382 -24.33 21.86 52.36
C GLU F 382 -25.77 21.98 51.95
N PHE F 383 -26.01 22.04 50.65
CA PHE F 383 -27.35 22.16 50.17
C PHE F 383 -27.76 20.91 49.45
N PRO F 384 -28.35 19.95 50.24
CA PRO F 384 -28.74 18.74 49.52
C PRO F 384 -29.67 19.08 48.38
N ASN F 385 -29.58 18.37 47.26
CA ASN F 385 -30.43 18.64 46.13
C ASN F 385 -30.18 20.05 45.68
N PRO F 386 -28.92 20.37 45.49
CA PRO F 386 -28.56 21.74 45.14
C PRO F 386 -29.37 22.34 44.03
N GLU F 387 -29.84 21.50 43.10
CA GLU F 387 -30.49 21.99 41.89
C GLU F 387 -32.00 22.19 41.98
N MET F 388 -32.62 21.87 43.13
CA MET F 388 -34.03 22.22 43.42
C MET F 388 -34.04 23.55 44.13
N PHE F 389 -35.11 24.32 43.96
CA PHE F 389 -35.30 25.59 44.65
C PHE F 389 -36.15 25.24 45.85
N ASP F 390 -35.60 25.44 47.02
CA ASP F 390 -36.21 24.98 48.27
C ASP F 390 -35.73 25.87 49.40
N PRO F 391 -36.65 26.70 49.98
CA PRO F 391 -36.20 27.61 51.04
C PRO F 391 -35.74 26.90 52.30
N HIS F 392 -36.15 25.64 52.49
CA HIS F 392 -35.69 24.83 53.62
C HIS F 392 -34.15 24.61 53.65
N HIS F 393 -33.49 24.87 52.52
CA HIS F 393 -32.03 25.05 52.48
C HIS F 393 -31.50 26.07 53.45
N PHE F 394 -32.26 27.11 53.76
CA PHE F 394 -31.88 28.05 54.81
C PHE F 394 -32.86 28.05 55.98
N LEU F 395 -33.25 26.87 56.45
CA LEU F 395 -34.08 26.73 57.62
C LEU F 395 -33.67 25.50 58.41
N ASP F 396 -33.46 25.75 59.70
CA ASP F 396 -33.40 24.77 60.80
C ASP F 396 -34.62 23.84 60.73
N GLU F 397 -34.50 22.59 61.24
CA GLU F 397 -35.66 21.67 61.45
C GLU F 397 -36.93 22.41 61.98
N GLY F 398 -36.78 23.17 63.08
CA GLY F 398 -37.86 23.97 63.68
C GLY F 398 -38.35 25.24 62.99
N GLY F 399 -37.68 25.67 61.92
CA GLY F 399 -38.20 26.74 61.07
C GLY F 399 -37.54 28.10 61.25
N ASN F 400 -36.41 28.13 61.96
CA ASN F 400 -35.67 29.38 62.12
C ASN F 400 -34.74 29.53 60.96
N PHE F 401 -34.42 30.76 60.59
CA PHE F 401 -33.44 30.98 59.54
C PHE F 401 -32.14 30.26 59.88
N LYS F 402 -31.38 29.85 58.88
CA LYS F 402 -30.17 29.06 59.10
C LYS F 402 -29.07 29.47 58.16
N LYS F 403 -28.33 30.48 58.57
CA LYS F 403 -27.15 30.95 57.88
C LYS F 403 -26.27 29.76 57.45
N SER F 404 -25.61 29.91 56.31
CA SER F 404 -24.64 28.94 55.80
C SER F 404 -23.39 29.66 55.37
N LYS F 405 -22.23 29.08 55.67
CA LYS F 405 -20.95 29.67 55.30
C LYS F 405 -20.77 29.59 53.75
N TYR F 406 -21.55 28.71 53.13
CA TYR F 406 -21.51 28.45 51.69
C TYR F 406 -22.35 29.42 50.92
N PHE F 407 -23.05 30.32 51.60
CA PHE F 407 -23.87 31.27 50.89
C PHE F 407 -23.02 32.46 50.52
N MET F 408 -22.35 32.42 49.38
CA MET F 408 -21.58 33.57 49.00
C MET F 408 -21.80 34.11 47.58
N PRO F 409 -23.06 34.46 47.22
CA PRO F 409 -23.37 35.09 45.92
C PRO F 409 -22.67 36.42 45.70
N PHE F 410 -22.37 37.11 46.81
CA PHE F 410 -21.59 38.34 46.74
C PHE F 410 -20.09 38.07 46.72
N SER F 411 -19.67 36.80 46.65
CA SER F 411 -18.25 36.42 46.69
C SER F 411 -17.78 36.60 48.11
N ALA F 412 -16.47 36.69 48.29
CA ALA F 412 -15.89 36.72 49.61
C ALA F 412 -14.48 37.23 49.47
N GLY F 413 -13.92 37.74 50.58
CA GLY F 413 -12.54 38.22 50.63
C GLY F 413 -12.40 39.68 50.32
N LYS F 414 -11.18 40.06 49.96
CA LYS F 414 -10.87 41.48 49.78
C LYS F 414 -11.56 42.16 48.60
N ARG F 415 -12.25 41.40 47.74
CA ARG F 415 -12.98 41.95 46.60
C ARG F 415 -14.48 41.85 46.70
N ILE F 416 -14.97 41.34 47.82
CA ILE F 416 -16.41 41.18 48.06
C ILE F 416 -17.26 42.41 47.71
N CYS F 417 -18.49 42.15 47.31
CA CYS F 417 -19.46 43.17 46.88
C CYS F 417 -19.73 44.43 47.73
N VAL F 418 -19.00 45.48 47.46
CA VAL F 418 -19.22 46.72 48.13
C VAL F 418 -20.66 46.95 48.53
N GLY F 419 -21.56 46.58 47.65
CA GLY F 419 -22.96 46.82 47.84
C GLY F 419 -23.69 45.71 48.56
N GLU F 420 -22.98 44.69 49.05
CA GLU F 420 -23.65 43.56 49.70
C GLU F 420 -24.86 44.01 50.53
N ALA F 421 -24.60 44.95 51.45
CA ALA F 421 -25.60 45.40 52.43
C ALA F 421 -26.82 46.00 51.79
N LEU F 422 -26.55 46.98 50.93
CA LEU F 422 -27.58 47.69 50.17
C LEU F 422 -28.43 46.72 49.33
N ALA F 423 -27.73 45.84 48.60
CA ALA F 423 -28.36 44.83 47.76
C ALA F 423 -29.37 44.02 48.52
N GLY F 424 -29.04 43.55 49.70
CA GLY F 424 -29.95 42.70 50.45
C GLY F 424 -31.10 43.45 51.09
N MET F 425 -30.90 44.76 51.29
CA MET F 425 -31.93 45.69 51.78
C MET F 425 -33.01 45.80 50.70
N GLU F 426 -32.56 46.21 49.52
CA GLU F 426 -33.38 46.26 48.30
C GLU F 426 -34.13 44.96 48.00
N LEU F 427 -33.42 43.85 47.98
CA LEU F 427 -34.09 42.58 47.78
C LEU F 427 -35.17 42.40 48.82
N PHE F 428 -34.84 42.65 50.08
CA PHE F 428 -35.79 42.33 51.15
C PHE F 428 -37.08 43.17 51.09
N LEU F 429 -36.86 44.49 50.94
CA LEU F 429 -37.93 45.50 50.99
C LEU F 429 -38.79 45.56 49.74
N PHE F 430 -38.16 45.54 48.56
CA PHE F 430 -38.89 45.42 47.27
C PHE F 430 -39.73 44.12 47.19
N LEU F 431 -39.13 42.96 47.40
CA LEU F 431 -39.94 41.73 47.43
C LEU F 431 -41.10 41.70 48.44
N THR F 432 -40.93 42.38 49.58
CA THR F 432 -41.94 42.31 50.65
C THR F 432 -43.04 43.29 50.31
N SER F 433 -42.64 44.49 49.87
CA SER F 433 -43.58 45.49 49.34
C SER F 433 -44.53 44.87 48.31
N ILE F 434 -43.94 44.44 47.19
CA ILE F 434 -44.66 43.78 46.10
C ILE F 434 -45.65 42.74 46.64
N LEU F 435 -45.17 41.84 47.48
CA LEU F 435 -46.01 40.72 47.94
C LEU F 435 -46.99 40.93 49.07
N GLN F 436 -46.92 42.07 49.78
CA GLN F 436 -47.97 42.42 50.75
C GLN F 436 -49.10 43.16 50.05
N ASN F 437 -48.75 43.87 48.98
CA ASN F 437 -49.72 44.63 48.16
C ASN F 437 -50.36 43.84 46.99
N PHE F 438 -49.60 43.02 46.29
CA PHE F 438 -50.13 42.32 45.16
C PHE F 438 -49.95 40.82 45.27
N ASN F 439 -50.97 40.08 44.81
CA ASN F 439 -50.82 38.68 44.40
C ASN F 439 -50.23 38.57 42.99
N LEU F 440 -49.64 37.42 42.67
CA LEU F 440 -48.94 37.23 41.42
C LEU F 440 -49.60 36.15 40.61
N LYS F 441 -50.14 36.52 39.43
CA LYS F 441 -50.70 35.53 38.50
C LYS F 441 -50.00 35.53 37.17
N SER F 442 -49.70 34.31 36.72
CA SER F 442 -49.10 34.02 35.42
C SER F 442 -50.16 34.08 34.32
N LEU F 443 -49.74 34.33 33.08
CA LEU F 443 -50.62 34.09 31.94
C LEU F 443 -50.07 32.94 31.09
N VAL F 444 -49.76 31.84 31.77
CA VAL F 444 -49.30 30.57 31.18
C VAL F 444 -48.99 29.62 32.35
N ASP F 445 -49.43 28.37 32.24
CA ASP F 445 -49.33 27.42 33.34
C ASP F 445 -47.91 27.38 33.90
N PRO F 446 -47.76 27.48 35.24
CA PRO F 446 -46.49 27.33 35.94
C PRO F 446 -45.61 26.14 35.52
N LYS F 447 -46.19 24.94 35.37
CA LYS F 447 -45.42 23.73 34.98
C LYS F 447 -44.59 23.91 33.69
N ASN F 448 -45.06 24.79 32.77
CA ASN F 448 -44.31 25.11 31.53
C ASN F 448 -43.12 26.00 31.77
N LEU F 449 -43.36 27.26 32.15
CA LEU F 449 -42.32 28.31 32.08
C LEU F 449 -41.10 27.91 32.89
N ASP F 450 -39.95 27.79 32.22
CA ASP F 450 -38.75 27.25 32.84
C ASP F 450 -37.89 28.37 33.41
N THR F 451 -37.01 27.98 34.32
CA THR F 451 -36.22 28.91 35.09
C THR F 451 -34.72 28.86 34.75
N THR F 452 -34.37 28.24 33.62
CA THR F 452 -32.98 27.97 33.33
C THR F 452 -32.52 29.16 32.53
N PRO F 453 -31.33 29.67 32.81
CA PRO F 453 -30.83 30.89 32.13
C PRO F 453 -30.66 30.79 30.61
N VAL F 454 -31.12 31.82 29.90
CA VAL F 454 -30.97 31.85 28.45
C VAL F 454 -29.47 31.91 28.08
N VAL F 455 -28.70 32.83 28.65
CA VAL F 455 -27.23 32.71 28.60
C VAL F 455 -26.67 32.99 29.98
N ASN F 456 -25.41 32.59 30.17
CA ASN F 456 -24.71 32.79 31.47
C ASN F 456 -23.18 32.81 31.37
N GLY F 457 -22.61 33.05 30.22
CA GLY F 457 -21.15 33.12 30.15
C GLY F 457 -20.52 34.06 31.16
N PHE F 458 -21.35 34.91 31.76
CA PHE F 458 -20.96 35.91 32.79
C PHE F 458 -22.04 36.04 33.89
N ALA F 459 -23.21 36.53 33.51
CA ALA F 459 -24.35 36.56 34.40
C ALA F 459 -25.41 35.56 33.93
N SER F 460 -26.17 35.04 34.87
CA SER F 460 -27.26 34.13 34.59
C SER F 460 -28.45 35.04 34.30
N VAL F 461 -28.75 35.27 33.03
CA VAL F 461 -29.89 36.12 32.63
C VAL F 461 -31.11 35.24 32.42
N PRO F 462 -32.27 35.63 32.98
CA PRO F 462 -33.42 34.74 32.95
C PRO F 462 -34.18 34.75 31.63
N PRO F 463 -34.96 33.69 31.39
CA PRO F 463 -35.83 33.64 30.22
C PRO F 463 -36.92 34.66 30.33
N PHE F 464 -37.56 34.95 29.21
CA PHE F 464 -38.67 35.93 29.15
C PHE F 464 -39.91 35.36 29.85
N TYR F 465 -40.70 36.25 30.44
CA TYR F 465 -41.96 35.93 31.06
C TYR F 465 -42.73 37.25 31.30
N GLN F 466 -44.06 37.15 31.37
CA GLN F 466 -44.93 38.25 31.73
C GLN F 466 -45.80 37.73 32.81
N LEU F 467 -46.34 38.66 33.60
CA LEU F 467 -47.25 38.31 34.67
C LEU F 467 -48.17 39.47 34.98
N CYS F 468 -49.15 39.17 35.83
CA CYS F 468 -50.18 40.13 36.23
C CYS F 468 -50.02 40.45 37.70
N PHE F 469 -49.89 41.73 38.02
CA PHE F 469 -49.89 42.18 39.40
C PHE F 469 -51.33 42.48 39.81
N ILE F 470 -52.00 41.48 40.39
CA ILE F 470 -53.41 41.63 40.83
C ILE F 470 -53.42 42.38 42.16
N PRO F 471 -54.03 43.58 42.27
CA PRO F 471 -54.06 44.31 43.53
C PRO F 471 -54.81 43.37 44.47
N ILE F 472 -54.22 43.13 45.64
CA ILE F 472 -54.89 42.25 46.65
C ILE F 472 -55.46 43.19 47.70
N HIS F 473 -56.65 42.90 48.22
CA HIS F 473 -57.30 43.76 49.24
C HIS F 473 -58.34 42.87 49.93
N LYS G 10 -54.46 7.96 -22.97
CA LYS G 10 -54.97 8.53 -21.70
C LYS G 10 -54.50 7.68 -20.48
N LEU G 11 -53.18 7.56 -20.26
CA LEU G 11 -52.60 6.69 -19.20
C LEU G 11 -53.19 6.96 -17.81
N PRO G 12 -53.04 6.03 -16.86
CA PRO G 12 -53.60 6.33 -15.51
C PRO G 12 -52.90 7.52 -14.82
N PRO G 13 -53.51 8.12 -13.78
CA PRO G 13 -52.91 9.22 -13.02
C PRO G 13 -51.60 8.82 -12.40
N GLY G 14 -50.96 9.73 -11.65
CA GLY G 14 -49.73 9.42 -10.90
C GLY G 14 -48.82 10.62 -10.74
N PRO G 15 -47.85 10.54 -9.82
CA PRO G 15 -47.00 11.69 -9.47
C PRO G 15 -46.13 12.11 -10.62
N THR G 16 -45.79 13.38 -10.65
CA THR G 16 -45.16 13.96 -11.82
C THR G 16 -43.69 13.55 -11.93
N PRO G 17 -43.30 13.08 -13.11
CA PRO G 17 -41.93 12.70 -13.29
C PRO G 17 -41.06 13.92 -13.49
N LEU G 18 -39.82 13.87 -13.01
CA LEU G 18 -38.81 14.87 -13.37
C LEU G 18 -38.10 14.54 -14.69
N PRO G 19 -37.63 15.57 -15.44
CA PRO G 19 -37.07 15.44 -16.80
C PRO G 19 -36.19 14.21 -17.12
N VAL G 20 -35.11 13.96 -16.39
CA VAL G 20 -34.19 12.81 -16.67
C VAL G 20 -34.48 11.55 -15.81
N ILE G 21 -34.88 11.76 -14.55
CA ILE G 21 -34.80 10.73 -13.50
C ILE G 21 -36.13 10.12 -13.08
N GLY G 22 -37.22 10.52 -13.75
CA GLY G 22 -38.56 10.02 -13.45
C GLY G 22 -39.04 10.32 -12.04
N ASN G 23 -39.60 9.31 -11.38
CA ASN G 23 -40.21 9.44 -10.06
C ASN G 23 -39.26 8.91 -8.99
N ILE G 24 -37.98 8.80 -9.30
CA ILE G 24 -37.03 8.17 -8.37
C ILE G 24 -37.09 8.77 -6.96
N LEU G 25 -37.33 10.08 -6.88
CA LEU G 25 -37.47 10.77 -5.58
C LEU G 25 -38.64 10.29 -4.73
N GLN G 26 -39.77 9.93 -5.35
CA GLN G 26 -40.96 9.43 -4.61
C GLN G 26 -40.84 7.94 -4.21
N ILE G 27 -40.31 7.11 -5.10
CA ILE G 27 -40.23 5.65 -4.89
C ILE G 27 -39.00 5.21 -4.08
N GLY G 28 -37.87 5.86 -4.33
CA GLY G 28 -36.61 5.47 -3.75
C GLY G 28 -36.03 4.23 -4.40
N ILE G 29 -35.14 3.56 -3.66
CA ILE G 29 -34.50 2.33 -4.13
C ILE G 29 -34.44 1.19 -3.09
N LYS G 30 -34.84 1.48 -1.85
CA LYS G 30 -34.64 0.57 -0.72
C LYS G 30 -35.82 -0.34 -0.45
N ASP G 31 -37.04 0.10 -0.78
CA ASP G 31 -38.23 -0.71 -0.54
C ASP G 31 -39.37 -0.36 -1.50
N ILE G 32 -39.29 -0.92 -2.70
CA ILE G 32 -40.24 -0.61 -3.77
C ILE G 32 -41.68 -0.98 -3.45
N SER G 33 -41.89 -2.18 -2.96
CA SER G 33 -43.24 -2.54 -2.59
C SER G 33 -43.91 -1.68 -1.48
N LYS G 34 -43.11 -1.14 -0.55
CA LYS G 34 -43.64 -0.24 0.46
C LYS G 34 -44.04 1.04 -0.28
N SER G 35 -43.16 1.56 -1.12
CA SER G 35 -43.46 2.80 -1.85
C SER G 35 -44.67 2.64 -2.78
N LEU G 36 -44.76 1.51 -3.46
CA LEU G 36 -45.91 1.24 -4.28
C LEU G 36 -47.15 1.21 -3.39
N THR G 37 -47.05 0.57 -2.23
CA THR G 37 -48.14 0.56 -1.29
C THR G 37 -48.57 1.97 -0.84
N ASN G 38 -47.62 2.86 -0.58
CA ASN G 38 -47.94 4.22 -0.07
C ASN G 38 -48.51 5.13 -1.13
N LEU G 39 -47.86 5.13 -2.30
CA LEU G 39 -48.35 5.81 -3.49
C LEU G 39 -49.79 5.36 -3.86
N SER G 40 -50.08 4.08 -3.64
CA SER G 40 -51.45 3.55 -3.83
C SER G 40 -52.48 4.23 -2.95
N LYS G 41 -52.10 4.60 -1.72
CA LYS G 41 -53.03 5.26 -0.80
C LYS G 41 -53.35 6.70 -1.17
N VAL G 42 -52.70 7.24 -2.21
CA VAL G 42 -53.09 8.55 -2.71
C VAL G 42 -53.61 8.47 -4.14
N TYR G 43 -52.91 7.73 -5.02
CA TYR G 43 -53.39 7.62 -6.41
C TYR G 43 -54.34 6.44 -6.68
N GLY G 44 -54.70 5.70 -5.64
CA GLY G 44 -55.65 4.62 -5.79
C GLY G 44 -55.06 3.33 -6.32
N PRO G 45 -55.86 2.54 -7.05
CA PRO G 45 -55.41 1.18 -7.30
C PRO G 45 -54.63 1.03 -8.60
N VAL G 46 -54.74 1.99 -9.50
CA VAL G 46 -54.11 1.89 -10.81
C VAL G 46 -53.42 3.20 -11.03
N PHE G 47 -52.09 3.17 -11.18
CA PHE G 47 -51.33 4.40 -11.34
C PHE G 47 -50.03 4.23 -12.07
N THR G 48 -49.35 5.34 -12.31
CA THR G 48 -48.24 5.41 -13.22
C THR G 48 -47.03 6.09 -12.67
N LEU G 49 -45.98 5.28 -12.49
CA LEU G 49 -44.63 5.75 -12.20
C LEU G 49 -43.80 5.82 -13.50
N TYR G 50 -42.65 6.48 -13.39
CA TYR G 50 -41.62 6.47 -14.43
C TYR G 50 -40.32 6.02 -13.77
N PHE G 51 -39.66 5.03 -14.34
CA PHE G 51 -38.37 4.57 -13.84
C PHE G 51 -37.43 5.14 -14.89
N GLY G 52 -37.16 6.44 -14.82
CA GLY G 52 -36.36 7.09 -15.81
C GLY G 52 -37.33 7.58 -16.83
N LEU G 53 -37.23 7.09 -18.05
CA LEU G 53 -38.13 7.50 -19.12
C LEU G 53 -39.27 6.52 -19.38
N LYS G 54 -39.15 5.28 -18.88
CA LYS G 54 -40.13 4.21 -19.13
C LYS G 54 -41.33 4.41 -18.22
N PRO G 55 -42.55 4.53 -18.81
CA PRO G 55 -43.76 4.48 -17.97
C PRO G 55 -44.08 3.05 -17.53
N ILE G 56 -44.58 2.91 -16.32
CA ILE G 56 -44.88 1.61 -15.77
C ILE G 56 -46.17 1.70 -14.96
N VAL G 57 -47.20 1.01 -15.42
CA VAL G 57 -48.46 1.05 -14.73
C VAL G 57 -48.37 0.06 -13.59
N VAL G 58 -48.91 0.41 -12.44
CA VAL G 58 -48.88 -0.42 -11.25
C VAL G 58 -50.30 -0.87 -10.94
N LEU G 59 -50.48 -2.04 -10.35
CA LEU G 59 -51.84 -2.51 -10.04
C LEU G 59 -51.88 -2.96 -8.60
N HIS G 60 -52.76 -2.35 -7.82
CA HIS G 60 -52.69 -2.62 -6.36
C HIS G 60 -53.82 -3.49 -5.83
N GLY G 61 -55.05 -3.05 -6.01
CA GLY G 61 -56.15 -3.82 -5.41
C GLY G 61 -56.03 -5.29 -5.74
N TYR G 62 -56.90 -6.10 -5.16
CA TYR G 62 -56.97 -7.52 -5.53
C TYR G 62 -57.89 -7.54 -6.74
N GLU G 63 -58.86 -6.62 -6.71
CA GLU G 63 -59.78 -6.49 -7.82
C GLU G 63 -59.10 -5.90 -9.06
N ALA G 64 -58.06 -5.09 -8.91
CA ALA G 64 -57.29 -4.62 -10.08
C ALA G 64 -56.37 -5.71 -10.67
N VAL G 65 -55.83 -6.52 -9.77
CA VAL G 65 -54.94 -7.60 -10.18
C VAL G 65 -55.81 -8.65 -10.89
N LYS G 66 -56.95 -8.99 -10.28
CA LYS G 66 -57.86 -9.97 -10.86
C LYS G 66 -58.40 -9.60 -12.23
N GLU G 67 -58.91 -8.39 -12.36
CA GLU G 67 -59.32 -7.89 -13.67
C GLU G 67 -58.26 -7.83 -14.79
N ALA G 68 -56.99 -7.88 -14.44
CA ALA G 68 -55.93 -7.72 -15.43
C ALA G 68 -55.38 -9.09 -15.74
N LEU G 69 -55.08 -9.86 -14.71
CA LEU G 69 -54.42 -11.14 -14.91
C LEU G 69 -55.39 -12.22 -15.30
N ILE G 70 -56.51 -12.31 -14.59
CA ILE G 70 -57.60 -13.24 -14.92
C ILE G 70 -58.52 -12.64 -16.02
N ASP G 71 -59.31 -11.61 -15.72
CA ASP G 71 -60.35 -11.08 -16.66
C ASP G 71 -59.82 -10.57 -18.02
N LEU G 72 -58.63 -10.00 -18.11
CA LEU G 72 -58.04 -9.69 -19.43
C LEU G 72 -56.68 -10.40 -19.61
N GLY G 73 -56.57 -11.60 -19.05
CA GLY G 73 -55.35 -12.36 -19.03
C GLY G 73 -54.46 -12.27 -20.25
N GLU G 74 -55.01 -12.45 -21.44
CA GLU G 74 -54.19 -12.48 -22.65
C GLU G 74 -53.47 -11.13 -22.91
N GLU G 75 -54.15 -10.04 -22.59
CA GLU G 75 -53.64 -8.71 -22.93
C GLU G 75 -52.51 -8.32 -21.96
N PHE G 76 -52.65 -8.72 -20.69
CA PHE G 76 -51.59 -8.64 -19.67
C PHE G 76 -50.72 -9.90 -19.53
N SER G 77 -50.62 -10.73 -20.57
CA SER G 77 -49.84 -11.98 -20.48
C SER G 77 -48.38 -11.75 -20.87
N GLY G 78 -47.99 -10.53 -21.23
CA GLY G 78 -46.63 -10.28 -21.66
C GLY G 78 -45.64 -10.31 -20.50
N ARG G 79 -44.35 -10.36 -20.83
CA ARG G 79 -43.28 -10.27 -19.83
C ARG G 79 -42.51 -9.02 -20.07
N GLY G 80 -42.37 -8.24 -19.01
CA GLY G 80 -41.63 -7.01 -19.03
C GLY G 80 -40.18 -7.37 -18.87
N ILE G 81 -39.33 -6.66 -19.59
CA ILE G 81 -37.89 -6.92 -19.50
C ILE G 81 -37.12 -5.63 -19.23
N PHE G 82 -36.35 -5.66 -18.14
CA PHE G 82 -35.48 -4.55 -17.77
C PHE G 82 -34.07 -4.86 -18.33
N PRO G 83 -33.22 -3.82 -18.49
CA PRO G 83 -31.93 -3.99 -19.21
C PRO G 83 -30.91 -5.06 -18.71
N LEU G 84 -31.01 -5.55 -17.49
CA LEU G 84 -30.13 -6.66 -17.07
C LEU G 84 -30.52 -8.04 -17.62
N ALA G 85 -31.82 -8.29 -17.84
CA ALA G 85 -32.25 -9.56 -18.45
C ALA G 85 -31.91 -9.57 -19.92
N GLU G 86 -31.99 -8.41 -20.55
CA GLU G 86 -31.62 -8.25 -21.94
C GLU G 86 -30.17 -8.60 -22.17
N ARG G 87 -29.27 -7.95 -21.43
CA ARG G 87 -27.83 -8.23 -21.52
C ARG G 87 -27.42 -9.67 -21.17
N ALA G 88 -28.15 -10.29 -20.24
CA ALA G 88 -27.91 -11.68 -19.85
C ALA G 88 -28.19 -12.63 -21.01
N ASN G 89 -29.03 -12.19 -21.95
CA ASN G 89 -29.30 -12.86 -23.23
C ASN G 89 -30.24 -14.05 -23.00
N ARG G 90 -31.33 -13.78 -22.29
CA ARG G 90 -32.21 -14.78 -21.71
C ARG G 90 -33.57 -14.90 -22.39
N GLY G 91 -33.73 -14.32 -23.60
CA GLY G 91 -35.05 -14.11 -24.25
C GLY G 91 -35.77 -15.30 -24.88
N PHE G 92 -35.16 -16.47 -24.75
CA PHE G 92 -35.68 -17.71 -25.26
C PHE G 92 -35.96 -18.45 -23.98
N GLY G 93 -36.59 -19.61 -24.04
CA GLY G 93 -37.05 -20.25 -22.81
C GLY G 93 -38.36 -19.66 -22.34
N ILE G 94 -38.71 -19.88 -21.08
CA ILE G 94 -40.06 -19.59 -20.57
C ILE G 94 -40.22 -18.22 -19.91
N VAL G 95 -39.29 -17.90 -19.00
CA VAL G 95 -39.50 -16.79 -18.06
C VAL G 95 -39.42 -15.49 -18.78
N PHE G 96 -38.37 -15.28 -19.56
CA PHE G 96 -38.12 -13.99 -20.20
C PHE G 96 -38.47 -13.96 -21.67
N SER G 97 -39.33 -14.86 -22.11
CA SER G 97 -39.77 -14.84 -23.51
C SER G 97 -41.19 -14.31 -23.60
N ASN G 98 -41.60 -13.98 -24.82
CA ASN G 98 -42.95 -13.53 -25.16
C ASN G 98 -43.51 -14.16 -26.42
N GLY G 99 -44.74 -13.81 -26.73
CA GLY G 99 -45.33 -14.15 -28.02
C GLY G 99 -45.51 -15.64 -28.23
N LYS G 100 -45.46 -16.07 -29.50
CA LYS G 100 -45.71 -17.47 -29.86
C LYS G 100 -44.67 -18.33 -29.15
N LYS G 101 -43.40 -17.91 -29.23
CA LYS G 101 -42.29 -18.63 -28.56
C LYS G 101 -42.63 -18.96 -27.12
N TRP G 102 -43.13 -17.96 -26.41
CA TRP G 102 -43.53 -18.18 -25.04
C TRP G 102 -44.64 -19.23 -25.01
N LYS G 103 -45.73 -19.04 -25.76
CA LYS G 103 -46.90 -19.96 -25.68
C LYS G 103 -46.53 -21.43 -25.91
N GLU G 104 -45.71 -21.63 -26.95
CA GLU G 104 -45.30 -22.95 -27.37
C GLU G 104 -44.46 -23.61 -26.27
N ILE G 105 -43.37 -22.94 -25.88
CA ILE G 105 -42.39 -23.53 -24.95
C ILE G 105 -43.03 -23.78 -23.60
N ARG G 106 -43.86 -22.84 -23.17
CA ARG G 106 -44.53 -22.98 -21.90
C ARG G 106 -45.47 -24.18 -21.90
N ARG G 107 -46.30 -24.29 -22.96
CA ARG G 107 -47.31 -25.35 -23.06
C ARG G 107 -46.62 -26.68 -23.08
N PHE G 108 -45.53 -26.75 -23.85
CA PHE G 108 -44.75 -27.97 -23.94
C PHE G 108 -44.31 -28.36 -22.53
N SER G 109 -43.51 -27.49 -21.92
CA SER G 109 -42.94 -27.70 -20.60
C SER G 109 -43.92 -28.07 -19.52
N LEU G 110 -45.01 -27.32 -19.45
CA LEU G 110 -46.09 -27.65 -18.50
C LEU G 110 -46.69 -29.06 -18.67
N MET G 111 -46.95 -29.42 -19.93
CA MET G 111 -47.57 -30.69 -20.27
C MET G 111 -46.46 -31.74 -20.07
N THR G 112 -45.21 -31.42 -20.46
CA THR G 112 -44.12 -32.37 -20.18
C THR G 112 -44.03 -32.73 -18.65
N LEU G 113 -43.96 -31.70 -17.81
CA LEU G 113 -44.06 -31.89 -16.36
C LEU G 113 -45.28 -32.60 -15.72
N ARG G 114 -46.42 -32.69 -16.43
CA ARG G 114 -47.55 -33.53 -15.99
C ARG G 114 -47.32 -35.05 -16.13
N ASN G 115 -46.10 -35.49 -16.44
CA ASN G 115 -45.71 -36.92 -16.36
C ASN G 115 -44.18 -37.13 -16.33
N PHE G 116 -43.63 -37.18 -15.11
CA PHE G 116 -42.19 -37.34 -14.88
C PHE G 116 -41.42 -36.12 -15.40
N MET G 118 -48.07 -39.35 -14.42
CA MET G 118 -47.77 -40.77 -14.49
C MET G 118 -46.75 -41.03 -15.60
N GLY G 119 -45.46 -40.95 -15.26
CA GLY G 119 -44.36 -41.06 -16.24
C GLY G 119 -43.25 -42.03 -15.86
N LYS G 120 -43.62 -43.16 -15.25
CA LYS G 120 -42.66 -44.27 -14.94
C LYS G 120 -41.89 -44.11 -13.61
N ARG G 121 -42.02 -42.97 -12.93
CA ARG G 121 -41.30 -42.73 -11.66
C ARG G 121 -42.24 -42.00 -10.68
N SER G 122 -42.91 -40.95 -11.16
CA SER G 122 -43.84 -40.21 -10.33
C SER G 122 -43.12 -39.15 -9.51
N ILE G 123 -43.31 -37.89 -9.87
CA ILE G 123 -42.62 -36.79 -9.19
C ILE G 123 -42.70 -36.82 -7.65
N GLU G 124 -43.81 -37.27 -7.08
CA GLU G 124 -43.95 -37.30 -5.63
C GLU G 124 -43.01 -38.32 -4.99
N ASP G 125 -42.69 -39.39 -5.72
CA ASP G 125 -41.72 -40.40 -5.23
C ASP G 125 -40.34 -39.74 -5.17
N CYS G 126 -39.94 -39.16 -6.28
CA CYS G 126 -38.74 -38.31 -6.35
C CYS G 126 -38.57 -37.34 -5.17
N VAL G 127 -39.56 -36.46 -4.98
CA VAL G 127 -39.57 -35.54 -3.82
C VAL G 127 -39.48 -36.28 -2.50
N GLN G 128 -40.35 -37.25 -2.31
CA GLN G 128 -40.46 -38.01 -1.04
C GLN G 128 -39.16 -38.78 -0.65
N GLU G 129 -38.37 -39.15 -1.67
CA GLU G 129 -37.03 -39.74 -1.50
C GLU G 129 -36.11 -38.66 -0.98
N GLU G 130 -36.05 -37.56 -1.74
CA GLU G 130 -35.19 -36.43 -1.41
C GLU G 130 -35.36 -35.96 0.04
N ALA G 131 -36.59 -36.02 0.54
CA ALA G 131 -36.93 -35.74 1.91
C ALA G 131 -36.36 -36.74 2.90
N ARG G 132 -36.30 -38.01 2.51
CA ARG G 132 -35.56 -39.03 3.29
C ARG G 132 -34.06 -38.68 3.42
N CYS G 133 -33.36 -38.37 2.30
CA CYS G 133 -31.95 -37.85 2.30
C CYS G 133 -31.75 -36.61 3.18
N LEU G 134 -32.50 -35.54 2.89
CA LEU G 134 -32.52 -34.33 3.71
C LEU G 134 -32.55 -34.67 5.21
N VAL G 135 -33.41 -35.58 5.62
CA VAL G 135 -33.48 -35.97 7.03
C VAL G 135 -32.18 -36.58 7.51
N GLU G 136 -31.52 -37.40 6.67
CA GLU G 136 -30.22 -38.04 6.99
C GLU G 136 -29.10 -37.03 7.13
N GLU G 137 -28.97 -36.17 6.13
CA GLU G 137 -28.02 -35.06 6.17
C GLU G 137 -28.23 -34.12 7.35
N LEU G 138 -29.46 -33.88 7.75
CA LEU G 138 -29.71 -33.17 9.02
C LEU G 138 -29.28 -33.89 10.29
N ARG G 139 -29.32 -35.23 10.29
CA ARG G 139 -28.75 -36.06 11.38
C ARG G 139 -27.23 -36.04 11.40
N LYS G 140 -26.65 -35.97 10.20
CA LYS G 140 -25.20 -35.88 9.99
C LYS G 140 -24.61 -34.55 10.52
N THR G 141 -25.45 -33.58 10.89
CA THR G 141 -24.99 -32.37 11.57
C THR G 141 -24.91 -32.55 13.10
N LYS G 142 -24.91 -33.80 13.57
CA LYS G 142 -24.79 -34.15 14.98
C LYS G 142 -25.36 -33.08 15.95
N ALA G 143 -26.55 -32.58 15.66
CA ALA G 143 -27.27 -31.65 16.54
C ALA G 143 -26.53 -30.35 16.79
N SER G 144 -25.50 -30.08 15.97
CA SER G 144 -24.62 -28.95 16.16
C SER G 144 -25.29 -27.70 15.59
N PRO G 145 -24.72 -26.52 15.86
CA PRO G 145 -25.19 -25.34 15.16
C PRO G 145 -24.89 -25.40 13.68
N CYS G 146 -25.83 -24.94 12.88
CA CYS G 146 -25.55 -24.70 11.48
C CYS G 146 -26.50 -23.66 10.91
N ASP G 147 -26.03 -23.10 9.80
CA ASP G 147 -26.78 -22.25 8.90
C ASP G 147 -27.39 -23.29 7.95
N PRO G 148 -28.73 -23.40 7.85
CA PRO G 148 -29.36 -24.43 7.04
C PRO G 148 -29.35 -24.11 5.54
N THR G 149 -28.90 -22.92 5.18
CA THR G 149 -28.90 -22.42 3.78
C THR G 149 -28.48 -23.46 2.72
N PHE G 150 -27.43 -24.23 2.94
CA PHE G 150 -26.95 -25.11 1.85
C PHE G 150 -27.58 -26.51 1.90
N ILE G 151 -28.05 -26.91 3.05
CA ILE G 151 -28.64 -28.24 3.19
C ILE G 151 -30.03 -28.13 2.58
N LEU G 152 -30.88 -27.34 3.21
CA LEU G 152 -32.20 -26.98 2.68
C LEU G 152 -32.19 -26.56 1.24
N GLY G 153 -31.08 -26.06 0.74
CA GLY G 153 -30.96 -25.75 -0.68
C GLY G 153 -30.86 -26.96 -1.58
N CYS G 154 -30.17 -28.00 -1.09
CA CYS G 154 -29.88 -29.18 -1.90
C CYS G 154 -31.11 -30.03 -2.21
N ALA G 155 -31.95 -30.24 -1.19
CA ALA G 155 -33.18 -31.00 -1.40
C ALA G 155 -33.99 -30.51 -2.65
N PRO G 156 -34.42 -29.24 -2.67
CA PRO G 156 -35.05 -28.75 -3.88
C PRO G 156 -34.18 -28.73 -5.13
N CYS G 157 -32.87 -28.49 -5.00
CA CYS G 157 -31.98 -28.54 -6.16
C CYS G 157 -31.97 -29.91 -6.80
N ASN G 158 -32.00 -30.94 -5.97
CA ASN G 158 -32.00 -32.33 -6.44
C ASN G 158 -33.28 -32.73 -7.12
N VAL G 159 -34.41 -32.45 -6.48
CA VAL G 159 -35.71 -32.66 -7.10
C VAL G 159 -35.76 -32.16 -8.56
N ILE G 160 -35.51 -30.88 -8.82
CA ILE G 160 -35.41 -30.45 -10.23
C ILE G 160 -34.20 -30.97 -11.01
N CYS G 161 -33.12 -31.36 -10.34
CA CYS G 161 -32.00 -32.00 -11.05
C CYS G 161 -32.37 -33.37 -11.65
N SER G 162 -33.05 -34.18 -10.84
CA SER G 162 -33.71 -35.38 -11.36
C SER G 162 -34.56 -35.00 -12.58
N ILE G 163 -35.58 -34.18 -12.37
CA ILE G 163 -36.53 -33.77 -13.43
C ILE G 163 -35.87 -33.15 -14.67
N ILE G 164 -34.86 -32.30 -14.50
CA ILE G 164 -34.25 -31.65 -15.67
C ILE G 164 -33.33 -32.64 -16.41
N PHE G 165 -32.27 -33.17 -15.77
CA PHE G 165 -31.19 -33.94 -16.47
C PHE G 165 -30.78 -35.31 -15.87
N HIS G 166 -31.63 -35.84 -14.99
CA HIS G 166 -31.51 -37.20 -14.46
C HIS G 166 -30.40 -37.50 -13.47
N LYS G 167 -29.43 -36.60 -13.26
CA LYS G 167 -28.46 -36.72 -12.14
C LYS G 167 -29.03 -36.20 -10.80
N ARG G 168 -28.30 -36.42 -9.72
CA ARG G 168 -28.55 -35.73 -8.45
C ARG G 168 -27.23 -35.61 -7.63
N PHE G 169 -27.19 -34.84 -6.54
CA PHE G 169 -25.91 -34.47 -5.91
C PHE G 169 -25.75 -35.05 -4.53
N ASP G 170 -24.49 -35.25 -4.13
CA ASP G 170 -24.16 -35.44 -2.72
C ASP G 170 -24.31 -34.06 -2.07
N TYR G 171 -24.88 -34.01 -0.86
CA TYR G 171 -25.13 -32.69 -0.20
C TYR G 171 -23.84 -31.87 0.10
N LYS G 172 -22.70 -32.54 0.12
CA LYS G 172 -21.41 -31.90 0.32
C LYS G 172 -20.56 -31.86 -0.95
N ASP G 173 -21.14 -32.21 -2.08
CA ASP G 173 -20.45 -32.14 -3.37
C ASP G 173 -20.07 -30.69 -3.64
N GLN G 174 -18.82 -30.48 -4.06
CA GLN G 174 -18.28 -29.14 -4.42
C GLN G 174 -19.12 -28.41 -5.50
N GLN G 175 -19.22 -29.04 -6.67
CA GLN G 175 -19.92 -28.48 -7.84
C GLN G 175 -21.33 -27.90 -7.51
N PHE G 176 -22.09 -28.57 -6.60
CA PHE G 176 -23.43 -28.11 -6.17
C PHE G 176 -23.23 -26.84 -5.39
N LEU G 177 -22.39 -26.90 -4.35
CA LEU G 177 -22.16 -25.76 -3.48
C LEU G 177 -21.79 -24.50 -4.25
N ASN G 178 -21.05 -24.67 -5.34
CA ASN G 178 -20.77 -23.60 -6.28
C ASN G 178 -22.03 -23.03 -6.97
N LEU G 179 -22.80 -23.90 -7.64
CA LEU G 179 -24.11 -23.51 -8.20
C LEU G 179 -24.98 -22.80 -7.17
N MET G 180 -25.24 -23.44 -6.03
CA MET G 180 -26.11 -22.88 -4.98
C MET G 180 -25.64 -21.54 -4.43
N GLU G 181 -24.34 -21.39 -4.22
CA GLU G 181 -23.77 -20.10 -3.81
C GLU G 181 -24.17 -19.01 -4.80
N LYS G 182 -23.93 -19.28 -6.08
CA LYS G 182 -24.21 -18.35 -7.17
C LYS G 182 -25.68 -17.94 -7.34
N LEU G 183 -26.60 -18.86 -7.00
CA LEU G 183 -28.03 -18.58 -7.03
C LEU G 183 -28.39 -17.66 -5.89
N ASN G 184 -27.95 -18.01 -4.67
CA ASN G 184 -28.16 -17.13 -3.53
C ASN G 184 -27.62 -15.75 -3.79
N GLU G 185 -26.40 -15.65 -4.32
CA GLU G 185 -25.85 -14.34 -4.68
C GLU G 185 -26.78 -13.60 -5.62
N ASN G 186 -27.08 -14.23 -6.75
CA ASN G 186 -27.94 -13.66 -7.79
C ASN G 186 -29.17 -12.91 -7.31
N ILE G 187 -29.95 -13.51 -6.42
CA ILE G 187 -31.17 -12.85 -5.94
C ILE G 187 -30.96 -11.77 -4.90
N LYS G 188 -29.97 -11.96 -4.03
CA LYS G 188 -29.56 -10.85 -3.15
C LYS G 188 -29.12 -9.64 -3.97
N ILE G 189 -28.55 -9.90 -5.14
CA ILE G 189 -28.07 -8.86 -6.01
C ILE G 189 -29.24 -8.27 -6.76
N LEU G 190 -30.18 -9.08 -7.24
CA LEU G 190 -31.34 -8.51 -7.94
C LEU G 190 -32.22 -7.69 -7.01
N SER G 191 -32.32 -8.10 -5.73
CA SER G 191 -33.02 -7.33 -4.66
C SER G 191 -32.30 -6.07 -4.10
N SER G 192 -30.96 -6.06 -4.24
CA SER G 192 -30.06 -4.90 -4.09
C SER G 192 -30.67 -3.58 -4.58
N PRO G 193 -30.54 -2.49 -3.80
CA PRO G 193 -30.86 -1.15 -4.35
C PRO G 193 -29.94 -0.70 -5.50
N TRP G 194 -28.70 -1.17 -5.54
CA TRP G 194 -27.85 -0.83 -6.68
C TRP G 194 -28.49 -1.23 -8.03
N ILE G 195 -29.16 -2.38 -8.05
CA ILE G 195 -29.80 -2.90 -9.25
C ILE G 195 -31.04 -2.10 -9.62
N GLN G 196 -31.68 -1.48 -8.62
CA GLN G 196 -32.71 -0.49 -8.93
C GLN G 196 -32.10 0.63 -9.77
N ILE G 197 -31.03 1.24 -9.29
CA ILE G 197 -30.30 2.27 -10.06
C ILE G 197 -29.90 1.78 -11.46
N CYS G 198 -29.47 0.52 -11.57
CA CYS G 198 -29.02 -0.05 -12.85
C CYS G 198 -30.09 -0.12 -13.90
N ASN G 199 -31.26 -0.62 -13.55
CA ASN G 199 -32.36 -0.76 -14.52
C ASN G 199 -33.03 0.56 -14.95
N ASN G 200 -33.23 1.46 -13.99
CA ASN G 200 -33.81 2.80 -14.24
C ASN G 200 -32.96 3.62 -15.20
N PHE G 201 -31.62 3.43 -15.16
CA PHE G 201 -30.67 4.04 -16.14
C PHE G 201 -29.63 3.05 -16.68
N SER G 202 -29.94 2.42 -17.82
CA SER G 202 -29.11 1.35 -18.40
C SER G 202 -27.63 1.66 -18.68
N PRO G 203 -27.29 2.88 -19.14
CA PRO G 203 -25.85 3.16 -19.37
C PRO G 203 -24.93 3.05 -18.15
N ILE G 204 -25.50 3.06 -16.95
CA ILE G 204 -24.73 2.74 -15.76
C ILE G 204 -24.15 1.31 -15.80
N ILE G 205 -24.84 0.35 -16.38
CA ILE G 205 -24.33 -1.03 -16.40
C ILE G 205 -22.98 -1.07 -17.13
N ASP G 206 -22.87 -0.33 -18.23
CA ASP G 206 -21.65 -0.28 -19.04
C ASP G 206 -20.52 0.54 -18.42
N TYR G 207 -20.83 1.65 -17.75
CA TYR G 207 -19.73 2.56 -17.30
C TYR G 207 -19.34 2.47 -15.82
N PHE G 208 -20.05 1.71 -15.00
CA PHE G 208 -19.76 1.60 -13.57
C PHE G 208 -19.37 0.18 -13.24
N PRO G 209 -18.47 0.01 -12.27
CA PRO G 209 -18.20 -1.35 -11.81
C PRO G 209 -19.29 -1.64 -10.84
N GLY G 210 -19.46 -2.89 -10.43
CA GLY G 210 -20.46 -3.19 -9.39
C GLY G 210 -20.95 -4.61 -9.38
N THR G 211 -21.96 -4.89 -8.54
CA THR G 211 -22.44 -6.27 -8.43
C THR G 211 -23.06 -6.78 -9.71
N HIS G 212 -23.79 -5.95 -10.43
CA HIS G 212 -24.33 -6.30 -11.76
C HIS G 212 -23.40 -7.10 -12.69
N ASN G 213 -22.10 -6.88 -12.62
CA ASN G 213 -21.20 -7.75 -13.36
C ASN G 213 -21.07 -9.14 -12.75
N LYS G 214 -21.03 -9.23 -11.44
CA LYS G 214 -21.08 -10.55 -10.78
C LYS G 214 -22.35 -11.32 -11.13
N LEU G 215 -23.49 -10.64 -11.07
CA LEU G 215 -24.79 -11.16 -11.49
C LEU G 215 -24.72 -11.77 -12.89
N LEU G 216 -24.21 -11.03 -13.86
CA LEU G 216 -24.08 -11.53 -15.24
C LEU G 216 -23.07 -12.66 -15.38
N LYS G 217 -21.91 -12.52 -14.71
CA LYS G 217 -20.85 -13.53 -14.69
C LYS G 217 -21.43 -14.87 -14.28
N ASN G 218 -22.14 -14.88 -13.16
CA ASN G 218 -22.77 -16.10 -12.66
C ASN G 218 -23.82 -16.65 -13.61
N VAL G 219 -24.58 -15.76 -14.24
CA VAL G 219 -25.62 -16.20 -15.18
C VAL G 219 -24.97 -17.02 -16.29
N ALA G 220 -23.90 -16.47 -16.88
CA ALA G 220 -23.17 -17.12 -17.96
C ALA G 220 -22.54 -18.47 -17.57
N PHE G 221 -22.05 -18.57 -16.34
CA PHE G 221 -21.51 -19.81 -15.81
C PHE G 221 -22.50 -20.96 -15.69
N MET G 222 -23.70 -20.66 -15.19
CA MET G 222 -24.80 -21.64 -15.11
C MET G 222 -25.41 -21.99 -16.49
N LYS G 223 -25.32 -21.06 -17.43
CA LYS G 223 -25.83 -21.31 -18.78
C LYS G 223 -24.96 -22.40 -19.35
N SER G 224 -23.64 -22.22 -19.28
CA SER G 224 -22.72 -23.19 -19.87
C SER G 224 -22.72 -24.54 -19.14
N TYR G 225 -22.96 -24.54 -17.82
CA TYR G 225 -23.06 -25.79 -17.05
C TYR G 225 -24.22 -26.68 -17.53
N ILE G 226 -25.34 -26.03 -17.82
CA ILE G 226 -26.55 -26.68 -18.36
C ILE G 226 -26.41 -27.03 -19.84
N LEU G 227 -25.75 -26.17 -20.62
CA LEU G 227 -25.46 -26.46 -22.03
C LEU G 227 -24.68 -27.75 -22.20
N GLU G 228 -23.76 -28.03 -21.28
CA GLU G 228 -23.00 -29.31 -21.27
C GLU G 228 -23.85 -30.55 -20.97
N LYS G 229 -24.71 -30.45 -19.97
CA LYS G 229 -25.68 -31.52 -19.70
C LYS G 229 -26.54 -31.80 -20.96
N VAL G 230 -26.84 -30.75 -21.71
CA VAL G 230 -27.58 -30.89 -22.96
C VAL G 230 -26.73 -31.61 -24.02
N LYS G 231 -25.45 -31.24 -24.16
CA LYS G 231 -24.55 -31.87 -25.13
C LYS G 231 -24.25 -33.35 -24.84
N GLU G 232 -24.17 -33.72 -23.57
CA GLU G 232 -24.04 -35.14 -23.22
C GLU G 232 -25.36 -35.90 -23.37
N HIS G 233 -26.48 -35.22 -23.19
CA HIS G 233 -27.79 -35.84 -23.46
C HIS G 233 -28.03 -36.11 -24.96
N GLN G 234 -27.45 -35.27 -25.84
CA GLN G 234 -27.46 -35.50 -27.30
C GLN G 234 -26.65 -36.72 -27.73
N GLU G 235 -25.50 -36.91 -27.08
CA GLU G 235 -24.70 -38.14 -27.23
C GLU G 235 -25.52 -39.37 -26.90
N SER G 236 -25.83 -39.56 -25.61
CA SER G 236 -26.41 -40.82 -25.16
C SER G 236 -27.95 -40.90 -25.20
N MET G 237 -28.54 -40.37 -26.27
CA MET G 237 -30.01 -40.23 -26.38
C MET G 237 -30.90 -41.48 -26.42
N ASP G 238 -31.14 -42.00 -27.62
CA ASP G 238 -32.07 -43.11 -27.82
C ASP G 238 -33.50 -42.54 -27.73
N MET G 239 -34.19 -42.38 -28.87
CA MET G 239 -35.55 -41.81 -28.89
C MET G 239 -36.60 -42.73 -28.19
N ASN G 240 -36.27 -44.00 -27.98
CA ASN G 240 -37.21 -45.01 -27.47
C ASN G 240 -37.34 -45.06 -25.97
N ASN G 241 -36.39 -44.45 -25.26
CA ASN G 241 -36.44 -44.49 -23.80
C ASN G 241 -36.03 -43.18 -23.14
N PRO G 242 -36.83 -42.15 -23.33
CA PRO G 242 -36.51 -40.87 -22.72
C PRO G 242 -36.74 -41.01 -21.20
N GLN G 243 -35.85 -40.43 -20.41
CA GLN G 243 -35.98 -40.50 -18.94
C GLN G 243 -35.71 -39.16 -18.24
N ASP G 244 -35.96 -38.04 -18.95
CA ASP G 244 -35.96 -36.69 -18.34
C ASP G 244 -36.48 -35.60 -19.31
N PHE G 245 -36.68 -34.39 -18.76
CA PHE G 245 -37.16 -33.20 -19.50
C PHE G 245 -36.32 -32.90 -20.75
N ILE G 246 -35.00 -32.96 -20.61
CA ILE G 246 -34.09 -32.65 -21.72
C ILE G 246 -34.25 -33.65 -22.88
N ASP G 247 -34.45 -34.93 -22.54
CA ASP G 247 -34.69 -35.95 -23.56
C ASP G 247 -36.01 -35.69 -24.26
N CYS G 248 -37.10 -35.52 -23.50
CA CYS G 248 -38.42 -35.15 -24.06
C CYS G 248 -38.36 -33.98 -25.02
N PHE G 249 -37.52 -32.98 -24.70
CA PHE G 249 -37.34 -31.76 -25.51
C PHE G 249 -36.55 -31.98 -26.80
N LEU G 250 -35.52 -32.84 -26.73
CA LEU G 250 -34.78 -33.28 -27.92
C LEU G 250 -35.64 -34.15 -28.88
N MET G 251 -36.42 -35.07 -28.31
CA MET G 251 -37.48 -35.79 -29.05
C MET G 251 -38.41 -34.81 -29.81
N LYS G 252 -38.93 -33.80 -29.11
CA LYS G 252 -39.72 -32.77 -29.78
C LYS G 252 -38.88 -31.88 -30.76
N MET G 253 -37.57 -31.75 -30.58
CA MET G 253 -36.76 -31.08 -31.59
C MET G 253 -36.84 -31.87 -32.89
N GLU G 254 -36.58 -33.17 -32.78
CA GLU G 254 -36.66 -34.14 -33.91
C GLU G 254 -38.01 -34.10 -34.62
N LYS G 255 -39.07 -34.11 -33.82
CA LYS G 255 -40.43 -34.17 -34.32
C LYS G 255 -40.91 -32.83 -34.79
N GLU G 256 -39.98 -32.04 -35.29
CA GLU G 256 -40.29 -30.73 -35.88
C GLU G 256 -39.44 -30.56 -37.16
N LYS G 257 -39.72 -31.42 -38.13
CA LYS G 257 -39.31 -31.26 -39.53
C LYS G 257 -40.35 -30.37 -40.23
N HIS G 258 -41.62 -30.65 -39.97
CA HIS G 258 -42.77 -29.89 -40.51
C HIS G 258 -42.62 -28.41 -40.14
N ASN G 259 -42.28 -28.16 -38.87
CA ASN G 259 -42.10 -26.80 -38.43
C ASN G 259 -41.36 -26.06 -39.52
N GLN G 260 -40.05 -26.00 -39.41
CA GLN G 260 -39.27 -25.30 -40.40
C GLN G 260 -38.87 -23.97 -39.80
N PRO G 261 -39.83 -23.20 -39.29
CA PRO G 261 -39.42 -21.94 -38.68
C PRO G 261 -39.11 -22.24 -37.24
N SER G 262 -37.88 -22.66 -37.01
CA SER G 262 -37.40 -22.99 -35.68
C SER G 262 -38.39 -23.56 -34.68
N GLU G 263 -38.16 -23.13 -33.45
CA GLU G 263 -38.92 -23.56 -32.23
C GLU G 263 -38.17 -24.68 -31.51
N PHE G 264 -37.93 -24.56 -30.23
CA PHE G 264 -37.20 -25.62 -29.59
C PHE G 264 -35.71 -25.60 -29.84
N THR G 265 -35.23 -24.63 -30.59
CA THR G 265 -33.79 -24.57 -30.78
C THR G 265 -33.05 -24.92 -29.46
N ILE G 266 -31.83 -25.45 -29.56
CA ILE G 266 -31.02 -25.82 -28.38
C ILE G 266 -30.80 -24.57 -27.53
N GLU G 267 -30.70 -23.41 -28.21
CA GLU G 267 -30.80 -22.12 -27.55
C GLU G 267 -32.03 -22.07 -26.64
N SER G 268 -33.23 -22.33 -27.16
CA SER G 268 -34.43 -22.30 -26.32
C SER G 268 -34.52 -23.49 -25.32
N LEU G 269 -33.86 -24.60 -25.62
CA LEU G 269 -33.73 -25.71 -24.65
C LEU G 269 -32.87 -25.30 -23.47
N GLU G 270 -31.68 -24.78 -23.78
CA GLU G 270 -30.72 -24.29 -22.79
C GLU G 270 -31.35 -23.34 -21.79
N ASN G 271 -32.01 -22.32 -22.31
CA ASN G 271 -32.67 -21.32 -21.48
C ASN G 271 -33.75 -21.93 -20.61
N THR G 272 -34.71 -22.60 -21.24
CA THR G 272 -35.79 -23.24 -20.49
C THR G 272 -35.29 -24.09 -19.33
N ALA G 273 -34.19 -24.79 -19.56
CA ALA G 273 -33.63 -25.69 -18.56
C ALA G 273 -33.06 -24.91 -17.37
N VAL G 274 -32.41 -23.77 -17.65
CA VAL G 274 -31.89 -22.93 -16.58
C VAL G 274 -33.00 -22.12 -15.88
N ASP G 275 -34.01 -21.73 -16.65
CA ASP G 275 -35.25 -21.17 -16.08
C ASP G 275 -35.79 -22.05 -14.98
N LEU G 276 -35.95 -23.33 -15.27
CA LEU G 276 -36.50 -24.27 -14.29
C LEU G 276 -35.48 -24.62 -13.23
N PHE G 277 -34.18 -24.52 -13.56
CA PHE G 277 -33.13 -24.81 -12.57
C PHE G 277 -33.10 -23.70 -11.51
N GLY G 278 -32.83 -22.47 -11.95
CA GLY G 278 -32.79 -21.31 -11.05
C GLY G 278 -34.03 -21.18 -10.16
N ALA G 279 -35.17 -20.90 -10.81
CA ALA G 279 -36.47 -20.75 -10.18
C ALA G 279 -36.73 -21.91 -9.29
N GLY G 280 -36.58 -23.10 -9.84
CA GLY G 280 -36.88 -24.30 -9.11
C GLY G 280 -35.99 -24.58 -7.92
N THR G 281 -34.74 -24.10 -7.92
CA THR G 281 -33.90 -24.32 -6.74
C THR G 281 -34.03 -23.22 -5.69
N GLU G 282 -34.04 -21.97 -6.16
CA GLU G 282 -33.90 -20.84 -5.25
C GLU G 282 -35.19 -20.48 -4.52
N THR G 283 -36.26 -20.27 -5.25
CA THR G 283 -37.52 -19.93 -4.65
C THR G 283 -37.99 -20.86 -3.51
N THR G 284 -37.90 -22.18 -3.73
CA THR G 284 -38.33 -23.16 -2.75
C THR G 284 -37.33 -23.17 -1.59
N SER G 285 -36.04 -23.21 -1.93
CA SER G 285 -34.97 -23.14 -0.92
C SER G 285 -35.20 -22.01 0.07
N THR G 286 -35.37 -20.80 -0.48
CA THR G 286 -35.60 -19.61 0.31
C THR G 286 -36.84 -19.75 1.17
N THR G 287 -37.92 -20.21 0.55
CA THR G 287 -39.17 -20.37 1.26
C THR G 287 -39.01 -21.34 2.46
N LEU G 288 -38.31 -22.44 2.24
CA LEU G 288 -38.09 -23.44 3.28
C LEU G 288 -37.47 -22.82 4.53
N ARG G 289 -36.23 -22.34 4.39
CA ARG G 289 -35.51 -21.73 5.50
C ARG G 289 -36.39 -20.78 6.30
N TYR G 290 -36.74 -19.67 5.66
CA TYR G 290 -37.62 -18.63 6.19
C TYR G 290 -38.71 -19.24 7.03
N ALA G 291 -39.16 -20.37 6.58
CA ALA G 291 -40.18 -21.20 7.24
C ALA G 291 -39.55 -21.63 8.55
N LEU G 292 -38.44 -22.36 8.45
CA LEU G 292 -37.81 -22.77 9.70
C LEU G 292 -37.57 -21.60 10.67
N LEU G 293 -37.01 -20.50 10.12
CA LEU G 293 -36.87 -19.27 10.87
C LEU G 293 -38.18 -18.98 11.61
N LEU G 294 -39.29 -18.96 10.89
CA LEU G 294 -40.61 -18.62 11.46
C LEU G 294 -41.12 -19.60 12.52
N LEU G 295 -40.67 -20.86 12.44
CA LEU G 295 -41.02 -21.87 13.42
C LEU G 295 -40.26 -21.73 14.75
N LEU G 296 -38.95 -21.44 14.70
CA LEU G 296 -38.17 -21.07 15.92
C LEU G 296 -38.84 -19.92 16.67
N LYS G 297 -39.25 -18.94 15.89
CA LYS G 297 -39.87 -17.73 16.38
C LYS G 297 -41.27 -17.98 16.98
N HIS G 298 -41.95 -19.05 16.54
CA HIS G 298 -43.28 -19.42 17.09
C HIS G 298 -43.36 -20.89 17.44
N PRO G 299 -42.81 -21.28 18.60
CA PRO G 299 -42.75 -22.71 18.88
C PRO G 299 -44.10 -23.32 19.36
N GLU G 300 -45.05 -22.47 19.80
CA GLU G 300 -46.45 -22.87 20.08
C GLU G 300 -47.10 -23.55 18.86
N VAL G 301 -46.81 -23.00 17.67
CA VAL G 301 -47.24 -23.50 16.38
C VAL G 301 -46.53 -24.81 16.01
N THR G 302 -45.21 -24.83 16.06
CA THR G 302 -44.46 -26.05 15.79
C THR G 302 -44.91 -27.22 16.68
N ALA G 303 -45.38 -26.92 17.88
CA ALA G 303 -46.02 -27.92 18.74
C ALA G 303 -47.27 -28.50 18.07
N LYS G 304 -48.19 -27.62 17.68
CA LYS G 304 -49.45 -28.00 17.03
C LYS G 304 -49.23 -28.81 15.74
N VAL G 305 -48.33 -28.37 14.87
CA VAL G 305 -47.94 -29.14 13.67
C VAL G 305 -47.45 -30.53 14.06
N GLN G 306 -46.54 -30.64 15.02
CA GLN G 306 -45.94 -31.95 15.37
C GLN G 306 -46.92 -32.92 16.01
N GLU G 307 -47.83 -32.43 16.86
CA GLU G 307 -48.97 -33.23 17.31
C GLU G 307 -49.69 -33.80 16.09
N GLU G 308 -50.16 -32.92 15.23
CA GLU G 308 -50.89 -33.28 14.02
C GLU G 308 -50.11 -34.19 13.04
N ILE G 309 -48.79 -34.26 13.13
CA ILE G 309 -48.04 -35.22 12.34
C ILE G 309 -48.19 -36.54 13.03
N GLU G 310 -47.75 -36.62 14.29
CA GLU G 310 -47.78 -37.88 15.06
C GLU G 310 -49.14 -38.58 14.94
N ARG G 311 -50.22 -37.82 15.11
CA ARG G 311 -51.60 -38.29 14.90
C ARG G 311 -51.83 -38.91 13.51
N VAL G 312 -51.80 -38.10 12.48
CA VAL G 312 -52.05 -38.54 11.12
C VAL G 312 -50.94 -39.40 10.46
N ILE G 313 -49.72 -39.30 10.96
CA ILE G 313 -48.54 -40.03 10.42
C ILE G 313 -47.71 -40.49 11.61
N GLY G 314 -47.33 -41.76 11.67
CA GLY G 314 -46.56 -42.27 12.81
C GLY G 314 -45.19 -41.62 12.93
N ARG G 315 -44.44 -42.06 13.95
CA ARG G 315 -43.01 -41.74 14.03
C ARG G 315 -42.31 -42.87 13.25
N ASN G 316 -42.95 -43.22 12.12
CA ASN G 316 -42.50 -44.33 11.29
C ASN G 316 -42.27 -44.11 9.79
N ARG G 317 -43.36 -43.97 9.04
CA ARG G 317 -43.24 -43.85 7.58
C ARG G 317 -43.15 -42.39 7.08
N SER G 318 -42.62 -42.26 5.87
CA SER G 318 -42.43 -40.98 5.21
C SER G 318 -43.76 -40.42 4.72
N PRO G 319 -44.07 -39.14 5.04
CA PRO G 319 -45.36 -38.56 4.65
C PRO G 319 -45.51 -38.47 3.14
N CYS G 320 -46.74 -38.64 2.66
CA CYS G 320 -47.08 -38.49 1.24
C CYS G 320 -48.08 -37.35 1.13
N MET G 321 -48.38 -36.94 -0.10
CA MET G 321 -49.32 -35.82 -0.35
C MET G 321 -50.76 -36.10 0.09
N GLN G 322 -51.17 -37.37 0.11
CA GLN G 322 -52.47 -37.78 0.66
C GLN G 322 -52.73 -37.29 2.08
N ASP G 323 -51.67 -37.20 2.87
CA ASP G 323 -51.78 -36.72 4.24
C ASP G 323 -52.24 -35.26 4.33
N ARG G 324 -51.91 -34.46 3.33
CA ARG G 324 -52.24 -33.04 3.36
C ARG G 324 -53.72 -32.74 3.60
N SER G 325 -54.63 -33.46 2.94
CA SER G 325 -56.09 -33.29 3.16
C SER G 325 -56.53 -33.52 4.60
N HIS G 326 -55.80 -34.36 5.32
CA HIS G 326 -56.16 -34.77 6.67
C HIS G 326 -55.34 -34.03 7.74
N MET G 327 -54.58 -33.02 7.29
CA MET G 327 -53.64 -32.24 8.09
C MET G 327 -53.89 -30.74 7.87
N PRO G 328 -55.02 -30.21 8.37
CA PRO G 328 -55.38 -28.83 8.05
C PRO G 328 -54.49 -27.74 8.70
N TYR G 329 -54.11 -27.90 9.97
CA TYR G 329 -53.17 -26.98 10.62
C TYR G 329 -51.85 -26.91 9.85
N THR G 330 -51.24 -28.07 9.62
CA THR G 330 -50.00 -28.09 8.85
C THR G 330 -50.18 -27.41 7.48
N ASP G 331 -51.28 -27.68 6.80
CA ASP G 331 -51.55 -27.01 5.52
C ASP G 331 -51.73 -25.49 5.70
N ALA G 332 -52.33 -25.09 6.82
CA ALA G 332 -52.54 -23.68 7.13
C ALA G 332 -51.22 -22.99 7.46
N VAL G 333 -50.34 -23.70 8.14
CA VAL G 333 -48.99 -23.20 8.46
C VAL G 333 -48.17 -22.95 7.19
N VAL G 334 -48.05 -23.95 6.34
CA VAL G 334 -47.36 -23.81 5.06
C VAL G 334 -47.94 -22.67 4.18
N HIS G 335 -49.25 -22.45 4.22
CA HIS G 335 -49.85 -21.30 3.49
C HIS G 335 -49.51 -19.94 4.11
N GLU G 336 -49.53 -19.89 5.45
CA GLU G 336 -49.23 -18.68 6.18
C GLU G 336 -47.75 -18.27 6.06
N VAL G 337 -46.86 -19.25 5.91
CA VAL G 337 -45.47 -18.95 5.61
C VAL G 337 -45.38 -18.26 4.28
N GLN G 338 -46.08 -18.77 3.27
CA GLN G 338 -46.01 -18.16 1.95
C GLN G 338 -46.73 -16.80 1.89
N ARG G 339 -47.83 -16.67 2.62
CA ARG G 339 -48.56 -15.42 2.62
C ARG G 339 -47.74 -14.33 3.30
N TYR G 340 -47.19 -14.68 4.46
CA TYR G 340 -46.48 -13.73 5.31
C TYR G 340 -45.15 -13.25 4.71
N ILE G 341 -44.28 -14.18 4.31
CA ILE G 341 -42.98 -13.80 3.79
C ILE G 341 -43.03 -13.06 2.48
N ASP G 342 -44.14 -13.16 1.74
CA ASP G 342 -44.34 -12.34 0.53
C ASP G 342 -43.07 -12.40 -0.39
N LEU G 343 -42.73 -13.60 -0.85
CA LEU G 343 -41.42 -13.86 -1.40
C LEU G 343 -41.09 -13.06 -2.63
N LEU G 344 -42.05 -12.87 -3.53
CA LEU G 344 -41.82 -12.00 -4.66
C LEU G 344 -42.87 -10.91 -4.58
N PRO G 345 -42.62 -9.87 -3.75
CA PRO G 345 -43.51 -8.78 -3.46
C PRO G 345 -44.14 -8.12 -4.65
N THR G 346 -43.43 -8.05 -5.77
CA THR G 346 -44.07 -7.55 -6.99
C THR G 346 -43.96 -8.53 -8.17
N SER G 347 -44.04 -9.82 -7.86
CA SER G 347 -44.06 -10.85 -8.88
C SER G 347 -42.88 -10.57 -9.79
N LEU G 348 -42.91 -11.05 -11.02
CA LEU G 348 -42.05 -10.47 -12.06
C LEU G 348 -42.92 -9.49 -12.78
N PRO G 349 -42.31 -8.59 -13.55
CA PRO G 349 -43.12 -7.62 -14.26
C PRO G 349 -43.76 -8.17 -15.53
N HIS G 350 -44.97 -7.68 -15.81
CA HIS G 350 -45.71 -8.04 -17.02
C HIS G 350 -45.73 -6.84 -17.99
N ALA G 351 -46.04 -7.15 -19.25
CA ALA G 351 -46.11 -6.18 -20.34
C ALA G 351 -47.50 -6.38 -20.85
N VAL G 352 -47.99 -5.42 -21.61
CA VAL G 352 -49.24 -5.63 -22.34
C VAL G 352 -48.85 -5.94 -23.76
N THR G 353 -49.64 -6.83 -24.37
CA THR G 353 -49.37 -7.42 -25.67
C THR G 353 -49.90 -6.55 -26.83
N CYS G 354 -50.95 -5.77 -26.56
CA CYS G 354 -51.54 -4.83 -27.53
C CYS G 354 -51.83 -3.51 -26.80
N ASP G 355 -52.20 -2.47 -27.54
CA ASP G 355 -52.85 -1.29 -26.95
C ASP G 355 -54.15 -1.86 -26.34
N ILE G 356 -54.55 -1.38 -25.17
CA ILE G 356 -55.64 -2.05 -24.45
C ILE G 356 -56.33 -1.06 -23.55
N LYS G 357 -57.65 -0.92 -23.73
CA LYS G 357 -58.49 -0.17 -22.82
C LYS G 357 -58.69 -0.98 -21.52
N PHE G 358 -58.22 -0.44 -20.39
CA PHE G 358 -58.39 -1.04 -19.06
C PHE G 358 -59.01 0.00 -18.14
N ARG G 359 -60.24 -0.21 -17.66
CA ARG G 359 -60.84 0.69 -16.66
C ARG G 359 -60.77 2.19 -17.11
N ASN G 360 -61.12 2.50 -18.35
CA ASN G 360 -61.05 3.89 -18.90
C ASN G 360 -59.66 4.56 -19.03
N TYR G 361 -58.61 3.76 -19.25
CA TYR G 361 -57.26 4.40 -19.24
C TYR G 361 -56.44 4.27 -20.53
N LEU G 362 -56.48 3.13 -21.20
CA LEU G 362 -55.70 2.97 -22.44
C LEU G 362 -54.18 2.96 -22.26
N ILE G 363 -53.69 1.85 -21.72
CA ILE G 363 -52.31 1.45 -21.59
C ILE G 363 -51.80 0.96 -22.97
N PRO G 364 -50.82 1.66 -23.58
CA PRO G 364 -50.27 1.25 -24.90
C PRO G 364 -49.51 -0.08 -24.91
N LYS G 365 -49.48 -0.74 -26.09
CA LYS G 365 -48.69 -1.96 -26.31
C LYS G 365 -47.25 -1.77 -25.80
N GLY G 366 -46.80 -2.72 -24.96
CA GLY G 366 -45.46 -2.69 -24.39
C GLY G 366 -45.40 -2.23 -22.94
N THR G 367 -46.25 -1.28 -22.57
CA THR G 367 -46.20 -0.67 -21.24
C THR G 367 -46.03 -1.67 -20.08
N THR G 368 -44.98 -1.49 -19.27
CA THR G 368 -44.70 -2.43 -18.21
C THR G 368 -45.70 -2.34 -17.07
N ILE G 369 -46.05 -3.49 -16.50
CA ILE G 369 -47.08 -3.62 -15.48
C ILE G 369 -46.44 -4.27 -14.23
N LEU G 370 -46.54 -3.62 -13.08
CA LEU G 370 -46.06 -4.21 -11.86
C LEU G 370 -47.28 -4.67 -11.12
N ILE G 371 -47.35 -5.96 -10.79
CA ILE G 371 -48.46 -6.50 -10.04
C ILE G 371 -48.01 -6.53 -8.61
N SER G 372 -48.44 -5.60 -7.78
CA SER G 372 -48.24 -5.77 -6.36
C SER G 372 -48.97 -7.01 -5.85
N LEU G 373 -48.24 -8.08 -5.53
CA LEU G 373 -48.84 -9.26 -4.88
C LEU G 373 -48.94 -9.05 -3.38
N THR G 374 -48.16 -8.10 -2.86
CA THR G 374 -48.13 -7.88 -1.42
C THR G 374 -49.50 -7.41 -1.00
N SER G 375 -50.04 -6.44 -1.73
CA SER G 375 -51.43 -5.97 -1.51
C SER G 375 -52.45 -7.08 -1.36
N VAL G 376 -52.37 -8.08 -2.23
CA VAL G 376 -53.26 -9.24 -2.17
C VAL G 376 -52.91 -10.13 -0.95
N LEU G 377 -51.67 -10.62 -0.88
CA LEU G 377 -51.28 -11.48 0.23
C LEU G 377 -51.47 -10.81 1.58
N HIS G 378 -51.54 -9.49 1.61
CA HIS G 378 -51.66 -8.78 2.88
C HIS G 378 -52.92 -7.94 2.95
N ASP G 379 -53.88 -8.27 2.09
CA ASP G 379 -55.14 -7.55 2.06
C ASP G 379 -55.76 -7.53 3.44
N ASN G 380 -56.32 -6.38 3.75
CA ASN G 380 -56.68 -6.07 5.11
C ASN G 380 -57.93 -6.78 5.62
N LYS G 381 -59.02 -6.74 4.86
CA LYS G 381 -60.29 -7.41 5.18
C LYS G 381 -60.17 -8.93 5.16
N GLU G 382 -59.52 -9.45 4.11
CA GLU G 382 -59.29 -10.88 3.95
C GLU G 382 -58.40 -11.50 5.03
N PHE G 383 -57.32 -10.82 5.37
CA PHE G 383 -56.44 -11.31 6.40
C PHE G 383 -56.31 -10.26 7.46
N PRO G 384 -57.29 -10.27 8.44
CA PRO G 384 -57.14 -9.23 9.47
C PRO G 384 -55.78 -9.28 10.10
N ASN G 385 -55.16 -8.13 10.38
CA ASN G 385 -53.82 -8.09 10.95
C ASN G 385 -53.00 -8.80 9.93
N PRO G 386 -52.68 -8.14 8.84
CA PRO G 386 -52.01 -8.90 7.82
C PRO G 386 -50.57 -9.07 8.10
N GLU G 387 -50.04 -8.23 8.96
CA GLU G 387 -48.61 -8.21 9.25
C GLU G 387 -48.19 -9.11 10.41
N MET G 388 -49.15 -9.78 11.07
CA MET G 388 -48.87 -10.86 12.04
C MET G 388 -48.84 -12.18 11.31
N PHE G 389 -48.01 -13.12 11.77
CA PHE G 389 -47.96 -14.50 11.25
C PHE G 389 -48.85 -15.34 12.13
N ASP G 390 -49.92 -15.84 11.54
CA ASP G 390 -50.99 -16.49 12.28
C ASP G 390 -51.67 -17.54 11.40
N PRO G 391 -51.46 -18.85 11.69
CA PRO G 391 -52.05 -19.89 10.82
C PRO G 391 -53.57 -19.88 10.77
N HIS G 392 -54.22 -19.35 11.81
CA HIS G 392 -55.67 -19.13 11.82
C HIS G 392 -56.17 -18.22 10.71
N HIS G 393 -55.26 -17.52 10.02
CA HIS G 393 -55.55 -16.89 8.73
C HIS G 393 -56.07 -17.84 7.69
N PHE G 394 -55.65 -19.10 7.71
CA PHE G 394 -56.19 -20.11 6.79
C PHE G 394 -56.91 -21.23 7.52
N LEU G 395 -57.70 -20.86 8.53
CA LEU G 395 -58.54 -21.82 9.22
C LEU G 395 -59.86 -21.14 9.52
N ASP G 396 -60.96 -21.84 9.25
CA ASP G 396 -62.29 -21.44 9.76
C ASP G 396 -62.37 -21.79 11.27
N GLU G 397 -63.38 -21.23 11.93
CA GLU G 397 -63.58 -21.24 13.40
C GLU G 397 -63.26 -22.54 14.18
N GLY G 398 -63.74 -23.65 13.61
CA GLY G 398 -63.61 -25.02 14.12
C GLY G 398 -62.31 -25.70 13.74
N GLY G 399 -61.39 -25.00 13.09
CA GLY G 399 -60.11 -25.65 12.73
C GLY G 399 -59.94 -26.35 11.40
N ASN G 400 -60.77 -26.01 10.42
CA ASN G 400 -60.70 -26.62 9.09
C ASN G 400 -59.99 -25.68 8.17
N PHE G 401 -59.09 -26.21 7.34
CA PHE G 401 -58.43 -25.39 6.35
C PHE G 401 -59.43 -24.54 5.60
N LYS G 402 -59.09 -23.26 5.39
CA LYS G 402 -59.95 -22.29 4.73
C LYS G 402 -59.19 -21.61 3.60
N LYS G 403 -59.34 -22.19 2.39
CA LYS G 403 -58.81 -21.63 1.15
C LYS G 403 -59.18 -20.14 1.02
N SER G 404 -58.31 -19.36 0.39
CA SER G 404 -58.60 -17.97 0.06
C SER G 404 -58.20 -17.66 -1.36
N LYS G 405 -58.98 -16.84 -2.03
CA LYS G 405 -58.69 -16.48 -3.44
C LYS G 405 -57.57 -15.41 -3.44
N TYR G 406 -57.34 -14.83 -2.26
CA TYR G 406 -56.31 -13.84 -2.07
C TYR G 406 -54.94 -14.49 -1.88
N PHE G 407 -54.87 -15.81 -1.81
CA PHE G 407 -53.58 -16.47 -1.64
C PHE G 407 -53.00 -16.71 -3.00
N MET G 408 -52.37 -15.71 -3.58
CA MET G 408 -51.72 -15.95 -4.86
C MET G 408 -50.19 -15.65 -4.89
N PRO G 409 -49.39 -16.34 -4.03
CA PRO G 409 -47.93 -16.14 -4.01
C PRO G 409 -47.26 -16.61 -5.25
N PHE G 410 -47.93 -17.55 -5.92
CA PHE G 410 -47.49 -17.99 -7.24
C PHE G 410 -48.04 -17.12 -8.36
N SER G 411 -48.60 -15.96 -8.03
CA SER G 411 -49.27 -15.07 -8.98
C SER G 411 -50.53 -15.74 -9.51
N ALA G 412 -51.04 -15.21 -10.61
CA ALA G 412 -52.28 -15.72 -11.17
C ALA G 412 -52.26 -15.41 -12.65
N GLY G 413 -53.23 -15.99 -13.38
CA GLY G 413 -53.38 -15.73 -14.81
C GLY G 413 -52.50 -16.55 -15.75
N LYS G 414 -52.30 -16.00 -16.93
CA LYS G 414 -51.59 -16.74 -17.96
C LYS G 414 -50.08 -16.91 -17.71
N ARG G 415 -49.48 -16.18 -16.76
CA ARG G 415 -48.06 -16.39 -16.41
C ARG G 415 -47.87 -17.10 -15.10
N ILE G 416 -48.93 -17.67 -14.55
CA ILE G 416 -48.81 -18.28 -13.24
C ILE G 416 -47.73 -19.34 -13.20
N CYS G 417 -47.09 -19.44 -12.05
CA CYS G 417 -46.02 -20.41 -11.82
C CYS G 417 -46.35 -21.72 -12.53
N VAL G 418 -45.55 -22.03 -13.54
CA VAL G 418 -45.31 -23.37 -14.05
C VAL G 418 -45.12 -24.43 -12.94
N GLY G 419 -44.37 -24.08 -11.89
CA GLY G 419 -44.03 -25.04 -10.85
C GLY G 419 -44.94 -25.09 -9.64
N GLU G 420 -46.01 -24.29 -9.62
CA GLU G 420 -46.88 -24.26 -8.43
C GLU G 420 -47.08 -25.60 -7.72
N ALA G 421 -47.40 -26.63 -8.47
CA ALA G 421 -47.72 -27.97 -7.92
C ALA G 421 -46.53 -28.56 -7.22
N LEU G 422 -45.41 -28.60 -7.95
CA LEU G 422 -44.14 -29.13 -7.47
C LEU G 422 -43.68 -28.39 -6.19
N ALA G 423 -43.73 -27.07 -6.26
CA ALA G 423 -43.43 -26.21 -5.13
C ALA G 423 -44.19 -26.62 -3.90
N GLY G 424 -45.49 -26.76 -3.99
CA GLY G 424 -46.32 -27.02 -2.80
C GLY G 424 -46.13 -28.42 -2.22
N MET G 425 -45.74 -29.35 -3.11
CA MET G 425 -45.35 -30.72 -2.76
C MET G 425 -44.09 -30.67 -1.90
N GLU G 426 -43.02 -30.16 -2.50
CA GLU G 426 -41.75 -29.91 -1.81
C GLU G 426 -41.94 -29.26 -0.43
N LEU G 427 -42.68 -28.15 -0.35
CA LEU G 427 -42.88 -27.48 0.91
C LEU G 427 -43.55 -28.38 1.93
N PHE G 428 -44.68 -28.94 1.55
CA PHE G 428 -45.44 -29.77 2.51
C PHE G 428 -44.61 -30.98 3.00
N LEU G 429 -43.86 -31.60 2.08
CA LEU G 429 -43.17 -32.87 2.32
C LEU G 429 -41.84 -32.75 3.06
N PHE G 430 -40.97 -31.86 2.57
CA PHE G 430 -39.75 -31.43 3.26
C PHE G 430 -40.02 -30.89 4.67
N LEU G 431 -40.92 -29.92 4.82
CA LEU G 431 -41.28 -29.44 6.16
C LEU G 431 -41.80 -30.52 7.10
N THR G 432 -42.49 -31.50 6.57
CA THR G 432 -43.12 -32.50 7.42
C THR G 432 -42.08 -33.55 7.76
N SER G 433 -41.21 -33.87 6.82
CA SER G 433 -40.10 -34.76 7.14
C SER G 433 -39.29 -34.18 8.31
N ILE G 434 -38.76 -32.98 8.11
CA ILE G 434 -37.96 -32.29 9.12
C ILE G 434 -38.65 -32.35 10.47
N LEU G 435 -39.92 -31.96 10.54
CA LEU G 435 -40.60 -31.85 11.83
C LEU G 435 -41.12 -33.15 12.47
N GLN G 436 -41.12 -34.26 11.74
CA GLN G 436 -41.47 -35.55 12.33
C GLN G 436 -40.26 -36.23 12.96
N ASN G 437 -39.07 -35.94 12.41
CA ASN G 437 -37.79 -36.46 12.91
C ASN G 437 -36.93 -35.53 13.79
N PHE G 438 -37.21 -34.23 13.81
CA PHE G 438 -36.40 -33.31 14.62
C PHE G 438 -37.25 -32.27 15.33
N ASN G 439 -36.78 -31.86 16.50
CA ASN G 439 -37.16 -30.59 17.13
C ASN G 439 -36.15 -29.49 16.77
N LEU G 440 -36.58 -28.25 16.90
CA LEU G 440 -35.80 -27.11 16.45
C LEU G 440 -35.47 -26.22 17.63
N LYS G 441 -34.21 -26.21 18.05
CA LYS G 441 -33.75 -25.27 19.09
C LYS G 441 -32.85 -24.17 18.51
N SER G 442 -33.10 -22.96 18.97
CA SER G 442 -32.43 -21.75 18.53
C SER G 442 -31.27 -21.53 19.45
N LEU G 443 -30.12 -21.15 18.90
CA LEU G 443 -28.99 -20.77 19.74
C LEU G 443 -28.98 -19.26 20.10
N VAL G 444 -30.13 -18.59 20.00
CA VAL G 444 -30.38 -17.22 20.51
C VAL G 444 -31.89 -17.15 20.86
N ASP G 445 -32.28 -16.25 21.75
CA ASP G 445 -33.68 -16.12 22.12
C ASP G 445 -34.57 -15.76 20.91
N PRO G 446 -35.72 -16.45 20.75
CA PRO G 446 -36.76 -16.12 19.79
C PRO G 446 -37.24 -14.66 19.76
N LYS G 447 -37.49 -14.06 20.94
CA LYS G 447 -37.93 -12.64 21.00
C LYS G 447 -36.98 -11.70 20.23
N ASN G 448 -35.73 -12.10 20.11
CA ASN G 448 -34.75 -11.32 19.40
C ASN G 448 -34.77 -11.37 17.90
N LEU G 449 -34.29 -12.45 17.30
CA LEU G 449 -34.20 -12.61 15.84
C LEU G 449 -35.46 -12.14 15.20
N ASP G 450 -35.29 -11.46 14.07
CA ASP G 450 -36.43 -10.87 13.35
C ASP G 450 -36.64 -11.58 12.03
N THR G 451 -37.82 -11.34 11.47
CA THR G 451 -38.27 -12.03 10.28
C THR G 451 -38.49 -11.04 9.12
N THR G 452 -37.72 -9.95 9.14
CA THR G 452 -38.01 -8.82 8.26
C THR G 452 -36.93 -8.93 7.22
N PRO G 453 -37.28 -8.96 5.97
CA PRO G 453 -36.31 -9.16 4.92
C PRO G 453 -35.12 -8.25 4.96
N VAL G 454 -33.94 -8.83 4.77
CA VAL G 454 -32.70 -8.05 4.72
C VAL G 454 -32.63 -7.18 3.42
N VAL G 455 -32.91 -7.75 2.24
CA VAL G 455 -33.40 -6.97 1.08
C VAL G 455 -34.66 -7.55 0.44
N ASN G 456 -35.40 -6.68 -0.27
CA ASN G 456 -36.64 -7.05 -0.96
C ASN G 456 -37.01 -6.30 -2.24
N GLY G 457 -36.11 -5.53 -2.83
CA GLY G 457 -36.31 -5.00 -4.19
C GLY G 457 -36.81 -5.99 -5.25
N PHE G 458 -36.54 -7.29 -5.08
CA PHE G 458 -37.04 -8.32 -6.00
C PHE G 458 -37.61 -9.50 -5.22
N ALA G 459 -36.77 -10.18 -4.46
CA ALA G 459 -37.26 -11.20 -3.57
C ALA G 459 -36.97 -10.84 -2.11
N SER G 460 -37.77 -11.39 -1.21
CA SER G 460 -37.68 -11.12 0.20
C SER G 460 -36.61 -12.03 0.79
N VAL G 461 -35.37 -11.58 0.78
CA VAL G 461 -34.28 -12.39 1.35
C VAL G 461 -34.26 -12.35 2.88
N PRO G 462 -34.23 -13.48 3.54
CA PRO G 462 -34.28 -13.49 5.00
C PRO G 462 -33.00 -13.29 5.73
N PRO G 463 -33.08 -12.74 6.93
CA PRO G 463 -31.90 -12.52 7.74
C PRO G 463 -31.18 -13.79 8.01
N PHE G 464 -29.88 -13.68 8.31
CA PHE G 464 -29.06 -14.81 8.77
C PHE G 464 -29.58 -15.34 10.10
N TYR G 465 -29.35 -16.62 10.32
CA TYR G 465 -29.69 -17.29 11.55
C TYR G 465 -29.16 -18.71 11.48
N GLN G 466 -28.95 -19.32 12.64
CA GLN G 466 -28.47 -20.70 12.77
C GLN G 466 -29.38 -21.38 13.72
N LEU G 467 -29.38 -22.70 13.67
CA LEU G 467 -30.22 -23.51 14.57
C LEU G 467 -29.68 -24.91 14.67
N CYS G 468 -30.25 -25.61 15.65
CA CYS G 468 -29.85 -26.95 16.03
C CYS G 468 -31.00 -27.89 15.70
N PHE G 469 -30.69 -28.90 14.87
CA PHE G 469 -31.63 -29.96 14.55
C PHE G 469 -31.44 -31.12 15.52
N ILE G 470 -32.20 -31.08 16.62
CA ILE G 470 -32.19 -32.10 17.66
C ILE G 470 -33.04 -33.30 17.23
N PRO G 471 -32.49 -34.55 17.25
CA PRO G 471 -33.35 -35.70 16.88
C PRO G 471 -34.51 -36.00 17.84
N ILE G 472 -35.47 -36.79 17.38
CA ILE G 472 -36.62 -37.10 18.26
C ILE G 472 -37.07 -38.54 17.98
N LYS H 10 34.47 -78.55 -36.03
CA LYS H 10 34.04 -77.53 -37.05
C LYS H 10 34.59 -76.12 -36.77
N LEU H 11 34.23 -75.48 -35.63
CA LEU H 11 34.76 -74.14 -35.25
C LEU H 11 36.27 -73.96 -35.47
N PRO H 12 36.72 -72.78 -35.92
CA PRO H 12 38.17 -72.66 -36.16
C PRO H 12 39.06 -73.08 -34.98
N PRO H 13 40.35 -73.35 -35.23
CA PRO H 13 41.35 -73.63 -34.19
C PRO H 13 41.49 -72.49 -33.18
N GLY H 14 42.40 -72.65 -32.23
CA GLY H 14 42.63 -71.66 -31.17
C GLY H 14 42.98 -72.25 -29.81
N PRO H 15 43.57 -71.45 -28.91
CA PRO H 15 44.08 -71.94 -27.64
C PRO H 15 42.99 -72.52 -26.77
N THR H 16 43.26 -73.66 -26.16
CA THR H 16 42.23 -74.41 -25.44
C THR H 16 41.84 -73.62 -24.19
N PRO H 17 40.58 -73.74 -23.77
CA PRO H 17 40.14 -72.91 -22.67
C PRO H 17 40.11 -73.62 -21.32
N LEU H 18 40.28 -72.86 -20.26
CA LEU H 18 40.00 -73.31 -18.90
C LEU H 18 38.49 -73.14 -18.75
N PRO H 19 37.87 -73.92 -17.84
CA PRO H 19 36.45 -74.26 -17.99
C PRO H 19 35.39 -73.29 -17.40
N VAL H 20 35.81 -72.20 -16.77
CA VAL H 20 34.88 -71.06 -16.49
C VAL H 20 35.40 -69.66 -16.96
N ILE H 21 36.70 -69.44 -16.82
CA ILE H 21 37.32 -68.17 -17.17
C ILE H 21 37.64 -68.09 -18.68
N GLY H 22 37.44 -69.21 -19.40
CA GLY H 22 37.74 -69.33 -20.83
C GLY H 22 39.21 -69.08 -21.11
N ASN H 23 39.51 -68.26 -22.11
CA ASN H 23 40.88 -67.95 -22.43
C ASN H 23 41.30 -66.56 -21.94
N ILE H 24 40.82 -66.16 -20.76
CA ILE H 24 41.18 -64.83 -20.24
C ILE H 24 42.68 -64.67 -19.94
N LEU H 25 43.37 -65.77 -19.64
CA LEU H 25 44.80 -65.73 -19.33
C LEU H 25 45.76 -65.51 -20.53
N GLN H 26 45.41 -65.99 -21.73
CA GLN H 26 46.20 -65.69 -22.95
C GLN H 26 45.85 -64.28 -23.44
N ILE H 27 44.57 -63.94 -23.42
CA ILE H 27 44.07 -62.68 -23.99
C ILE H 27 44.48 -61.47 -23.14
N GLY H 28 44.37 -61.61 -21.81
CA GLY H 28 44.50 -60.48 -20.89
C GLY H 28 43.29 -59.56 -20.94
N ILE H 29 43.42 -58.35 -20.37
CA ILE H 29 42.35 -57.34 -20.47
C ILE H 29 42.79 -55.90 -20.75
N LYS H 30 44.10 -55.65 -20.68
CA LYS H 30 44.64 -54.29 -20.85
C LYS H 30 44.72 -53.88 -22.33
N ASP H 31 44.90 -54.84 -23.23
CA ASP H 31 45.02 -54.54 -24.65
C ASP H 31 44.58 -55.74 -25.48
N ILE H 32 43.28 -55.78 -25.80
CA ILE H 32 42.73 -56.91 -26.54
C ILE H 32 43.25 -56.89 -27.95
N SER H 33 43.24 -55.71 -28.59
CA SER H 33 43.76 -55.57 -29.94
C SER H 33 45.10 -56.35 -30.16
N LYS H 34 46.12 -56.04 -29.36
CA LYS H 34 47.45 -56.64 -29.47
C LYS H 34 47.48 -58.17 -29.23
N SER H 35 46.75 -58.67 -28.23
CA SER H 35 46.73 -60.11 -27.95
C SER H 35 46.19 -60.90 -29.13
N LEU H 36 45.11 -60.39 -29.74
CA LEU H 36 44.56 -60.96 -30.94
C LEU H 36 45.61 -60.99 -32.03
N THR H 37 46.39 -59.92 -32.16
CA THR H 37 47.50 -59.90 -33.12
C THR H 37 48.56 -60.94 -32.82
N ASN H 38 48.93 -61.07 -31.56
CA ASN H 38 49.94 -62.05 -31.17
C ASN H 38 49.43 -63.45 -31.36
N LEU H 39 48.20 -63.68 -30.94
CA LEU H 39 47.52 -64.95 -31.23
C LEU H 39 47.45 -65.29 -32.73
N SER H 40 47.33 -64.27 -33.57
CA SER H 40 47.29 -64.47 -35.04
C SER H 40 48.59 -65.02 -35.62
N LYS H 41 49.71 -64.74 -34.96
CA LYS H 41 51.00 -65.25 -35.40
C LYS H 41 51.19 -66.72 -35.07
N VAL H 42 50.21 -67.35 -34.44
CA VAL H 42 50.29 -68.79 -34.17
C VAL H 42 49.11 -69.62 -34.65
N TYR H 43 47.87 -69.12 -34.56
CA TYR H 43 46.71 -69.85 -35.12
C TYR H 43 46.30 -69.40 -36.54
N GLY H 44 46.72 -68.21 -36.94
CA GLY H 44 46.49 -67.68 -38.28
C GLY H 44 45.49 -66.50 -38.42
N PRO H 45 44.81 -66.42 -39.57
CA PRO H 45 43.85 -65.36 -39.77
C PRO H 45 42.48 -65.56 -39.14
N VAL H 46 42.11 -66.80 -38.84
CA VAL H 46 40.78 -67.10 -38.36
C VAL H 46 40.83 -68.09 -37.20
N PHE H 47 40.66 -67.60 -35.99
CA PHE H 47 40.75 -68.49 -34.85
C PHE H 47 39.69 -68.17 -33.85
N THR H 48 39.68 -68.89 -32.74
CA THR H 48 38.56 -68.96 -31.85
C THR H 48 38.99 -68.80 -30.43
N LEU H 49 38.45 -67.77 -29.80
CA LEU H 49 38.68 -67.50 -28.39
C LEU H 49 37.45 -67.78 -27.62
N TYR H 50 37.58 -67.74 -26.30
CA TYR H 50 36.48 -67.94 -25.38
C TYR H 50 36.57 -66.79 -24.38
N PHE H 51 35.55 -65.93 -24.41
CA PHE H 51 35.44 -64.82 -23.49
C PHE H 51 34.44 -65.36 -22.50
N GLY H 52 34.96 -65.93 -21.41
CA GLY H 52 34.16 -66.73 -20.52
C GLY H 52 33.79 -67.98 -21.28
N LEU H 53 32.49 -68.18 -21.54
CA LEU H 53 31.99 -69.34 -22.27
C LEU H 53 31.42 -69.01 -23.65
N LYS H 54 31.43 -67.73 -24.04
CA LYS H 54 30.98 -67.31 -25.37
C LYS H 54 32.13 -67.58 -26.36
N PRO H 55 31.95 -68.58 -27.26
CA PRO H 55 32.97 -68.79 -28.29
C PRO H 55 32.94 -67.65 -29.29
N ILE H 56 34.08 -67.01 -29.50
CA ILE H 56 34.19 -65.89 -30.41
C ILE H 56 35.12 -66.29 -31.52
N VAL H 57 34.86 -65.87 -32.75
CA VAL H 57 35.79 -66.09 -33.88
C VAL H 57 36.45 -64.77 -34.22
N VAL H 58 37.77 -64.73 -34.21
CA VAL H 58 38.48 -63.52 -34.58
C VAL H 58 38.85 -63.62 -36.04
N LEU H 59 38.74 -62.52 -36.77
CA LEU H 59 39.16 -62.45 -38.17
C LEU H 59 40.27 -61.48 -38.25
N HIS H 60 41.43 -61.89 -38.72
CA HIS H 60 42.60 -61.04 -38.62
C HIS H 60 43.14 -60.50 -39.92
N GLY H 61 43.24 -61.29 -40.98
CA GLY H 61 43.76 -60.70 -42.25
C GLY H 61 42.89 -59.63 -42.95
N TYR H 62 43.45 -58.83 -43.87
CA TYR H 62 42.64 -58.09 -44.87
C TYR H 62 41.88 -59.10 -45.74
N GLU H 63 42.59 -60.10 -46.22
CA GLU H 63 41.95 -61.14 -47.00
C GLU H 63 40.82 -61.89 -46.21
N ALA H 64 40.98 -62.06 -44.91
CA ALA H 64 39.96 -62.69 -44.03
C ALA H 64 38.76 -61.81 -43.67
N VAL H 65 39.06 -60.52 -43.44
CA VAL H 65 38.08 -59.49 -43.11
C VAL H 65 37.24 -59.29 -44.36
N LYS H 66 37.95 -59.02 -45.46
CA LYS H 66 37.36 -58.82 -46.79
C LYS H 66 36.45 -59.96 -47.18
N GLU H 67 36.87 -61.21 -46.97
CA GLU H 67 35.97 -62.33 -47.23
C GLU H 67 34.69 -62.43 -46.41
N ALA H 68 34.72 -62.03 -45.16
CA ALA H 68 33.52 -62.15 -44.32
C ALA H 68 32.62 -60.94 -44.54
N LEU H 69 33.22 -59.77 -44.61
CA LEU H 69 32.45 -58.54 -44.51
C LEU H 69 31.80 -58.19 -45.82
N ILE H 70 32.62 -58.21 -46.87
CA ILE H 70 32.21 -58.03 -48.27
C ILE H 70 31.68 -59.35 -48.89
N ASP H 71 32.59 -60.28 -49.24
CA ASP H 71 32.24 -61.54 -49.98
C ASP H 71 31.13 -62.37 -49.34
N LEU H 72 30.93 -62.29 -48.03
CA LEU H 72 29.84 -62.98 -47.34
C LEU H 72 28.98 -61.99 -46.53
N GLY H 73 28.90 -60.75 -46.97
CA GLY H 73 28.35 -59.77 -46.08
C GLY H 73 27.04 -60.03 -45.40
N GLU H 74 26.03 -60.51 -46.06
CA GLU H 74 24.79 -60.72 -45.31
C GLU H 74 24.94 -61.79 -44.20
N GLU H 75 25.95 -62.64 -44.30
CA GLU H 75 26.07 -63.72 -43.32
C GLU H 75 26.69 -63.12 -42.06
N PHE H 76 27.61 -62.16 -42.26
CA PHE H 76 28.27 -61.38 -41.20
C PHE H 76 27.73 -59.93 -41.08
N SER H 77 26.42 -59.77 -41.03
CA SER H 77 25.78 -58.46 -40.89
C SER H 77 25.04 -58.36 -39.56
N GLY H 78 25.17 -59.38 -38.73
CA GLY H 78 24.55 -59.33 -37.43
C GLY H 78 25.39 -58.48 -36.53
N ARG H 79 24.78 -58.02 -35.45
CA ARG H 79 25.50 -57.26 -34.44
C ARG H 79 25.58 -58.18 -33.26
N GLY H 80 26.80 -58.36 -32.76
CA GLY H 80 27.05 -59.15 -31.56
C GLY H 80 26.72 -58.18 -30.46
N ILE H 81 26.02 -58.65 -29.43
CA ILE H 81 25.52 -57.76 -28.37
C ILE H 81 26.06 -58.33 -27.08
N PHE H 82 26.78 -57.51 -26.33
CA PHE H 82 27.39 -57.92 -25.08
C PHE H 82 26.52 -57.34 -23.92
N PRO H 83 26.59 -57.95 -22.71
CA PRO H 83 25.64 -57.67 -21.63
C PRO H 83 25.29 -56.22 -21.34
N LEU H 84 26.29 -55.34 -21.22
CA LEU H 84 25.99 -53.93 -20.86
C LEU H 84 25.01 -53.21 -21.78
N ALA H 85 25.04 -53.55 -23.06
CA ALA H 85 24.11 -53.03 -24.06
C ALA H 85 22.73 -53.67 -23.88
N GLU H 86 22.69 -55.01 -23.69
CA GLU H 86 21.44 -55.68 -23.28
C GLU H 86 20.82 -54.93 -22.08
N ARG H 87 21.63 -54.59 -21.07
CA ARG H 87 21.16 -53.85 -19.88
C ARG H 87 20.79 -52.39 -20.17
N ALA H 88 21.51 -51.71 -21.05
CA ALA H 88 21.15 -50.34 -21.46
C ALA H 88 19.77 -50.21 -22.16
N ASN H 89 19.36 -51.32 -22.75
CA ASN H 89 18.14 -51.47 -23.55
C ASN H 89 18.16 -50.74 -24.87
N ARG H 90 19.18 -51.01 -25.68
CA ARG H 90 19.34 -50.36 -26.98
C ARG H 90 19.13 -51.28 -28.19
N GLY H 91 18.28 -52.29 -28.04
CA GLY H 91 17.97 -53.25 -29.12
C GLY H 91 17.14 -52.79 -30.32
N PHE H 92 16.83 -51.51 -30.41
CA PHE H 92 16.01 -50.95 -31.47
C PHE H 92 16.96 -49.89 -32.03
N GLY H 93 16.54 -49.10 -33.00
CA GLY H 93 17.51 -48.21 -33.60
C GLY H 93 18.49 -48.94 -34.48
N ILE H 94 19.69 -48.45 -34.64
CA ILE H 94 20.56 -49.02 -35.66
C ILE H 94 21.69 -49.89 -35.12
N VAL H 95 22.47 -49.36 -34.19
CA VAL H 95 23.77 -49.94 -33.83
C VAL H 95 23.63 -51.29 -33.13
N PHE H 96 22.61 -51.47 -32.31
CA PHE H 96 22.47 -52.72 -31.59
C PHE H 96 21.18 -53.44 -31.97
N SER H 97 20.66 -53.16 -33.16
CA SER H 97 19.47 -53.87 -33.60
C SER H 97 19.94 -54.87 -34.63
N ASN H 98 19.01 -55.75 -34.99
CA ASN H 98 19.24 -56.81 -35.96
C ASN H 98 17.96 -57.12 -36.72
N GLY H 99 18.13 -57.82 -37.83
CA GLY H 99 17.02 -58.44 -38.55
C GLY H 99 16.40 -57.46 -39.51
N LYS H 100 15.09 -57.52 -39.62
CA LYS H 100 14.37 -56.58 -40.45
C LYS H 100 14.59 -55.21 -39.82
N LYS H 101 14.19 -55.14 -38.54
CA LYS H 101 14.31 -53.91 -37.76
C LYS H 101 15.58 -53.16 -38.17
N TRP H 102 16.71 -53.85 -38.10
CA TRP H 102 17.93 -53.23 -38.54
C TRP H 102 17.83 -52.78 -39.99
N LYS H 103 17.54 -53.71 -40.89
CA LYS H 103 17.52 -53.47 -42.36
C LYS H 103 16.72 -52.25 -42.77
N GLU H 104 15.51 -52.14 -42.21
CA GLU H 104 14.56 -51.05 -42.48
C GLU H 104 15.13 -49.70 -42.06
N ILE H 105 15.35 -49.62 -40.73
CA ILE H 105 15.75 -48.37 -40.05
C ILE H 105 17.09 -47.86 -40.58
N ARG H 106 17.95 -48.78 -40.98
CA ARG H 106 19.17 -48.38 -41.60
C ARG H 106 18.91 -47.78 -43.00
N ARG H 107 18.03 -48.41 -43.81
CA ARG H 107 17.77 -47.91 -45.16
C ARG H 107 17.17 -46.53 -45.02
N PHE H 108 16.28 -46.38 -44.03
CA PHE H 108 15.57 -45.12 -43.82
C PHE H 108 16.55 -44.04 -43.44
N SER H 109 17.32 -44.31 -42.40
CA SER H 109 18.34 -43.36 -41.90
C SER H 109 19.30 -42.92 -42.98
N LEU H 110 19.70 -43.88 -43.81
CA LEU H 110 20.67 -43.62 -44.86
C LEU H 110 20.16 -42.73 -45.96
N MET H 111 18.89 -42.91 -46.38
CA MET H 111 18.29 -42.05 -47.42
C MET H 111 18.08 -40.63 -46.87
N THR H 112 17.50 -40.52 -45.66
CA THR H 112 17.14 -39.20 -45.11
C THR H 112 18.35 -38.41 -44.65
N LEU H 113 19.47 -39.08 -44.47
CA LEU H 113 20.74 -38.43 -44.20
C LEU H 113 21.41 -37.89 -45.49
N ARG H 114 20.97 -38.33 -46.68
CA ARG H 114 21.51 -37.80 -47.96
C ARG H 114 20.86 -36.45 -48.41
N ASN H 115 19.83 -35.97 -47.65
CA ASN H 115 19.20 -34.62 -47.84
C ASN H 115 19.39 -33.65 -46.64
N PHE H 116 18.95 -34.07 -45.45
CA PHE H 116 18.67 -33.16 -44.31
C PHE H 116 19.84 -32.83 -43.39
N ARG H 121 18.06 -26.76 -46.85
CA ARG H 121 19.52 -26.60 -46.78
C ARG H 121 20.28 -27.94 -46.89
N SER H 122 21.43 -27.92 -47.58
CA SER H 122 22.28 -29.09 -47.74
C SER H 122 23.16 -29.22 -46.52
N ILE H 123 23.76 -30.39 -46.35
CA ILE H 123 24.55 -30.67 -45.15
C ILE H 123 25.90 -29.98 -45.14
N GLU H 124 26.60 -29.95 -46.26
CA GLU H 124 27.82 -29.13 -46.35
C GLU H 124 27.62 -27.67 -45.88
N ASP H 125 26.49 -27.07 -46.24
CA ASP H 125 26.11 -25.73 -45.76
C ASP H 125 26.12 -25.73 -44.22
N CYS H 126 25.46 -26.71 -43.61
CA CYS H 126 25.37 -26.83 -42.16
C CYS H 126 26.72 -27.09 -41.47
N VAL H 127 27.59 -27.86 -42.13
CA VAL H 127 28.96 -28.11 -41.63
C VAL H 127 29.85 -26.88 -41.75
N GLN H 128 29.84 -26.21 -42.90
CA GLN H 128 30.60 -24.96 -43.10
C GLN H 128 30.22 -23.82 -42.15
N GLU H 129 28.94 -23.78 -41.77
CA GLU H 129 28.42 -22.80 -40.81
C GLU H 129 29.06 -23.01 -39.46
N GLU H 130 29.03 -24.25 -39.00
CA GLU H 130 29.67 -24.63 -37.74
C GLU H 130 31.21 -24.55 -37.74
N ALA H 131 31.84 -24.77 -38.89
CA ALA H 131 33.27 -24.54 -39.00
C ALA H 131 33.61 -23.10 -38.66
N ARG H 132 32.77 -22.15 -39.10
CA ARG H 132 33.01 -20.73 -38.82
C ARG H 132 32.88 -20.46 -37.33
N CYS H 133 31.77 -20.88 -36.73
CA CYS H 133 31.58 -20.70 -35.29
C CYS H 133 32.66 -21.29 -34.37
N LEU H 134 33.35 -22.32 -34.84
CA LEU H 134 34.43 -22.93 -34.08
C LEU H 134 35.66 -22.04 -34.22
N VAL H 135 35.88 -21.54 -35.43
CA VAL H 135 37.00 -20.65 -35.73
C VAL H 135 36.85 -19.38 -34.89
N GLU H 136 35.61 -18.85 -34.76
CA GLU H 136 35.29 -17.78 -33.80
C GLU H 136 35.72 -18.18 -32.39
N GLU H 137 35.28 -19.36 -31.95
CA GLU H 137 35.47 -19.78 -30.57
C GLU H 137 36.91 -20.11 -30.24
N LEU H 138 37.71 -20.50 -31.21
CA LEU H 138 39.16 -20.62 -30.97
C LEU H 138 39.89 -19.26 -30.92
N ARG H 139 39.33 -18.22 -31.55
CA ARG H 139 39.85 -16.85 -31.42
C ARG H 139 39.68 -16.38 -30.00
N LYS H 140 38.45 -16.54 -29.51
CA LYS H 140 38.09 -16.24 -28.13
C LYS H 140 38.90 -16.97 -27.05
N THR H 141 39.80 -17.88 -27.41
CA THR H 141 40.83 -18.32 -26.46
C THR H 141 42.06 -17.40 -26.45
N LYS H 142 41.97 -16.23 -27.10
CA LYS H 142 43.03 -15.23 -27.12
C LYS H 142 44.44 -15.86 -26.98
N ALA H 143 44.73 -16.87 -27.79
CA ALA H 143 46.01 -17.65 -27.75
C ALA H 143 46.43 -18.36 -26.48
N SER H 144 45.63 -18.34 -25.40
CA SER H 144 46.10 -18.86 -24.06
C SER H 144 45.85 -20.37 -24.02
N PRO H 145 46.83 -21.14 -23.49
CA PRO H 145 46.84 -22.61 -23.62
C PRO H 145 45.54 -23.26 -23.18
N CYS H 146 45.04 -24.21 -23.96
CA CYS H 146 43.87 -24.96 -23.53
C CYS H 146 43.94 -26.46 -23.84
N ASP H 147 42.98 -27.15 -23.25
CA ASP H 147 42.71 -28.56 -23.45
C ASP H 147 41.55 -28.55 -24.43
N PRO H 148 41.80 -28.96 -25.67
CA PRO H 148 40.92 -28.59 -26.76
C PRO H 148 39.63 -29.41 -26.81
N THR H 149 39.63 -30.52 -26.08
CA THR H 149 38.47 -31.39 -25.87
C THR H 149 37.07 -30.79 -25.97
N PHE H 150 36.73 -29.72 -25.25
CA PHE H 150 35.34 -29.25 -25.30
C PHE H 150 34.97 -28.39 -26.51
N ILE H 151 35.91 -27.54 -26.94
CA ILE H 151 35.73 -26.73 -28.15
C ILE H 151 35.55 -27.66 -29.36
N LEU H 152 36.56 -28.51 -29.61
CA LEU H 152 36.54 -29.48 -30.71
C LEU H 152 35.30 -30.36 -30.72
N GLY H 153 34.96 -30.95 -29.58
CA GLY H 153 33.78 -31.77 -29.44
C GLY H 153 32.46 -31.07 -29.72
N CYS H 154 32.40 -29.73 -29.54
CA CYS H 154 31.15 -28.98 -29.81
C CYS H 154 30.82 -28.77 -31.29
N ALA H 155 31.84 -28.65 -32.14
CA ALA H 155 31.60 -28.52 -33.59
C ALA H 155 30.81 -29.73 -34.19
N PRO H 156 31.35 -30.95 -34.09
CA PRO H 156 30.61 -32.15 -34.45
C PRO H 156 29.26 -32.22 -33.79
N CYS H 157 29.21 -32.05 -32.47
CA CYS H 157 27.96 -32.13 -31.73
C CYS H 157 26.87 -31.22 -32.25
N ASN H 158 27.25 -30.03 -32.70
CA ASN H 158 26.26 -29.10 -33.20
C ASN H 158 25.73 -29.57 -34.55
N VAL H 159 26.64 -29.98 -35.43
CA VAL H 159 26.29 -30.59 -36.73
C VAL H 159 25.32 -31.78 -36.56
N ILE H 160 25.46 -32.62 -35.53
CA ILE H 160 24.53 -33.75 -35.40
C ILE H 160 23.23 -33.18 -34.86
N CYS H 161 23.28 -32.41 -33.77
CA CYS H 161 22.07 -31.83 -33.17
C CYS H 161 21.19 -31.03 -34.15
N SER H 162 21.83 -30.33 -35.07
CA SER H 162 21.16 -29.72 -36.24
C SER H 162 20.39 -30.73 -37.10
N ILE H 163 21.08 -31.77 -37.55
CA ILE H 163 20.46 -32.84 -38.33
C ILE H 163 19.38 -33.57 -37.53
N ILE H 164 19.72 -34.05 -36.32
CA ILE H 164 18.78 -34.85 -35.54
C ILE H 164 17.56 -34.04 -35.19
N PHE H 165 17.72 -32.85 -34.58
CA PHE H 165 16.54 -32.12 -34.08
C PHE H 165 16.51 -30.58 -34.17
N HIS H 166 17.27 -30.07 -35.13
CA HIS H 166 17.22 -28.68 -35.57
C HIS H 166 17.77 -27.53 -34.69
N LYS H 167 18.07 -27.76 -33.40
CA LYS H 167 18.67 -26.72 -32.51
C LYS H 167 20.17 -27.04 -32.39
N ARG H 168 21.02 -26.09 -32.76
CA ARG H 168 22.44 -26.11 -32.36
C ARG H 168 22.61 -25.40 -30.98
N PHE H 169 23.79 -25.51 -30.37
CA PHE H 169 24.06 -25.02 -29.01
C PHE H 169 25.18 -24.00 -28.97
N ASP H 170 25.19 -23.30 -27.85
CA ASP H 170 26.18 -22.30 -27.54
C ASP H 170 27.43 -23.01 -26.96
N TYR H 171 28.62 -22.68 -27.45
CA TYR H 171 29.84 -23.43 -27.05
C TYR H 171 30.09 -23.49 -25.53
N LYS H 172 29.69 -22.47 -24.76
CA LYS H 172 29.85 -22.49 -23.30
C LYS H 172 28.50 -22.68 -22.59
N ASP H 173 27.50 -23.21 -23.31
CA ASP H 173 26.16 -23.55 -22.75
C ASP H 173 26.36 -24.75 -21.84
N GLN H 174 25.68 -24.78 -20.70
CA GLN H 174 25.92 -25.85 -19.71
C GLN H 174 25.38 -27.20 -20.14
N GLN H 175 24.13 -27.22 -20.61
CA GLN H 175 23.49 -28.45 -21.08
C GLN H 175 24.32 -29.20 -22.15
N PHE H 176 24.92 -28.50 -23.13
CA PHE H 176 25.83 -29.17 -24.07
C PHE H 176 26.90 -29.86 -23.26
N LEU H 177 27.63 -29.08 -22.47
CA LEU H 177 28.83 -29.56 -21.76
C LEU H 177 28.56 -30.76 -20.88
N ASN H 178 27.39 -30.78 -20.24
CA ASN H 178 26.98 -31.91 -19.43
C ASN H 178 26.94 -33.20 -20.25
N LEU H 179 26.26 -33.13 -21.39
CA LEU H 179 26.20 -34.24 -22.35
C LEU H 179 27.60 -34.60 -22.85
N MET H 180 28.35 -33.64 -23.32
CA MET H 180 29.68 -33.93 -23.84
C MET H 180 30.55 -34.66 -22.79
N GLU H 181 30.51 -34.21 -21.53
CA GLU H 181 31.23 -34.90 -20.44
C GLU H 181 30.79 -36.37 -20.35
N LYS H 182 29.49 -36.58 -20.34
CA LYS H 182 28.92 -37.91 -20.29
C LYS H 182 29.25 -38.77 -21.52
N LEU H 183 29.32 -38.16 -22.70
CA LEU H 183 29.76 -38.94 -23.85
C LEU H 183 31.22 -39.37 -23.69
N ASN H 184 32.12 -38.43 -23.34
CA ASN H 184 33.58 -38.72 -23.27
C ASN H 184 33.92 -39.77 -22.23
N GLU H 185 33.25 -39.65 -21.07
CA GLU H 185 33.25 -40.60 -19.95
C GLU H 185 32.85 -42.02 -20.34
N ASN H 186 31.77 -42.14 -21.11
CA ASN H 186 31.29 -43.43 -21.57
C ASN H 186 32.33 -44.14 -22.43
N ILE H 187 32.85 -43.48 -23.46
CA ILE H 187 33.86 -44.10 -24.31
C ILE H 187 34.97 -44.55 -23.43
N LYS H 188 35.40 -43.66 -22.54
CA LYS H 188 36.54 -43.93 -21.64
C LYS H 188 36.28 -45.21 -20.85
N ILE H 189 35.06 -45.35 -20.36
CA ILE H 189 34.67 -46.52 -19.59
C ILE H 189 34.63 -47.73 -20.50
N LEU H 190 33.98 -47.65 -21.66
CA LEU H 190 33.81 -48.86 -22.51
C LEU H 190 35.18 -49.41 -22.91
N SER H 191 36.15 -48.55 -23.13
CA SER H 191 37.55 -48.98 -23.36
C SER H 191 38.28 -49.56 -22.15
N SER H 192 37.90 -49.16 -20.95
CA SER H 192 38.39 -49.74 -19.71
C SER H 192 38.56 -51.28 -19.67
N PRO H 193 39.64 -51.76 -19.05
CA PRO H 193 39.80 -53.17 -18.74
C PRO H 193 38.74 -53.74 -17.82
N TRP H 194 38.12 -52.91 -17.01
CA TRP H 194 37.10 -53.40 -16.09
C TRP H 194 35.86 -53.81 -16.87
N ILE H 195 35.53 -53.04 -17.91
CA ILE H 195 34.43 -53.40 -18.81
C ILE H 195 34.70 -54.72 -19.55
N GLN H 196 35.96 -55.01 -19.80
CA GLN H 196 36.35 -56.34 -20.25
C GLN H 196 35.90 -57.42 -19.25
N ILE H 197 36.24 -57.27 -17.99
CA ILE H 197 35.81 -58.25 -17.00
C ILE H 197 34.28 -58.26 -16.90
N CYS H 198 33.64 -57.10 -17.05
CA CYS H 198 32.17 -57.01 -16.90
C CYS H 198 31.44 -57.76 -17.96
N ASN H 199 31.90 -57.60 -19.19
CA ASN H 199 31.23 -58.23 -20.29
C ASN H 199 31.42 -59.77 -20.28
N ASN H 200 32.66 -60.26 -20.11
CA ASN H 200 32.96 -61.73 -19.94
C ASN H 200 32.05 -62.45 -18.96
N PHE H 201 31.97 -61.95 -17.72
CA PHE H 201 31.23 -62.56 -16.61
C PHE H 201 30.09 -61.65 -16.18
N SER H 202 28.93 -61.80 -16.82
CA SER H 202 27.75 -60.96 -16.59
C SER H 202 27.36 -60.69 -15.13
N PRO H 203 27.28 -61.73 -14.28
CA PRO H 203 26.85 -61.51 -12.86
C PRO H 203 27.68 -60.52 -12.02
N ILE H 204 28.96 -60.34 -12.34
CA ILE H 204 29.71 -59.18 -11.87
C ILE H 204 28.94 -57.83 -11.95
N ILE H 205 28.20 -57.60 -13.02
CA ILE H 205 27.52 -56.32 -13.19
C ILE H 205 26.48 -56.06 -12.05
N ASP H 206 25.84 -57.11 -11.54
CA ASP H 206 24.79 -56.96 -10.55
C ASP H 206 25.34 -57.00 -9.14
N TYR H 207 26.49 -57.64 -8.92
CA TYR H 207 27.07 -57.81 -7.56
C TYR H 207 28.37 -57.06 -7.25
N PHE H 208 28.94 -56.32 -8.20
CA PHE H 208 30.06 -55.42 -7.89
C PHE H 208 29.62 -53.98 -8.09
N PRO H 209 30.22 -53.04 -7.33
CA PRO H 209 30.07 -51.62 -7.60
C PRO H 209 31.08 -51.28 -8.69
N GLY H 210 30.92 -50.17 -9.38
CA GLY H 210 31.88 -49.85 -10.45
C GLY H 210 31.47 -48.89 -11.53
N THR H 211 32.43 -48.55 -12.38
CA THR H 211 32.14 -47.60 -13.45
C THR H 211 31.13 -48.12 -14.47
N HIS H 212 30.91 -49.44 -14.52
CA HIS H 212 29.80 -49.97 -15.31
C HIS H 212 28.50 -49.25 -14.99
N ASN H 213 28.25 -48.99 -13.70
CA ASN H 213 27.05 -48.29 -13.29
C ASN H 213 27.00 -46.89 -13.89
N LYS H 214 28.07 -46.11 -13.71
CA LYS H 214 28.14 -44.77 -14.26
C LYS H 214 27.71 -44.72 -15.72
N LEU H 215 28.31 -45.60 -16.52
CA LEU H 215 28.01 -45.73 -17.95
C LEU H 215 26.54 -45.95 -18.17
N LEU H 216 25.92 -46.80 -17.35
CA LEU H 216 24.48 -47.04 -17.45
C LEU H 216 23.68 -45.77 -17.21
N LYS H 217 23.89 -45.13 -16.06
CA LYS H 217 23.22 -43.86 -15.69
C LYS H 217 23.35 -42.75 -16.75
N ASN H 218 24.54 -42.68 -17.34
CA ASN H 218 24.81 -41.71 -18.38
C ASN H 218 23.96 -42.02 -19.61
N VAL H 219 23.82 -43.30 -19.94
CA VAL H 219 23.00 -43.69 -21.09
C VAL H 219 21.55 -43.35 -20.82
N ALA H 220 21.05 -43.65 -19.63
CA ALA H 220 19.68 -43.31 -19.24
C ALA H 220 19.39 -41.79 -19.39
N PHE H 221 20.38 -40.97 -19.12
CA PHE H 221 20.33 -39.53 -19.32
C PHE H 221 20.21 -39.18 -20.80
N MET H 222 21.22 -39.47 -21.62
CA MET H 222 21.09 -39.30 -23.07
C MET H 222 19.72 -39.75 -23.64
N LYS H 223 19.21 -40.91 -23.24
CA LYS H 223 17.89 -41.42 -23.69
C LYS H 223 16.74 -40.46 -23.35
N SER H 224 16.63 -40.14 -22.06
CA SER H 224 15.60 -39.26 -21.56
C SER H 224 15.65 -37.84 -22.17
N TYR H 225 16.86 -37.30 -22.31
CA TYR H 225 17.06 -36.02 -22.97
C TYR H 225 16.58 -36.03 -24.42
N ILE H 226 16.88 -37.09 -25.14
CA ILE H 226 16.47 -37.22 -26.53
C ILE H 226 14.96 -37.46 -26.65
N LEU H 227 14.43 -38.33 -25.79
CA LEU H 227 13.00 -38.62 -25.77
C LEU H 227 12.15 -37.35 -25.52
N GLU H 228 12.70 -36.35 -24.83
CA GLU H 228 12.05 -35.03 -24.74
C GLU H 228 12.00 -34.29 -26.06
N LYS H 229 13.13 -34.10 -26.73
CA LYS H 229 13.11 -33.49 -28.07
C LYS H 229 12.13 -34.20 -29.03
N VAL H 230 11.81 -35.47 -28.76
CA VAL H 230 10.87 -36.20 -29.61
C VAL H 230 9.46 -35.78 -29.18
N LYS H 231 9.12 -35.92 -27.89
CA LYS H 231 7.78 -35.49 -27.39
C LYS H 231 7.34 -34.09 -27.85
N GLU H 232 8.25 -33.13 -27.85
CA GLU H 232 7.94 -31.82 -28.36
C GLU H 232 7.83 -31.82 -29.90
N HIS H 233 8.70 -32.54 -30.60
CA HIS H 233 8.60 -32.63 -32.06
C HIS H 233 7.25 -33.21 -32.56
N GLN H 234 6.62 -34.04 -31.76
CA GLN H 234 5.31 -34.57 -32.15
C GLN H 234 4.31 -33.42 -32.21
N GLU H 235 4.45 -32.45 -31.31
CA GLU H 235 3.63 -31.23 -31.33
C GLU H 235 4.03 -30.27 -32.47
N SER H 236 5.26 -29.78 -32.44
CA SER H 236 5.77 -28.86 -33.48
C SER H 236 5.66 -29.30 -34.95
N MET H 237 5.62 -30.62 -35.17
CA MET H 237 5.61 -31.30 -36.47
C MET H 237 5.56 -30.43 -37.77
N ASP H 238 4.42 -30.41 -38.48
CA ASP H 238 4.29 -29.68 -39.77
C ASP H 238 4.66 -30.61 -40.92
N MET H 239 3.66 -31.29 -41.49
CA MET H 239 3.84 -32.26 -42.59
C MET H 239 4.22 -31.58 -43.92
N ASN H 240 3.69 -30.39 -44.11
CA ASN H 240 4.08 -29.49 -45.21
C ASN H 240 5.58 -29.27 -45.39
N ASN H 241 6.29 -29.12 -44.27
CA ASN H 241 7.69 -28.71 -44.28
C ASN H 241 8.45 -29.35 -43.10
N PRO H 242 8.97 -30.58 -43.28
CA PRO H 242 9.84 -31.16 -42.27
C PRO H 242 11.24 -30.59 -42.48
N GLN H 243 12.08 -30.70 -41.44
CA GLN H 243 13.34 -29.95 -41.38
C GLN H 243 14.46 -30.56 -40.54
N ASP H 244 14.34 -31.85 -40.23
CA ASP H 244 15.33 -32.53 -39.41
C ASP H 244 14.95 -33.98 -39.39
N PHE H 245 15.89 -34.82 -39.00
CA PHE H 245 15.65 -36.25 -38.86
C PHE H 245 14.34 -36.57 -38.10
N ILE H 246 14.14 -36.01 -36.90
CA ILE H 246 13.02 -36.46 -36.05
C ILE H 246 11.67 -36.20 -36.74
N ASP H 247 11.56 -35.04 -37.41
CA ASP H 247 10.40 -34.70 -38.27
C ASP H 247 10.18 -35.81 -39.30
N CYS H 248 11.15 -36.01 -40.19
CA CYS H 248 11.12 -37.04 -41.26
C CYS H 248 10.67 -38.43 -40.79
N PHE H 249 11.23 -38.86 -39.68
CA PHE H 249 10.88 -40.15 -39.11
C PHE H 249 9.46 -40.25 -38.61
N LEU H 250 8.96 -39.18 -38.01
CA LEU H 250 7.56 -39.14 -37.55
C LEU H 250 6.56 -39.07 -38.72
N MET H 251 7.03 -38.49 -39.83
CA MET H 251 6.26 -38.45 -41.07
C MET H 251 6.15 -39.85 -41.62
N LYS H 252 7.30 -40.51 -41.66
CA LYS H 252 7.37 -41.92 -42.01
C LYS H 252 6.46 -42.73 -41.11
N MET H 253 6.38 -42.43 -39.82
CA MET H 253 5.51 -43.21 -38.94
C MET H 253 4.07 -43.10 -39.37
N GLU H 254 3.69 -41.90 -39.85
CA GLU H 254 2.31 -41.61 -40.29
C GLU H 254 1.96 -42.42 -41.54
N LYS H 255 2.82 -42.30 -42.54
CA LYS H 255 2.80 -43.14 -43.74
C LYS H 255 2.64 -44.68 -43.47
N GLU H 256 2.78 -45.13 -42.23
CA GLU H 256 2.65 -46.54 -41.92
C GLU H 256 1.34 -46.89 -41.23
N LYS H 257 0.22 -46.38 -41.75
CA LYS H 257 -1.09 -46.87 -41.35
C LYS H 257 -1.31 -48.34 -41.75
N HIS H 258 -0.75 -48.64 -42.92
CA HIS H 258 -0.78 -49.97 -43.48
C HIS H 258 0.05 -51.03 -42.80
N ASN H 259 1.33 -50.76 -42.62
CA ASN H 259 2.19 -51.72 -41.98
C ASN H 259 1.64 -52.16 -40.61
N GLN H 260 0.61 -51.47 -40.12
CA GLN H 260 0.00 -51.84 -38.85
C GLN H 260 0.93 -52.02 -37.64
N PRO H 261 1.38 -53.25 -37.38
CA PRO H 261 2.23 -53.51 -36.22
C PRO H 261 3.71 -53.36 -36.58
N SER H 262 4.15 -52.12 -36.84
CA SER H 262 5.28 -51.86 -37.76
C SER H 262 6.56 -51.60 -36.96
N GLU H 263 7.55 -50.99 -37.62
CA GLU H 263 8.98 -51.12 -37.23
C GLU H 263 9.46 -49.74 -36.82
N PHE H 264 8.71 -48.72 -37.20
CA PHE H 264 9.06 -47.36 -36.95
C PHE H 264 8.11 -46.94 -35.84
N THR H 265 8.64 -46.84 -34.62
CA THR H 265 7.84 -46.45 -33.44
C THR H 265 8.54 -45.30 -32.70
N ILE H 266 7.98 -44.86 -31.57
CA ILE H 266 8.65 -43.85 -30.72
C ILE H 266 9.95 -44.46 -30.21
N GLU H 267 9.84 -45.63 -29.60
CA GLU H 267 10.98 -46.35 -29.05
C GLU H 267 12.11 -46.45 -30.07
N SER H 268 11.79 -46.78 -31.31
CA SER H 268 12.82 -46.91 -32.35
C SER H 268 13.35 -45.55 -32.81
N LEU H 269 12.55 -44.50 -32.75
CA LEU H 269 13.05 -43.16 -33.07
C LEU H 269 13.98 -42.67 -31.97
N GLU H 270 13.54 -42.82 -30.72
CA GLU H 270 14.37 -42.47 -29.58
C GLU H 270 15.74 -43.09 -29.77
N ASN H 271 15.78 -44.42 -29.79
CA ASN H 271 17.01 -45.17 -29.95
C ASN H 271 17.83 -44.76 -31.16
N THR H 272 17.22 -44.70 -32.34
CA THR H 272 17.98 -44.31 -33.54
C THR H 272 18.64 -42.91 -33.40
N ALA H 273 17.94 -42.02 -32.70
CA ALA H 273 18.41 -40.66 -32.51
C ALA H 273 19.58 -40.58 -31.54
N VAL H 274 19.57 -41.42 -30.49
CA VAL H 274 20.68 -41.44 -29.51
C VAL H 274 21.89 -42.14 -30.10
N ASP H 275 21.65 -43.08 -31.03
CA ASP H 275 22.72 -43.72 -31.80
C ASP H 275 23.50 -42.70 -32.59
N LEU H 276 22.77 -41.91 -33.36
CA LEU H 276 23.38 -40.92 -34.23
C LEU H 276 23.98 -39.80 -33.41
N PHE H 277 23.34 -39.46 -32.28
CA PHE H 277 23.79 -38.36 -31.43
C PHE H 277 25.09 -38.72 -30.72
N GLY H 278 25.14 -39.91 -30.13
CA GLY H 278 26.34 -40.39 -29.49
C GLY H 278 27.45 -40.50 -30.51
N ALA H 279 27.26 -41.44 -31.44
CA ALA H 279 28.30 -41.86 -32.39
C ALA H 279 28.86 -40.73 -33.25
N GLY H 280 28.00 -39.84 -33.74
CA GLY H 280 28.45 -38.70 -34.56
C GLY H 280 29.28 -37.63 -33.87
N THR H 281 28.97 -37.41 -32.60
CA THR H 281 29.68 -36.46 -31.76
C THR H 281 31.05 -37.01 -31.31
N GLU H 282 31.01 -38.14 -30.63
CA GLU H 282 32.16 -38.61 -29.89
C GLU H 282 33.29 -39.10 -30.77
N THR H 283 32.89 -39.74 -31.85
CA THR H 283 33.80 -40.47 -32.72
C THR H 283 34.63 -39.48 -33.56
N THR H 284 33.99 -38.37 -33.93
CA THR H 284 34.59 -37.33 -34.72
C THR H 284 35.41 -36.38 -33.85
N SER H 285 34.81 -35.98 -32.71
CA SER H 285 35.51 -35.26 -31.60
C SER H 285 36.90 -35.83 -31.24
N THR H 286 36.93 -37.13 -30.91
CA THR H 286 38.17 -37.84 -30.69
C THR H 286 39.09 -37.86 -31.91
N THR H 287 38.55 -38.12 -33.10
CA THR H 287 39.43 -38.13 -34.27
C THR H 287 40.10 -36.76 -34.47
N LEU H 288 39.28 -35.71 -34.36
CA LEU H 288 39.78 -34.34 -34.38
C LEU H 288 40.87 -34.04 -33.35
N ARG H 289 40.56 -34.35 -32.09
CA ARG H 289 41.49 -34.12 -30.98
C ARG H 289 42.87 -34.79 -31.09
N TYR H 290 42.86 -35.98 -31.67
CA TYR H 290 44.05 -36.75 -31.92
C TYR H 290 44.75 -36.22 -33.13
N ALA H 291 43.95 -35.63 -34.02
CA ALA H 291 44.46 -35.04 -35.25
C ALA H 291 45.38 -33.89 -34.87
N LEU H 292 44.85 -32.96 -34.10
CA LEU H 292 45.65 -31.81 -33.65
C LEU H 292 46.88 -32.23 -32.86
N LEU H 293 46.72 -33.28 -32.04
CA LEU H 293 47.85 -33.84 -31.34
C LEU H 293 48.98 -34.32 -32.31
N LEU H 294 48.62 -34.97 -33.41
CA LEU H 294 49.64 -35.47 -34.37
C LEU H 294 50.26 -34.37 -35.24
N LEU H 295 49.58 -33.22 -35.32
CA LEU H 295 50.06 -32.05 -36.02
C LEU H 295 51.03 -31.24 -35.16
N LEU H 296 50.75 -31.16 -33.84
CA LEU H 296 51.73 -30.61 -32.90
C LEU H 296 53.03 -31.40 -32.85
N LYS H 297 52.92 -32.73 -32.91
CA LYS H 297 54.06 -33.60 -32.82
C LYS H 297 54.85 -33.64 -34.16
N HIS H 298 54.17 -33.37 -35.28
CA HIS H 298 54.84 -33.31 -36.58
C HIS H 298 54.52 -31.95 -37.21
N PRO H 299 55.32 -30.90 -36.88
CA PRO H 299 54.89 -29.58 -37.35
C PRO H 299 55.32 -29.21 -38.79
N GLU H 300 56.27 -29.97 -39.37
CA GLU H 300 56.60 -29.93 -40.83
C GLU H 300 55.43 -30.32 -41.75
N VAL H 301 54.73 -31.39 -41.34
CA VAL H 301 53.49 -31.88 -41.96
C VAL H 301 52.39 -30.82 -41.85
N THR H 302 52.29 -30.13 -40.71
CA THR H 302 51.34 -29.02 -40.60
C THR H 302 51.76 -27.86 -41.47
N ALA H 303 53.07 -27.67 -41.62
CA ALA H 303 53.62 -26.68 -42.54
C ALA H 303 53.13 -26.88 -43.97
N LYS H 304 53.35 -28.08 -44.53
CA LYS H 304 52.82 -28.41 -45.86
C LYS H 304 51.30 -28.21 -45.92
N VAL H 305 50.53 -28.88 -45.07
CA VAL H 305 49.04 -28.75 -45.06
C VAL H 305 48.59 -27.31 -45.00
N GLN H 306 49.36 -26.45 -44.34
CA GLN H 306 49.00 -25.04 -44.25
C GLN H 306 49.30 -24.30 -45.56
N GLU H 307 50.39 -24.68 -46.20
CA GLU H 307 50.83 -24.08 -47.48
C GLU H 307 49.87 -24.40 -48.66
N GLU H 308 49.48 -25.68 -48.77
CA GLU H 308 48.42 -26.12 -49.68
C GLU H 308 47.15 -25.33 -49.52
N ILE H 309 46.78 -25.04 -48.27
CA ILE H 309 45.56 -24.28 -47.98
C ILE H 309 45.62 -22.88 -48.57
N GLU H 310 46.75 -22.17 -48.44
CA GLU H 310 46.89 -20.80 -48.97
C GLU H 310 46.90 -20.78 -50.51
N ARG H 311 47.61 -21.74 -51.12
CA ARG H 311 47.63 -21.88 -52.59
C ARG H 311 46.26 -22.19 -53.23
N VAL H 312 45.37 -22.87 -52.53
CA VAL H 312 44.14 -23.41 -53.13
C VAL H 312 42.84 -22.84 -52.56
N ILE H 313 42.83 -22.50 -51.27
CA ILE H 313 41.77 -21.72 -50.63
C ILE H 313 42.41 -20.37 -50.26
N GLY H 314 41.64 -19.33 -50.12
CA GLY H 314 42.29 -18.08 -49.79
C GLY H 314 42.04 -17.72 -48.37
N ARG H 315 42.62 -16.63 -47.91
CA ARG H 315 42.34 -16.24 -46.52
C ARG H 315 40.93 -15.64 -46.50
N ASN H 316 40.37 -15.43 -47.68
CA ASN H 316 39.05 -14.82 -47.80
C ASN H 316 37.83 -15.70 -47.98
N ARG H 317 37.92 -17.00 -47.74
CA ARG H 317 36.73 -17.83 -47.90
C ARG H 317 36.73 -19.24 -47.33
N SER H 318 35.54 -19.69 -46.98
CA SER H 318 35.30 -21.03 -46.40
C SER H 318 36.10 -22.01 -47.21
N PRO H 319 36.69 -23.03 -46.58
CA PRO H 319 36.99 -24.23 -47.34
C PRO H 319 35.67 -24.94 -47.60
N CYS H 320 35.52 -25.51 -48.80
CA CYS H 320 34.38 -26.34 -49.17
C CYS H 320 34.89 -27.66 -49.76
N MET H 321 33.99 -28.59 -50.04
CA MET H 321 34.39 -29.97 -50.33
C MET H 321 34.96 -30.12 -51.73
N GLN H 322 34.42 -29.33 -52.66
CA GLN H 322 35.06 -29.09 -53.98
C GLN H 322 36.58 -28.97 -53.90
N ASP H 323 37.08 -28.30 -52.88
CA ASP H 323 38.52 -28.12 -52.71
C ASP H 323 39.27 -29.46 -52.48
N ARG H 324 38.65 -30.39 -51.75
CA ARG H 324 39.30 -31.65 -51.33
C ARG H 324 40.18 -32.35 -52.38
N SER H 325 39.68 -32.46 -53.60
CA SER H 325 40.39 -33.18 -54.67
C SER H 325 41.58 -32.39 -55.18
N HIS H 326 41.61 -31.08 -54.92
CA HIS H 326 42.75 -30.26 -55.38
C HIS H 326 43.79 -30.14 -54.26
N MET H 327 43.53 -30.79 -53.12
CA MET H 327 44.38 -30.73 -51.96
C MET H 327 44.93 -32.14 -51.64
N PRO H 328 45.84 -32.66 -52.47
CA PRO H 328 46.37 -34.01 -52.24
C PRO H 328 47.00 -34.26 -50.86
N TYR H 329 47.93 -33.41 -50.45
CA TYR H 329 48.61 -33.57 -49.16
C TYR H 329 47.63 -33.52 -47.98
N THR H 330 46.74 -32.54 -48.01
CA THR H 330 45.76 -32.39 -46.95
C THR H 330 44.81 -33.57 -46.86
N ASP H 331 44.43 -34.12 -48.00
CA ASP H 331 43.58 -35.31 -48.02
C ASP H 331 44.33 -36.53 -47.48
N ALA H 332 45.61 -36.66 -47.80
CA ALA H 332 46.46 -37.73 -47.25
C ALA H 332 46.70 -37.65 -45.74
N VAL H 333 46.98 -36.45 -45.23
CA VAL H 333 47.05 -36.22 -43.78
C VAL H 333 45.78 -36.71 -43.08
N VAL H 334 44.63 -36.11 -43.39
CA VAL H 334 43.35 -36.57 -42.83
C VAL H 334 43.15 -38.10 -42.90
N HIS H 335 43.62 -38.73 -43.98
CA HIS H 335 43.54 -40.19 -44.10
C HIS H 335 44.53 -40.89 -43.18
N GLU H 336 45.75 -40.38 -43.08
CA GLU H 336 46.78 -41.03 -42.28
C GLU H 336 46.53 -40.84 -40.77
N VAL H 337 45.89 -39.74 -40.39
CA VAL H 337 45.41 -39.59 -39.04
C VAL H 337 44.45 -40.72 -38.73
N GLN H 338 43.47 -40.98 -39.60
CA GLN H 338 42.51 -42.07 -39.32
C GLN H 338 43.10 -43.47 -39.38
N ARG H 339 44.14 -43.68 -40.17
CA ARG H 339 44.80 -44.98 -40.22
C ARG H 339 45.67 -45.25 -38.98
N TYR H 340 46.47 -44.24 -38.62
CA TYR H 340 47.44 -44.33 -37.53
C TYR H 340 46.78 -44.45 -36.16
N ILE H 341 45.75 -43.67 -35.88
CA ILE H 341 45.14 -43.71 -34.52
C ILE H 341 44.31 -44.96 -34.27
N ASP H 342 43.89 -45.64 -35.33
CA ASP H 342 43.23 -46.94 -35.21
C ASP H 342 42.04 -46.80 -34.26
N LEU H 343 41.17 -45.83 -34.55
CA LEU H 343 40.19 -45.36 -33.55
C LEU H 343 39.31 -46.45 -32.98
N LEU H 344 38.81 -47.37 -33.81
CA LEU H 344 38.05 -48.51 -33.30
C LEU H 344 38.81 -49.76 -33.68
N PRO H 345 39.89 -50.04 -32.93
CA PRO H 345 40.82 -51.12 -33.26
C PRO H 345 40.17 -52.41 -33.71
N THR H 346 39.08 -52.78 -33.06
CA THR H 346 38.42 -54.03 -33.32
C THR H 346 36.94 -53.84 -33.66
N SER H 347 36.64 -52.72 -34.31
CA SER H 347 35.28 -52.34 -34.73
C SER H 347 34.30 -52.72 -33.63
N LEU H 348 33.02 -52.90 -33.95
CA LEU H 348 32.02 -53.31 -32.97
C LEU H 348 31.86 -54.78 -33.30
N PRO H 349 31.64 -55.63 -32.31
CA PRO H 349 31.53 -57.05 -32.69
C PRO H 349 30.39 -57.29 -33.65
N HIS H 350 30.56 -58.25 -34.58
CA HIS H 350 29.45 -58.76 -35.37
C HIS H 350 28.95 -60.07 -34.80
N ALA H 351 27.89 -60.59 -35.42
CA ALA H 351 27.42 -61.96 -35.22
C ALA H 351 27.05 -62.49 -36.60
N VAL H 352 26.91 -63.81 -36.73
CA VAL H 352 26.47 -64.34 -38.02
C VAL H 352 24.98 -64.56 -37.94
N THR H 353 24.33 -64.34 -39.08
CA THR H 353 22.88 -64.37 -39.20
C THR H 353 22.35 -65.79 -39.45
N CYS H 354 23.22 -66.73 -39.83
CA CYS H 354 22.93 -68.14 -40.16
C CYS H 354 24.07 -69.10 -39.78
N ASP H 355 23.84 -70.42 -39.79
CA ASP H 355 24.97 -71.39 -39.70
C ASP H 355 25.68 -71.16 -41.00
N ILE H 356 27.01 -71.17 -40.99
CA ILE H 356 27.73 -70.81 -42.19
C ILE H 356 29.11 -71.42 -42.37
N LYS H 357 29.33 -71.98 -43.55
CA LYS H 357 30.61 -72.49 -43.93
C LYS H 357 31.41 -71.28 -44.43
N PHE H 358 32.44 -70.90 -43.68
CA PHE H 358 33.41 -69.83 -44.01
C PHE H 358 34.82 -70.43 -43.95
N ARG H 359 35.63 -70.13 -44.98
CA ARG H 359 36.83 -70.94 -45.33
C ARG H 359 36.35 -72.41 -45.34
N ASN H 360 36.47 -73.10 -44.20
CA ASN H 360 36.23 -74.55 -44.11
C ASN H 360 35.80 -74.98 -42.69
N TYR H 361 35.03 -74.11 -41.99
CA TYR H 361 34.82 -74.35 -40.54
C TYR H 361 33.37 -74.46 -40.02
N LEU H 362 32.35 -74.04 -40.75
CA LEU H 362 30.96 -74.18 -40.24
C LEU H 362 30.75 -73.51 -38.86
N ILE H 363 30.82 -72.17 -38.82
CA ILE H 363 30.52 -71.27 -37.70
C ILE H 363 29.01 -71.20 -37.53
N PRO H 364 28.48 -71.69 -36.39
CA PRO H 364 27.02 -71.73 -36.17
C PRO H 364 26.36 -70.35 -36.01
N LYS H 365 25.02 -70.31 -36.14
CA LYS H 365 24.27 -69.05 -36.12
C LYS H 365 24.43 -68.33 -34.78
N GLY H 366 24.72 -67.03 -34.85
CA GLY H 366 24.82 -66.18 -33.67
C GLY H 366 26.16 -66.14 -32.96
N THR H 367 27.09 -67.00 -33.35
CA THR H 367 28.49 -66.88 -32.95
C THR H 367 29.01 -65.47 -33.25
N THR H 368 29.56 -64.85 -32.21
CA THR H 368 30.10 -63.49 -32.29
C THR H 368 31.38 -63.48 -33.11
N ILE H 369 31.59 -62.40 -33.86
CA ILE H 369 32.71 -62.25 -34.76
C ILE H 369 33.43 -60.94 -34.47
N LEU H 370 34.77 -61.01 -34.37
CA LEU H 370 35.58 -59.85 -34.07
C LEU H 370 36.48 -59.48 -35.22
N ILE H 371 36.24 -58.35 -35.81
CA ILE H 371 37.00 -57.91 -36.95
C ILE H 371 38.19 -57.13 -36.46
N SER H 372 39.41 -57.65 -36.53
CA SER H 372 40.55 -56.75 -36.25
C SER H 372 40.73 -55.71 -37.33
N LEU H 373 40.17 -54.53 -37.17
CA LEU H 373 40.48 -53.45 -38.10
C LEU H 373 41.94 -53.01 -38.04
N THR H 374 42.62 -53.20 -36.92
CA THR H 374 44.03 -52.80 -36.82
C THR H 374 44.92 -53.54 -37.83
N SER H 375 44.66 -54.85 -37.94
CA SER H 375 45.36 -55.69 -38.88
C SER H 375 45.25 -55.15 -40.30
N VAL H 376 44.09 -54.61 -40.63
CA VAL H 376 43.93 -54.01 -41.93
C VAL H 376 44.67 -52.68 -42.03
N LEU H 377 44.32 -51.71 -41.19
CA LEU H 377 44.92 -50.39 -41.33
C LEU H 377 46.43 -50.40 -41.13
N HIS H 378 46.98 -51.45 -40.51
CA HIS H 378 48.41 -51.49 -40.25
C HIS H 378 48.99 -52.66 -40.98
N ASP H 379 48.46 -52.99 -42.17
CA ASP H 379 49.02 -54.08 -42.98
C ASP H 379 50.44 -53.70 -43.32
N ASN H 380 51.31 -54.69 -43.25
CA ASN H 380 52.75 -54.46 -43.36
C ASN H 380 53.23 -54.18 -44.80
N LYS H 381 52.64 -54.89 -45.77
CA LYS H 381 52.96 -54.71 -47.18
C LYS H 381 52.35 -53.42 -47.70
N GLU H 382 51.09 -53.18 -47.44
CA GLU H 382 50.49 -51.96 -47.96
C GLU H 382 50.99 -50.70 -47.30
N PHE H 383 51.12 -50.72 -45.99
CA PHE H 383 51.56 -49.53 -45.28
C PHE H 383 52.96 -49.72 -44.70
N PRO H 384 53.96 -49.76 -45.56
CA PRO H 384 55.30 -49.89 -45.07
C PRO H 384 55.41 -49.79 -43.57
N ASN H 385 56.19 -48.88 -43.04
CA ASN H 385 56.36 -48.89 -41.60
C ASN H 385 54.99 -48.46 -41.17
N PRO H 386 54.14 -49.48 -40.79
CA PRO H 386 52.79 -49.04 -40.43
C PRO H 386 52.70 -48.23 -39.18
N GLU H 387 53.48 -48.60 -38.20
CA GLU H 387 53.54 -47.93 -36.93
C GLU H 387 53.94 -46.45 -37.03
N MET H 388 54.64 -46.04 -38.10
CA MET H 388 55.05 -44.60 -38.24
C MET H 388 53.89 -43.82 -38.84
N PHE H 389 53.79 -42.54 -38.49
CA PHE H 389 52.78 -41.61 -39.07
C PHE H 389 53.46 -40.87 -40.20
N ASP H 390 53.02 -41.17 -41.43
CA ASP H 390 53.64 -40.67 -42.64
C ASP H 390 52.57 -40.50 -43.74
N PRO H 391 52.23 -39.23 -44.09
CA PRO H 391 51.23 -39.01 -45.17
C PRO H 391 51.55 -39.67 -46.54
N HIS H 392 52.78 -39.98 -46.82
CA HIS H 392 52.98 -40.63 -48.07
C HIS H 392 52.25 -41.97 -48.15
N HIS H 393 52.03 -42.61 -47.01
CA HIS H 393 51.25 -43.82 -47.06
C HIS H 393 50.06 -43.62 -48.03
N PHE H 394 49.54 -42.39 -48.12
CA PHE H 394 48.43 -42.09 -49.03
C PHE H 394 48.85 -41.13 -50.15
N LEU H 395 50.12 -41.19 -50.58
CA LEU H 395 50.60 -40.42 -51.75
C LEU H 395 51.47 -41.29 -52.64
N ASP H 396 51.34 -41.10 -53.97
CA ASP H 396 52.13 -41.81 -54.99
C ASP H 396 53.16 -40.87 -55.60
N GLU H 397 54.33 -41.44 -55.93
CA GLU H 397 55.57 -40.72 -56.36
C GLU H 397 55.41 -39.20 -56.51
N GLY H 398 54.78 -38.74 -57.59
CA GLY H 398 54.45 -37.32 -57.75
C GLY H 398 53.20 -37.05 -56.94
N GLY H 399 53.35 -36.34 -55.81
CA GLY H 399 52.33 -36.24 -54.76
C GLY H 399 50.86 -36.28 -55.15
N ASN H 400 50.39 -37.47 -55.53
CA ASN H 400 49.01 -37.70 -55.94
C ASN H 400 48.32 -38.63 -54.97
N PHE H 401 47.16 -38.20 -54.49
CA PHE H 401 46.42 -39.00 -53.50
C PHE H 401 46.21 -40.44 -53.99
N LYS H 402 46.37 -41.39 -53.09
CA LYS H 402 46.61 -42.79 -53.46
C LYS H 402 45.72 -43.65 -52.60
N LYS H 403 44.43 -43.70 -53.00
CA LYS H 403 43.40 -44.49 -52.31
C LYS H 403 43.90 -45.88 -52.02
N SER H 404 43.53 -46.40 -50.84
CA SER H 404 43.87 -47.76 -50.43
C SER H 404 42.67 -48.63 -50.11
N LYS H 405 42.72 -49.86 -50.58
CA LYS H 405 41.68 -50.83 -50.31
C LYS H 405 41.64 -51.17 -48.82
N TYR H 406 42.85 -51.08 -48.24
CA TYR H 406 43.10 -51.34 -46.85
C TYR H 406 42.72 -50.21 -45.88
N PHE H 407 42.06 -49.15 -46.36
CA PHE H 407 41.69 -48.03 -45.50
C PHE H 407 40.29 -48.25 -45.05
N MET H 408 40.13 -49.13 -44.09
CA MET H 408 38.79 -49.33 -43.57
C MET H 408 38.55 -48.98 -42.09
N PRO H 409 38.84 -47.69 -41.70
CA PRO H 409 38.52 -47.21 -40.33
C PRO H 409 37.05 -47.10 -40.04
N PHE H 410 36.24 -47.00 -41.10
CA PHE H 410 34.79 -47.00 -40.96
C PHE H 410 34.20 -48.36 -41.08
N SER H 411 35.05 -49.41 -41.13
CA SER H 411 34.65 -50.80 -41.37
C SER H 411 34.27 -51.01 -42.81
N ALA H 412 33.62 -52.13 -43.09
CA ALA H 412 33.18 -52.40 -44.44
C ALA H 412 32.01 -53.37 -44.40
N GLY H 413 31.36 -53.49 -45.53
CA GLY H 413 30.23 -54.39 -45.66
C GLY H 413 28.90 -53.75 -45.34
N LYS H 414 28.04 -54.53 -44.74
CA LYS H 414 26.66 -54.14 -44.57
C LYS H 414 26.49 -53.19 -43.41
N ARG H 415 27.43 -53.20 -42.47
CA ARG H 415 27.31 -52.40 -41.26
C ARG H 415 28.24 -51.22 -41.30
N ILE H 416 28.81 -50.93 -42.48
CA ILE H 416 29.76 -49.85 -42.63
C ILE H 416 29.18 -48.57 -42.05
N CYS H 417 30.02 -47.79 -41.39
CA CYS H 417 29.60 -46.51 -40.86
C CYS H 417 28.53 -45.84 -41.75
N VAL H 418 27.32 -45.68 -41.19
CA VAL H 418 26.25 -44.82 -41.73
C VAL H 418 26.71 -43.38 -41.97
N GLY H 419 27.58 -42.89 -41.09
CA GLY H 419 28.00 -41.51 -41.13
C GLY H 419 29.20 -41.18 -41.97
N GLU H 420 29.96 -42.20 -42.38
CA GLU H 420 31.22 -42.05 -43.18
C GLU H 420 31.34 -40.75 -43.98
N ALA H 421 30.31 -40.35 -44.72
CA ALA H 421 30.34 -39.19 -45.62
C ALA H 421 30.37 -37.92 -44.84
N LEU H 422 29.39 -37.79 -43.93
CA LEU H 422 29.35 -36.71 -42.97
C LEU H 422 30.68 -36.60 -42.23
N ALA H 423 31.08 -37.69 -41.58
CA ALA H 423 32.34 -37.77 -40.85
C ALA H 423 33.53 -37.23 -41.66
N GLY H 424 33.70 -37.69 -42.89
CA GLY H 424 34.77 -37.18 -43.73
C GLY H 424 34.65 -35.69 -44.10
N MET H 425 33.42 -35.14 -44.10
CA MET H 425 33.24 -33.68 -44.27
C MET H 425 33.77 -32.93 -43.05
N GLU H 426 33.20 -33.29 -41.89
CA GLU H 426 33.62 -32.75 -40.60
C GLU H 426 35.16 -32.81 -40.47
N LEU H 427 35.76 -33.98 -40.63
CA LEU H 427 37.22 -34.10 -40.45
C LEU H 427 37.97 -33.16 -41.35
N PHE H 428 37.54 -33.03 -42.59
CA PHE H 428 38.27 -32.27 -43.59
C PHE H 428 38.05 -30.74 -43.44
N LEU H 429 36.81 -30.32 -43.22
CA LEU H 429 36.47 -28.89 -43.16
C LEU H 429 36.89 -28.21 -41.85
N PHE H 430 36.61 -28.87 -40.73
CA PHE H 430 37.11 -28.43 -39.43
C PHE H 430 38.64 -28.34 -39.39
N LEU H 431 39.37 -29.32 -39.91
CA LEU H 431 40.85 -29.24 -39.90
C LEU H 431 41.41 -28.13 -40.77
N THR H 432 40.82 -27.93 -41.92
CA THR H 432 41.29 -26.90 -42.83
C THR H 432 40.92 -25.52 -42.29
N SER H 433 39.72 -25.39 -41.72
CA SER H 433 39.32 -24.11 -41.14
C SER H 433 40.24 -23.70 -39.98
N ILE H 434 40.41 -24.59 -39.00
CA ILE H 434 41.42 -24.43 -37.93
C ILE H 434 42.78 -24.05 -38.53
N LEU H 435 43.34 -24.90 -39.40
CA LEU H 435 44.66 -24.64 -39.97
C LEU H 435 44.81 -23.47 -40.95
N GLN H 436 43.74 -22.96 -41.55
CA GLN H 436 43.88 -21.74 -42.37
C GLN H 436 44.06 -20.49 -41.49
N ASN H 437 43.31 -20.41 -40.37
CA ASN H 437 43.36 -19.22 -39.47
C ASN H 437 44.18 -19.32 -38.17
N PHE H 438 44.95 -20.39 -37.97
CA PHE H 438 45.67 -20.60 -36.71
C PHE H 438 46.87 -21.51 -36.88
N ASN H 439 47.95 -21.16 -36.20
CA ASN H 439 49.10 -22.01 -36.13
C ASN H 439 48.81 -22.71 -34.83
N LEU H 440 49.51 -23.78 -34.51
CA LEU H 440 49.27 -24.56 -33.32
C LEU H 440 50.57 -24.58 -32.57
N LYS H 441 50.57 -23.95 -31.38
CA LYS H 441 51.76 -23.84 -30.53
C LYS H 441 51.66 -24.81 -29.33
N SER H 442 52.67 -25.67 -29.23
CA SER H 442 52.81 -26.62 -28.15
C SER H 442 53.45 -25.93 -26.95
N LEU H 443 53.00 -26.27 -25.75
CA LEU H 443 53.65 -25.83 -24.50
C LEU H 443 54.36 -27.04 -23.90
N VAL H 444 55.08 -27.70 -24.79
CA VAL H 444 55.94 -28.81 -24.55
C VAL H 444 56.79 -29.11 -25.76
N ASP H 445 57.91 -29.78 -25.57
CA ASP H 445 58.73 -30.18 -26.70
C ASP H 445 57.94 -31.28 -27.46
N PRO H 446 57.74 -31.14 -28.78
CA PRO H 446 57.32 -32.25 -29.64
C PRO H 446 57.97 -33.61 -29.34
N LYS H 447 59.30 -33.68 -29.33
CA LYS H 447 60.02 -34.91 -28.93
C LYS H 447 59.39 -35.48 -27.65
N ASN H 448 59.10 -34.60 -26.69
CA ASN H 448 58.49 -34.96 -25.41
C ASN H 448 57.03 -35.52 -25.43
N LEU H 449 56.05 -34.79 -25.94
CA LEU H 449 54.62 -35.21 -25.81
C LEU H 449 54.21 -36.49 -26.52
N ASP H 450 53.51 -37.38 -25.79
CA ASP H 450 53.13 -38.78 -26.19
C ASP H 450 51.88 -38.85 -27.07
N THR H 451 51.77 -39.90 -27.90
CA THR H 451 50.64 -40.03 -28.83
C THR H 451 49.98 -41.40 -28.68
N THR H 452 50.29 -42.08 -27.58
CA THR H 452 49.88 -43.46 -27.42
C THR H 452 48.54 -43.44 -26.72
N PRO H 453 47.62 -44.32 -27.13
CA PRO H 453 46.30 -44.29 -26.50
C PRO H 453 46.37 -44.64 -25.03
N VAL H 454 45.71 -43.83 -24.20
CA VAL H 454 45.66 -44.03 -22.75
C VAL H 454 44.84 -45.30 -22.43
N VAL H 455 43.79 -45.57 -23.21
CA VAL H 455 43.14 -46.90 -23.27
C VAL H 455 42.75 -47.27 -24.71
N ASN H 456 42.50 -48.56 -24.91
CA ASN H 456 42.32 -49.16 -26.21
C ASN H 456 41.01 -49.99 -26.36
N GLY H 457 40.74 -50.79 -25.36
CA GLY H 457 39.62 -51.71 -25.29
C GLY H 457 38.44 -51.66 -26.23
N PHE H 458 37.96 -50.48 -26.48
CA PHE H 458 36.79 -50.22 -27.35
C PHE H 458 37.38 -49.27 -28.35
N ALA H 459 37.68 -48.04 -27.94
CA ALA H 459 38.30 -47.06 -28.82
C ALA H 459 39.67 -46.60 -28.30
N SER H 460 40.55 -46.30 -29.24
CA SER H 460 41.88 -45.77 -29.00
C SER H 460 41.72 -44.32 -28.58
N VAL H 461 41.59 -44.06 -27.28
CA VAL H 461 41.40 -42.68 -26.73
C VAL H 461 42.75 -42.02 -26.43
N PRO H 462 42.92 -40.76 -26.86
CA PRO H 462 44.25 -40.19 -26.77
C PRO H 462 44.57 -39.68 -25.37
N PRO H 463 45.87 -39.44 -25.10
CA PRO H 463 46.28 -38.94 -23.84
C PRO H 463 46.11 -37.42 -23.81
N PHE H 464 46.16 -36.86 -22.59
CA PHE H 464 46.03 -35.42 -22.34
C PHE H 464 47.17 -34.64 -22.97
N TYR H 465 46.81 -33.48 -23.51
CA TYR H 465 47.78 -32.55 -24.09
C TYR H 465 47.09 -31.18 -24.03
N GLN H 466 47.88 -30.11 -23.97
CA GLN H 466 47.34 -28.76 -24.10
C GLN H 466 47.98 -28.07 -25.29
N LEU H 467 47.30 -27.04 -25.81
CA LEU H 467 47.88 -26.27 -26.91
C LEU H 467 47.24 -24.89 -27.06
N CYS H 468 47.97 -24.08 -27.83
CA CYS H 468 47.67 -22.67 -28.04
C CYS H 468 47.33 -22.47 -29.50
N PHE H 469 46.21 -21.79 -29.74
CA PHE H 469 45.74 -21.47 -31.09
C PHE H 469 46.08 -20.02 -31.39
N ILE H 470 47.24 -19.79 -32.02
CA ILE H 470 47.74 -18.42 -32.27
C ILE H 470 47.23 -17.97 -33.66
N PRO H 471 46.45 -16.88 -33.74
CA PRO H 471 45.90 -16.41 -35.00
C PRO H 471 46.95 -16.27 -36.10
N ILE H 472 46.51 -15.98 -37.33
CA ILE H 472 47.46 -15.78 -38.47
C ILE H 472 46.98 -14.57 -39.29
#